data_7Q6E
#
_entry.id   7Q6E
#
_cell.length_a   1.00
_cell.length_b   1.00
_cell.length_c   1.00
_cell.angle_alpha   90.00
_cell.angle_beta   90.00
_cell.angle_gamma   90.00
#
_symmetry.space_group_name_H-M   'P 1'
#
loop_
_entity.id
_entity.type
_entity.pdbx_description
1 polymer 'Spike glycoprotein'
2 polymer 'Beta-49 light chain'
3 polymer 'Beta-49 heavy chain'
4 branched alpha-D-mannopyranose-(1-2)-alpha-D-mannopyranose-(1-3)-[alpha-D-mannopyranose-(1-6)]beta-D-mannopyranose-(1-4)-2-acetamido-2-deoxy-beta-D-glucopyranose-(1-4)-[alpha-L-fucopyranose-(1-6)]2-acetamido-2-deoxy-beta-D-glucopyranose
5 branched 2-acetamido-2-deoxy-beta-D-glucopyranose-(1-4)-2-acetamido-2-deoxy-beta-D-glucopyranose
6 branched alpha-D-mannopyranose-(1-2)-alpha-D-mannopyranose-(1-3)-beta-D-mannopyranose-(1-4)-2-acetamido-2-deoxy-beta-D-glucopyranose-(1-4)-[alpha-L-fucopyranose-(1-6)]2-acetamido-2-deoxy-beta-D-glucopyranose
7 non-polymer 2-acetamido-2-deoxy-beta-D-glucopyranose
#
loop_
_entity_poly.entity_id
_entity_poly.type
_entity_poly.pdbx_seq_one_letter_code
_entity_poly.pdbx_strand_id
1 'polypeptide(L)'
;MFVFLVLLPLVSSQCVNFTTRTQLPPAYTNSFTRGVYYPDKVFRSSVLHSTQDLFLPFFSNVTWFHAIHVSGTNGTKRFA
NPVLPFNDGVYFASTEKSNIIRGWIFGTTLDSKTQSLLIVNNATNVVIKVCEFQFCNDPFLGVYYHKNNKSWMESEFRVY
SSANNCTFEYVSQPFLMDLEGKQGNFKNLREFVFKNIDGYFKIYSKHTPINLVRGLPQGFSALEPLVDLPIGINITRFQT
LHISYLTPGDSSSGWTAGAAAYYVGYLQPRTFLLKYNENGTITDAVDCALDPLSETKCTLKSFTVEKGIYQTSNFRVQPT
ESIVRFPNITNLCPFGEVFNATRFASVYAWNRKRISNCVADYSVLYNSASFSTFKCYGVSPTKLNDLCFTNVYADSFVIR
GDEVRQIAPGQTGNIADYNYKLPDDFTGCVIAWNSNNLDSKVGGNYNYLYRLFRKSNLKPFERDISTEIYQAGSTPCNGV
KGFNCYFPLQSYGFQPTYGVGYQPYRVVVLSFELLHAPATVCGPKKSTNLVKNKCVNFNFNGLTGTGVLTESNKKFLPFQ
QFGRDIADTTDAVRDPQTLEILDITPCSFGGVSVITPGTNTSNQVAVLYQGVNCTEVPVAIHADQLTPTWRVYSTGSNVF
QTRAGCLIGAEHVNNSYECDIPIGAGICASYQTQTNSPGSASSVASQSIIAYTMSLGVENSVAYSNNSIAIPTNFTISVT
TEILPVSMTKTSVDCTMYICGDSTECSNLLLQYGSFCTQLNRALTGIAVEQDKNTQEVFAQVKQIYKTPPIKDFGGFNFS
QILPDPSKPSKRSFIEDLLFNKVTLADAGFIKQYGDCLGDIAARDLICAQKFNGLTVLPPLLTDEMIAQYTSALLAGTIT
SGWTFGAGAALQIPFAMQMAYRFNGIGVTQNVLYENQKLIANQFNSAIGKIQDSLSSTASALGKLQDVVNQNAQALNTLV
KQLSSNFGAISSVLNDILSRLDPPEAEVQIDRLITGRLQSLQTYVTQQLIRAAEIRASANLAATKMSECVLGQSKRVDFC
GKGYHLMSFPQSAPHGVVFLHVTYVPAQEKNFTTAPAICHDGKAHFPREGVFVSNGTHWFVTQRNFYEPQIITTDNTFVS
GNCDVVIGIVNNTVYDPLQPELDSFKEELDKYFKNHTSPDVDLGDISGINASVVNIQKEIDRLNEVAKNLNESLIDLQEL
GKYEQGSGYIPEAPRDGQAYVRKDGEWVLLSTFLGRSLEVLFQGPGHHHHHHHHGSAWSHPQFEKGGGSGGGSGGSAWSH
PQFEK
;
A,B,C
2 'polypeptide(L)'
;AIRMTQSPGTLSLSPGERATLSCRASQSVSSSYLAWYQQKPGQAPRLLIYGASSRATGIPDRFSGSGSGTDFTLTISRLE
PEDFAVYYCQQYGTSPSWTFGQGTKVEIKRTVAAPSVFIFPPSDEQLKSGTASVVCLLNNFYPREAKVQWKVDNALQSGN
SQESVTEQDSKDSTYSLSSTLTLSKADYEKHKVYACEVTHQGLSSPVTKSFNRGEC
;
L,F,K
3 'polypeptide(L)'
;EVQLVQSGAEVKKPGSSVKVSCKASGGTFSSSVISWVRQAPGQGLEWMGGIIPLFGSANYAQKFQGRVTITADESTSTAY
MEMTSLRSEDTAVYYCAKVSQWALILFWGQGTLVTVSSASTKGPSVFPLAPSSKSTSGGTAALGCLVKDYFPEPVTVSWN
SGALTSGVHTFPAVLQSSGLYSLSSVVTVPSSSLGTQTYICNVNHKPSNTKVDKKVEPKSCDK
;
H,E,J
#
loop_
_chem_comp.id
_chem_comp.type
_chem_comp.name
_chem_comp.formula
BMA D-saccharide, beta linking beta-D-mannopyranose 'C6 H12 O6'
FUC L-saccharide, alpha linking alpha-L-fucopyranose 'C6 H12 O5'
MAN D-saccharide, alpha linking alpha-D-mannopyranose 'C6 H12 O6'
NAG D-saccharide, beta linking 2-acetamido-2-deoxy-beta-D-glucopyranose 'C8 H15 N O6'
#
# COMPACT_ATOMS: atom_id res chain seq x y z
N THR A 22 -60.99 0.91 -22.47
CA THR A 22 -60.75 -0.51 -22.24
C THR A 22 -59.42 -0.93 -22.87
N GLN A 23 -58.88 -2.05 -22.41
CA GLN A 23 -57.60 -2.56 -22.89
C GLN A 23 -57.68 -4.07 -23.06
N LEU A 24 -57.06 -4.56 -24.13
CA LEU A 24 -57.13 -5.99 -24.44
C LEU A 24 -56.36 -6.80 -23.40
N PRO A 25 -56.74 -8.04 -23.17
CA PRO A 25 -56.00 -8.90 -22.23
C PRO A 25 -54.60 -9.19 -22.76
N PRO A 26 -53.67 -9.58 -21.88
CA PRO A 26 -52.30 -9.85 -22.33
C PRO A 26 -52.14 -11.21 -23.00
N ALA A 27 -50.90 -11.54 -23.37
CA ALA A 27 -50.59 -12.85 -23.96
C ALA A 27 -49.12 -13.14 -23.70
N TYR A 28 -48.71 -14.37 -24.03
CA TYR A 28 -47.35 -14.81 -23.75
C TYR A 28 -46.81 -15.57 -24.96
N THR A 29 -45.48 -15.50 -25.13
CA THR A 29 -44.82 -16.14 -26.25
C THR A 29 -43.42 -16.55 -25.85
N ASN A 30 -42.91 -17.59 -26.51
CA ASN A 30 -41.53 -18.01 -26.33
C ASN A 30 -40.60 -17.10 -27.11
N SER A 31 -39.55 -16.60 -26.45
CA SER A 31 -38.64 -15.65 -27.08
C SER A 31 -37.58 -16.31 -27.95
N PHE A 32 -37.38 -17.62 -27.82
CA PHE A 32 -36.36 -18.34 -28.59
C PHE A 32 -35.00 -17.71 -28.26
N THR A 33 -34.20 -17.31 -29.26
CA THR A 33 -32.86 -16.77 -29.03
C THR A 33 -32.78 -15.27 -29.26
N ARG A 34 -33.92 -14.60 -29.44
CA ARG A 34 -33.92 -13.18 -29.75
C ARG A 34 -33.50 -12.35 -28.54
N GLY A 35 -33.10 -11.11 -28.82
CA GLY A 35 -32.81 -10.15 -27.78
C GLY A 35 -31.33 -9.86 -27.54
N VAL A 36 -30.45 -10.34 -28.40
CA VAL A 36 -29.01 -10.18 -28.22
C VAL A 36 -28.56 -8.88 -28.86
N TYR A 37 -27.73 -8.13 -28.14
CA TYR A 37 -27.18 -6.88 -28.62
C TYR A 37 -25.67 -6.86 -28.39
N TYR A 38 -25.00 -5.92 -29.05
CA TYR A 38 -23.56 -5.76 -28.87
C TYR A 38 -23.29 -5.09 -27.54
N PRO A 39 -22.61 -5.74 -26.59
CA PRO A 39 -22.38 -5.08 -25.30
C PRO A 39 -21.56 -3.81 -25.41
N ASP A 40 -20.67 -3.73 -26.39
CA ASP A 40 -19.84 -2.55 -26.59
C ASP A 40 -19.54 -2.42 -28.08
N LYS A 41 -18.86 -1.33 -28.43
CA LYS A 41 -18.56 -1.02 -29.82
C LYS A 41 -17.15 -1.43 -30.23
N VAL A 42 -16.46 -2.21 -29.39
CA VAL A 42 -15.13 -2.70 -29.73
C VAL A 42 -15.26 -3.78 -30.79
N PHE A 43 -14.48 -3.64 -31.87
CA PHE A 43 -14.52 -4.62 -32.95
C PHE A 43 -13.79 -5.90 -32.53
N ARG A 44 -14.43 -7.04 -32.75
CA ARG A 44 -13.82 -8.33 -32.49
C ARG A 44 -14.20 -9.28 -33.62
N SER A 45 -13.26 -10.13 -34.03
CA SER A 45 -13.49 -11.05 -35.12
C SER A 45 -12.92 -12.42 -34.77
N SER A 46 -13.66 -13.47 -35.13
CA SER A 46 -13.24 -14.85 -34.93
C SER A 46 -12.79 -15.09 -33.49
N VAL A 47 -13.75 -14.94 -32.57
CA VAL A 47 -13.45 -15.07 -31.15
C VAL A 47 -14.73 -15.39 -30.41
N LEU A 48 -14.59 -16.04 -29.26
CA LEU A 48 -15.70 -16.27 -28.33
C LEU A 48 -15.49 -15.38 -27.12
N HIS A 49 -16.39 -14.42 -26.94
CA HIS A 49 -16.25 -13.38 -25.92
C HIS A 49 -17.35 -13.54 -24.87
N SER A 50 -16.95 -13.53 -23.61
CA SER A 50 -17.88 -13.72 -22.50
C SER A 50 -18.17 -12.38 -21.86
N THR A 51 -19.45 -12.02 -21.79
CA THR A 51 -19.87 -10.72 -21.30
C THR A 51 -20.97 -10.88 -20.26
N GLN A 52 -20.81 -10.22 -19.13
CA GLN A 52 -21.86 -10.11 -18.11
C GLN A 52 -22.58 -8.79 -18.33
N ASP A 53 -23.88 -8.85 -18.61
CA ASP A 53 -24.63 -7.65 -18.95
C ASP A 53 -26.11 -7.95 -18.80
N LEU A 54 -26.94 -6.92 -18.98
CA LEU A 54 -28.39 -7.07 -18.90
C LEU A 54 -28.88 -7.58 -20.25
N PHE A 55 -29.28 -8.84 -20.29
CA PHE A 55 -29.70 -9.50 -21.52
C PHE A 55 -31.09 -10.08 -21.35
N LEU A 56 -31.70 -10.46 -22.48
CA LEU A 56 -32.97 -11.16 -22.47
C LEU A 56 -32.69 -12.66 -22.48
N PRO A 57 -33.02 -13.39 -21.41
CA PRO A 57 -32.67 -14.82 -21.38
C PRO A 57 -33.27 -15.56 -22.55
N PHE A 58 -32.52 -16.54 -23.06
CA PHE A 58 -32.98 -17.35 -24.17
C PHE A 58 -34.24 -18.12 -23.79
N PHE A 59 -35.12 -18.32 -24.76
CA PHE A 59 -36.33 -19.11 -24.57
C PHE A 59 -37.16 -18.58 -23.40
N SER A 60 -37.20 -17.26 -23.26
CA SER A 60 -37.90 -16.63 -22.15
C SER A 60 -39.39 -16.50 -22.48
N ASN A 61 -40.12 -15.89 -21.56
CA ASN A 61 -41.58 -15.77 -21.63
C ASN A 61 -41.94 -14.30 -21.83
N VAL A 62 -41.99 -13.88 -23.08
CA VAL A 62 -42.22 -12.46 -23.41
C VAL A 62 -43.73 -12.20 -23.46
N THR A 63 -44.12 -11.04 -22.93
CA THR A 63 -45.52 -10.65 -22.92
C THR A 63 -45.88 -10.06 -24.27
N TRP A 64 -46.98 -10.53 -24.85
CA TRP A 64 -47.44 -10.15 -26.18
C TRP A 64 -48.73 -9.34 -26.05
N PHE A 65 -48.74 -8.15 -26.63
CA PHE A 65 -49.89 -7.26 -26.58
C PHE A 65 -50.35 -6.93 -28.00
N HIS A 66 -51.62 -6.54 -28.11
CA HIS A 66 -52.21 -6.10 -29.37
C HIS A 66 -52.59 -4.63 -29.26
N ALA A 67 -52.59 -3.95 -30.41
CA ALA A 67 -52.94 -2.54 -30.46
C ALA A 67 -54.13 -2.32 -31.38
N ASN A 81 -52.15 -0.79 -24.44
CA ASN A 81 -50.80 -0.45 -24.00
C ASN A 81 -50.80 0.04 -22.56
N PRO A 82 -50.81 -0.89 -21.60
CA PRO A 82 -50.82 -0.51 -20.18
C PRO A 82 -49.50 0.09 -19.73
N VAL A 83 -49.40 0.42 -18.44
CA VAL A 83 -48.18 1.01 -17.87
C VAL A 83 -47.34 -0.16 -17.36
N LEU A 84 -46.52 -0.72 -18.23
CA LEU A 84 -45.62 -1.78 -17.81
C LEU A 84 -44.54 -1.23 -16.89
N PRO A 85 -44.00 -2.06 -15.99
CA PRO A 85 -42.81 -1.64 -15.22
C PRO A 85 -41.59 -1.56 -16.12
N PHE A 86 -40.48 -1.18 -15.51
CA PHE A 86 -39.18 -1.12 -16.19
C PHE A 86 -38.16 -2.09 -15.62
N ASN A 87 -38.04 -2.16 -14.29
CA ASN A 87 -37.17 -3.12 -13.61
C ASN A 87 -35.72 -2.80 -13.99
N ASP A 88 -34.94 -3.76 -14.46
CA ASP A 88 -33.55 -3.53 -14.83
C ASP A 88 -33.38 -3.08 -16.27
N GLY A 89 -34.41 -3.15 -17.08
CA GLY A 89 -34.34 -2.83 -18.48
C GLY A 89 -35.41 -3.59 -19.23
N VAL A 90 -35.68 -3.14 -20.47
CA VAL A 90 -36.78 -3.67 -21.25
C VAL A 90 -36.30 -3.98 -22.66
N TYR A 91 -36.53 -5.21 -23.10
CA TYR A 91 -36.46 -5.56 -24.51
C TYR A 91 -37.86 -5.37 -25.11
N PHE A 92 -37.91 -4.75 -26.28
CA PHE A 92 -39.15 -4.40 -26.94
C PHE A 92 -39.09 -4.93 -28.36
N ALA A 93 -40.24 -5.32 -28.90
CA ALA A 93 -40.28 -5.80 -30.26
C ALA A 93 -41.62 -5.41 -30.88
N SER A 94 -41.59 -5.09 -32.18
CA SER A 94 -42.81 -4.72 -32.89
C SER A 94 -42.71 -5.22 -34.33
N THR A 95 -43.67 -6.04 -34.73
CA THR A 95 -43.79 -6.50 -36.11
C THR A 95 -44.79 -5.59 -36.80
N GLU A 96 -44.31 -4.75 -37.71
CA GLU A 96 -45.14 -3.70 -38.30
C GLU A 96 -44.94 -3.66 -39.82
N LYS A 97 -45.83 -2.88 -40.45
CA LYS A 97 -45.72 -2.57 -41.86
C LYS A 97 -46.01 -1.10 -42.17
N SER A 98 -46.45 -0.31 -41.19
CA SER A 98 -46.76 1.10 -41.41
C SER A 98 -46.26 2.00 -40.29
N ASN A 99 -45.45 1.49 -39.36
CA ASN A 99 -44.87 2.29 -38.27
C ASN A 99 -45.97 2.92 -37.43
N ILE A 100 -46.74 2.04 -36.78
CA ILE A 100 -47.83 2.49 -35.92
C ILE A 100 -47.31 2.95 -34.56
N ILE A 101 -46.55 2.09 -33.89
CA ILE A 101 -45.98 2.44 -32.59
C ILE A 101 -44.83 3.41 -32.80
N ARG A 102 -44.79 4.48 -32.00
CA ARG A 102 -43.85 5.56 -32.26
C ARG A 102 -42.97 5.91 -31.07
N GLY A 103 -43.51 5.82 -29.86
CA GLY A 103 -42.79 6.37 -28.72
C GLY A 103 -43.12 5.67 -27.41
N TRP A 104 -42.49 6.17 -26.36
CA TRP A 104 -42.62 5.61 -25.02
C TRP A 104 -42.52 6.73 -23.99
N ILE A 105 -42.94 6.39 -22.77
CA ILE A 105 -42.87 7.28 -21.61
C ILE A 105 -42.14 6.54 -20.51
N PHE A 106 -41.32 7.25 -19.75
CA PHE A 106 -40.58 6.66 -18.64
C PHE A 106 -40.63 7.60 -17.44
N GLY A 107 -40.64 7.00 -16.26
CA GLY A 107 -40.70 7.76 -15.03
C GLY A 107 -41.13 6.88 -13.88
N THR A 108 -41.46 7.54 -12.77
CA THR A 108 -41.93 6.85 -11.56
C THR A 108 -43.41 7.10 -11.32
N THR A 109 -43.83 8.36 -11.24
CA THR A 109 -45.22 8.71 -11.01
C THR A 109 -45.95 9.20 -12.25
N LEU A 110 -45.24 9.81 -13.20
CA LEU A 110 -45.83 10.25 -14.46
C LEU A 110 -47.03 11.17 -14.20
N ASP A 111 -46.91 12.04 -13.20
CA ASP A 111 -47.98 12.95 -12.83
C ASP A 111 -47.43 14.35 -12.57
N SER A 112 -46.40 14.74 -13.32
CA SER A 112 -45.79 16.06 -13.25
C SER A 112 -45.15 16.36 -11.90
N LYS A 113 -45.09 15.39 -11.00
CA LYS A 113 -44.41 15.56 -9.73
C LYS A 113 -42.93 15.24 -9.81
N THR A 114 -42.47 14.70 -10.93
CA THR A 114 -41.06 14.39 -11.14
C THR A 114 -40.80 14.34 -12.63
N GLN A 115 -39.52 14.47 -12.99
CA GLN A 115 -39.15 14.45 -14.40
C GLN A 115 -39.51 13.11 -15.02
N SER A 116 -40.00 13.15 -16.26
CA SER A 116 -40.36 11.96 -17.00
C SER A 116 -39.80 12.07 -18.41
N LEU A 117 -39.22 10.97 -18.90
CA LEU A 117 -38.58 10.93 -20.20
C LEU A 117 -39.62 10.54 -21.24
N LEU A 118 -39.93 11.46 -22.16
CA LEU A 118 -40.84 11.20 -23.27
C LEU A 118 -40.03 11.03 -24.54
N ILE A 119 -40.21 9.90 -25.22
CA ILE A 119 -39.52 9.61 -26.46
C ILE A 119 -40.57 9.41 -27.54
N VAL A 120 -40.36 10.04 -28.70
CA VAL A 120 -41.30 9.96 -29.81
C VAL A 120 -40.57 9.41 -31.03
N ASN A 121 -39.67 8.45 -30.81
CA ASN A 121 -38.75 8.00 -31.84
C ASN A 121 -39.48 7.23 -32.93
N ASN A 122 -39.86 7.92 -34.00
CA ASN A 122 -40.52 7.31 -35.14
C ASN A 122 -39.67 7.51 -36.39
N ALA A 123 -39.43 6.41 -37.12
CA ALA A 123 -38.60 6.45 -38.32
C ALA A 123 -37.24 7.04 -38.02
N THR A 124 -37.06 8.35 -38.29
CA THR A 124 -35.80 9.02 -38.02
C THR A 124 -35.98 10.31 -37.22
N ASN A 125 -37.20 10.68 -36.86
CA ASN A 125 -37.48 11.88 -36.11
C ASN A 125 -37.69 11.54 -34.64
N VAL A 126 -36.93 12.19 -33.77
CA VAL A 126 -37.00 11.96 -32.33
C VAL A 126 -37.26 13.29 -31.64
N VAL A 127 -38.12 13.27 -30.63
CA VAL A 127 -38.55 14.48 -29.94
C VAL A 127 -38.26 14.35 -28.45
N ILE A 128 -37.14 13.71 -28.11
CA ILE A 128 -36.90 13.33 -26.71
C ILE A 128 -36.94 14.55 -25.82
N LYS A 129 -37.71 14.45 -24.73
CA LYS A 129 -37.80 15.49 -23.72
C LYS A 129 -37.88 14.86 -22.35
N VAL A 130 -37.48 15.62 -21.33
CA VAL A 130 -37.52 15.15 -19.95
C VAL A 130 -38.27 16.12 -19.06
N CYS A 131 -39.23 16.83 -19.63
CA CYS A 131 -39.98 17.81 -18.86
C CYS A 131 -40.80 17.11 -17.77
N GLU A 132 -41.36 17.92 -16.87
CA GLU A 132 -42.26 17.41 -15.82
C GLU A 132 -43.67 17.31 -16.40
N PHE A 133 -43.85 16.32 -17.28
CA PHE A 133 -45.10 16.19 -18.01
C PHE A 133 -46.24 15.79 -17.09
N GLN A 134 -47.44 16.28 -17.40
CA GLN A 134 -48.67 15.85 -16.75
C GLN A 134 -49.43 15.00 -17.76
N PHE A 135 -49.12 13.71 -17.78
CA PHE A 135 -49.70 12.83 -18.78
C PHE A 135 -51.20 12.66 -18.56
N CYS A 136 -51.93 12.54 -19.67
CA CYS A 136 -53.37 12.34 -19.62
C CYS A 136 -53.69 10.91 -19.21
N ASN A 137 -54.97 10.67 -18.92
CA ASN A 137 -55.40 9.34 -18.50
C ASN A 137 -55.16 8.31 -19.60
N ASP A 138 -55.51 8.65 -20.85
CA ASP A 138 -55.37 7.74 -21.98
C ASP A 138 -54.70 8.49 -23.13
N PRO A 139 -53.40 8.77 -23.03
CA PRO A 139 -52.70 9.46 -24.11
C PRO A 139 -52.74 8.65 -25.40
N PHE A 140 -52.87 9.35 -26.52
CA PHE A 140 -52.85 8.71 -27.83
C PHE A 140 -52.49 9.76 -28.87
N LEU A 141 -52.06 9.29 -30.03
CA LEU A 141 -51.66 10.14 -31.14
C LEU A 141 -52.62 9.93 -32.31
N GLY A 142 -53.16 11.03 -32.84
CA GLY A 142 -54.08 10.96 -33.94
C GLY A 142 -53.38 10.92 -35.30
N VAL A 143 -54.20 10.93 -36.35
CA VAL A 143 -53.70 10.90 -37.71
C VAL A 143 -53.98 12.24 -38.39
N GLU A 156 -52.02 15.50 -35.49
CA GLU A 156 -52.54 15.50 -34.13
C GLU A 156 -51.47 15.07 -33.15
N PHE A 157 -51.29 15.86 -32.09
CA PHE A 157 -50.29 15.59 -31.04
C PHE A 157 -50.91 15.96 -29.69
N ARG A 158 -51.49 14.96 -29.04
CA ARG A 158 -52.15 15.13 -27.73
C ARG A 158 -51.65 14.01 -26.82
N VAL A 159 -50.55 14.26 -26.13
CA VAL A 159 -49.92 13.28 -25.23
C VAL A 159 -49.91 13.77 -23.79
N TYR A 160 -49.36 14.97 -23.56
CA TYR A 160 -49.24 15.54 -22.23
C TYR A 160 -49.97 16.86 -22.16
N SER A 161 -50.52 17.16 -20.99
CA SER A 161 -51.24 18.41 -20.78
C SER A 161 -50.33 19.56 -20.39
N SER A 162 -49.19 19.28 -19.77
CA SER A 162 -48.26 20.31 -19.34
C SER A 162 -46.83 19.86 -19.60
N ALA A 163 -45.94 20.83 -19.75
CA ALA A 163 -44.51 20.53 -19.97
C ALA A 163 -43.72 21.72 -19.43
N ASN A 164 -43.14 21.56 -18.25
CA ASN A 164 -42.38 22.62 -17.60
C ASN A 164 -41.05 22.07 -17.11
N ASN A 165 -40.03 22.93 -17.10
CA ASN A 165 -38.71 22.59 -16.59
C ASN A 165 -38.12 21.42 -17.38
N CYS A 166 -37.99 21.62 -18.69
CA CYS A 166 -37.38 20.63 -19.57
C CYS A 166 -35.87 20.75 -19.44
N THR A 167 -35.27 19.87 -18.65
CA THR A 167 -33.83 19.89 -18.43
C THR A 167 -33.04 19.25 -19.57
N PHE A 168 -33.73 18.66 -20.55
CA PHE A 168 -33.05 18.04 -21.68
C PHE A 168 -34.04 17.97 -22.83
N GLU A 169 -33.52 18.10 -24.06
CA GLU A 169 -34.35 18.04 -25.25
C GLU A 169 -33.47 17.69 -26.42
N TYR A 170 -33.76 16.56 -27.07
CA TYR A 170 -32.95 16.03 -28.16
C TYR A 170 -33.84 15.80 -29.37
N VAL A 171 -33.34 16.18 -30.55
CA VAL A 171 -34.09 16.09 -31.80
C VAL A 171 -33.16 15.59 -32.89
N SER A 172 -33.73 14.83 -33.83
CA SER A 172 -32.98 14.36 -35.00
C SER A 172 -33.88 14.34 -36.23
N PHE A 186 -44.33 -9.85 -46.15
CA PHE A 186 -43.14 -9.49 -45.38
C PHE A 186 -43.40 -8.25 -44.53
N LYS A 187 -42.93 -8.29 -43.29
CA LYS A 187 -43.06 -7.20 -42.35
C LYS A 187 -41.69 -6.86 -41.78
N ASN A 188 -41.63 -5.74 -41.08
CA ASN A 188 -40.40 -5.28 -40.42
C ASN A 188 -40.53 -5.53 -38.93
N LEU A 189 -39.59 -6.28 -38.37
CA LEU A 189 -39.51 -6.50 -36.94
C LEU A 189 -38.48 -5.52 -36.39
N ARG A 190 -38.94 -4.58 -35.58
CA ARG A 190 -38.10 -3.61 -34.93
C ARG A 190 -37.91 -4.04 -33.48
N GLU A 191 -36.67 -4.33 -33.11
CA GLU A 191 -36.33 -4.79 -31.77
C GLU A 191 -35.47 -3.73 -31.10
N PHE A 192 -35.80 -3.44 -29.84
CA PHE A 192 -35.17 -2.39 -29.07
C PHE A 192 -34.75 -2.94 -27.72
N VAL A 193 -33.74 -2.31 -27.14
CA VAL A 193 -33.33 -2.56 -25.76
C VAL A 193 -33.16 -1.23 -25.07
N PHE A 194 -33.82 -1.05 -23.93
CA PHE A 194 -33.76 0.18 -23.16
C PHE A 194 -33.27 -0.13 -21.76
N LYS A 195 -32.36 0.72 -21.26
CA LYS A 195 -31.97 0.62 -19.86
C LYS A 195 -31.52 1.98 -19.36
N ASN A 196 -31.45 2.12 -18.04
CA ASN A 196 -31.10 3.37 -17.37
C ASN A 196 -30.07 3.05 -16.29
N ILE A 197 -28.81 3.39 -16.52
CA ILE A 197 -27.72 3.10 -15.61
C ILE A 197 -26.92 4.37 -15.36
N ASP A 198 -26.66 4.66 -14.08
CA ASP A 198 -25.82 5.79 -13.68
C ASP A 198 -26.33 7.10 -14.27
N GLY A 199 -27.64 7.26 -14.34
CA GLY A 199 -28.25 8.46 -14.86
C GLY A 199 -28.22 8.60 -16.36
N TYR A 200 -27.75 7.59 -17.09
CA TYR A 200 -27.68 7.62 -18.54
C TYR A 200 -28.57 6.53 -19.11
N PHE A 201 -29.35 6.90 -20.12
CA PHE A 201 -30.35 6.02 -20.71
C PHE A 201 -29.83 5.48 -22.03
N LYS A 202 -29.62 4.17 -22.09
CA LYS A 202 -29.05 3.51 -23.26
C LYS A 202 -30.15 2.83 -24.07
N ILE A 203 -30.06 2.96 -25.39
CA ILE A 203 -31.02 2.42 -26.34
C ILE A 203 -30.25 1.70 -27.45
N TYR A 204 -30.49 0.40 -27.58
CA TYR A 204 -30.04 -0.41 -28.71
C TYR A 204 -31.22 -0.70 -29.62
N SER A 205 -30.94 -0.94 -30.90
CA SER A 205 -32.02 -1.20 -31.85
C SER A 205 -31.51 -2.07 -33.00
N LYS A 206 -32.46 -2.71 -33.67
CA LYS A 206 -32.19 -3.52 -34.85
C LYS A 206 -33.50 -3.77 -35.57
N HIS A 207 -33.53 -3.47 -36.86
CA HIS A 207 -34.72 -3.67 -37.69
C HIS A 207 -34.40 -4.71 -38.75
N THR A 208 -35.21 -5.77 -38.80
CA THR A 208 -34.98 -6.85 -39.73
C THR A 208 -36.24 -7.19 -40.51
N PRO A 209 -36.13 -7.51 -41.80
CA PRO A 209 -37.32 -7.96 -42.55
C PRO A 209 -37.58 -9.44 -42.31
N ILE A 210 -38.77 -9.76 -41.81
CA ILE A 210 -39.14 -11.14 -41.53
C ILE A 210 -40.49 -11.43 -42.18
N ASN A 211 -40.78 -12.71 -42.35
CA ASN A 211 -42.06 -13.18 -42.89
C ASN A 211 -42.64 -14.19 -41.92
N LEU A 212 -43.29 -13.69 -40.87
CA LEU A 212 -43.99 -14.53 -39.91
C LEU A 212 -44.82 -13.67 -38.97
N VAL A 213 -46.06 -14.08 -38.71
CA VAL A 213 -46.95 -13.35 -37.81
C VAL A 213 -47.38 -14.19 -36.61
N ARG A 214 -47.17 -15.51 -36.64
CA ARG A 214 -47.62 -16.34 -35.52
C ARG A 214 -46.75 -16.12 -34.29
N GLY A 215 -45.43 -16.03 -34.46
CA GLY A 215 -44.53 -15.84 -33.34
C GLY A 215 -43.18 -15.37 -33.82
N LEU A 216 -42.31 -15.10 -32.85
CA LEU A 216 -40.97 -14.61 -33.16
C LEU A 216 -40.21 -15.65 -33.97
N PRO A 217 -39.43 -15.24 -34.95
CA PRO A 217 -38.71 -16.23 -35.77
C PRO A 217 -37.68 -17.01 -34.97
N GLN A 218 -37.44 -18.24 -35.39
CA GLN A 218 -36.45 -19.10 -34.76
C GLN A 218 -35.11 -18.88 -35.46
N GLY A 219 -34.33 -17.96 -34.93
CA GLY A 219 -33.05 -17.61 -35.52
C GLY A 219 -32.31 -16.64 -34.64
N PHE A 220 -31.13 -16.24 -35.10
CA PHE A 220 -30.27 -15.36 -34.34
C PHE A 220 -30.02 -14.07 -35.10
N SER A 221 -30.11 -12.94 -34.40
CA SER A 221 -29.81 -11.63 -34.96
C SER A 221 -29.45 -10.70 -33.82
N ALA A 222 -28.44 -9.86 -34.04
CA ALA A 222 -27.89 -9.01 -32.99
C ALA A 222 -28.39 -7.58 -33.12
N LEU A 223 -28.44 -6.88 -31.99
CA LEU A 223 -28.92 -5.51 -31.91
C LEU A 223 -27.75 -4.56 -31.75
N GLU A 224 -27.68 -3.54 -32.60
CA GLU A 224 -26.65 -2.52 -32.50
C GLU A 224 -26.99 -1.50 -31.44
N PRO A 225 -25.99 -0.74 -30.96
CA PRO A 225 -26.28 0.39 -30.07
C PRO A 225 -26.53 1.66 -30.85
N LEU A 226 -27.58 2.39 -30.44
CA LEU A 226 -27.97 3.61 -31.14
C LEU A 226 -27.83 4.86 -30.30
N VAL A 227 -28.45 4.93 -29.11
CA VAL A 227 -28.59 6.21 -28.42
C VAL A 227 -28.15 6.09 -26.97
N ASP A 228 -27.67 7.20 -26.42
CA ASP A 228 -27.32 7.33 -25.01
C ASP A 228 -27.67 8.75 -24.58
N LEU A 229 -28.68 8.87 -23.71
CA LEU A 229 -29.17 10.17 -23.27
C LEU A 229 -28.73 10.48 -21.85
N PRO A 230 -28.33 11.71 -21.54
CA PRO A 230 -28.03 12.08 -20.14
C PRO A 230 -29.26 12.64 -19.41
N ILE A 231 -30.23 11.76 -19.15
CA ILE A 231 -31.48 12.21 -18.54
C ILE A 231 -31.31 12.40 -17.04
N GLY A 232 -30.60 11.50 -16.38
CA GLY A 232 -30.46 11.58 -14.94
C GLY A 232 -31.79 11.48 -14.22
N ILE A 233 -32.60 10.48 -14.59
CA ILE A 233 -33.96 10.33 -14.09
C ILE A 233 -34.13 8.93 -13.52
N ASN A 234 -34.93 8.84 -12.47
CA ASN A 234 -35.33 7.55 -11.90
C ASN A 234 -36.51 7.00 -12.70
N ILE A 235 -36.35 5.79 -13.23
CA ILE A 235 -37.36 5.16 -14.07
C ILE A 235 -37.76 3.84 -13.44
N THR A 236 -39.07 3.64 -13.24
CA THR A 236 -39.58 2.38 -12.72
C THR A 236 -40.74 1.87 -13.56
N ARG A 237 -41.45 2.79 -14.24
CA ARG A 237 -42.57 2.44 -15.07
C ARG A 237 -42.35 3.00 -16.47
N PHE A 238 -43.05 2.41 -17.44
CA PHE A 238 -42.99 2.92 -18.80
C PHE A 238 -44.23 2.47 -19.56
N GLN A 239 -44.47 3.12 -20.69
CA GLN A 239 -45.65 2.87 -21.51
C GLN A 239 -45.31 3.17 -22.95
N THR A 240 -46.13 2.65 -23.87
CA THR A 240 -45.93 2.82 -25.30
C THR A 240 -46.93 3.82 -25.86
N LEU A 241 -46.59 4.38 -27.02
CA LEU A 241 -47.43 5.37 -27.69
C LEU A 241 -47.70 4.90 -29.12
N HIS A 242 -48.97 4.95 -29.51
CA HIS A 242 -49.42 4.52 -30.83
C HIS A 242 -50.07 5.68 -31.57
N ILE A 243 -50.26 5.49 -32.87
CA ILE A 243 -50.95 6.48 -33.70
C ILE A 243 -52.36 6.01 -33.98
N ALA A 261 -49.46 -5.70 -32.46
CA ALA A 261 -48.75 -6.88 -31.97
C ALA A 261 -47.32 -6.52 -31.60
N TYR A 262 -47.09 -6.24 -30.31
CA TYR A 262 -45.75 -5.91 -29.84
C TYR A 262 -45.44 -6.69 -28.56
N TYR A 263 -44.17 -7.00 -28.38
CA TYR A 263 -43.69 -7.85 -27.31
C TYR A 263 -42.81 -7.05 -26.35
N VAL A 264 -42.91 -7.39 -25.06
CA VAL A 264 -42.18 -6.69 -24.00
C VAL A 264 -41.55 -7.75 -23.11
N GLY A 265 -40.26 -8.02 -23.31
CA GLY A 265 -39.50 -8.89 -22.42
C GLY A 265 -38.66 -8.06 -21.48
N TYR A 266 -38.25 -8.66 -20.37
CA TYR A 266 -37.46 -7.97 -19.36
C TYR A 266 -36.03 -8.49 -19.38
N LEU A 267 -35.08 -7.57 -19.19
CA LEU A 267 -33.66 -7.90 -19.15
C LEU A 267 -33.25 -8.26 -17.73
N GLN A 268 -32.27 -9.15 -17.63
CA GLN A 268 -31.73 -9.61 -16.36
C GLN A 268 -30.22 -9.65 -16.45
N PRO A 269 -29.52 -9.58 -15.32
CA PRO A 269 -28.06 -9.61 -15.35
C PRO A 269 -27.51 -10.98 -15.71
N ARG A 270 -27.50 -11.30 -16.99
CA ARG A 270 -27.08 -12.60 -17.48
C ARG A 270 -25.66 -12.53 -18.05
N THR A 271 -25.02 -13.69 -18.09
CA THR A 271 -23.73 -13.87 -18.74
C THR A 271 -23.95 -14.57 -20.07
N PHE A 272 -23.36 -14.03 -21.12
CA PHE A 272 -23.50 -14.57 -22.47
C PHE A 272 -22.13 -14.84 -23.06
N LEU A 273 -22.08 -15.84 -23.95
CA LEU A 273 -20.87 -16.21 -24.67
C LEU A 273 -21.15 -15.97 -26.15
N LEU A 274 -20.68 -14.85 -26.66
CA LEU A 274 -20.97 -14.40 -28.01
C LEU A 274 -19.88 -14.86 -28.96
N LYS A 275 -20.26 -15.16 -30.20
CA LYS A 275 -19.34 -15.66 -31.21
C LYS A 275 -19.21 -14.63 -32.32
N TYR A 276 -18.04 -14.02 -32.43
CA TYR A 276 -17.73 -13.09 -33.51
C TYR A 276 -17.02 -13.85 -34.62
N ASN A 277 -17.53 -13.70 -35.84
CA ASN A 277 -16.96 -14.38 -37.00
C ASN A 277 -15.89 -13.50 -37.64
N GLU A 278 -15.42 -13.89 -38.83
CA GLU A 278 -14.34 -13.16 -39.48
C GLU A 278 -14.72 -11.72 -39.79
N ASN A 279 -16.00 -11.43 -39.99
CA ASN A 279 -16.47 -10.10 -40.32
C ASN A 279 -16.90 -9.30 -39.11
N GLY A 280 -16.72 -9.86 -37.91
CA GLY A 280 -17.06 -9.16 -36.69
C GLY A 280 -18.52 -9.23 -36.30
N THR A 281 -19.33 -10.04 -36.98
CA THR A 281 -20.74 -10.17 -36.66
C THR A 281 -20.93 -11.22 -35.56
N ILE A 282 -21.83 -10.92 -34.63
CA ILE A 282 -22.18 -11.87 -33.59
C ILE A 282 -23.20 -12.84 -34.18
N THR A 283 -22.70 -13.94 -34.74
CA THR A 283 -23.54 -14.91 -35.42
C THR A 283 -24.08 -16.01 -34.50
N ASP A 284 -23.72 -15.99 -33.22
CA ASP A 284 -24.20 -17.01 -32.31
C ASP A 284 -23.94 -16.56 -30.88
N ALA A 285 -24.69 -17.14 -29.95
CA ALA A 285 -24.52 -16.82 -28.55
C ALA A 285 -24.99 -17.99 -27.71
N VAL A 286 -24.40 -18.10 -26.51
CA VAL A 286 -24.79 -19.09 -25.53
C VAL A 286 -25.20 -18.36 -24.25
N ASP A 287 -26.36 -18.71 -23.72
CA ASP A 287 -26.85 -18.14 -22.47
C ASP A 287 -26.34 -19.02 -21.33
N CYS A 288 -25.40 -18.49 -20.55
CA CYS A 288 -24.64 -19.31 -19.61
C CYS A 288 -25.47 -19.84 -18.45
N ALA A 289 -26.71 -19.37 -18.27
CA ALA A 289 -27.56 -19.85 -17.20
C ALA A 289 -28.85 -20.49 -17.72
N LEU A 290 -28.94 -20.75 -19.03
CA LEU A 290 -30.15 -21.35 -19.57
C LEU A 290 -30.32 -22.79 -19.08
N ASP A 291 -29.28 -23.60 -19.20
CA ASP A 291 -29.35 -25.01 -18.84
C ASP A 291 -27.94 -25.51 -18.57
N PRO A 292 -27.79 -26.69 -17.96
CA PRO A 292 -26.44 -27.19 -17.65
C PRO A 292 -25.54 -27.30 -18.85
N LEU A 293 -26.08 -27.64 -20.03
CA LEU A 293 -25.24 -27.72 -21.22
C LEU A 293 -24.66 -26.36 -21.58
N SER A 294 -25.45 -25.30 -21.46
CA SER A 294 -24.93 -23.97 -21.73
C SER A 294 -23.89 -23.55 -20.68
N GLU A 295 -24.09 -23.94 -19.42
CA GLU A 295 -23.06 -23.70 -18.41
C GLU A 295 -21.77 -24.41 -18.80
N THR A 296 -21.88 -25.66 -19.27
CA THR A 296 -20.69 -26.37 -19.72
C THR A 296 -20.01 -25.65 -20.88
N LYS A 297 -20.81 -25.18 -21.84
CA LYS A 297 -20.23 -24.47 -22.98
C LYS A 297 -19.51 -23.22 -22.55
N CYS A 298 -20.10 -22.46 -21.62
CA CYS A 298 -19.45 -21.23 -21.15
C CYS A 298 -18.20 -21.54 -20.35
N THR A 299 -18.23 -22.60 -19.53
CA THR A 299 -17.04 -22.98 -18.77
C THR A 299 -15.91 -23.41 -19.70
N LEU A 300 -16.23 -24.15 -20.75
CA LEU A 300 -15.24 -24.57 -21.73
C LEU A 300 -14.93 -23.47 -22.75
N LYS A 301 -15.67 -22.37 -22.75
CA LYS A 301 -15.47 -21.30 -23.71
C LYS A 301 -15.50 -21.83 -25.14
N SER A 302 -16.43 -22.74 -25.41
CA SER A 302 -16.57 -23.33 -26.72
C SER A 302 -18.03 -23.72 -26.93
N PHE A 303 -18.46 -23.69 -28.19
CA PHE A 303 -19.81 -24.08 -28.56
C PHE A 303 -19.96 -25.58 -28.80
N THR A 304 -18.86 -26.31 -28.84
CA THR A 304 -18.87 -27.76 -29.00
C THR A 304 -18.32 -28.40 -27.74
N VAL A 305 -19.03 -29.40 -27.23
CA VAL A 305 -18.64 -30.09 -26.00
C VAL A 305 -18.40 -31.56 -26.33
N GLU A 306 -17.21 -32.04 -26.01
CA GLU A 306 -16.88 -33.44 -26.24
C GLU A 306 -17.47 -34.31 -25.12
N LYS A 307 -17.50 -35.61 -25.38
CA LYS A 307 -18.01 -36.56 -24.40
C LYS A 307 -17.14 -36.52 -23.14
N GLY A 308 -17.79 -36.45 -21.99
CA GLY A 308 -17.07 -36.45 -20.75
C GLY A 308 -17.93 -35.90 -19.62
N ILE A 309 -17.25 -35.62 -18.51
CA ILE A 309 -17.87 -35.01 -17.34
C ILE A 309 -17.07 -33.77 -16.98
N TYR A 310 -17.75 -32.63 -16.89
CA TYR A 310 -17.11 -31.34 -16.73
C TYR A 310 -17.66 -30.65 -15.50
N GLN A 311 -16.76 -30.19 -14.62
CA GLN A 311 -17.14 -29.40 -13.47
C GLN A 311 -17.39 -27.97 -13.94
N THR A 312 -18.64 -27.54 -13.86
CA THR A 312 -19.05 -26.27 -14.45
C THR A 312 -19.36 -25.19 -13.43
N SER A 313 -19.80 -25.55 -12.23
CA SER A 313 -20.23 -24.55 -11.25
C SER A 313 -20.10 -25.15 -9.86
N ASN A 314 -20.53 -24.37 -8.87
CA ASN A 314 -20.64 -24.84 -7.50
C ASN A 314 -22.07 -24.61 -7.01
N PHE A 315 -22.53 -25.54 -6.18
CA PHE A 315 -23.87 -25.51 -5.62
C PHE A 315 -23.78 -25.08 -4.16
N ARG A 316 -24.72 -24.24 -3.75
CA ARG A 316 -24.78 -23.70 -2.39
C ARG A 316 -26.24 -23.50 -2.04
N VAL A 317 -26.65 -24.00 -0.87
CA VAL A 317 -27.99 -23.75 -0.36
C VAL A 317 -28.01 -22.35 0.23
N GLN A 318 -28.77 -21.46 -0.40
CA GLN A 318 -28.83 -20.07 0.05
C GLN A 318 -29.66 -19.98 1.33
N PRO A 319 -29.34 -19.01 2.20
CA PRO A 319 -30.09 -18.89 3.46
C PRO A 319 -31.55 -18.54 3.21
N THR A 320 -32.41 -19.02 4.12
CA THR A 320 -33.85 -18.77 4.03
C THR A 320 -34.24 -17.47 4.71
N GLU A 321 -33.71 -17.21 5.90
CA GLU A 321 -34.10 -16.04 6.68
C GLU A 321 -32.94 -15.63 7.58
N SER A 322 -33.06 -14.44 8.16
CA SER A 322 -32.04 -13.87 9.02
C SER A 322 -32.47 -13.99 10.48
N ILE A 323 -31.52 -14.37 11.33
CA ILE A 323 -31.74 -14.56 12.76
C ILE A 323 -30.83 -13.60 13.51
N VAL A 324 -31.41 -12.88 14.48
CA VAL A 324 -30.66 -11.98 15.34
C VAL A 324 -30.87 -12.42 16.78
N ARG A 325 -29.78 -12.58 17.53
CA ARG A 325 -29.81 -13.01 18.92
C ARG A 325 -28.90 -12.08 19.71
N PHE A 326 -29.49 -11.11 20.40
CA PHE A 326 -28.79 -10.20 21.29
C PHE A 326 -29.16 -10.49 22.73
N PRO A 327 -28.31 -10.08 23.68
CA PRO A 327 -28.63 -10.35 25.10
C PRO A 327 -29.88 -9.58 25.53
N ASN A 328 -30.56 -10.13 26.52
CA ASN A 328 -31.76 -9.52 27.07
C ASN A 328 -31.33 -8.42 28.04
N ILE A 329 -31.12 -7.21 27.50
CA ILE A 329 -30.67 -6.06 28.27
C ILE A 329 -31.80 -5.05 28.33
N THR A 330 -32.00 -4.46 29.51
CA THR A 330 -33.13 -3.57 29.76
C THR A 330 -32.70 -2.21 30.31
N ASN A 331 -31.47 -1.79 30.03
CA ASN A 331 -30.93 -0.52 30.52
C ASN A 331 -30.44 0.32 29.35
N LEU A 332 -30.61 1.64 29.50
CA LEU A 332 -30.05 2.60 28.57
C LEU A 332 -28.66 3.01 29.03
N CYS A 333 -27.75 3.14 28.08
CA CYS A 333 -26.38 3.50 28.43
C CYS A 333 -26.32 4.95 28.88
N PRO A 334 -25.76 5.24 30.05
CA PRO A 334 -25.71 6.64 30.52
C PRO A 334 -24.63 7.46 29.82
N PHE A 335 -24.84 7.69 28.52
CA PHE A 335 -23.95 8.54 27.75
C PHE A 335 -24.24 10.03 27.96
N GLY A 336 -25.35 10.37 28.60
CA GLY A 336 -25.66 11.77 28.83
C GLY A 336 -24.66 12.42 29.77
N GLU A 337 -24.25 11.72 30.82
CA GLU A 337 -23.33 12.29 31.80
C GLU A 337 -21.89 12.35 31.29
N VAL A 338 -21.60 11.76 30.13
CA VAL A 338 -20.29 11.91 29.52
C VAL A 338 -20.29 13.03 28.48
N PHE A 339 -21.21 12.99 27.53
CA PHE A 339 -21.27 13.97 26.45
C PHE A 339 -21.98 15.26 26.86
N ASN A 340 -22.63 15.29 28.02
CA ASN A 340 -23.42 16.44 28.42
C ASN A 340 -23.04 16.92 29.81
N ALA A 341 -21.85 16.58 30.29
CA ALA A 341 -21.41 17.02 31.60
C ALA A 341 -21.17 18.52 31.61
N THR A 342 -21.33 19.13 32.78
CA THR A 342 -21.14 20.57 32.91
C THR A 342 -19.67 20.93 32.76
N ARG A 343 -18.78 20.13 33.35
CA ARG A 343 -17.34 20.40 33.33
C ARG A 343 -16.60 19.11 33.01
N PHE A 344 -15.94 19.08 31.85
CA PHE A 344 -15.06 17.97 31.54
C PHE A 344 -13.77 18.09 32.34
N ALA A 345 -13.12 16.95 32.55
CA ALA A 345 -11.92 16.92 33.37
C ALA A 345 -10.72 17.45 32.59
N SER A 346 -9.61 17.64 33.32
CA SER A 346 -8.38 18.08 32.70
C SER A 346 -7.71 16.91 31.98
N VAL A 347 -6.96 17.24 30.93
CA VAL A 347 -6.42 16.19 30.07
C VAL A 347 -5.45 15.30 30.84
N TYR A 348 -4.69 15.86 31.77
CA TYR A 348 -3.76 15.04 32.55
C TYR A 348 -4.51 14.11 33.49
N ALA A 349 -5.68 14.51 33.98
CA ALA A 349 -6.51 13.67 34.83
C ALA A 349 -7.79 13.31 34.08
N TRP A 350 -7.63 12.97 32.79
CA TRP A 350 -8.77 12.66 31.93
C TRP A 350 -9.71 11.68 32.63
N ASN A 351 -11.00 12.01 32.61
CA ASN A 351 -11.99 11.18 33.28
C ASN A 351 -12.28 9.94 32.45
N ARG A 352 -12.50 8.81 33.10
CA ARG A 352 -12.86 7.56 32.44
C ARG A 352 -14.12 7.00 33.07
N LYS A 353 -15.09 6.62 32.24
CA LYS A 353 -16.30 5.97 32.67
C LYS A 353 -16.46 4.64 31.95
N ARG A 354 -16.93 3.63 32.68
CA ARG A 354 -17.14 2.30 32.13
C ARG A 354 -18.61 2.10 31.81
N ILE A 355 -18.90 1.76 30.56
CA ILE A 355 -20.25 1.49 30.09
C ILE A 355 -20.39 -0.02 29.90
N SER A 356 -21.38 -0.59 30.57
CA SER A 356 -21.60 -2.03 30.54
C SER A 356 -23.05 -2.33 30.89
N ASN A 357 -23.59 -3.36 30.26
CA ASN A 357 -24.93 -3.88 30.58
C ASN A 357 -26.01 -2.87 30.24
N CYS A 358 -25.97 -2.37 29.00
CA CYS A 358 -26.93 -1.37 28.55
C CYS A 358 -26.98 -1.43 27.03
N VAL A 359 -28.01 -0.79 26.48
CA VAL A 359 -28.17 -0.66 25.04
C VAL A 359 -28.06 0.82 24.70
N ALA A 360 -27.35 1.12 23.62
CA ALA A 360 -27.13 2.48 23.16
C ALA A 360 -27.57 2.62 21.72
N ASP A 361 -28.39 3.63 21.46
CA ASP A 361 -28.79 3.97 20.10
C ASP A 361 -27.76 4.96 19.57
N TYR A 362 -26.79 4.45 18.81
CA TYR A 362 -25.73 5.29 18.30
C TYR A 362 -26.17 6.16 17.13
N SER A 363 -27.37 5.95 16.60
CA SER A 363 -27.87 6.81 15.54
C SER A 363 -27.92 8.26 16.00
N VAL A 364 -28.39 8.49 17.23
CA VAL A 364 -28.42 9.84 17.78
C VAL A 364 -27.02 10.43 17.80
N LEU A 365 -26.02 9.62 18.15
CA LEU A 365 -24.66 10.13 18.30
C LEU A 365 -24.11 10.65 16.97
N TYR A 366 -24.15 9.82 15.92
CA TYR A 366 -23.50 10.19 14.68
C TYR A 366 -24.39 11.01 13.74
N ASN A 367 -25.71 11.05 13.98
CA ASN A 367 -26.56 11.98 13.26
C ASN A 367 -26.47 13.39 13.80
N SER A 368 -25.79 13.58 14.92
CA SER A 368 -25.65 14.91 15.50
C SER A 368 -24.69 15.75 14.67
N ALA A 369 -25.02 17.04 14.52
CA ALA A 369 -24.19 17.99 13.81
C ALA A 369 -23.33 18.83 14.75
N SER A 370 -23.29 18.48 16.03
CA SER A 370 -22.62 19.28 17.04
C SER A 370 -21.15 18.95 17.22
N PHE A 371 -20.61 18.04 16.40
CA PHE A 371 -19.22 17.61 16.53
C PHE A 371 -18.39 18.11 15.35
N SER A 372 -17.17 18.53 15.64
CA SER A 372 -16.22 18.90 14.61
C SER A 372 -15.28 17.75 14.24
N THR A 373 -14.96 16.88 15.18
CA THR A 373 -14.15 15.70 14.93
C THR A 373 -14.97 14.47 15.31
N PHE A 374 -15.08 13.51 14.39
CA PHE A 374 -15.74 12.24 14.68
C PHE A 374 -15.03 11.19 13.81
N LYS A 375 -14.03 10.54 14.40
CA LYS A 375 -13.19 9.60 13.65
C LYS A 375 -13.18 8.26 14.37
N CYS A 376 -13.65 7.22 13.70
CA CYS A 376 -13.71 5.88 14.27
C CYS A 376 -12.67 4.99 13.59
N TYR A 377 -11.84 4.35 14.41
CA TYR A 377 -10.78 3.46 13.96
C TYR A 377 -11.17 2.03 14.30
N GLY A 378 -11.10 1.16 13.29
CA GLY A 378 -11.44 -0.24 13.48
C GLY A 378 -12.92 -0.53 13.46
N VAL A 379 -13.76 0.48 13.30
CA VAL A 379 -15.21 0.30 13.32
C VAL A 379 -15.83 1.49 12.60
N SER A 380 -17.04 1.30 12.08
CA SER A 380 -17.73 2.39 11.41
C SER A 380 -18.82 2.97 12.31
N PRO A 381 -19.05 4.27 12.28
CA PRO A 381 -20.13 4.84 13.12
C PRO A 381 -21.49 4.25 12.81
N THR A 382 -21.76 3.92 11.55
CA THR A 382 -23.08 3.42 11.16
C THR A 382 -23.27 1.94 11.44
N LYS A 383 -22.22 1.23 11.88
CA LYS A 383 -22.32 -0.18 12.21
C LYS A 383 -22.51 -0.44 13.70
N LEU A 384 -22.30 0.58 14.54
CA LEU A 384 -22.34 0.38 15.99
C LEU A 384 -23.72 -0.09 16.45
N ASN A 385 -24.78 0.30 15.76
CA ASN A 385 -26.12 -0.11 16.15
C ASN A 385 -26.34 -1.61 15.94
N ASP A 386 -25.47 -2.26 15.17
CA ASP A 386 -25.59 -3.69 14.90
C ASP A 386 -24.59 -4.53 15.67
N LEU A 387 -23.65 -3.89 16.37
CA LEU A 387 -22.58 -4.57 17.07
C LEU A 387 -22.86 -4.61 18.57
N CYS A 388 -22.46 -5.71 19.20
CA CYS A 388 -22.46 -5.86 20.64
C CYS A 388 -21.02 -5.93 21.13
N PHE A 389 -20.72 -5.19 22.19
CA PHE A 389 -19.38 -5.10 22.74
C PHE A 389 -19.38 -5.58 24.19
N THR A 390 -18.30 -6.23 24.60
CA THR A 390 -18.18 -6.69 25.97
C THR A 390 -18.18 -5.52 26.94
N ASN A 391 -17.51 -4.43 26.58
CA ASN A 391 -17.42 -3.26 27.44
C ASN A 391 -17.09 -2.06 26.58
N VAL A 392 -17.44 -0.87 27.08
CA VAL A 392 -17.06 0.38 26.44
C VAL A 392 -16.44 1.29 27.49
N TYR A 393 -15.42 2.04 27.11
CA TYR A 393 -14.83 3.04 27.98
C TYR A 393 -14.96 4.41 27.35
N ALA A 394 -15.57 5.34 28.07
CA ALA A 394 -15.75 6.70 27.59
C ALA A 394 -14.78 7.58 28.38
N ASP A 395 -13.73 8.05 27.71
CA ASP A 395 -12.74 8.92 28.33
C ASP A 395 -12.97 10.35 27.86
N SER A 396 -13.22 11.24 28.81
CA SER A 396 -13.59 12.61 28.51
C SER A 396 -12.59 13.58 29.11
N PHE A 397 -12.28 14.64 28.37
CA PHE A 397 -11.37 15.67 28.84
C PHE A 397 -11.51 16.89 27.94
N VAL A 398 -10.72 17.93 28.25
CA VAL A 398 -10.71 19.18 27.50
C VAL A 398 -9.28 19.48 27.08
N ILE A 399 -9.09 19.82 25.81
CA ILE A 399 -7.82 20.23 25.25
C ILE A 399 -8.04 21.47 24.41
N ARG A 400 -7.02 21.91 23.70
CA ARG A 400 -7.16 22.97 22.71
C ARG A 400 -7.20 22.39 21.31
N GLY A 401 -7.76 23.16 20.38
CA GLY A 401 -8.02 22.64 19.04
C GLY A 401 -6.78 22.07 18.39
N ASP A 402 -5.65 22.77 18.50
CA ASP A 402 -4.42 22.30 17.89
C ASP A 402 -3.99 20.94 18.42
N GLU A 403 -4.43 20.56 19.62
CA GLU A 403 -4.09 19.27 20.20
C GLU A 403 -5.06 18.16 19.82
N VAL A 404 -6.16 18.48 19.14
CA VAL A 404 -7.15 17.45 18.81
C VAL A 404 -6.54 16.43 17.85
N ARG A 405 -5.66 16.89 16.95
CA ARG A 405 -4.97 15.96 16.06
C ARG A 405 -4.15 14.93 16.83
N GLN A 406 -3.72 15.25 18.05
CA GLN A 406 -2.90 14.35 18.83
C GLN A 406 -3.67 13.19 19.43
N ILE A 407 -4.99 13.27 19.47
CA ILE A 407 -5.82 12.19 20.03
C ILE A 407 -6.12 11.25 18.88
N ALA A 408 -5.17 10.35 18.63
CA ALA A 408 -5.30 9.37 17.56
C ALA A 408 -4.25 8.28 17.78
N PRO A 409 -4.45 7.09 17.21
CA PRO A 409 -3.49 6.00 17.43
C PRO A 409 -2.15 6.30 16.79
N GLY A 410 -1.09 6.26 17.61
CA GLY A 410 0.26 6.43 17.12
C GLY A 410 0.74 7.85 16.99
N GLN A 411 -0.09 8.84 17.33
CA GLN A 411 0.34 10.23 17.23
C GLN A 411 1.35 10.56 18.34
N THR A 412 2.17 11.56 18.06
CA THR A 412 3.19 12.03 18.99
C THR A 412 2.97 13.51 19.28
N GLY A 413 3.13 13.89 20.54
CA GLY A 413 2.95 15.27 20.93
C GLY A 413 2.92 15.39 22.43
N ASN A 414 2.80 16.64 22.89
CA ASN A 414 2.77 16.89 24.32
C ASN A 414 1.61 16.17 24.98
N ILE A 415 0.41 16.28 24.41
CA ILE A 415 -0.75 15.59 24.97
C ILE A 415 -0.57 14.07 24.85
N ALA A 416 -0.14 13.61 23.68
CA ALA A 416 0.04 12.18 23.47
C ALA A 416 1.20 11.62 24.26
N ASP A 417 2.10 12.47 24.77
CA ASP A 417 3.27 12.02 25.49
C ASP A 417 3.09 12.02 27.00
N TYR A 418 2.55 13.12 27.57
CA TYR A 418 2.48 13.27 29.01
C TYR A 418 1.07 13.35 29.55
N ASN A 419 0.04 13.39 28.70
CA ASN A 419 -1.33 13.59 29.16
C ASN A 419 -2.24 12.41 28.85
N TYR A 420 -2.33 11.98 27.60
CA TYR A 420 -3.28 10.92 27.23
C TYR A 420 -2.78 10.22 25.98
N LYS A 421 -2.56 8.92 26.06
CA LYS A 421 -1.98 8.13 24.98
C LYS A 421 -2.98 7.07 24.53
N LEU A 422 -3.20 6.99 23.22
CA LEU A 422 -4.00 5.93 22.62
C LEU A 422 -3.09 4.87 22.00
N PRO A 423 -3.44 3.59 22.09
CA PRO A 423 -2.62 2.56 21.46
C PRO A 423 -2.76 2.58 19.93
N ASP A 424 -1.84 1.89 19.28
CA ASP A 424 -1.86 1.84 17.82
C ASP A 424 -2.98 0.96 17.29
N ASP A 425 -3.35 -0.08 18.03
CA ASP A 425 -4.47 -0.94 17.66
C ASP A 425 -5.78 -0.49 18.29
N PHE A 426 -5.91 0.80 18.56
CA PHE A 426 -7.11 1.32 19.20
C PHE A 426 -8.33 1.15 18.31
N THR A 427 -9.35 0.46 18.82
CA THR A 427 -10.63 0.35 18.14
C THR A 427 -11.64 1.19 18.91
N GLY A 428 -12.19 2.20 18.26
CA GLY A 428 -13.12 3.10 18.92
C GLY A 428 -13.19 4.41 18.18
N CYS A 429 -13.95 5.33 18.75
CA CYS A 429 -14.25 6.60 18.12
C CYS A 429 -13.74 7.76 18.96
N VAL A 430 -13.12 8.73 18.31
CA VAL A 430 -12.69 9.98 18.93
C VAL A 430 -13.65 11.05 18.45
N ILE A 431 -14.32 11.71 19.41
CA ILE A 431 -15.38 12.67 19.12
C ILE A 431 -15.05 13.95 19.88
N ALA A 432 -14.79 15.01 19.15
CA ALA A 432 -14.43 16.29 19.76
C ALA A 432 -15.29 17.39 19.20
N TRP A 433 -15.66 18.33 20.08
CA TRP A 433 -16.49 19.46 19.69
C TRP A 433 -15.99 20.72 20.38
N ASN A 434 -16.30 21.86 19.77
CA ASN A 434 -15.83 23.15 20.27
C ASN A 434 -16.71 23.59 21.44
N SER A 435 -16.08 23.77 22.60
CA SER A 435 -16.76 24.18 23.82
C SER A 435 -16.34 25.58 24.25
N ASN A 436 -16.14 26.47 23.29
CA ASN A 436 -15.73 27.83 23.62
C ASN A 436 -16.80 28.52 24.47
N ASN A 437 -18.07 28.28 24.17
CA ASN A 437 -19.15 28.92 24.90
C ASN A 437 -19.24 28.46 26.35
N LEU A 438 -18.56 27.38 26.73
CA LEU A 438 -18.72 26.78 28.05
C LEU A 438 -17.46 26.87 28.89
N ASP A 439 -16.31 26.49 28.35
CA ASP A 439 -15.08 26.39 29.14
C ASP A 439 -14.24 27.67 29.09
N SER A 440 -14.66 28.69 28.36
CA SER A 440 -13.88 29.91 28.18
C SER A 440 -14.43 31.00 29.10
N LYS A 441 -13.57 31.55 29.94
CA LYS A 441 -13.91 32.68 30.81
C LYS A 441 -13.27 33.95 30.26
N VAL A 442 -13.91 35.08 30.56
CA VAL A 442 -13.40 36.37 30.09
C VAL A 442 -12.01 36.63 30.65
N GLY A 443 -11.84 36.38 31.95
CA GLY A 443 -10.56 36.58 32.60
C GLY A 443 -9.57 35.45 32.44
N GLY A 444 -9.96 34.36 31.80
CA GLY A 444 -9.09 33.21 31.63
C GLY A 444 -9.44 32.08 32.56
N ASN A 445 -9.80 30.93 32.01
CA ASN A 445 -10.20 29.77 32.80
C ASN A 445 -8.96 28.95 33.11
N TYR A 446 -8.62 28.84 34.39
CA TYR A 446 -7.43 28.12 34.83
C TYR A 446 -7.76 26.76 35.45
N ASN A 447 -8.99 26.28 35.29
CA ASN A 447 -9.36 24.98 35.86
C ASN A 447 -8.79 23.82 35.07
N TYR A 448 -8.35 24.05 33.83
CA TYR A 448 -7.84 23.00 32.98
C TYR A 448 -6.32 23.06 32.93
N LEU A 449 -5.66 21.95 33.26
CA LEU A 449 -4.22 21.87 33.31
C LEU A 449 -3.75 20.65 32.52
N TYR A 450 -2.61 20.79 31.85
CA TYR A 450 -2.00 19.69 31.11
C TYR A 450 -0.56 19.52 31.58
N ARG A 451 -0.12 18.26 31.64
CA ARG A 451 1.23 17.96 32.09
C ARG A 451 2.21 18.27 30.97
N LEU A 452 3.21 19.10 31.26
CA LEU A 452 4.20 19.51 30.28
C LEU A 452 5.58 18.92 30.53
N PHE A 453 5.80 18.30 31.69
CA PHE A 453 7.08 17.68 32.02
C PHE A 453 6.82 16.27 32.54
N ARG A 454 7.55 15.30 32.00
CA ARG A 454 7.48 13.94 32.50
C ARG A 454 8.79 13.23 32.19
N LYS A 455 9.12 12.23 33.01
CA LYS A 455 10.36 11.50 32.82
C LYS A 455 10.31 10.65 31.55
N SER A 456 9.16 10.06 31.25
CA SER A 456 9.03 9.20 30.08
C SER A 456 7.58 9.26 29.58
N ASN A 457 7.40 8.84 28.34
CA ASN A 457 6.08 8.87 27.73
C ASN A 457 5.13 7.90 28.39
N LEU A 458 3.84 8.22 28.33
CA LEU A 458 2.82 7.39 28.95
C LEU A 458 2.58 6.12 28.14
N LYS A 459 2.28 5.03 28.86
CA LYS A 459 1.76 3.85 28.20
C LYS A 459 0.32 4.12 27.77
N PRO A 460 -0.18 3.38 26.79
CA PRO A 460 -1.56 3.61 26.33
C PRO A 460 -2.55 3.46 27.47
N PHE A 461 -3.50 4.38 27.52
CA PHE A 461 -4.56 4.38 28.54
C PHE A 461 -3.96 4.31 29.95
N GLU A 462 -2.95 5.13 30.18
CA GLU A 462 -2.34 5.28 31.50
C GLU A 462 -2.56 6.70 31.99
N ARG A 463 -2.95 6.82 33.25
CA ARG A 463 -3.23 8.11 33.88
C ARG A 463 -2.18 8.38 34.95
N ASP A 464 -1.65 9.60 34.94
CA ASP A 464 -0.74 10.08 35.98
C ASP A 464 -1.23 11.42 36.47
N ILE A 465 -1.60 11.49 37.74
CA ILE A 465 -2.16 12.70 38.34
C ILE A 465 -1.22 13.34 39.34
N SER A 466 0.04 12.91 39.38
CA SER A 466 0.98 13.45 40.35
C SER A 466 1.29 14.91 40.06
N THR A 467 1.45 15.69 41.14
CA THR A 467 1.85 17.09 41.04
C THR A 467 3.29 17.29 41.53
N GLU A 468 4.07 16.22 41.60
CA GLU A 468 5.44 16.33 42.07
C GLU A 468 6.24 17.24 41.15
N ILE A 469 7.16 18.00 41.75
CA ILE A 469 7.99 18.92 40.98
C ILE A 469 8.94 18.12 40.10
N TYR A 470 8.92 18.41 38.80
CA TYR A 470 9.82 17.75 37.87
C TYR A 470 11.24 18.28 38.05
N GLN A 471 12.19 17.35 38.15
CA GLN A 471 13.59 17.66 38.43
C GLN A 471 14.36 17.52 37.11
N ALA A 472 14.47 18.63 36.39
CA ALA A 472 15.09 18.59 35.06
C ALA A 472 16.58 18.25 35.14
N GLY A 473 17.26 18.65 36.20
CA GLY A 473 18.68 18.41 36.32
C GLY A 473 19.03 17.36 37.35
N SER A 474 20.30 17.28 37.72
CA SER A 474 20.74 16.33 38.74
C SER A 474 20.57 16.88 40.16
N THR A 475 20.29 18.16 40.31
CA THR A 475 20.09 18.74 41.64
C THR A 475 18.69 18.41 42.14
N PRO A 476 18.53 17.75 43.28
CA PRO A 476 17.19 17.44 43.77
C PRO A 476 16.41 18.70 44.10
N CYS A 477 15.09 18.64 43.92
CA CYS A 477 14.22 19.78 44.14
C CYS A 477 13.61 19.78 45.54
N ASN A 478 13.29 18.60 46.06
CA ASN A 478 12.69 18.46 47.39
C ASN A 478 11.41 19.30 47.50
N GLY A 479 10.60 19.26 46.45
CA GLY A 479 9.31 19.94 46.50
C GLY A 479 9.37 21.45 46.47
N VAL A 480 10.44 22.03 45.95
CA VAL A 480 10.61 23.48 45.88
C VAL A 480 10.79 23.87 44.42
N LYS A 481 9.97 24.80 43.95
CA LYS A 481 10.14 25.34 42.61
C LYS A 481 11.41 26.18 42.55
N GLY A 482 12.10 26.11 41.42
CA GLY A 482 13.33 26.87 41.26
C GLY A 482 14.09 26.46 40.02
N PHE A 483 15.39 26.75 40.04
CA PHE A 483 16.24 26.45 38.90
C PHE A 483 16.25 24.95 38.64
N ASN A 484 15.96 24.56 37.39
CA ASN A 484 15.87 23.16 37.00
C ASN A 484 14.89 22.41 37.90
N CYS A 485 13.78 23.06 38.24
CA CYS A 485 12.70 22.44 39.02
C CYS A 485 11.41 23.09 38.58
N TYR A 486 10.55 22.32 37.92
CA TYR A 486 9.37 22.88 37.26
C TYR A 486 8.10 22.22 37.77
N PHE A 487 7.01 22.98 37.79
CA PHE A 487 5.71 22.42 38.12
C PHE A 487 5.12 21.79 36.86
N PRO A 488 4.91 20.46 36.83
CA PRO A 488 4.57 19.81 35.56
C PRO A 488 3.26 20.28 34.94
N LEU A 489 2.33 20.81 35.73
CA LEU A 489 1.00 21.16 35.22
C LEU A 489 1.00 22.62 34.75
N GLN A 490 0.52 22.83 33.52
CA GLN A 490 0.43 24.15 32.92
C GLN A 490 -1.02 24.42 32.56
N SER A 491 -1.50 25.62 32.88
CA SER A 491 -2.89 25.97 32.64
C SER A 491 -3.09 26.43 31.21
N TYR A 492 -4.22 26.02 30.61
CA TYR A 492 -4.55 26.48 29.27
C TYR A 492 -4.93 27.97 29.27
N GLY A 493 -5.67 28.40 30.27
CA GLY A 493 -6.10 29.78 30.35
C GLY A 493 -6.99 30.19 29.19
N PHE A 494 -7.98 29.35 28.87
CA PHE A 494 -8.86 29.62 27.75
C PHE A 494 -9.55 30.97 27.93
N GLN A 495 -9.62 31.74 26.86
CA GLN A 495 -10.33 33.00 26.82
C GLN A 495 -11.15 33.06 25.54
N PRO A 496 -12.30 33.75 25.56
CA PRO A 496 -13.15 33.76 24.37
C PRO A 496 -12.50 34.41 23.15
N THR A 497 -11.48 35.23 23.35
CA THR A 497 -10.83 35.92 22.23
C THR A 497 -9.78 35.07 21.54
N TYR A 498 -9.49 33.87 22.04
CA TYR A 498 -8.48 33.03 21.43
C TYR A 498 -8.91 32.59 20.03
N GLY A 499 -7.93 32.19 19.23
CA GLY A 499 -8.20 31.64 17.92
C GLY A 499 -8.66 30.20 18.00
N VAL A 500 -9.12 29.68 16.85
CA VAL A 500 -9.67 28.34 16.82
C VAL A 500 -8.65 27.31 17.30
N GLY A 501 -7.37 27.60 17.11
CA GLY A 501 -6.33 26.67 17.55
C GLY A 501 -6.08 26.66 19.04
N TYR A 502 -6.66 27.59 19.79
CA TYR A 502 -6.48 27.65 21.23
C TYR A 502 -7.81 27.68 21.99
N GLN A 503 -8.94 27.68 21.31
CA GLN A 503 -10.21 27.59 22.00
C GLN A 503 -10.40 26.21 22.60
N PRO A 504 -11.11 26.10 23.72
CA PRO A 504 -11.30 24.79 24.34
C PRO A 504 -12.11 23.86 23.44
N TYR A 505 -11.72 22.59 23.45
CA TYR A 505 -12.40 21.51 22.75
C TYR A 505 -12.62 20.37 23.72
N ARG A 506 -13.86 19.91 23.82
CA ARG A 506 -14.22 18.78 24.65
C ARG A 506 -14.10 17.50 23.82
N VAL A 507 -13.34 16.54 24.32
CA VAL A 507 -13.03 15.31 23.60
C VAL A 507 -13.52 14.12 24.42
N VAL A 508 -14.27 13.24 23.76
CA VAL A 508 -14.70 11.97 24.31
C VAL A 508 -14.17 10.87 23.40
N VAL A 509 -13.44 9.93 23.98
CA VAL A 509 -12.90 8.77 23.28
C VAL A 509 -13.66 7.55 23.76
N LEU A 510 -14.42 6.94 22.86
CA LEU A 510 -15.11 5.69 23.14
C LEU A 510 -14.23 4.54 22.69
N SER A 511 -13.86 3.68 23.62
CA SER A 511 -13.07 2.49 23.35
C SER A 511 -13.99 1.29 23.49
N PHE A 512 -14.35 0.69 22.37
CA PHE A 512 -15.16 -0.52 22.35
C PHE A 512 -14.25 -1.73 22.44
N GLU A 513 -14.50 -2.61 23.41
CA GLU A 513 -13.69 -3.80 23.59
C GLU A 513 -14.53 -5.02 23.23
N LEU A 514 -14.06 -5.80 22.26
CA LEU A 514 -14.74 -7.00 21.79
C LEU A 514 -13.87 -8.20 22.17
N LEU A 515 -14.08 -8.70 23.39
CA LEU A 515 -13.37 -9.86 23.89
C LEU A 515 -14.23 -11.10 23.66
N HIS A 516 -13.81 -12.23 24.21
CA HIS A 516 -14.59 -13.46 24.14
C HIS A 516 -15.67 -13.53 25.21
N ALA A 517 -15.63 -12.62 26.19
CA ALA A 517 -16.60 -12.64 27.27
C ALA A 517 -18.00 -12.33 26.74
N PRO A 518 -19.04 -12.57 27.54
CA PRO A 518 -20.38 -12.20 27.11
C PRO A 518 -20.48 -10.72 26.81
N ALA A 519 -21.22 -10.38 25.77
CA ALA A 519 -21.42 -8.99 25.41
C ALA A 519 -22.41 -8.34 26.36
N THR A 520 -22.14 -7.09 26.73
CA THR A 520 -22.98 -6.35 27.66
C THR A 520 -23.38 -4.96 27.18
N VAL A 521 -22.72 -4.42 26.16
CA VAL A 521 -23.12 -3.17 25.53
C VAL A 521 -23.51 -3.48 24.10
N CYS A 522 -24.74 -3.17 23.73
CA CYS A 522 -25.31 -3.54 22.44
C CYS A 522 -26.02 -2.34 21.82
N GLY A 523 -26.31 -2.47 20.52
CA GLY A 523 -27.15 -1.51 19.85
C GLY A 523 -28.62 -1.78 20.08
N PRO A 524 -29.46 -0.91 19.52
CA PRO A 524 -30.92 -1.03 19.67
C PRO A 524 -31.55 -1.99 18.66
N LYS A 525 -30.95 -3.16 18.51
CA LYS A 525 -31.36 -4.15 17.53
C LYS A 525 -32.15 -5.26 18.22
N LYS A 526 -33.35 -5.54 17.72
CA LYS A 526 -34.22 -6.52 18.35
C LYS A 526 -33.90 -7.92 17.84
N SER A 527 -33.93 -8.88 18.75
CA SER A 527 -33.61 -10.26 18.43
C SER A 527 -34.86 -11.00 17.97
N THR A 528 -34.70 -11.79 16.91
CA THR A 528 -35.79 -12.56 16.34
C THR A 528 -35.90 -13.91 17.06
N ASN A 529 -36.74 -14.80 16.54
CA ASN A 529 -36.84 -16.14 17.08
C ASN A 529 -35.67 -16.99 16.62
N LEU A 530 -35.34 -18.00 17.40
CA LEU A 530 -34.25 -18.90 17.08
C LEU A 530 -34.76 -19.99 16.15
N VAL A 531 -34.16 -20.09 14.96
CA VAL A 531 -34.57 -21.03 13.93
C VAL A 531 -33.47 -22.06 13.76
N LYS A 532 -33.81 -23.33 13.94
CA LYS A 532 -32.86 -24.43 13.85
C LYS A 532 -33.20 -25.33 12.67
N ASN A 533 -32.20 -26.11 12.24
CA ASN A 533 -32.34 -27.07 11.16
C ASN A 533 -32.64 -26.41 9.82
N LYS A 534 -32.30 -25.13 9.68
CA LYS A 534 -32.48 -24.42 8.43
C LYS A 534 -31.23 -23.60 8.12
N CYS A 535 -31.03 -23.32 6.83
CA CYS A 535 -29.94 -22.45 6.41
C CYS A 535 -30.40 -21.01 6.62
N VAL A 536 -29.80 -20.33 7.60
CA VAL A 536 -30.22 -19.00 8.00
C VAL A 536 -28.99 -18.09 8.00
N ASN A 537 -29.26 -16.80 8.14
CA ASN A 537 -28.25 -15.75 8.23
C ASN A 537 -28.33 -15.22 9.67
N PHE A 538 -27.51 -15.81 10.54
CA PHE A 538 -27.61 -15.53 11.97
C PHE A 538 -26.68 -14.41 12.38
N ASN A 539 -27.03 -13.80 13.53
CA ASN A 539 -26.24 -12.72 14.12
C ASN A 539 -26.32 -12.90 15.63
N PHE A 540 -25.25 -13.41 16.23
CA PHE A 540 -25.19 -13.66 17.67
C PHE A 540 -24.25 -12.63 18.29
N ASN A 541 -24.82 -11.63 18.96
CA ASN A 541 -24.04 -10.58 19.63
C ASN A 541 -23.09 -9.89 18.66
N GLY A 542 -23.54 -9.66 17.44
CA GLY A 542 -22.72 -9.05 16.42
C GLY A 542 -21.92 -10.02 15.59
N LEU A 543 -21.76 -11.25 16.06
CA LEU A 543 -21.10 -12.30 15.28
C LEU A 543 -22.07 -12.73 14.18
N THR A 544 -21.86 -12.16 12.99
CA THR A 544 -22.71 -12.48 11.85
C THR A 544 -22.16 -13.69 11.10
N GLY A 545 -23.06 -14.41 10.44
CA GLY A 545 -22.65 -15.55 9.65
C GLY A 545 -23.84 -16.19 8.99
N THR A 546 -23.56 -17.23 8.21
CA THR A 546 -24.59 -17.99 7.52
C THR A 546 -24.35 -19.47 7.79
N GLY A 547 -25.43 -20.19 8.12
CA GLY A 547 -25.28 -21.61 8.36
C GLY A 547 -26.54 -22.20 8.94
N VAL A 548 -26.40 -23.43 9.42
CA VAL A 548 -27.48 -24.19 10.04
C VAL A 548 -27.18 -24.29 11.53
N LEU A 549 -28.14 -23.85 12.34
CA LEU A 549 -28.02 -23.91 13.79
C LEU A 549 -28.75 -25.15 14.30
N THR A 550 -28.07 -25.94 15.13
CA THR A 550 -28.67 -27.14 15.68
C THR A 550 -28.29 -27.28 17.14
N GLU A 551 -29.15 -27.94 17.91
CA GLU A 551 -28.80 -28.25 19.28
C GLU A 551 -27.56 -29.14 19.31
N SER A 552 -26.70 -28.90 20.30
CA SER A 552 -25.42 -29.58 20.37
C SER A 552 -25.23 -30.21 21.75
N ASN A 553 -24.48 -31.29 21.79
CA ASN A 553 -24.11 -31.96 23.02
C ASN A 553 -22.75 -31.50 23.54
N LYS A 554 -22.17 -30.46 22.95
CA LYS A 554 -20.94 -29.88 23.48
C LYS A 554 -21.15 -29.42 24.91
N LYS A 555 -20.20 -29.76 25.78
CA LYS A 555 -20.29 -29.45 27.21
C LYS A 555 -19.50 -28.18 27.46
N PHE A 556 -20.11 -27.04 27.16
CA PHE A 556 -19.49 -25.75 27.44
C PHE A 556 -19.41 -25.54 28.95
N LEU A 557 -18.25 -25.12 29.42
CA LEU A 557 -18.15 -24.64 30.79
C LEU A 557 -18.88 -23.32 30.92
N PRO A 558 -19.43 -23.00 32.09
CA PRO A 558 -20.32 -21.83 32.20
C PRO A 558 -19.69 -20.54 31.70
N PHE A 559 -18.39 -20.36 31.90
CA PHE A 559 -17.72 -19.14 31.46
C PHE A 559 -17.50 -19.08 29.95
N GLN A 560 -17.65 -20.20 29.24
CA GLN A 560 -17.38 -20.23 27.81
C GLN A 560 -18.59 -19.77 27.03
N GLN A 561 -18.34 -19.01 25.96
CA GLN A 561 -19.40 -18.43 25.14
C GLN A 561 -19.47 -18.99 23.74
N PHE A 562 -18.39 -19.52 23.20
CA PHE A 562 -18.40 -20.12 21.87
C PHE A 562 -17.20 -21.03 21.73
N GLY A 563 -17.25 -21.88 20.71
CA GLY A 563 -16.13 -22.73 20.36
C GLY A 563 -15.65 -22.42 18.96
N ARG A 564 -14.35 -22.60 18.75
CA ARG A 564 -13.72 -22.26 17.48
C ARG A 564 -13.20 -23.51 16.79
N ASP A 565 -12.83 -23.35 15.53
CA ASP A 565 -12.26 -24.39 14.69
C ASP A 565 -10.81 -24.03 14.34
N ILE A 566 -10.19 -24.86 13.51
CA ILE A 566 -8.79 -24.66 13.17
C ILE A 566 -8.60 -23.35 12.41
N ALA A 567 -9.57 -22.99 11.56
CA ALA A 567 -9.50 -21.77 10.77
C ALA A 567 -10.10 -20.56 11.49
N ASP A 568 -10.18 -20.61 12.82
CA ASP A 568 -10.75 -19.52 13.61
C ASP A 568 -12.20 -19.23 13.22
N THR A 569 -12.94 -20.27 12.84
CA THR A 569 -14.37 -20.15 12.56
C THR A 569 -15.16 -20.65 13.75
N THR A 570 -16.22 -19.92 14.10
CA THR A 570 -17.05 -20.28 15.24
C THR A 570 -17.85 -21.54 14.93
N ASP A 571 -17.43 -22.66 15.49
CA ASP A 571 -18.13 -23.93 15.30
C ASP A 571 -19.39 -24.02 16.15
N ALA A 572 -19.42 -23.37 17.30
CA ALA A 572 -20.59 -23.39 18.16
C ALA A 572 -20.70 -22.06 18.90
N VAL A 573 -21.92 -21.74 19.34
CA VAL A 573 -22.18 -20.52 20.07
C VAL A 573 -23.09 -20.84 21.25
N ARG A 574 -23.03 -19.98 22.27
CA ARG A 574 -24.01 -19.98 23.34
C ARG A 574 -25.04 -18.91 23.05
N ASP A 575 -26.30 -19.29 22.98
CA ASP A 575 -27.35 -18.34 22.68
C ASP A 575 -27.42 -17.29 23.79
N PRO A 576 -27.40 -15.99 23.47
CA PRO A 576 -27.29 -14.98 24.52
C PRO A 576 -28.51 -14.87 25.43
N GLN A 577 -29.68 -15.35 25.01
CA GLN A 577 -30.89 -15.21 25.81
C GLN A 577 -31.20 -16.49 26.58
N THR A 578 -31.38 -17.61 25.87
CA THR A 578 -31.52 -18.92 26.49
C THR A 578 -30.18 -19.62 26.36
N LEU A 579 -29.47 -19.76 27.48
CA LEU A 579 -28.07 -20.14 27.42
C LEU A 579 -27.91 -21.60 26.99
N GLU A 580 -28.24 -21.88 25.73
CA GLU A 580 -28.07 -23.19 25.14
C GLU A 580 -26.95 -23.15 24.11
N ILE A 581 -26.34 -24.30 23.88
CA ILE A 581 -25.24 -24.43 22.93
C ILE A 581 -25.79 -24.83 21.58
N LEU A 582 -25.43 -24.09 20.55
CA LEU A 582 -25.85 -24.35 19.18
C LEU A 582 -24.63 -24.60 18.32
N ASP A 583 -24.62 -25.74 17.63
CA ASP A 583 -23.65 -26.00 16.59
C ASP A 583 -24.02 -25.24 15.32
N ILE A 584 -23.00 -24.64 14.70
CA ILE A 584 -23.15 -23.91 13.44
C ILE A 584 -22.47 -24.76 12.37
N THR A 585 -23.23 -25.10 11.33
CA THR A 585 -22.68 -25.92 10.26
C THR A 585 -22.86 -25.22 8.93
N PRO A 586 -21.90 -25.29 8.02
CA PRO A 586 -22.13 -24.75 6.68
C PRO A 586 -23.34 -25.41 6.06
N CYS A 587 -24.14 -24.61 5.34
CA CYS A 587 -25.47 -25.08 4.97
C CYS A 587 -25.39 -26.33 4.10
N SER A 588 -24.92 -26.16 2.87
CA SER A 588 -24.65 -27.29 1.99
C SER A 588 -23.98 -26.76 0.73
N PHE A 589 -22.93 -27.42 0.27
CA PHE A 589 -22.26 -26.94 -0.93
C PHE A 589 -21.47 -28.07 -1.57
N GLY A 590 -21.10 -27.85 -2.82
CA GLY A 590 -20.23 -28.79 -3.50
C GLY A 590 -20.23 -28.55 -4.99
N GLY A 591 -19.27 -29.18 -5.65
CA GLY A 591 -19.13 -28.99 -7.09
C GLY A 591 -20.32 -29.53 -7.86
N VAL A 592 -20.51 -28.99 -9.05
CA VAL A 592 -21.54 -29.45 -9.97
C VAL A 592 -20.87 -29.83 -11.27
N SER A 593 -21.00 -31.09 -11.67
CA SER A 593 -20.40 -31.61 -12.89
C SER A 593 -21.51 -31.93 -13.89
N VAL A 594 -21.27 -31.65 -15.15
CA VAL A 594 -22.23 -31.92 -16.21
C VAL A 594 -21.71 -33.11 -17.00
N ILE A 595 -22.41 -34.24 -16.91
CA ILE A 595 -22.10 -35.42 -17.68
C ILE A 595 -22.77 -35.27 -19.04
N THR A 596 -21.98 -35.30 -20.10
CA THR A 596 -22.50 -35.08 -21.43
C THR A 596 -21.89 -36.08 -22.41
N PRO A 597 -22.69 -36.65 -23.30
CA PRO A 597 -22.14 -37.15 -24.56
C PRO A 597 -21.83 -35.96 -25.46
N GLY A 598 -21.03 -36.22 -26.49
CA GLY A 598 -20.66 -35.12 -27.38
C GLY A 598 -21.90 -34.42 -27.92
N THR A 599 -21.81 -33.10 -28.02
CA THR A 599 -22.92 -32.35 -28.61
C THR A 599 -23.19 -32.77 -30.04
N ASN A 600 -22.21 -33.41 -30.68
CA ASN A 600 -22.46 -34.05 -31.98
C ASN A 600 -23.38 -35.24 -31.85
N THR A 601 -23.54 -35.79 -30.65
CA THR A 601 -24.42 -36.93 -30.40
C THR A 601 -25.79 -36.51 -29.86
N SER A 602 -25.81 -35.72 -28.80
CA SER A 602 -27.06 -35.29 -28.21
C SER A 602 -26.82 -34.03 -27.38
N ASN A 603 -27.90 -33.30 -27.14
CA ASN A 603 -27.89 -32.17 -26.22
C ASN A 603 -28.39 -32.54 -24.84
N GLN A 604 -28.66 -33.82 -24.60
CA GLN A 604 -29.13 -34.28 -23.31
C GLN A 604 -27.94 -34.45 -22.37
N VAL A 605 -28.06 -33.93 -21.16
CA VAL A 605 -27.00 -33.98 -20.17
C VAL A 605 -27.55 -34.50 -18.85
N ALA A 606 -26.68 -35.11 -18.07
CA ALA A 606 -26.94 -35.43 -16.67
C ALA A 606 -26.13 -34.50 -15.80
N VAL A 607 -26.53 -34.37 -14.54
CA VAL A 607 -25.88 -33.46 -13.60
C VAL A 607 -25.48 -34.28 -12.38
N LEU A 608 -24.29 -33.99 -11.85
CA LEU A 608 -23.81 -34.58 -10.61
C LEU A 608 -23.55 -33.46 -9.63
N TYR A 609 -24.24 -33.51 -8.49
CA TYR A 609 -23.95 -32.63 -7.36
C TYR A 609 -23.05 -33.42 -6.44
N GLN A 610 -21.77 -33.04 -6.40
CA GLN A 610 -20.75 -33.87 -5.75
C GLN A 610 -20.89 -33.79 -4.24
N GLY A 611 -20.87 -34.97 -3.60
CA GLY A 611 -20.83 -35.03 -2.16
C GLY A 611 -22.07 -34.52 -1.47
N VAL A 612 -23.20 -34.43 -2.18
CA VAL A 612 -24.44 -33.98 -1.58
C VAL A 612 -25.43 -35.14 -1.58
N ASN A 613 -26.37 -35.05 -0.65
CA ASN A 613 -27.47 -36.02 -0.57
C ASN A 613 -28.55 -35.63 -1.58
N CYS A 614 -29.33 -36.61 -2.01
CA CYS A 614 -30.38 -36.33 -2.98
C CYS A 614 -31.63 -35.78 -2.29
N THR A 615 -31.45 -34.79 -1.42
CA THR A 615 -32.56 -34.05 -0.85
C THR A 615 -32.33 -32.54 -0.77
N GLU A 616 -31.08 -32.08 -0.82
CA GLU A 616 -30.77 -30.65 -0.73
C GLU A 616 -30.81 -29.95 -2.08
N VAL A 617 -31.09 -30.68 -3.16
CA VAL A 617 -31.09 -30.09 -4.48
C VAL A 617 -32.46 -29.48 -4.77
N SER A 634 -33.52 -29.00 -14.90
CA SER A 634 -32.68 -28.92 -13.71
C SER A 634 -32.78 -30.22 -12.90
N THR A 635 -33.82 -30.32 -12.06
CA THR A 635 -34.01 -31.49 -11.22
C THR A 635 -35.11 -32.35 -11.84
N GLY A 636 -34.70 -33.20 -12.77
CA GLY A 636 -35.62 -34.13 -13.40
C GLY A 636 -35.95 -35.31 -12.50
N SER A 637 -36.86 -36.14 -12.99
CA SER A 637 -37.33 -37.30 -12.22
C SER A 637 -36.44 -38.53 -12.46
N ASN A 638 -35.13 -38.34 -12.35
CA ASN A 638 -34.16 -39.42 -12.47
C ASN A 638 -33.08 -39.29 -11.41
N VAL A 639 -33.48 -38.99 -10.18
CA VAL A 639 -32.50 -38.85 -9.10
C VAL A 639 -31.92 -40.20 -8.74
N PHE A 640 -30.66 -40.21 -8.32
CA PHE A 640 -29.97 -41.44 -7.98
C PHE A 640 -28.78 -41.09 -7.09
N GLN A 641 -28.74 -41.65 -5.88
CA GLN A 641 -27.71 -41.31 -4.91
C GLN A 641 -26.50 -42.20 -5.13
N THR A 642 -25.45 -41.64 -5.73
CA THR A 642 -24.17 -42.31 -5.85
C THR A 642 -23.28 -41.89 -4.68
N ARG A 643 -22.28 -42.72 -4.39
CA ARG A 643 -21.30 -42.35 -3.37
C ARG A 643 -20.53 -41.10 -3.76
N ALA A 644 -20.56 -40.71 -5.03
CA ALA A 644 -19.93 -39.48 -5.48
C ALA A 644 -20.83 -38.27 -5.31
N GLY A 645 -22.10 -38.45 -4.99
CA GLY A 645 -23.01 -37.34 -4.84
C GLY A 645 -24.42 -37.74 -5.28
N CYS A 646 -25.13 -36.77 -5.82
CA CYS A 646 -26.48 -36.98 -6.36
C CYS A 646 -26.44 -36.83 -7.87
N LEU A 647 -26.90 -37.85 -8.58
CA LEU A 647 -26.92 -37.88 -10.03
C LEU A 647 -28.34 -37.68 -10.51
N ILE A 648 -28.57 -36.66 -11.31
CA ILE A 648 -29.90 -36.27 -11.78
C ILE A 648 -29.90 -36.28 -13.30
N GLY A 649 -30.82 -37.02 -13.90
CA GLY A 649 -30.94 -37.10 -15.33
C GLY A 649 -30.33 -38.33 -15.96
N ALA A 650 -29.84 -39.27 -15.15
CA ALA A 650 -29.30 -40.53 -15.64
C ALA A 650 -30.11 -41.67 -15.06
N GLU A 651 -30.52 -42.60 -15.92
CA GLU A 651 -31.32 -43.75 -15.51
C GLU A 651 -30.38 -44.84 -15.01
N HIS A 652 -30.50 -45.19 -13.73
CA HIS A 652 -29.70 -46.26 -13.18
C HIS A 652 -30.10 -47.60 -13.80
N VAL A 653 -29.10 -48.39 -14.19
CA VAL A 653 -29.30 -49.66 -14.84
C VAL A 653 -28.59 -50.74 -14.04
N ASN A 654 -29.23 -51.91 -13.92
CA ASN A 654 -28.66 -53.01 -13.16
C ASN A 654 -27.58 -53.77 -13.93
N ASN A 655 -27.48 -53.56 -15.24
CA ASN A 655 -26.40 -54.16 -16.01
C ASN A 655 -25.09 -53.44 -15.71
N SER A 656 -23.99 -54.08 -16.10
CA SER A 656 -22.65 -53.53 -15.92
C SER A 656 -21.93 -53.55 -17.25
N TYR A 657 -21.45 -52.38 -17.68
CA TYR A 657 -20.68 -52.23 -18.91
C TYR A 657 -19.30 -51.67 -18.57
N GLU A 658 -18.49 -51.49 -19.60
CA GLU A 658 -17.22 -50.79 -19.42
C GLU A 658 -17.48 -49.33 -19.05
N CYS A 659 -16.53 -48.74 -18.35
CA CYS A 659 -16.65 -47.33 -18.01
C CYS A 659 -16.56 -46.50 -19.27
N ASP A 660 -17.59 -45.69 -19.51
CA ASP A 660 -17.62 -44.77 -20.63
C ASP A 660 -17.34 -43.35 -20.18
N ILE A 661 -18.11 -42.86 -19.22
CA ILE A 661 -17.84 -41.57 -18.56
C ILE A 661 -17.73 -41.84 -17.07
N PRO A 662 -16.56 -41.67 -16.46
CA PRO A 662 -16.44 -41.97 -15.03
C PRO A 662 -17.20 -40.97 -14.17
N ILE A 663 -17.97 -41.50 -13.23
CA ILE A 663 -18.63 -40.69 -12.21
C ILE A 663 -17.95 -40.86 -10.86
N GLY A 664 -17.51 -42.07 -10.55
CA GLY A 664 -16.77 -42.31 -9.31
C GLY A 664 -17.37 -43.41 -8.47
N ALA A 665 -16.57 -43.96 -7.56
CA ALA A 665 -17.02 -45.01 -6.66
C ALA A 665 -17.55 -46.22 -7.42
N GLY A 666 -16.97 -46.49 -8.60
CA GLY A 666 -17.39 -47.59 -9.42
C GLY A 666 -18.57 -47.29 -10.32
N ILE A 667 -19.05 -46.05 -10.35
CA ILE A 667 -20.21 -45.67 -11.15
C ILE A 667 -19.71 -44.92 -12.38
N CYS A 668 -20.22 -45.31 -13.54
CA CYS A 668 -19.93 -44.64 -14.80
C CYS A 668 -21.26 -44.37 -15.52
N ALA A 669 -21.20 -43.51 -16.53
CA ALA A 669 -22.39 -43.14 -17.29
C ALA A 669 -22.12 -43.27 -18.78
N SER A 670 -23.13 -43.70 -19.52
CA SER A 670 -23.06 -43.82 -20.97
C SER A 670 -24.36 -43.31 -21.57
N TYR A 671 -24.43 -43.32 -22.89
CA TYR A 671 -25.59 -42.85 -23.65
C TYR A 671 -26.06 -44.00 -24.53
N GLN A 672 -27.16 -44.64 -24.14
CA GLN A 672 -27.61 -45.86 -24.80
C GLN A 672 -29.13 -45.90 -24.86
N THR A 673 -29.65 -46.69 -25.79
CA THR A 673 -31.08 -46.85 -25.98
C THR A 673 -31.73 -47.45 -24.73
N SER A 686 -34.46 -43.26 -29.19
CA SER A 686 -34.89 -43.40 -27.80
C SER A 686 -33.68 -43.52 -26.88
N GLN A 687 -32.57 -42.93 -27.29
CA GLN A 687 -31.36 -42.98 -26.48
C GLN A 687 -31.49 -42.09 -25.25
N SER A 688 -30.85 -42.52 -24.17
CA SER A 688 -30.88 -41.80 -22.91
C SER A 688 -29.58 -42.06 -22.16
N ILE A 689 -29.28 -41.17 -21.22
CA ILE A 689 -28.09 -41.31 -20.39
C ILE A 689 -28.39 -42.28 -19.26
N ILE A 690 -27.54 -43.29 -19.11
CA ILE A 690 -27.70 -44.33 -18.10
C ILE A 690 -26.48 -44.31 -17.20
N ALA A 691 -26.70 -44.67 -15.94
CA ALA A 691 -25.65 -44.79 -14.94
C ALA A 691 -25.59 -46.24 -14.46
N TYR A 692 -24.38 -46.75 -14.29
CA TYR A 692 -24.21 -48.17 -13.99
C TYR A 692 -22.91 -48.38 -13.23
N THR A 693 -22.85 -49.49 -12.49
CA THR A 693 -21.60 -49.96 -11.91
C THR A 693 -20.75 -50.57 -13.01
N MET A 694 -19.52 -50.11 -13.14
CA MET A 694 -18.69 -50.50 -14.27
C MET A 694 -18.31 -51.97 -14.17
N SER A 695 -18.07 -52.57 -15.33
CA SER A 695 -17.63 -53.95 -15.43
C SER A 695 -16.11 -53.98 -15.53
N LEU A 696 -15.49 -54.85 -14.74
CA LEU A 696 -14.04 -54.98 -14.76
C LEU A 696 -13.55 -55.95 -15.82
N GLY A 697 -14.45 -56.67 -16.48
CA GLY A 697 -14.07 -57.61 -17.50
C GLY A 697 -14.96 -58.83 -17.50
N VAL A 698 -14.73 -59.73 -18.45
CA VAL A 698 -15.53 -60.96 -18.54
C VAL A 698 -14.92 -62.00 -17.62
N GLU A 699 -15.73 -62.52 -16.69
CA GLU A 699 -15.26 -63.56 -15.80
C GLU A 699 -14.87 -64.80 -16.58
N ASN A 700 -13.81 -65.47 -16.14
CA ASN A 700 -13.28 -66.61 -16.87
C ASN A 700 -12.53 -67.51 -15.90
N SER A 701 -13.10 -68.67 -15.60
CA SER A 701 -12.45 -69.66 -14.75
C SER A 701 -11.51 -70.50 -15.61
N VAL A 702 -10.25 -70.55 -15.22
CA VAL A 702 -9.28 -71.38 -15.95
C VAL A 702 -9.52 -72.84 -15.60
N ALA A 703 -9.49 -73.69 -16.63
CA ALA A 703 -9.76 -75.11 -16.46
C ALA A 703 -8.56 -75.82 -15.83
N TYR A 704 -8.20 -75.37 -14.64
CA TYR A 704 -7.01 -75.87 -13.96
C TYR A 704 -7.25 -77.23 -13.35
N SER A 705 -6.26 -78.10 -13.47
CA SER A 705 -6.20 -79.35 -12.73
C SER A 705 -4.73 -79.73 -12.60
N ASN A 706 -4.46 -80.81 -11.87
CA ASN A 706 -3.08 -81.19 -11.59
C ASN A 706 -2.45 -82.03 -12.69
N ASN A 707 -3.20 -82.35 -13.75
CA ASN A 707 -2.63 -83.08 -14.87
C ASN A 707 -3.15 -82.60 -16.22
N SER A 708 -3.62 -81.36 -16.31
CA SER A 708 -4.15 -80.81 -17.55
C SER A 708 -3.31 -79.61 -17.96
N ILE A 709 -2.93 -79.57 -19.24
CA ILE A 709 -2.15 -78.47 -19.79
C ILE A 709 -2.78 -78.03 -21.10
N ALA A 710 -2.89 -76.73 -21.29
CA ALA A 710 -3.38 -76.17 -22.55
C ALA A 710 -2.18 -75.71 -23.36
N ILE A 711 -2.12 -76.16 -24.61
CA ILE A 711 -0.97 -75.84 -25.46
C ILE A 711 -1.47 -75.26 -26.78
N PRO A 712 -0.90 -74.12 -27.22
CA PRO A 712 -1.38 -73.49 -28.46
C PRO A 712 -0.96 -74.28 -29.69
N THR A 713 -1.91 -74.51 -30.59
CA THR A 713 -1.64 -75.20 -31.84
C THR A 713 -1.39 -74.23 -32.99
N ASN A 714 -1.53 -72.93 -32.77
CA ASN A 714 -1.40 -71.93 -33.81
C ASN A 714 -0.90 -70.65 -33.19
N PHE A 715 -0.92 -69.57 -33.95
CA PHE A 715 -0.45 -68.28 -33.46
C PHE A 715 -1.02 -67.17 -34.33
N THR A 716 -0.88 -65.94 -33.85
CA THR A 716 -1.18 -64.74 -34.60
C THR A 716 -0.03 -63.77 -34.42
N ILE A 717 0.25 -63.02 -35.48
CA ILE A 717 1.25 -61.96 -35.45
C ILE A 717 0.52 -60.65 -35.23
N SER A 718 0.67 -60.07 -34.05
CA SER A 718 0.02 -58.82 -33.72
C SER A 718 0.97 -57.66 -33.98
N VAL A 719 0.42 -56.54 -34.41
CA VAL A 719 1.17 -55.31 -34.57
C VAL A 719 0.39 -54.24 -33.82
N THR A 720 0.91 -53.83 -32.67
CA THR A 720 0.24 -52.85 -31.82
C THR A 720 0.99 -51.53 -31.88
N THR A 721 0.25 -50.44 -31.72
CA THR A 721 0.81 -49.10 -31.82
C THR A 721 0.90 -48.48 -30.42
N GLU A 722 2.08 -47.95 -30.10
CA GLU A 722 2.30 -47.22 -28.85
C GLU A 722 2.85 -45.84 -29.18
N ILE A 723 2.22 -44.80 -28.65
CA ILE A 723 2.58 -43.42 -28.96
C ILE A 723 3.12 -42.76 -27.69
N LEU A 724 4.30 -42.15 -27.81
CA LEU A 724 4.96 -41.50 -26.68
C LEU A 724 5.32 -40.07 -27.06
N PRO A 725 4.93 -39.09 -26.26
CA PRO A 725 5.50 -37.74 -26.42
C PRO A 725 6.99 -37.75 -26.19
N VAL A 726 7.71 -36.99 -27.00
CA VAL A 726 9.17 -36.90 -26.94
C VAL A 726 9.62 -35.50 -26.57
N SER A 727 9.00 -34.49 -27.17
CA SER A 727 9.32 -33.09 -26.88
C SER A 727 8.03 -32.29 -26.87
N MET A 728 8.16 -31.01 -26.56
CA MET A 728 7.05 -30.07 -26.64
C MET A 728 7.58 -28.79 -27.28
N THR A 729 6.68 -27.83 -27.48
CA THR A 729 7.05 -26.60 -28.16
C THR A 729 8.04 -25.80 -27.32
N LYS A 730 9.04 -25.24 -27.98
CA LYS A 730 10.06 -24.43 -27.30
C LYS A 730 9.55 -22.99 -27.30
N THR A 731 8.97 -22.58 -26.19
CA THR A 731 8.48 -21.22 -26.04
C THR A 731 9.48 -20.40 -25.25
N SER A 732 9.52 -19.11 -25.56
CA SER A 732 10.32 -18.14 -24.81
C SER A 732 9.45 -16.93 -24.53
N VAL A 733 9.58 -16.38 -23.33
CA VAL A 733 8.84 -15.19 -22.94
C VAL A 733 9.86 -14.15 -22.50
N ASP A 734 9.89 -13.02 -23.20
CA ASP A 734 10.69 -11.89 -22.77
C ASP A 734 9.99 -11.25 -21.58
N CYS A 735 10.54 -11.49 -20.39
CA CYS A 735 9.84 -11.11 -19.15
C CYS A 735 9.55 -9.62 -19.12
N THR A 736 10.54 -8.79 -19.46
CA THR A 736 10.33 -7.34 -19.46
C THR A 736 9.28 -6.94 -20.49
N MET A 737 9.34 -7.52 -21.69
CA MET A 737 8.37 -7.19 -22.72
C MET A 737 6.96 -7.61 -22.31
N TYR A 738 6.82 -8.79 -21.72
CA TYR A 738 5.51 -9.25 -21.30
C TYR A 738 4.96 -8.37 -20.18
N ILE A 739 5.79 -8.00 -19.22
CA ILE A 739 5.32 -7.17 -18.11
C ILE A 739 5.25 -5.71 -18.52
N CYS A 740 6.32 -5.19 -19.12
CA CYS A 740 6.46 -3.77 -19.40
C CYS A 740 6.67 -3.51 -20.88
N GLY A 741 5.81 -4.04 -21.74
CA GLY A 741 6.02 -3.95 -23.17
C GLY A 741 6.29 -2.54 -23.67
N ASP A 742 7.53 -2.27 -24.09
CA ASP A 742 7.89 -1.00 -24.69
C ASP A 742 7.57 0.19 -23.79
N SER A 743 7.86 0.05 -22.50
CA SER A 743 7.60 1.09 -21.52
C SER A 743 8.80 1.24 -20.62
N THR A 744 9.44 2.41 -20.64
CA THR A 744 10.58 2.66 -19.78
C THR A 744 10.16 2.95 -18.34
N GLU A 745 9.02 3.61 -18.15
CA GLU A 745 8.55 3.89 -16.80
C GLU A 745 8.27 2.59 -16.05
N CYS A 746 7.68 1.61 -16.73
CA CYS A 746 7.42 0.32 -16.12
C CYS A 746 8.70 -0.49 -15.96
N SER A 747 9.63 -0.36 -16.92
CA SER A 747 10.88 -1.12 -16.83
C SER A 747 11.71 -0.68 -15.64
N ASN A 748 11.78 0.63 -15.39
CA ASN A 748 12.55 1.11 -14.25
C ASN A 748 11.91 0.70 -12.93
N LEU A 749 10.60 0.51 -12.91
CA LEU A 749 9.94 -0.01 -11.70
C LEU A 749 10.15 -1.50 -11.54
N LEU A 750 10.21 -2.23 -12.65
CA LEU A 750 10.48 -3.66 -12.60
C LEU A 750 11.92 -3.95 -12.20
N LEU A 751 12.82 -2.99 -12.43
CA LEU A 751 14.20 -3.16 -11.97
C LEU A 751 14.30 -3.27 -10.46
N GLN A 752 13.26 -2.87 -9.73
CA GLN A 752 13.28 -2.94 -8.27
C GLN A 752 13.09 -4.36 -7.74
N TYR A 753 12.67 -5.30 -8.58
CA TYR A 753 12.40 -6.66 -8.14
C TYR A 753 13.63 -7.56 -8.23
N GLY A 754 14.78 -7.03 -8.61
CA GLY A 754 16.01 -7.81 -8.64
C GLY A 754 16.18 -8.53 -9.95
N SER A 755 16.45 -9.82 -9.89
CA SER A 755 16.72 -10.65 -11.06
C SER A 755 15.59 -11.62 -11.36
N PHE A 756 14.38 -11.32 -10.89
CA PHE A 756 13.28 -12.27 -11.07
C PHE A 756 13.05 -12.61 -12.53
N CYS A 757 13.27 -11.65 -13.44
CA CYS A 757 13.03 -11.91 -14.85
C CYS A 757 14.11 -12.80 -15.47
N THR A 758 15.37 -12.59 -15.08
CA THR A 758 16.46 -13.34 -15.69
C THR A 758 16.41 -14.81 -15.34
N GLN A 759 15.91 -15.18 -14.17
CA GLN A 759 15.79 -16.59 -13.82
C GLN A 759 14.58 -17.26 -14.45
N LEU A 760 13.49 -16.51 -14.67
CA LEU A 760 12.40 -17.04 -15.50
C LEU A 760 12.90 -17.32 -16.91
N ASN A 761 13.69 -16.40 -17.47
CA ASN A 761 14.26 -16.62 -18.80
C ASN A 761 15.20 -17.82 -18.79
N ARG A 762 16.01 -17.96 -17.73
CA ARG A 762 16.90 -19.09 -17.61
C ARG A 762 16.13 -20.41 -17.57
N ALA A 763 15.03 -20.44 -16.82
CA ALA A 763 14.22 -21.65 -16.74
C ALA A 763 13.63 -22.01 -18.10
N LEU A 764 13.06 -21.02 -18.80
CA LEU A 764 12.50 -21.31 -20.12
C LEU A 764 13.57 -21.78 -21.09
N THR A 765 14.76 -21.18 -21.03
CA THR A 765 15.84 -21.61 -21.90
C THR A 765 16.26 -23.04 -21.60
N GLY A 766 16.31 -23.41 -20.32
CA GLY A 766 16.62 -24.78 -19.97
C GLY A 766 15.59 -25.76 -20.51
N ILE A 767 14.30 -25.40 -20.39
CA ILE A 767 13.25 -26.25 -20.95
C ILE A 767 13.46 -26.42 -22.45
N ALA A 768 13.72 -25.31 -23.15
CA ALA A 768 13.86 -25.37 -24.61
C ALA A 768 15.05 -26.21 -25.02
N VAL A 769 16.15 -26.14 -24.26
CA VAL A 769 17.33 -26.94 -24.60
C VAL A 769 17.07 -28.42 -24.33
N GLU A 770 16.40 -28.73 -23.22
CA GLU A 770 16.15 -30.14 -22.95
C GLU A 770 15.13 -30.74 -23.90
N GLN A 771 14.31 -29.92 -24.57
CA GLN A 771 13.46 -30.48 -25.63
C GLN A 771 14.29 -31.07 -26.76
N ASP A 772 15.29 -30.32 -27.23
CA ASP A 772 16.20 -30.83 -28.24
C ASP A 772 16.98 -32.03 -27.71
N LYS A 773 17.36 -31.98 -26.43
CA LYS A 773 18.03 -33.13 -25.84
C LYS A 773 17.15 -34.38 -25.88
N ASN A 774 15.86 -34.22 -25.55
CA ASN A 774 14.93 -35.34 -25.59
C ASN A 774 14.86 -35.92 -27.00
N THR A 775 14.68 -35.06 -28.00
CA THR A 775 14.57 -35.56 -29.37
C THR A 775 15.86 -36.28 -29.78
N GLN A 776 17.02 -35.70 -29.45
CA GLN A 776 18.29 -36.32 -29.82
C GLN A 776 18.43 -37.68 -29.16
N GLU A 777 18.07 -37.79 -27.89
CA GLU A 777 18.20 -39.06 -27.18
C GLU A 777 17.28 -40.11 -27.78
N VAL A 778 16.05 -39.74 -28.13
CA VAL A 778 15.14 -40.74 -28.68
C VAL A 778 15.56 -41.17 -30.07
N PHE A 779 15.93 -40.23 -30.93
CA PHE A 779 16.07 -40.54 -32.36
C PHE A 779 17.50 -40.69 -32.83
N ALA A 780 18.47 -40.01 -32.22
CA ALA A 780 19.85 -40.16 -32.64
C ALA A 780 20.48 -41.40 -32.02
N GLN A 781 19.81 -42.55 -32.15
CA GLN A 781 20.29 -43.81 -31.60
C GLN A 781 20.95 -44.68 -32.66
N VAL A 782 21.19 -44.15 -33.85
CA VAL A 782 21.78 -44.89 -34.95
C VAL A 782 23.03 -44.14 -35.38
N LYS A 783 24.17 -44.82 -35.36
CA LYS A 783 25.44 -44.15 -35.61
C LYS A 783 25.64 -43.86 -37.09
N GLN A 784 25.14 -44.72 -37.97
CA GLN A 784 25.21 -44.51 -39.40
C GLN A 784 23.81 -44.42 -39.97
N ILE A 785 23.71 -43.79 -41.15
CA ILE A 785 22.41 -43.61 -41.81
C ILE A 785 22.24 -44.80 -42.76
N TYR A 786 21.57 -45.84 -42.27
CA TYR A 786 21.33 -47.03 -43.06
C TYR A 786 20.14 -46.82 -43.99
N LYS A 787 20.22 -47.40 -45.18
CA LYS A 787 19.12 -47.38 -46.13
C LYS A 787 18.97 -48.77 -46.74
N THR A 788 17.72 -49.18 -46.94
CA THR A 788 17.46 -50.53 -47.43
C THR A 788 17.87 -50.66 -48.89
N PRO A 789 18.18 -51.88 -49.35
CA PRO A 789 18.54 -52.08 -50.74
C PRO A 789 17.35 -51.87 -51.65
N PRO A 790 17.57 -51.58 -52.93
CA PRO A 790 16.44 -51.51 -53.87
C PRO A 790 15.70 -52.83 -54.01
N ILE A 791 16.33 -53.95 -53.69
CA ILE A 791 15.68 -55.25 -53.72
C ILE A 791 14.98 -55.48 -52.38
N LYS A 792 13.68 -55.76 -52.43
CA LYS A 792 12.85 -55.93 -51.25
C LYS A 792 12.55 -57.39 -50.96
N ASP A 793 13.52 -58.27 -51.18
CA ASP A 793 13.33 -59.71 -50.97
C ASP A 793 13.38 -60.04 -49.47
N PHE A 794 12.45 -59.47 -48.73
CA PHE A 794 12.37 -59.67 -47.28
C PHE A 794 11.45 -60.83 -46.91
N GLY A 795 11.67 -61.99 -47.54
CA GLY A 795 10.96 -63.20 -47.16
C GLY A 795 9.46 -63.13 -47.27
N GLY A 796 8.93 -62.20 -48.06
CA GLY A 796 7.49 -62.01 -48.18
C GLY A 796 6.92 -60.96 -47.25
N PHE A 797 7.71 -60.42 -46.34
CA PHE A 797 7.27 -59.34 -45.48
C PHE A 797 7.33 -58.02 -46.24
N ASN A 798 6.29 -57.21 -46.08
CA ASN A 798 6.12 -55.98 -46.85
C ASN A 798 6.19 -54.80 -45.90
N PHE A 799 7.23 -53.98 -46.05
CA PHE A 799 7.44 -52.79 -45.23
C PHE A 799 7.21 -51.51 -46.02
N SER A 800 6.51 -51.58 -47.15
CA SER A 800 6.38 -50.42 -48.02
C SER A 800 5.68 -49.26 -47.32
N GLN A 801 4.77 -49.57 -46.40
CA GLN A 801 3.96 -48.54 -45.77
C GLN A 801 4.62 -47.94 -44.52
N ILE A 802 5.76 -48.48 -44.10
CA ILE A 802 6.55 -47.87 -43.04
C ILE A 802 7.92 -47.41 -43.53
N LEU A 803 8.27 -47.68 -44.78
CA LEU A 803 9.50 -47.18 -45.38
C LEU A 803 9.26 -45.84 -46.06
N PRO A 804 10.31 -45.06 -46.28
CA PRO A 804 10.12 -43.70 -46.80
C PRO A 804 9.50 -43.71 -48.19
N ASP A 805 8.76 -42.63 -48.49
CA ASP A 805 8.22 -42.40 -49.82
C ASP A 805 9.13 -41.45 -50.56
N PRO A 806 9.93 -41.91 -51.53
CA PRO A 806 10.80 -40.98 -52.26
C PRO A 806 10.04 -39.90 -53.00
N SER A 807 8.80 -40.17 -53.41
CA SER A 807 8.05 -39.20 -54.21
C SER A 807 7.83 -37.90 -53.45
N LYS A 808 7.50 -38.00 -52.16
CA LYS A 808 7.15 -36.82 -51.39
C LYS A 808 8.37 -35.94 -51.15
N PRO A 809 8.16 -34.64 -50.90
CA PRO A 809 9.31 -33.78 -50.58
C PRO A 809 10.07 -34.24 -49.35
N SER A 810 9.37 -34.42 -48.23
CA SER A 810 9.96 -35.06 -47.07
C SER A 810 9.80 -36.56 -47.23
N LYS A 811 10.92 -37.29 -47.20
CA LYS A 811 10.86 -38.74 -47.39
C LYS A 811 10.30 -39.40 -46.14
N ARG A 812 9.03 -39.14 -45.84
CA ARG A 812 8.33 -39.83 -44.78
C ARG A 812 7.69 -41.09 -45.31
N SER A 813 7.32 -41.98 -44.38
CA SER A 813 6.55 -43.15 -44.75
C SER A 813 5.08 -42.79 -44.85
N PHE A 814 4.30 -43.72 -45.38
CA PHE A 814 2.86 -43.52 -45.48
C PHE A 814 2.25 -43.33 -44.09
N ILE A 815 2.62 -44.19 -43.15
CA ILE A 815 2.08 -44.09 -41.80
C ILE A 815 2.57 -42.84 -41.11
N GLU A 816 3.82 -42.42 -41.38
CA GLU A 816 4.30 -41.17 -40.80
C GLU A 816 3.51 -39.97 -41.33
N ASP A 817 3.12 -39.99 -42.60
CA ASP A 817 2.26 -38.93 -43.13
C ASP A 817 0.88 -38.96 -42.49
N LEU A 818 0.32 -40.14 -42.27
CA LEU A 818 -0.94 -40.22 -41.54
C LEU A 818 -0.80 -39.60 -40.15
N LEU A 819 0.28 -39.95 -39.45
CA LEU A 819 0.48 -39.42 -38.10
C LEU A 819 0.60 -37.91 -38.12
N PHE A 820 1.35 -37.36 -39.07
CA PHE A 820 1.54 -35.91 -39.12
C PHE A 820 0.29 -35.19 -39.56
N ASN A 821 -0.59 -35.85 -40.31
CA ASN A 821 -1.88 -35.25 -40.63
C ASN A 821 -2.83 -35.30 -39.44
N LYS A 822 -2.74 -36.33 -38.60
CA LYS A 822 -3.75 -36.52 -37.56
C LYS A 822 -3.56 -35.56 -36.38
N VAL A 823 -2.34 -35.13 -36.11
CA VAL A 823 -2.06 -34.21 -35.00
C VAL A 823 -1.97 -32.80 -35.56
N THR A 824 -2.81 -31.92 -35.05
CA THR A 824 -2.88 -30.54 -35.54
C THR A 824 -1.90 -29.66 -34.79
N PHE A 852 3.04 -12.32 -30.07
CA PHE A 852 3.47 -10.94 -30.29
C PHE A 852 3.27 -10.10 -29.04
N ASN A 853 3.51 -10.70 -27.88
CA ASN A 853 3.44 -9.98 -26.61
C ASN A 853 4.63 -10.36 -25.74
N GLY A 854 5.81 -10.47 -26.36
CA GLY A 854 6.97 -11.02 -25.71
C GLY A 854 7.11 -12.52 -25.83
N LEU A 855 6.14 -13.19 -26.45
CA LEU A 855 6.15 -14.63 -26.61
C LEU A 855 6.69 -14.99 -27.98
N THR A 856 7.64 -15.91 -28.02
CA THR A 856 8.20 -16.41 -29.27
C THR A 856 8.30 -17.93 -29.20
N VAL A 857 8.30 -18.56 -30.37
CA VAL A 857 8.48 -20.00 -30.49
C VAL A 857 9.75 -20.27 -31.26
N LEU A 858 10.67 -21.00 -30.65
CA LEU A 858 11.94 -21.35 -31.24
C LEU A 858 11.81 -22.66 -32.01
N PRO A 859 12.29 -22.74 -33.26
CA PRO A 859 12.18 -24.00 -33.98
C PRO A 859 13.03 -25.07 -33.34
N PRO A 860 12.61 -26.34 -33.41
CA PRO A 860 13.47 -27.42 -32.92
C PRO A 860 14.74 -27.54 -33.73
N LEU A 861 15.80 -28.02 -33.08
CA LEU A 861 17.08 -28.17 -33.76
C LEU A 861 16.98 -29.15 -34.93
N LEU A 862 16.32 -30.28 -34.71
CA LEU A 862 16.13 -31.27 -35.75
C LEU A 862 14.81 -31.02 -36.47
N THR A 863 14.87 -30.90 -37.79
CA THR A 863 13.67 -30.73 -38.58
C THR A 863 12.91 -32.05 -38.67
N ASP A 864 11.66 -31.98 -39.12
CA ASP A 864 10.87 -33.19 -39.30
C ASP A 864 11.50 -34.11 -40.34
N GLU A 865 12.20 -33.54 -41.32
CA GLU A 865 12.93 -34.35 -42.28
C GLU A 865 14.08 -35.11 -41.63
N MET A 866 14.77 -34.48 -40.67
CA MET A 866 15.87 -35.16 -39.99
C MET A 866 15.37 -36.27 -39.07
N ILE A 867 14.26 -36.03 -38.35
CA ILE A 867 13.69 -37.09 -37.52
C ILE A 867 13.19 -38.23 -38.41
N ALA A 868 12.60 -37.89 -39.56
CA ALA A 868 12.19 -38.93 -40.49
C ALA A 868 13.38 -39.72 -41.01
N GLN A 869 14.50 -39.05 -41.27
CA GLN A 869 15.72 -39.74 -41.69
C GLN A 869 16.23 -40.67 -40.60
N TYR A 870 16.19 -40.22 -39.35
CA TYR A 870 16.61 -41.07 -38.24
C TYR A 870 15.72 -42.32 -38.15
N THR A 871 14.41 -42.15 -38.25
CA THR A 871 13.53 -43.31 -38.19
C THR A 871 13.75 -44.22 -39.38
N SER A 872 14.02 -43.64 -40.56
CA SER A 872 14.31 -44.46 -41.74
C SER A 872 15.59 -45.26 -41.54
N ALA A 873 16.62 -44.64 -40.97
CA ALA A 873 17.87 -45.36 -40.70
C ALA A 873 17.66 -46.48 -39.69
N LEU A 874 16.90 -46.22 -38.63
CA LEU A 874 16.61 -47.26 -37.65
C LEU A 874 15.85 -48.42 -38.30
N LEU A 875 14.84 -48.10 -39.11
CA LEU A 875 14.06 -49.15 -39.76
C LEU A 875 14.93 -49.96 -40.73
N ALA A 876 15.77 -49.28 -41.51
CA ALA A 876 16.63 -49.98 -42.44
C ALA A 876 17.62 -50.88 -41.71
N GLY A 877 18.21 -50.38 -40.62
CA GLY A 877 19.12 -51.21 -39.85
C GLY A 877 18.44 -52.44 -39.29
N THR A 878 17.24 -52.27 -38.73
CA THR A 878 16.52 -53.41 -38.18
C THR A 878 16.18 -54.41 -39.28
N ILE A 879 15.70 -53.93 -40.42
CA ILE A 879 15.17 -54.81 -41.46
C ILE A 879 16.29 -55.52 -42.19
N THR A 880 17.47 -54.92 -42.29
CA THR A 880 18.56 -55.51 -43.05
C THR A 880 19.59 -56.23 -42.19
N SER A 881 19.64 -55.95 -40.88
CA SER A 881 20.67 -56.53 -40.03
C SER A 881 20.16 -57.10 -38.71
N GLY A 882 18.91 -56.87 -38.34
CA GLY A 882 18.42 -57.36 -37.07
C GLY A 882 18.85 -56.46 -35.94
N TRP A 883 19.34 -57.04 -34.85
CA TRP A 883 19.79 -56.29 -33.70
C TRP A 883 21.31 -56.10 -33.69
N THR A 884 22.00 -56.47 -34.76
CA THR A 884 23.45 -56.38 -34.78
C THR A 884 23.95 -54.96 -34.95
N PHE A 885 23.14 -54.06 -35.53
CA PHE A 885 23.58 -52.69 -35.72
C PHE A 885 23.56 -51.88 -34.44
N GLY A 886 22.78 -52.29 -33.45
CA GLY A 886 22.76 -51.62 -32.16
C GLY A 886 23.87 -52.02 -31.21
N ALA A 887 24.66 -53.03 -31.57
CA ALA A 887 25.78 -53.50 -30.75
C ALA A 887 27.13 -53.23 -31.39
N GLY A 888 27.24 -53.36 -32.70
CA GLY A 888 28.49 -53.07 -33.40
C GLY A 888 28.18 -52.61 -34.80
N ALA A 889 28.94 -53.11 -35.76
CA ALA A 889 28.63 -52.85 -37.16
C ALA A 889 27.42 -53.65 -37.59
N ALA A 890 26.57 -53.04 -38.42
CA ALA A 890 25.37 -53.70 -38.90
C ALA A 890 25.74 -54.88 -39.78
N LEU A 891 25.40 -56.09 -39.33
CA LEU A 891 25.69 -57.32 -40.05
C LEU A 891 24.42 -57.77 -40.76
N GLN A 892 24.50 -57.92 -42.08
CA GLN A 892 23.31 -58.28 -42.84
C GLN A 892 22.94 -59.73 -42.58
N ILE A 893 21.64 -60.02 -42.71
CA ILE A 893 21.13 -61.37 -42.57
C ILE A 893 19.79 -61.40 -43.32
N PRO A 894 19.44 -62.50 -43.99
CA PRO A 894 18.11 -62.56 -44.62
C PRO A 894 17.02 -62.38 -43.57
N PHE A 895 15.96 -61.68 -43.96
CA PHE A 895 14.96 -61.28 -42.97
C PHE A 895 14.23 -62.48 -42.39
N ALA A 896 14.00 -63.52 -43.19
CA ALA A 896 13.35 -64.71 -42.65
C ALA A 896 14.22 -65.39 -41.61
N MET A 897 15.54 -65.38 -41.80
CA MET A 897 16.44 -65.92 -40.79
C MET A 897 16.47 -65.05 -39.55
N GLN A 898 16.34 -63.73 -39.71
CA GLN A 898 16.17 -62.87 -38.55
C GLN A 898 14.90 -63.21 -37.79
N MET A 899 13.80 -63.47 -38.51
CA MET A 899 12.56 -63.87 -37.85
C MET A 899 12.69 -65.22 -37.17
N ALA A 900 13.49 -66.12 -37.73
CA ALA A 900 13.81 -67.36 -37.04
C ALA A 900 14.56 -67.08 -35.74
N TYR A 901 15.49 -66.13 -35.76
CA TYR A 901 16.17 -65.73 -34.53
C TYR A 901 15.18 -65.19 -33.51
N ARG A 902 14.22 -64.38 -33.95
CA ARG A 902 13.20 -63.85 -33.03
C ARG A 902 12.36 -64.99 -32.45
N PHE A 903 11.98 -65.95 -33.28
CA PHE A 903 11.19 -67.08 -32.80
C PHE A 903 11.97 -67.90 -31.78
N ASN A 904 13.27 -68.07 -31.99
CA ASN A 904 14.09 -68.69 -30.95
C ASN A 904 14.10 -67.85 -29.69
N GLY A 905 14.20 -66.53 -29.83
CA GLY A 905 14.22 -65.65 -28.69
C GLY A 905 12.94 -65.63 -27.87
N ILE A 906 11.81 -65.98 -28.48
CA ILE A 906 10.56 -66.09 -27.72
C ILE A 906 10.24 -67.51 -27.30
N GLY A 907 11.11 -68.47 -27.57
CA GLY A 907 10.91 -69.83 -27.12
C GLY A 907 10.26 -70.75 -28.12
N VAL A 908 10.10 -70.34 -29.37
CA VAL A 908 9.53 -71.16 -30.42
C VAL A 908 10.66 -71.65 -31.32
N THR A 909 10.63 -72.94 -31.66
CA THR A 909 11.65 -73.49 -32.54
C THR A 909 11.55 -72.85 -33.91
N GLN A 910 12.70 -72.63 -34.54
CA GLN A 910 12.74 -71.82 -35.76
C GLN A 910 12.14 -72.53 -36.96
N ASN A 911 12.01 -73.86 -36.91
CA ASN A 911 11.31 -74.54 -37.99
C ASN A 911 9.84 -74.15 -38.05
N VAL A 912 9.28 -73.65 -36.95
CA VAL A 912 7.92 -73.12 -36.97
C VAL A 912 7.84 -71.91 -37.89
N LEU A 913 8.84 -71.03 -37.82
CA LEU A 913 8.88 -69.86 -38.70
C LEU A 913 9.05 -70.29 -40.16
N TYR A 914 9.97 -71.21 -40.42
CA TYR A 914 10.26 -71.58 -41.80
C TYR A 914 9.11 -72.34 -42.45
N GLU A 915 8.42 -73.19 -41.67
CA GLU A 915 7.32 -73.97 -42.22
C GLU A 915 6.03 -73.17 -42.32
N ASN A 916 5.93 -72.03 -41.63
CA ASN A 916 4.77 -71.15 -41.69
C ASN A 916 5.15 -69.77 -42.18
N GLN A 917 6.19 -69.68 -43.01
CA GLN A 917 6.74 -68.38 -43.38
C GLN A 917 5.73 -67.54 -44.14
N LYS A 918 5.03 -68.13 -45.11
CA LYS A 918 4.05 -67.37 -45.88
C LYS A 918 2.89 -66.92 -45.00
N LEU A 919 2.40 -67.82 -44.13
CA LEU A 919 1.32 -67.45 -43.22
C LEU A 919 1.73 -66.32 -42.29
N ILE A 920 2.95 -66.40 -41.74
CA ILE A 920 3.42 -65.37 -40.83
C ILE A 920 3.59 -64.04 -41.55
N ALA A 921 4.15 -64.06 -42.75
CA ALA A 921 4.32 -62.84 -43.53
C ALA A 921 2.97 -62.23 -43.87
N ASN A 922 2.00 -63.06 -44.26
CA ASN A 922 0.67 -62.55 -44.56
C ASN A 922 0.02 -61.93 -43.33
N GLN A 923 0.16 -62.57 -42.18
CA GLN A 923 -0.39 -62.00 -40.94
C GLN A 923 0.26 -60.67 -40.62
N PHE A 924 1.58 -60.57 -40.79
CA PHE A 924 2.25 -59.30 -40.55
C PHE A 924 1.76 -58.22 -41.49
N ASN A 925 1.62 -58.55 -42.78
CA ASN A 925 1.15 -57.58 -43.76
C ASN A 925 -0.27 -57.13 -43.44
N SER A 926 -1.14 -58.07 -43.04
CA SER A 926 -2.51 -57.72 -42.67
C SER A 926 -2.54 -56.83 -41.45
N ALA A 927 -1.69 -57.10 -40.46
CA ALA A 927 -1.66 -56.27 -39.26
C ALA A 927 -1.18 -54.86 -39.59
N ILE A 928 -0.18 -54.73 -40.47
CA ILE A 928 0.27 -53.41 -40.87
C ILE A 928 -0.83 -52.68 -41.64
N GLY A 929 -1.53 -53.38 -42.52
CA GLY A 929 -2.65 -52.77 -43.22
C GLY A 929 -3.74 -52.31 -42.26
N LYS A 930 -3.99 -53.08 -41.21
CA LYS A 930 -4.97 -52.68 -40.22
C LYS A 930 -4.50 -51.45 -39.45
N ILE A 931 -3.20 -51.36 -39.16
CA ILE A 931 -2.66 -50.15 -38.55
C ILE A 931 -2.94 -48.95 -39.45
N GLN A 932 -2.65 -49.10 -40.74
CA GLN A 932 -2.90 -48.02 -41.69
C GLN A 932 -4.37 -47.61 -41.70
N ASP A 933 -5.26 -48.60 -41.79
CA ASP A 933 -6.69 -48.31 -41.85
C ASP A 933 -7.15 -47.60 -40.58
N SER A 934 -6.73 -48.09 -39.40
CA SER A 934 -7.15 -47.47 -38.16
C SER A 934 -6.65 -46.04 -38.07
N LEU A 935 -5.39 -45.80 -38.46
CA LEU A 935 -4.87 -44.43 -38.42
C LEU A 935 -5.62 -43.53 -39.38
N SER A 936 -5.92 -44.01 -40.59
CA SER A 936 -6.61 -43.20 -41.57
C SER A 936 -8.09 -43.01 -41.25
N SER A 937 -8.64 -43.84 -40.35
CA SER A 937 -10.06 -43.77 -40.01
C SER A 937 -10.30 -43.03 -38.70
N THR A 938 -9.69 -43.49 -37.61
CA THR A 938 -9.91 -42.89 -36.30
C THR A 938 -9.06 -41.64 -36.16
N ALA A 939 -9.73 -40.48 -36.06
CA ALA A 939 -8.99 -39.22 -35.99
C ALA A 939 -8.18 -39.11 -34.71
N SER A 940 -8.78 -39.47 -33.56
CA SER A 940 -8.13 -39.31 -32.27
C SER A 940 -7.27 -40.52 -31.91
N ALA A 941 -6.36 -40.90 -32.81
CA ALA A 941 -5.44 -41.98 -32.51
C ALA A 941 -4.24 -41.49 -31.72
N LEU A 942 -3.72 -40.32 -32.06
CA LEU A 942 -2.61 -39.71 -31.33
C LEU A 942 -3.14 -38.71 -30.31
N GLY A 943 -3.88 -39.24 -29.34
CA GLY A 943 -4.46 -38.40 -28.31
C GLY A 943 -3.45 -37.91 -27.29
N LYS A 944 -2.37 -38.66 -27.06
CA LYS A 944 -1.38 -38.24 -26.09
C LYS A 944 -0.53 -37.08 -26.61
N LEU A 945 -0.30 -37.02 -27.91
CA LEU A 945 0.39 -35.88 -28.50
C LEU A 945 -0.51 -34.65 -28.54
N GLN A 946 -1.77 -34.85 -28.92
CA GLN A 946 -2.72 -33.75 -28.94
C GLN A 946 -2.95 -33.21 -27.53
N ASP A 947 -2.88 -34.06 -26.51
CA ASP A 947 -3.03 -33.58 -25.14
C ASP A 947 -1.90 -32.63 -24.78
N VAL A 948 -0.66 -32.97 -25.15
CA VAL A 948 0.46 -32.08 -24.86
C VAL A 948 0.32 -30.77 -25.61
N VAL A 949 -0.07 -30.85 -26.89
CA VAL A 949 -0.25 -29.63 -27.68
C VAL A 949 -1.32 -28.75 -27.06
N ASN A 950 -2.45 -29.34 -26.67
CA ASN A 950 -3.53 -28.57 -26.06
C ASN A 950 -3.12 -27.98 -24.73
N GLN A 951 -2.35 -28.73 -23.94
CA GLN A 951 -1.89 -28.19 -22.66
C GLN A 951 -1.02 -26.97 -22.86
N ASN A 952 -0.07 -27.04 -23.80
CA ASN A 952 0.79 -25.89 -24.05
C ASN A 952 -0.02 -24.71 -24.58
N ALA A 953 -0.97 -24.98 -25.48
CA ALA A 953 -1.81 -23.90 -26.01
C ALA A 953 -2.61 -23.24 -24.90
N GLN A 954 -3.21 -24.05 -24.02
CA GLN A 954 -4.00 -23.50 -22.91
C GLN A 954 -3.13 -22.68 -21.97
N ALA A 955 -1.91 -23.15 -21.68
CA ALA A 955 -1.01 -22.40 -20.82
C ALA A 955 -0.68 -21.05 -21.41
N LEU A 956 -0.34 -21.02 -22.71
CA LEU A 956 -0.01 -19.74 -23.34
C LEU A 956 -1.23 -18.83 -23.41
N ASN A 957 -2.41 -19.39 -23.70
CA ASN A 957 -3.62 -18.58 -23.75
C ASN A 957 -3.91 -17.95 -22.39
N THR A 958 -3.76 -18.72 -21.31
CA THR A 958 -3.94 -18.16 -19.98
C THR A 958 -2.93 -17.06 -19.70
N LEU A 959 -1.66 -17.29 -20.07
CA LEU A 959 -0.64 -16.29 -19.83
C LEU A 959 -0.98 -14.98 -20.55
N VAL A 960 -1.45 -15.08 -21.80
CA VAL A 960 -1.79 -13.89 -22.56
C VAL A 960 -3.03 -13.21 -22.00
N LYS A 961 -4.07 -13.99 -21.67
CA LYS A 961 -5.30 -13.41 -21.15
C LYS A 961 -5.11 -12.78 -19.79
N GLN A 962 -4.06 -13.16 -19.05
CA GLN A 962 -3.76 -12.46 -17.81
C GLN A 962 -3.27 -11.04 -18.03
N LEU A 963 -2.97 -10.66 -19.27
CA LEU A 963 -2.60 -9.29 -19.57
C LEU A 963 -3.77 -8.33 -19.58
N SER A 964 -5.00 -8.83 -19.57
CA SER A 964 -6.19 -8.00 -19.51
C SER A 964 -6.69 -7.78 -18.10
N SER A 965 -6.05 -8.39 -17.11
CA SER A 965 -6.45 -8.23 -15.72
C SER A 965 -5.95 -6.91 -15.17
N ASN A 966 -6.82 -6.21 -14.44
CA ASN A 966 -6.44 -4.92 -13.86
C ASN A 966 -5.51 -5.10 -12.67
N PHE A 967 -5.71 -6.13 -11.86
CA PHE A 967 -4.92 -6.35 -10.65
C PHE A 967 -5.01 -5.16 -9.70
N GLY A 968 -6.17 -4.49 -9.69
CA GLY A 968 -6.39 -3.36 -8.83
C GLY A 968 -6.03 -2.01 -9.41
N ALA A 969 -5.55 -1.97 -10.65
CA ALA A 969 -5.26 -0.71 -11.31
C ALA A 969 -6.51 -0.18 -12.00
N ILE A 970 -6.46 1.09 -12.41
CA ILE A 970 -7.59 1.67 -13.12
C ILE A 970 -7.77 1.00 -14.48
N SER A 971 -6.67 0.62 -15.12
CA SER A 971 -6.71 -0.03 -16.42
C SER A 971 -5.69 -1.15 -16.45
N SER A 972 -5.92 -2.12 -17.31
CA SER A 972 -4.94 -3.15 -17.61
C SER A 972 -4.02 -2.76 -18.76
N VAL A 973 -4.28 -1.63 -19.41
CA VAL A 973 -3.47 -1.16 -20.53
C VAL A 973 -2.46 -0.15 -19.99
N LEU A 974 -1.18 -0.51 -20.07
CA LEU A 974 -0.13 0.36 -19.55
C LEU A 974 -0.08 1.70 -20.27
N ASN A 975 -0.44 1.72 -21.56
CA ASN A 975 -0.38 2.95 -22.33
C ASN A 975 -1.50 3.91 -21.94
N ASP A 976 -2.68 3.41 -21.60
CA ASP A 976 -3.73 4.29 -21.10
C ASP A 976 -3.31 4.95 -19.79
N ILE A 977 -2.72 4.16 -18.88
CA ILE A 977 -2.25 4.70 -17.62
C ILE A 977 -1.19 5.77 -17.86
N LEU A 978 -0.26 5.52 -18.78
CA LEU A 978 0.80 6.49 -19.02
C LEU A 978 0.27 7.73 -19.75
N SER A 979 -0.79 7.59 -20.54
CA SER A 979 -1.32 8.73 -21.27
C SER A 979 -2.19 9.61 -20.38
N ARG A 980 -2.86 9.04 -19.39
CA ARG A 980 -3.81 9.80 -18.58
C ARG A 980 -3.26 10.30 -17.25
N LEU A 981 -2.19 9.70 -16.74
CA LEU A 981 -1.69 10.03 -15.41
C LEU A 981 -0.27 10.56 -15.48
N ASP A 982 0.07 11.41 -14.51
CA ASP A 982 1.44 11.86 -14.33
C ASP A 982 2.23 10.80 -13.59
N PRO A 983 3.56 10.87 -13.64
CA PRO A 983 4.39 9.79 -13.10
C PRO A 983 4.04 9.46 -11.66
N PRO A 984 3.83 10.46 -10.80
CA PRO A 984 3.55 10.14 -9.39
C PRO A 984 2.33 9.24 -9.21
N GLU A 985 1.27 9.46 -9.99
CA GLU A 985 0.10 8.61 -9.91
C GLU A 985 0.17 7.42 -10.86
N ALA A 986 0.89 7.56 -11.96
CA ALA A 986 1.03 6.44 -12.91
C ALA A 986 1.80 5.29 -12.28
N GLU A 987 2.81 5.60 -11.46
CA GLU A 987 3.62 4.54 -10.87
C GLU A 987 2.79 3.64 -9.97
N VAL A 988 1.80 4.21 -9.28
CA VAL A 988 0.99 3.40 -8.36
C VAL A 988 0.23 2.32 -9.12
N GLN A 989 -0.31 2.67 -10.29
CA GLN A 989 -1.03 1.68 -11.10
C GLN A 989 -0.06 0.72 -11.78
N ILE A 990 1.08 1.24 -12.25
CA ILE A 990 2.05 0.38 -12.91
C ILE A 990 2.60 -0.64 -11.94
N ASP A 991 2.75 -0.30 -10.67
CA ASP A 991 3.21 -1.27 -9.68
C ASP A 991 2.23 -2.42 -9.53
N ARG A 992 0.92 -2.11 -9.49
CA ARG A 992 -0.08 -3.17 -9.41
C ARG A 992 -0.02 -4.07 -10.64
N LEU A 993 0.09 -3.47 -11.83
CA LEU A 993 0.18 -4.29 -13.03
C LEU A 993 1.44 -5.14 -13.03
N ILE A 994 2.57 -4.58 -12.58
CA ILE A 994 3.81 -5.34 -12.52
C ILE A 994 3.67 -6.52 -11.57
N THR A 995 3.09 -6.28 -10.39
CA THR A 995 2.90 -7.36 -9.42
C THR A 995 2.07 -8.48 -10.03
N GLY A 996 0.92 -8.15 -10.62
CA GLY A 996 0.06 -9.17 -11.15
C GLY A 996 0.69 -9.94 -12.29
N ARG A 997 1.31 -9.23 -13.24
CA ARG A 997 1.89 -9.89 -14.39
C ARG A 997 3.11 -10.71 -14.00
N LEU A 998 3.88 -10.27 -13.00
CA LEU A 998 4.99 -11.05 -12.51
C LEU A 998 4.50 -12.34 -11.87
N GLN A 999 3.44 -12.27 -11.07
CA GLN A 999 2.87 -13.49 -10.51
C GLN A 999 2.40 -14.43 -11.60
N SER A 1000 1.74 -13.88 -12.63
CA SER A 1000 1.27 -14.70 -13.74
C SER A 1000 2.42 -15.39 -14.45
N LEU A 1001 3.50 -14.65 -14.73
CA LEU A 1001 4.65 -15.25 -15.38
C LEU A 1001 5.28 -16.34 -14.54
N GLN A 1002 5.40 -16.10 -13.23
CA GLN A 1002 5.99 -17.11 -12.35
C GLN A 1002 5.14 -18.38 -12.34
N THR A 1003 3.83 -18.24 -12.27
CA THR A 1003 2.95 -19.40 -12.32
C THR A 1003 3.13 -20.15 -13.64
N TYR A 1004 3.17 -19.42 -14.75
CA TYR A 1004 3.37 -20.06 -16.05
C TYR A 1004 4.68 -20.84 -16.09
N VAL A 1005 5.76 -20.24 -15.59
CA VAL A 1005 7.06 -20.87 -15.69
C VAL A 1005 7.15 -22.10 -14.79
N THR A 1006 6.54 -22.04 -13.60
CA THR A 1006 6.54 -23.22 -12.74
C THR A 1006 5.74 -24.36 -13.36
N GLN A 1007 4.57 -24.04 -13.93
CA GLN A 1007 3.79 -25.07 -14.61
C GLN A 1007 4.56 -25.65 -15.78
N GLN A 1008 5.29 -24.79 -16.51
CA GLN A 1008 6.10 -25.26 -17.62
C GLN A 1008 7.23 -26.16 -17.16
N LEU A 1009 7.85 -25.86 -16.02
CA LEU A 1009 8.91 -26.72 -15.51
C LEU A 1009 8.37 -28.09 -15.15
N ILE A 1010 7.21 -28.14 -14.49
CA ILE A 1010 6.62 -29.43 -14.13
C ILE A 1010 6.24 -30.21 -15.39
N ARG A 1011 5.63 -29.53 -16.36
CA ARG A 1011 5.25 -30.20 -17.60
C ARG A 1011 6.49 -30.69 -18.36
N ALA A 1012 7.57 -29.91 -18.34
CA ALA A 1012 8.79 -30.31 -19.00
C ALA A 1012 9.41 -31.52 -18.32
N ALA A 1013 9.34 -31.58 -17.00
CA ALA A 1013 9.82 -32.78 -16.30
C ALA A 1013 9.02 -34.01 -16.72
N GLU A 1014 7.69 -33.85 -16.83
CA GLU A 1014 6.87 -34.96 -17.30
C GLU A 1014 7.26 -35.38 -18.72
N ILE A 1015 7.48 -34.41 -19.61
CA ILE A 1015 7.86 -34.71 -20.98
C ILE A 1015 9.22 -35.38 -21.02
N ARG A 1016 10.13 -34.98 -20.15
CA ARG A 1016 11.45 -35.60 -20.09
C ARG A 1016 11.35 -37.05 -19.64
N ALA A 1017 10.48 -37.33 -18.66
CA ALA A 1017 10.26 -38.72 -18.26
C ALA A 1017 9.71 -39.52 -19.43
N SER A 1018 8.74 -38.96 -20.16
CA SER A 1018 8.19 -39.65 -21.32
C SER A 1018 9.26 -39.91 -22.38
N ALA A 1019 10.13 -38.94 -22.62
CA ALA A 1019 11.16 -39.10 -23.62
C ALA A 1019 12.23 -40.09 -23.18
N ASN A 1020 12.54 -40.16 -21.89
CA ASN A 1020 13.44 -41.20 -21.41
C ASN A 1020 12.83 -42.58 -21.61
N LEU A 1021 11.54 -42.72 -21.34
CA LEU A 1021 10.88 -43.99 -21.62
C LEU A 1021 10.92 -44.32 -23.11
N ALA A 1022 10.72 -43.30 -23.96
CA ALA A 1022 10.76 -43.52 -25.40
C ALA A 1022 12.13 -43.94 -25.88
N ALA A 1023 13.19 -43.35 -25.31
CA ALA A 1023 14.55 -43.74 -25.69
C ALA A 1023 14.87 -45.15 -25.21
N THR A 1024 14.43 -45.49 -24.01
CA THR A 1024 14.61 -46.87 -23.53
C THR A 1024 13.88 -47.85 -24.42
N LYS A 1025 12.67 -47.51 -24.84
CA LYS A 1025 11.91 -48.38 -25.74
C LYS A 1025 12.58 -48.49 -27.09
N MET A 1026 13.08 -47.38 -27.64
CA MET A 1026 13.83 -47.47 -28.88
C MET A 1026 14.97 -48.46 -28.74
N SER A 1027 15.80 -48.29 -27.72
CA SER A 1027 16.95 -49.16 -27.52
C SER A 1027 16.54 -50.63 -27.35
N GLU A 1028 15.55 -50.89 -26.51
CA GLU A 1028 15.29 -52.26 -26.08
C GLU A 1028 14.27 -52.99 -26.94
N CYS A 1029 13.51 -52.28 -27.79
CA CYS A 1029 12.52 -52.91 -28.65
C CYS A 1029 12.86 -52.78 -30.13
N VAL A 1030 13.51 -51.70 -30.55
CA VAL A 1030 13.88 -51.51 -31.94
C VAL A 1030 15.30 -52.00 -32.21
N LEU A 1031 16.23 -51.70 -31.31
CA LEU A 1031 17.60 -52.16 -31.42
C LEU A 1031 17.82 -53.53 -30.79
N GLY A 1032 16.78 -54.11 -30.20
CA GLY A 1032 16.89 -55.45 -29.66
C GLY A 1032 15.56 -56.16 -29.59
N GLN A 1033 15.55 -57.34 -28.98
CA GLN A 1033 14.34 -58.09 -28.69
C GLN A 1033 14.21 -58.20 -27.19
N SER A 1034 13.13 -57.65 -26.65
CA SER A 1034 12.96 -57.52 -25.22
C SER A 1034 12.26 -58.74 -24.62
N LYS A 1035 12.74 -59.18 -23.46
CA LYS A 1035 12.07 -60.20 -22.68
C LYS A 1035 11.16 -59.62 -21.61
N ARG A 1036 11.28 -58.32 -21.35
CA ARG A 1036 10.41 -57.66 -20.40
C ARG A 1036 8.96 -57.75 -20.87
N VAL A 1037 8.08 -58.18 -19.98
CA VAL A 1037 6.69 -58.40 -20.33
C VAL A 1037 5.98 -57.06 -20.49
N ASP A 1038 5.25 -56.91 -21.60
CA ASP A 1038 4.44 -55.74 -21.91
C ASP A 1038 5.27 -54.46 -22.07
N PHE A 1039 6.59 -54.57 -22.16
CA PHE A 1039 7.39 -53.38 -22.41
C PHE A 1039 7.35 -53.00 -23.88
N CYS A 1040 7.31 -53.99 -24.77
CA CYS A 1040 7.26 -53.76 -26.20
C CYS A 1040 5.97 -54.33 -26.77
N GLY A 1041 4.85 -54.03 -26.14
CA GLY A 1041 3.55 -54.47 -26.58
C GLY A 1041 3.08 -55.72 -25.85
N LYS A 1042 1.80 -56.00 -26.02
CA LYS A 1042 1.17 -57.14 -25.36
C LYS A 1042 1.43 -58.40 -26.18
N GLY A 1043 2.07 -59.38 -25.56
CA GLY A 1043 2.48 -60.60 -26.23
C GLY A 1043 3.98 -60.77 -26.20
N TYR A 1044 4.44 -61.86 -26.80
CA TYR A 1044 5.86 -62.17 -26.87
C TYR A 1044 6.50 -61.29 -27.94
N HIS A 1045 7.34 -60.37 -27.52
CA HIS A 1045 7.90 -59.39 -28.44
C HIS A 1045 8.74 -60.07 -29.52
N LEU A 1046 8.44 -59.74 -30.77
CA LEU A 1046 9.28 -60.14 -31.89
C LEU A 1046 10.18 -58.98 -32.33
N MET A 1047 9.58 -57.84 -32.67
CA MET A 1047 10.39 -56.70 -33.10
C MET A 1047 9.55 -55.44 -32.99
N SER A 1048 10.20 -54.30 -33.18
CA SER A 1048 9.52 -53.02 -33.16
C SER A 1048 10.05 -52.13 -34.27
N PHE A 1049 9.15 -51.27 -34.77
CA PHE A 1049 9.48 -50.34 -35.83
C PHE A 1049 9.15 -48.92 -35.37
N PRO A 1050 10.08 -47.97 -35.44
CA PRO A 1050 9.77 -46.59 -35.08
C PRO A 1050 9.17 -45.81 -36.24
N GLN A 1051 8.25 -44.91 -35.91
CA GLN A 1051 7.66 -43.97 -36.85
C GLN A 1051 7.58 -42.61 -36.18
N SER A 1052 8.18 -41.60 -36.79
CA SER A 1052 8.17 -40.28 -36.19
C SER A 1052 6.77 -39.68 -36.24
N ALA A 1053 6.38 -39.01 -35.17
CA ALA A 1053 5.10 -38.31 -35.07
C ALA A 1053 5.38 -36.90 -34.59
N PRO A 1054 4.46 -35.98 -34.81
CA PRO A 1054 4.69 -34.60 -34.35
C PRO A 1054 4.97 -34.53 -32.86
N HIS A 1055 6.19 -34.14 -32.50
CA HIS A 1055 6.62 -34.03 -31.11
C HIS A 1055 6.59 -35.36 -30.38
N GLY A 1056 6.66 -36.47 -31.10
CA GLY A 1056 6.62 -37.76 -30.46
C GLY A 1056 7.06 -38.87 -31.37
N VAL A 1057 6.91 -40.09 -30.86
CA VAL A 1057 7.30 -41.29 -31.59
C VAL A 1057 6.17 -42.32 -31.47
N VAL A 1058 6.05 -43.14 -32.49
CA VAL A 1058 5.13 -44.27 -32.52
C VAL A 1058 5.96 -45.53 -32.69
N PHE A 1059 5.68 -46.54 -31.88
CA PHE A 1059 6.31 -47.83 -32.00
C PHE A 1059 5.28 -48.84 -32.48
N LEU A 1060 5.58 -49.50 -33.58
CA LEU A 1060 4.79 -50.62 -34.07
C LEU A 1060 5.45 -51.87 -33.52
N HIS A 1061 4.83 -52.47 -32.51
CA HIS A 1061 5.35 -53.66 -31.85
C HIS A 1061 4.75 -54.88 -32.53
N VAL A 1062 5.60 -55.62 -33.24
CA VAL A 1062 5.26 -56.94 -33.74
C VAL A 1062 5.50 -57.94 -32.62
N THR A 1063 4.44 -58.63 -32.22
CA THR A 1063 4.46 -59.61 -31.13
C THR A 1063 3.83 -60.91 -31.60
N TYR A 1064 4.18 -61.98 -30.89
CA TYR A 1064 3.70 -63.32 -31.15
C TYR A 1064 2.64 -63.67 -30.11
N VAL A 1065 1.44 -64.01 -30.55
CA VAL A 1065 0.33 -64.31 -29.67
C VAL A 1065 -0.13 -65.73 -29.93
N PRO A 1066 0.03 -66.67 -29.00
CA PRO A 1066 -0.52 -68.01 -29.23
C PRO A 1066 -2.02 -67.94 -29.42
N ALA A 1067 -2.54 -68.75 -30.35
CA ALA A 1067 -3.87 -68.53 -30.89
C ALA A 1067 -4.88 -69.61 -30.52
N GLN A 1068 -4.60 -70.87 -30.85
CA GLN A 1068 -5.60 -71.93 -30.80
C GLN A 1068 -5.11 -73.06 -29.89
N GLU A 1069 -5.42 -72.96 -28.61
CA GLU A 1069 -4.91 -73.92 -27.64
C GLU A 1069 -5.84 -75.11 -27.51
N LYS A 1070 -5.25 -76.24 -27.14
CA LYS A 1070 -5.99 -77.47 -26.93
C LYS A 1070 -5.56 -78.10 -25.62
N ASN A 1071 -6.50 -78.81 -24.99
CA ASN A 1071 -6.24 -79.51 -23.74
C ASN A 1071 -5.45 -80.79 -24.01
N PHE A 1072 -4.52 -81.08 -23.11
CA PHE A 1072 -3.79 -82.34 -23.12
C PHE A 1072 -3.58 -82.78 -21.69
N THR A 1073 -3.34 -84.07 -21.52
CA THR A 1073 -2.93 -84.62 -20.23
C THR A 1073 -1.41 -84.62 -20.19
N THR A 1074 -0.85 -84.18 -19.06
CA THR A 1074 0.59 -83.96 -18.94
C THR A 1074 1.10 -84.64 -17.67
N ALA A 1075 2.40 -84.93 -17.67
CA ALA A 1075 3.08 -85.51 -16.54
C ALA A 1075 4.40 -84.79 -16.33
N PRO A 1076 4.82 -84.60 -15.08
CA PRO A 1076 6.15 -83.98 -14.85
C PRO A 1076 7.30 -84.84 -15.38
N ALA A 1077 7.18 -86.16 -15.32
CA ALA A 1077 8.26 -87.05 -15.71
C ALA A 1077 7.66 -88.34 -16.24
N ILE A 1078 8.54 -89.26 -16.64
CA ILE A 1078 8.14 -90.54 -17.21
C ILE A 1078 9.09 -91.62 -16.69
N CYS A 1079 8.53 -92.81 -16.43
CA CYS A 1079 9.31 -93.96 -15.98
C CYS A 1079 9.45 -94.96 -17.12
N HIS A 1080 10.70 -95.35 -17.40
CA HIS A 1080 10.97 -96.35 -18.44
C HIS A 1080 11.56 -97.63 -17.86
N ASP A 1081 12.67 -97.53 -17.13
CA ASP A 1081 13.36 -98.68 -16.57
C ASP A 1081 13.73 -98.42 -15.12
N GLY A 1082 12.79 -97.91 -14.34
CA GLY A 1082 13.08 -97.46 -13.00
C GLY A 1082 13.79 -96.13 -12.93
N LYS A 1083 13.92 -95.44 -14.05
CA LYS A 1083 14.53 -94.12 -14.10
C LYS A 1083 13.47 -93.09 -14.45
N ALA A 1084 13.56 -91.92 -13.83
CA ALA A 1084 12.64 -90.83 -14.12
C ALA A 1084 13.21 -89.97 -15.23
N HIS A 1085 12.41 -89.68 -16.24
CA HIS A 1085 12.83 -88.90 -17.39
C HIS A 1085 12.12 -87.57 -17.40
N PHE A 1086 12.84 -86.52 -17.79
CA PHE A 1086 12.32 -85.17 -17.88
C PHE A 1086 12.62 -84.61 -19.26
N PRO A 1087 11.77 -83.74 -19.78
CA PRO A 1087 12.06 -83.14 -21.10
C PRO A 1087 13.27 -82.23 -21.01
N ARG A 1088 14.19 -82.39 -21.97
CA ARG A 1088 15.31 -81.45 -22.09
C ARG A 1088 14.78 -80.05 -22.39
N GLU A 1089 13.96 -79.93 -23.43
CA GLU A 1089 13.17 -78.75 -23.70
C GLU A 1089 11.76 -79.20 -24.05
N GLY A 1090 10.76 -78.56 -23.47
CA GLY A 1090 9.39 -78.92 -23.75
C GLY A 1090 8.71 -79.60 -22.59
N VAL A 1091 7.49 -80.06 -22.87
CA VAL A 1091 6.59 -80.62 -21.87
C VAL A 1091 6.02 -81.92 -22.42
N PHE A 1092 5.79 -82.88 -21.51
CA PHE A 1092 5.13 -84.13 -21.88
C PHE A 1092 3.63 -83.91 -21.98
N VAL A 1093 3.04 -84.38 -23.08
CA VAL A 1093 1.60 -84.30 -23.28
C VAL A 1093 1.09 -85.66 -23.74
N SER A 1094 -0.21 -85.86 -23.57
CA SER A 1094 -0.88 -87.07 -24.02
C SER A 1094 -2.12 -86.68 -24.79
N ASN A 1095 -2.32 -87.30 -25.96
CA ASN A 1095 -3.52 -87.09 -26.74
C ASN A 1095 -4.65 -88.04 -26.34
N GLY A 1096 -4.48 -88.75 -25.22
CA GLY A 1096 -5.49 -89.69 -24.76
C GLY A 1096 -4.93 -91.08 -24.55
N THR A 1097 -4.05 -91.52 -25.45
CA THR A 1097 -3.51 -92.87 -25.39
C THR A 1097 -1.99 -92.87 -25.47
N HIS A 1098 -1.42 -91.95 -26.25
CA HIS A 1098 0.01 -91.90 -26.48
C HIS A 1098 0.62 -90.67 -25.84
N TRP A 1099 1.90 -90.76 -25.50
CA TRP A 1099 2.63 -89.68 -24.86
C TRP A 1099 3.69 -89.14 -25.80
N PHE A 1100 3.72 -87.82 -25.95
CA PHE A 1100 4.70 -87.12 -26.76
C PHE A 1100 5.35 -86.03 -25.92
N VAL A 1101 6.39 -85.44 -26.48
CA VAL A 1101 7.07 -84.29 -25.88
C VAL A 1101 7.01 -83.16 -26.90
N THR A 1102 6.38 -82.06 -26.51
CA THR A 1102 6.18 -80.92 -27.40
C THR A 1102 6.91 -79.72 -26.86
N GLN A 1103 7.16 -78.73 -27.73
CA GLN A 1103 7.66 -77.46 -27.25
C GLN A 1103 6.54 -76.70 -26.55
N ARG A 1104 6.93 -75.82 -25.63
CA ARG A 1104 5.98 -75.33 -24.63
C ARG A 1104 4.99 -74.34 -25.19
N ASN A 1105 5.38 -73.58 -26.23
CA ASN A 1105 4.53 -72.53 -26.78
C ASN A 1105 3.94 -72.88 -28.14
N PHE A 1106 4.07 -74.12 -28.59
CA PHE A 1106 3.55 -74.54 -29.88
C PHE A 1106 3.42 -76.05 -29.87
N TYR A 1107 2.28 -76.57 -30.32
CA TYR A 1107 2.04 -78.01 -30.27
C TYR A 1107 2.73 -78.67 -31.45
N GLU A 1108 3.87 -79.32 -31.19
CA GLU A 1108 4.61 -80.07 -32.20
C GLU A 1108 5.00 -81.40 -31.57
N PRO A 1109 4.05 -82.31 -31.41
CA PRO A 1109 4.33 -83.54 -30.67
C PRO A 1109 5.42 -84.38 -31.33
N GLN A 1110 6.28 -84.98 -30.50
CA GLN A 1110 7.34 -85.83 -30.97
C GLN A 1110 7.45 -87.06 -30.08
N ILE A 1111 7.94 -88.15 -30.65
CA ILE A 1111 8.13 -89.38 -29.89
C ILE A 1111 9.15 -89.13 -28.79
N ILE A 1112 8.85 -89.64 -27.60
CA ILE A 1112 9.72 -89.45 -26.44
C ILE A 1112 10.90 -90.41 -26.55
N THR A 1113 12.09 -89.87 -26.79
CA THR A 1113 13.32 -90.63 -26.94
C THR A 1113 14.32 -90.21 -25.88
N THR A 1114 15.50 -90.81 -25.92
CA THR A 1114 16.56 -90.46 -24.98
C THR A 1114 17.32 -89.20 -25.40
N ASP A 1115 17.03 -88.66 -26.58
CA ASP A 1115 17.53 -87.36 -26.98
C ASP A 1115 16.56 -86.25 -26.61
N ASN A 1116 15.27 -86.57 -26.52
CA ASN A 1116 14.28 -85.61 -26.07
C ASN A 1116 14.37 -85.35 -24.57
N THR A 1117 14.83 -86.33 -23.80
CA THR A 1117 14.72 -86.29 -22.35
C THR A 1117 16.07 -86.56 -21.70
N PHE A 1118 16.09 -86.42 -20.38
CA PHE A 1118 17.24 -86.75 -19.56
C PHE A 1118 16.74 -87.41 -18.28
N VAL A 1119 17.61 -88.21 -17.67
CA VAL A 1119 17.24 -89.01 -16.51
C VAL A 1119 17.78 -88.36 -15.24
N SER A 1120 17.08 -88.58 -14.13
CA SER A 1120 17.55 -88.11 -12.83
C SER A 1120 16.90 -89.00 -11.76
N GLY A 1121 17.68 -89.93 -11.23
CA GLY A 1121 17.19 -90.75 -10.13
C GLY A 1121 16.15 -91.75 -10.57
N ASN A 1122 15.32 -92.15 -9.62
CA ASN A 1122 14.30 -93.19 -9.81
C ASN A 1122 12.92 -92.55 -9.70
N CYS A 1123 11.89 -93.39 -9.74
CA CYS A 1123 10.51 -92.95 -9.86
C CYS A 1123 9.78 -92.94 -8.52
N ASP A 1124 10.49 -93.00 -7.40
CA ASP A 1124 9.86 -93.00 -6.08
C ASP A 1124 9.71 -91.61 -5.49
N VAL A 1125 10.09 -90.56 -6.23
CA VAL A 1125 10.12 -89.20 -5.69
C VAL A 1125 9.15 -88.27 -6.41
N VAL A 1126 9.09 -88.35 -7.74
CA VAL A 1126 8.34 -87.37 -8.52
C VAL A 1126 6.85 -87.62 -8.35
N ILE A 1127 6.10 -86.54 -8.08
CA ILE A 1127 4.66 -86.62 -7.86
C ILE A 1127 3.96 -86.38 -9.19
N GLY A 1128 3.21 -87.36 -9.66
CA GLY A 1128 2.54 -87.29 -10.94
C GLY A 1128 3.23 -88.01 -12.06
N ILE A 1129 4.29 -88.74 -11.77
CA ILE A 1129 5.05 -89.42 -12.81
C ILE A 1129 4.21 -90.53 -13.43
N VAL A 1130 4.33 -90.69 -14.75
CA VAL A 1130 3.53 -91.66 -15.48
C VAL A 1130 4.45 -92.69 -16.12
N ASN A 1131 3.93 -93.90 -16.31
CA ASN A 1131 4.66 -94.96 -16.97
C ASN A 1131 4.55 -94.82 -18.48
N ASN A 1132 5.69 -94.83 -19.15
CA ASN A 1132 5.74 -94.82 -20.61
C ASN A 1132 7.12 -95.29 -21.04
N THR A 1133 7.24 -95.59 -22.32
CA THR A 1133 8.50 -96.06 -22.88
C THR A 1133 9.25 -94.89 -23.50
N VAL A 1134 10.56 -94.86 -23.29
CA VAL A 1134 11.44 -93.85 -23.86
C VAL A 1134 12.26 -94.53 -24.93
N TYR A 1135 12.03 -94.14 -26.18
CA TYR A 1135 12.66 -94.81 -27.31
C TYR A 1135 14.16 -94.54 -27.33
N ASP A 1136 14.93 -95.55 -27.71
CA ASP A 1136 16.38 -95.45 -27.80
C ASP A 1136 16.80 -95.51 -29.27
N PRO A 1137 17.20 -94.39 -29.88
CA PRO A 1137 17.55 -94.43 -31.31
C PRO A 1137 18.70 -95.36 -31.65
N LEU A 1138 19.61 -95.62 -30.71
CA LEU A 1138 20.75 -96.48 -31.00
C LEU A 1138 20.37 -97.95 -31.05
N GLN A 1139 19.26 -98.32 -30.41
CA GLN A 1139 18.89 -99.74 -30.32
C GLN A 1139 18.63 -100.36 -31.68
N PRO A 1140 17.81 -99.78 -32.57
CA PRO A 1140 17.62 -100.41 -33.88
C PRO A 1140 18.91 -100.51 -34.69
N GLU A 1141 19.76 -99.49 -34.62
CA GLU A 1141 21.02 -99.54 -35.35
C GLU A 1141 21.90 -100.66 -34.85
N LEU A 1142 21.99 -100.84 -33.53
CA LEU A 1142 22.81 -101.91 -32.98
C LEU A 1142 22.22 -103.27 -33.29
N ASP A 1143 20.90 -103.42 -33.15
CA ASP A 1143 20.25 -104.70 -33.43
C ASP A 1143 20.41 -105.09 -34.90
N SER A 1144 20.26 -104.13 -35.80
CA SER A 1144 20.39 -104.39 -37.22
C SER A 1144 21.87 -104.49 -37.61
N THR B 22 9.08 -9.26 63.03
CA THR B 22 9.37 -10.67 62.75
C THR B 22 8.94 -11.01 61.33
N GLN B 23 9.51 -12.10 60.80
CA GLN B 23 9.19 -12.56 59.45
C GLN B 23 9.04 -14.07 59.46
N LEU B 24 8.07 -14.56 58.70
CA LEU B 24 7.78 -15.98 58.70
C LEU B 24 8.94 -16.77 58.09
N PRO B 25 9.17 -18.00 58.55
CA PRO B 25 10.22 -18.81 57.95
C PRO B 25 9.95 -19.05 56.48
N PRO B 26 10.98 -19.07 55.63
CA PRO B 26 10.77 -19.40 54.22
C PRO B 26 10.94 -20.88 53.93
N ALA B 27 10.34 -21.35 52.84
CA ALA B 27 10.59 -22.71 52.36
C ALA B 27 10.46 -22.70 50.85
N TYR B 28 10.93 -23.78 50.21
CA TYR B 28 10.86 -23.91 48.77
C TYR B 28 10.31 -25.29 48.42
N THR B 29 9.57 -25.34 47.30
CA THR B 29 8.97 -26.59 46.85
C THR B 29 8.94 -26.62 45.33
N ASN B 30 8.79 -27.83 44.80
CA ASN B 30 8.69 -28.05 43.36
C ASN B 30 7.25 -27.90 42.90
N SER B 31 7.03 -27.04 41.91
CA SER B 31 5.68 -26.74 41.47
C SER B 31 5.04 -27.87 40.67
N PHE B 32 5.85 -28.78 40.11
CA PHE B 32 5.34 -29.87 39.27
C PHE B 32 4.62 -29.23 38.10
N THR B 33 3.42 -29.68 37.74
CA THR B 33 2.66 -29.15 36.61
C THR B 33 1.44 -28.37 37.10
N ARG B 34 1.61 -27.63 38.18
CA ARG B 34 0.51 -26.88 38.79
C ARG B 34 0.51 -25.44 38.30
N GLY B 35 -0.68 -24.84 38.28
CA GLY B 35 -0.85 -23.47 37.88
C GLY B 35 -1.25 -23.26 36.44
N VAL B 36 -1.93 -24.21 35.81
CA VAL B 36 -2.36 -24.11 34.44
C VAL B 36 -3.86 -23.83 34.43
N TYR B 37 -4.25 -22.77 33.74
CA TYR B 37 -5.63 -22.33 33.67
C TYR B 37 -6.08 -22.28 32.21
N TYR B 38 -7.38 -22.08 32.01
CA TYR B 38 -7.90 -21.88 30.67
C TYR B 38 -7.53 -20.47 30.21
N PRO B 39 -6.77 -20.32 29.12
CA PRO B 39 -6.33 -18.97 28.72
C PRO B 39 -7.41 -18.13 28.05
N ASP B 40 -8.56 -18.71 27.73
CA ASP B 40 -9.61 -17.96 27.06
C ASP B 40 -10.93 -18.69 27.27
N LYS B 41 -12.03 -17.96 27.06
CA LYS B 41 -13.37 -18.50 27.18
C LYS B 41 -13.84 -19.21 25.92
N VAL B 42 -12.93 -19.56 25.03
CA VAL B 42 -13.25 -20.26 23.79
C VAL B 42 -13.30 -21.75 24.09
N PHE B 43 -14.42 -22.38 23.79
CA PHE B 43 -14.52 -23.83 23.91
C PHE B 43 -13.62 -24.50 22.88
N ARG B 44 -12.99 -25.59 23.28
CA ARG B 44 -12.12 -26.35 22.40
C ARG B 44 -12.16 -27.81 22.83
N SER B 45 -12.32 -28.71 21.87
CA SER B 45 -12.40 -30.14 22.15
C SER B 45 -11.53 -30.90 21.16
N SER B 46 -10.78 -31.87 21.68
CA SER B 46 -9.96 -32.75 20.85
C SER B 46 -9.03 -31.96 19.95
N VAL B 47 -8.31 -31.00 20.54
CA VAL B 47 -7.34 -30.20 19.82
C VAL B 47 -6.18 -29.89 20.74
N LEU B 48 -4.96 -29.99 20.19
CA LEU B 48 -3.75 -29.56 20.89
C LEU B 48 -3.50 -28.12 20.50
N HIS B 49 -3.82 -27.20 21.40
CA HIS B 49 -3.79 -25.77 21.12
C HIS B 49 -2.54 -25.16 21.74
N SER B 50 -1.74 -24.47 20.93
CA SER B 50 -0.55 -23.78 21.41
C SER B 50 -0.93 -22.34 21.75
N THR B 51 -0.64 -21.94 22.99
CA THR B 51 -1.00 -20.60 23.45
C THR B 51 0.15 -20.00 24.25
N GLN B 52 0.47 -18.75 23.95
CA GLN B 52 1.46 -18.00 24.70
C GLN B 52 0.73 -17.12 25.70
N ASP B 53 1.03 -17.28 26.99
CA ASP B 53 0.34 -16.54 28.03
C ASP B 53 1.18 -16.60 29.31
N LEU B 54 0.69 -15.94 30.35
CA LEU B 54 1.36 -15.93 31.65
C LEU B 54 0.98 -17.20 32.38
N PHE B 55 1.91 -18.16 32.40
CA PHE B 55 1.74 -19.43 33.06
C PHE B 55 2.84 -19.62 34.09
N LEU B 56 2.58 -20.50 35.05
CA LEU B 56 3.62 -20.89 35.99
C LEU B 56 4.48 -21.97 35.36
N PRO B 57 5.76 -21.73 35.10
CA PRO B 57 6.57 -22.75 34.44
C PRO B 57 6.58 -24.06 35.22
N PHE B 58 6.60 -25.16 34.48
CA PHE B 58 6.60 -26.47 35.11
C PHE B 58 7.87 -26.66 35.93
N PHE B 59 7.74 -27.36 37.05
CA PHE B 59 8.87 -27.66 37.93
C PHE B 59 9.59 -26.38 38.34
N SER B 60 8.82 -25.35 38.65
CA SER B 60 9.38 -24.09 39.13
C SER B 60 9.49 -24.11 40.66
N ASN B 61 10.28 -23.19 41.18
CA ASN B 61 10.53 -23.09 42.62
C ASN B 61 9.46 -22.20 43.24
N VAL B 62 8.54 -22.80 43.98
CA VAL B 62 7.45 -22.07 44.62
C VAL B 62 7.80 -21.86 46.08
N THR B 63 7.64 -20.63 46.55
CA THR B 63 7.93 -20.33 47.95
C THR B 63 6.81 -20.84 48.84
N TRP B 64 7.18 -21.59 49.86
CA TRP B 64 6.25 -22.25 50.78
C TRP B 64 6.30 -21.55 52.12
N PHE B 65 5.13 -21.20 52.64
CA PHE B 65 4.98 -20.51 53.92
C PHE B 65 4.03 -21.31 54.80
N HIS B 66 4.10 -21.03 56.10
CA HIS B 66 3.26 -21.70 57.09
C HIS B 66 2.46 -20.66 57.87
N ALA B 67 1.25 -21.03 58.26
CA ALA B 67 0.36 -20.14 59.01
C ALA B 67 0.07 -20.71 60.38
N ASN B 81 2.20 -14.36 57.56
CA ASN B 81 2.03 -14.04 56.15
C ASN B 81 2.56 -12.64 55.83
N PRO B 82 3.81 -12.55 55.36
CA PRO B 82 4.38 -11.23 55.03
C PRO B 82 3.82 -10.68 53.72
N VAL B 83 4.35 -9.55 53.28
CA VAL B 83 3.93 -8.92 52.04
C VAL B 83 4.82 -9.44 50.91
N LEU B 84 4.23 -10.24 49.99
CA LEU B 84 4.99 -10.79 48.88
C LEU B 84 4.86 -9.92 47.64
N PRO B 85 5.87 -9.88 46.78
CA PRO B 85 5.74 -9.17 45.51
C PRO B 85 4.72 -9.85 44.61
N PHE B 86 4.17 -9.06 43.68
CA PHE B 86 3.19 -9.56 42.72
C PHE B 86 3.80 -9.88 41.36
N ASN B 87 4.86 -9.17 40.96
CA ASN B 87 5.51 -9.40 39.69
C ASN B 87 4.51 -9.31 38.54
N ASP B 88 4.22 -10.42 37.87
CA ASP B 88 3.31 -10.44 36.73
C ASP B 88 2.16 -11.42 36.93
N GLY B 89 1.92 -11.85 38.15
CA GLY B 89 0.87 -12.81 38.45
C GLY B 89 1.35 -13.81 39.49
N VAL B 90 0.40 -14.40 40.20
CA VAL B 90 0.70 -15.27 41.33
C VAL B 90 -0.18 -16.51 41.26
N TYR B 91 0.44 -17.67 41.42
CA TYR B 91 -0.24 -18.93 41.67
C TYR B 91 -0.18 -19.18 43.18
N PHE B 92 -1.32 -19.03 43.85
CA PHE B 92 -1.45 -19.16 45.29
C PHE B 92 -2.22 -20.45 45.57
N ALA B 93 -1.58 -21.38 46.29
CA ALA B 93 -2.19 -22.66 46.58
C ALA B 93 -2.21 -22.90 48.09
N SER B 94 -3.19 -23.68 48.54
CA SER B 94 -3.26 -24.02 49.96
C SER B 94 -4.10 -25.27 50.15
N THR B 95 -3.61 -26.17 50.99
CA THR B 95 -4.35 -27.37 51.39
C THR B 95 -5.01 -27.11 52.73
N GLU B 96 -6.34 -27.23 52.77
CA GLU B 96 -7.10 -26.89 53.96
C GLU B 96 -8.21 -27.90 54.18
N LYS B 97 -8.81 -27.84 55.38
CA LYS B 97 -9.95 -28.67 55.71
C LYS B 97 -11.07 -27.90 56.41
N SER B 98 -10.82 -26.68 56.87
CA SER B 98 -11.84 -25.89 57.56
C SER B 98 -11.81 -24.43 57.15
N ASN B 99 -11.33 -24.14 55.94
CA ASN B 99 -11.31 -22.78 55.40
C ASN B 99 -10.49 -21.85 56.31
N ILE B 100 -9.24 -22.24 56.54
CA ILE B 100 -8.36 -21.44 57.39
C ILE B 100 -8.02 -20.11 56.71
N ILE B 101 -7.65 -20.16 55.44
CA ILE B 101 -7.32 -18.95 54.68
C ILE B 101 -8.61 -18.43 54.05
N ARG B 102 -8.84 -17.12 54.18
CA ARG B 102 -10.14 -16.56 53.83
C ARG B 102 -10.08 -15.32 52.95
N GLY B 103 -8.91 -14.84 52.58
CA GLY B 103 -8.87 -13.64 51.77
C GLY B 103 -7.46 -13.23 51.42
N TRP B 104 -7.38 -12.17 50.62
CA TRP B 104 -6.13 -11.62 50.13
C TRP B 104 -6.27 -10.11 50.00
N ILE B 105 -5.13 -9.43 49.99
CA ILE B 105 -5.06 -7.98 49.82
C ILE B 105 -4.00 -7.69 48.78
N PHE B 106 -4.33 -6.82 47.83
CA PHE B 106 -3.41 -6.46 46.75
C PHE B 106 -3.29 -4.95 46.66
N GLY B 107 -2.16 -4.50 46.14
CA GLY B 107 -1.93 -3.07 45.97
C GLY B 107 -0.46 -2.79 45.72
N THR B 108 -0.10 -1.53 45.91
CA THR B 108 1.28 -1.07 45.79
C THR B 108 1.87 -0.60 47.10
N THR B 109 1.22 0.35 47.77
CA THR B 109 1.67 0.84 49.06
C THR B 109 0.81 0.38 50.23
N LEU B 110 -0.49 0.13 50.00
CA LEU B 110 -1.37 -0.41 51.02
C LEU B 110 -1.37 0.45 52.28
N ASP B 111 -1.44 1.78 52.09
CA ASP B 111 -1.50 2.71 53.20
C ASP B 111 -2.56 3.78 52.95
N SER B 112 -3.64 3.40 52.27
CA SER B 112 -4.77 4.30 52.02
C SER B 112 -4.38 5.48 51.14
N LYS B 113 -3.16 5.50 50.63
CA LYS B 113 -2.75 6.55 49.70
C LYS B 113 -3.13 6.24 48.26
N THR B 114 -3.54 5.01 47.98
CA THR B 114 -3.97 4.61 46.64
C THR B 114 -4.92 3.43 46.78
N GLN B 115 -5.42 2.96 45.65
CA GLN B 115 -6.35 1.84 45.65
C GLN B 115 -5.63 0.55 46.07
N SER B 116 -6.39 -0.38 46.64
CA SER B 116 -5.84 -1.64 47.13
C SER B 116 -6.95 -2.68 47.11
N LEU B 117 -6.83 -3.67 46.24
CA LEU B 117 -7.85 -4.70 46.15
C LEU B 117 -7.90 -5.53 47.43
N LEU B 118 -9.10 -5.93 47.80
CA LEU B 118 -9.33 -6.74 49.00
C LEU B 118 -10.39 -7.78 48.67
N ILE B 119 -10.01 -9.05 48.72
CA ILE B 119 -10.89 -10.16 48.41
C ILE B 119 -11.09 -10.97 49.69
N VAL B 120 -12.34 -11.29 50.00
CA VAL B 120 -12.67 -12.09 51.18
C VAL B 120 -13.78 -13.07 50.79
N ASN B 121 -13.72 -14.27 51.38
CA ASN B 121 -14.77 -15.28 51.22
C ASN B 121 -15.15 -15.75 52.62
N ASN B 122 -16.10 -15.06 53.25
CA ASN B 122 -16.46 -15.31 54.63
C ASN B 122 -17.83 -15.97 54.69
N ALA B 123 -17.90 -17.13 55.36
CA ALA B 123 -19.15 -17.86 55.50
C ALA B 123 -19.74 -18.18 54.13
N THR B 124 -20.72 -17.39 53.68
CA THR B 124 -21.38 -17.60 52.40
C THR B 124 -21.40 -16.33 51.55
N ASN B 125 -20.51 -15.39 51.82
CA ASN B 125 -20.44 -14.14 51.09
C ASN B 125 -19.02 -13.91 50.59
N VAL B 126 -18.88 -13.64 49.30
CA VAL B 126 -17.60 -13.31 48.68
C VAL B 126 -17.64 -11.81 48.38
N VAL B 127 -16.78 -11.06 49.07
CA VAL B 127 -16.77 -9.60 48.98
C VAL B 127 -15.44 -9.17 48.40
N ILE B 128 -15.49 -8.42 47.30
CA ILE B 128 -14.31 -7.82 46.69
C ILE B 128 -14.50 -6.31 46.70
N LYS B 129 -13.50 -5.60 47.22
CA LYS B 129 -13.55 -4.14 47.33
C LYS B 129 -12.24 -3.54 46.85
N VAL B 130 -12.29 -2.28 46.46
CA VAL B 130 -11.11 -1.57 45.97
C VAL B 130 -10.96 -0.24 46.70
N CYS B 131 -11.59 -0.11 47.86
CA CYS B 131 -11.51 1.13 48.61
C CYS B 131 -10.07 1.40 49.03
N GLU B 132 -9.76 2.68 49.23
CA GLU B 132 -8.43 3.09 49.70
C GLU B 132 -8.30 2.76 51.18
N PHE B 133 -8.22 1.46 51.46
CA PHE B 133 -8.19 1.00 52.83
C PHE B 133 -6.93 1.45 53.55
N GLN B 134 -7.06 1.72 54.85
CA GLN B 134 -5.93 1.99 55.73
C GLN B 134 -5.73 0.76 56.60
N PHE B 135 -4.82 -0.11 56.19
CA PHE B 135 -4.62 -1.37 56.89
C PHE B 135 -3.85 -1.16 58.18
N CYS B 136 -4.00 -2.11 59.09
CA CYS B 136 -3.28 -2.08 60.36
C CYS B 136 -1.85 -2.59 60.16
N ASN B 137 -1.08 -2.59 61.25
CA ASN B 137 0.28 -3.11 61.17
C ASN B 137 0.30 -4.59 60.84
N ASP B 138 -0.59 -5.37 61.46
CA ASP B 138 -0.72 -6.80 61.21
C ASP B 138 -2.19 -7.14 61.00
N PRO B 139 -2.74 -6.77 59.85
CA PRO B 139 -4.17 -7.05 59.60
C PRO B 139 -4.45 -8.54 59.65
N PHE B 140 -5.62 -8.89 60.19
CA PHE B 140 -6.04 -10.28 60.30
C PHE B 140 -7.55 -10.31 60.51
N LEU B 141 -8.10 -11.52 60.51
CA LEU B 141 -9.52 -11.73 60.74
C LEU B 141 -9.70 -12.59 61.98
N GLY B 142 -10.53 -12.12 62.90
CA GLY B 142 -10.78 -12.85 64.13
C GLY B 142 -11.85 -13.91 63.97
N VAL B 143 -12.04 -14.67 65.05
CA VAL B 143 -13.04 -15.74 65.07
C VAL B 143 -14.28 -15.27 65.82
N PHE B 157 -13.84 -8.77 62.80
CA PHE B 157 -13.46 -8.23 61.51
C PHE B 157 -12.69 -6.93 61.68
N ARG B 158 -11.37 -7.05 61.86
CA ARG B 158 -10.48 -5.90 62.06
C ARG B 158 -9.33 -6.04 61.08
N VAL B 159 -9.51 -5.48 59.88
CA VAL B 159 -8.53 -5.57 58.80
C VAL B 159 -8.01 -4.18 58.41
N TYR B 160 -8.91 -3.22 58.23
CA TYR B 160 -8.56 -1.88 57.78
C TYR B 160 -9.08 -0.86 58.77
N SER B 161 -8.25 0.12 59.10
CA SER B 161 -8.66 1.18 60.02
C SER B 161 -9.58 2.19 59.35
N SER B 162 -9.41 2.42 58.04
CA SER B 162 -10.22 3.38 57.31
C SER B 162 -10.52 2.83 55.92
N ALA B 163 -11.57 3.37 55.31
CA ALA B 163 -11.98 2.96 53.96
C ALA B 163 -12.72 4.13 53.33
N ASN B 164 -12.07 4.82 52.40
CA ASN B 164 -12.63 6.01 51.78
C ASN B 164 -12.48 5.92 50.27
N ASN B 165 -13.44 6.55 49.57
CA ASN B 165 -13.40 6.66 48.11
C ASN B 165 -13.42 5.28 47.44
N CYS B 166 -14.41 4.47 47.82
CA CYS B 166 -14.59 3.18 47.16
C CYS B 166 -14.99 3.39 45.70
N THR B 167 -14.38 2.62 44.80
CA THR B 167 -14.66 2.71 43.38
C THR B 167 -15.16 1.41 42.77
N PHE B 168 -15.32 0.35 43.57
CA PHE B 168 -15.86 -0.89 43.06
C PHE B 168 -16.20 -1.80 44.23
N GLU B 169 -17.23 -2.64 44.03
CA GLU B 169 -17.62 -3.62 45.02
C GLU B 169 -18.33 -4.76 44.31
N TYR B 170 -17.92 -5.99 44.61
CA TYR B 170 -18.54 -7.17 44.03
C TYR B 170 -18.93 -8.13 45.16
N VAL B 171 -20.16 -8.61 45.11
CA VAL B 171 -20.68 -9.56 46.09
C VAL B 171 -21.35 -10.70 45.34
N SER B 172 -21.01 -11.93 45.71
CA SER B 172 -21.61 -13.10 45.09
C SER B 172 -23.07 -13.24 45.48
N PHE B 186 -10.30 -35.77 55.26
CA PHE B 186 -9.93 -35.48 53.88
C PHE B 186 -9.55 -34.02 53.74
N LYS B 187 -8.54 -33.74 52.90
CA LYS B 187 -8.06 -32.39 52.66
C LYS B 187 -8.44 -31.94 51.26
N ASN B 188 -8.68 -30.64 51.13
CA ASN B 188 -9.01 -30.03 49.85
C ASN B 188 -7.92 -29.03 49.51
N LEU B 189 -7.35 -29.17 48.32
CA LEU B 189 -6.36 -28.25 47.81
C LEU B 189 -7.07 -27.21 46.96
N ARG B 190 -6.94 -25.95 47.35
CA ARG B 190 -7.50 -24.82 46.61
C ARG B 190 -6.35 -24.08 45.95
N GLU B 191 -6.43 -23.95 44.63
CA GLU B 191 -5.41 -23.29 43.82
C GLU B 191 -6.05 -22.10 43.12
N PHE B 192 -5.34 -20.98 43.13
CA PHE B 192 -5.82 -19.75 42.53
C PHE B 192 -4.71 -19.12 41.70
N VAL B 193 -5.09 -18.52 40.58
CA VAL B 193 -4.19 -17.75 39.74
C VAL B 193 -4.73 -16.33 39.69
N PHE B 194 -3.92 -15.37 40.11
CA PHE B 194 -4.29 -13.95 40.11
C PHE B 194 -3.35 -13.22 39.16
N LYS B 195 -3.92 -12.42 38.25
CA LYS B 195 -3.07 -11.62 37.38
C LYS B 195 -3.79 -10.35 36.96
N ASN B 196 -3.02 -9.37 36.52
CA ASN B 196 -3.53 -8.10 36.03
C ASN B 196 -3.04 -7.91 34.60
N ILE B 197 -3.97 -7.91 33.65
CA ILE B 197 -3.65 -7.74 32.24
C ILE B 197 -4.61 -6.72 31.64
N ASP B 198 -4.05 -5.68 31.02
CA ASP B 198 -4.83 -4.66 30.33
C ASP B 198 -5.91 -4.07 31.23
N GLY B 199 -5.55 -3.80 32.48
CA GLY B 199 -6.47 -3.22 33.42
C GLY B 199 -7.53 -4.15 33.95
N TYR B 200 -7.45 -5.44 33.65
CA TYR B 200 -8.39 -6.44 34.12
C TYR B 200 -7.71 -7.32 35.14
N PHE B 201 -8.36 -7.50 36.30
CA PHE B 201 -7.92 -8.43 37.31
C PHE B 201 -8.60 -9.76 37.08
N LYS B 202 -7.82 -10.78 36.75
CA LYS B 202 -8.31 -12.11 36.42
C LYS B 202 -7.96 -13.07 37.55
N ILE B 203 -8.97 -13.82 37.99
CA ILE B 203 -8.86 -14.79 39.07
C ILE B 203 -9.38 -16.13 38.55
N TYR B 204 -8.50 -17.12 38.53
CA TYR B 204 -8.85 -18.50 38.18
C TYR B 204 -8.75 -19.34 39.45
N SER B 205 -9.63 -20.33 39.59
CA SER B 205 -9.66 -21.13 40.81
C SER B 205 -9.95 -22.58 40.48
N LYS B 206 -9.44 -23.47 41.34
CA LYS B 206 -9.73 -24.90 41.23
C LYS B 206 -9.59 -25.54 42.60
N HIS B 207 -10.59 -26.31 43.00
CA HIS B 207 -10.59 -27.03 44.26
C HIS B 207 -10.59 -28.53 43.97
N THR B 208 -9.64 -29.25 44.56
CA THR B 208 -9.51 -30.67 44.30
C THR B 208 -9.34 -31.45 45.61
N PRO B 209 -9.88 -32.68 45.68
CA PRO B 209 -9.70 -33.47 46.90
C PRO B 209 -8.40 -34.26 46.88
N ILE B 210 -7.51 -34.00 47.84
CA ILE B 210 -6.24 -34.72 47.94
C ILE B 210 -5.96 -35.03 49.40
N ASN B 211 -5.19 -36.10 49.62
CA ASN B 211 -4.78 -36.52 50.96
C ASN B 211 -3.25 -36.52 50.99
N LEU B 212 -2.68 -35.34 51.22
CA LEU B 212 -1.24 -35.18 51.33
C LEU B 212 -0.89 -33.80 51.84
N VAL B 213 -0.02 -33.72 52.85
CA VAL B 213 0.40 -32.45 53.42
C VAL B 213 1.85 -32.12 53.13
N ARG B 214 2.61 -33.04 52.51
CA ARG B 214 4.02 -32.79 52.28
C ARG B 214 4.25 -31.74 51.20
N GLY B 215 3.51 -31.82 50.09
CA GLY B 215 3.73 -30.89 49.00
C GLY B 215 2.60 -30.96 48.00
N LEU B 216 2.77 -30.21 46.93
CA LEU B 216 1.75 -30.14 45.90
C LEU B 216 1.60 -31.51 45.23
N PRO B 217 0.40 -31.90 44.81
CA PRO B 217 0.22 -33.21 44.19
C PRO B 217 0.95 -33.32 42.85
N GLN B 218 1.31 -34.55 42.50
CA GLN B 218 1.92 -34.84 41.21
C GLN B 218 0.81 -35.21 40.23
N GLY B 219 0.17 -34.17 39.68
CA GLY B 219 -0.92 -34.37 38.75
C GLY B 219 -1.26 -33.07 38.07
N PHE B 220 -2.16 -33.17 37.10
CA PHE B 220 -2.57 -32.03 36.29
C PHE B 220 -4.05 -31.74 36.52
N SER B 221 -4.37 -30.47 36.76
CA SER B 221 -5.76 -30.04 36.93
C SER B 221 -5.84 -28.58 36.52
N ALA B 222 -6.68 -28.29 35.52
CA ALA B 222 -6.76 -26.95 34.97
C ALA B 222 -7.62 -26.05 35.85
N LEU B 223 -7.16 -24.81 36.02
CA LEU B 223 -7.86 -23.83 36.84
C LEU B 223 -8.87 -23.08 35.97
N GLU B 224 -10.15 -23.39 36.16
CA GLU B 224 -11.20 -22.70 35.42
C GLU B 224 -11.33 -21.26 35.90
N PRO B 225 -11.46 -20.29 34.99
CA PRO B 225 -11.58 -18.90 35.42
C PRO B 225 -12.78 -18.69 36.33
N LEU B 226 -12.61 -17.84 37.34
CA LEU B 226 -13.64 -17.57 38.32
C LEU B 226 -14.16 -16.15 38.26
N VAL B 227 -13.27 -15.15 38.24
CA VAL B 227 -13.67 -13.75 38.33
C VAL B 227 -12.85 -12.92 37.36
N ASP B 228 -13.51 -11.94 36.72
CA ASP B 228 -12.85 -10.94 35.90
C ASP B 228 -13.37 -9.58 36.32
N LEU B 229 -12.47 -8.69 36.74
CA LEU B 229 -12.86 -7.38 37.25
C LEU B 229 -12.21 -6.28 36.42
N PRO B 230 -12.97 -5.31 35.91
CA PRO B 230 -12.39 -4.17 35.19
C PRO B 230 -11.91 -3.05 36.11
N ILE B 231 -11.18 -3.42 37.17
CA ILE B 231 -10.76 -2.44 38.17
C ILE B 231 -9.72 -1.49 37.58
N GLY B 232 -8.77 -2.02 36.81
CA GLY B 232 -7.70 -1.20 36.28
C GLY B 232 -6.83 -0.60 37.37
N ILE B 233 -6.45 -1.42 38.35
CA ILE B 233 -5.70 -0.98 39.52
C ILE B 233 -4.24 -1.38 39.36
N ASN B 234 -3.33 -0.47 39.68
CA ASN B 234 -1.91 -0.77 39.70
C ASN B 234 -1.58 -1.60 40.93
N ILE B 235 -0.99 -2.78 40.74
CA ILE B 235 -0.70 -3.71 41.81
C ILE B 235 0.74 -4.17 41.69
N THR B 236 1.47 -4.17 42.82
CA THR B 236 2.82 -4.70 42.87
C THR B 236 3.08 -5.61 44.07
N ARG B 237 2.26 -5.56 45.12
CA ARG B 237 2.44 -6.40 46.30
C ARG B 237 1.09 -6.95 46.73
N PHE B 238 1.13 -8.04 47.49
CA PHE B 238 -0.09 -8.64 47.99
C PHE B 238 0.20 -9.39 49.28
N GLN B 239 -0.87 -9.73 49.99
CA GLN B 239 -0.78 -10.39 51.28
C GLN B 239 -2.03 -11.22 51.51
N THR B 240 -1.86 -12.42 52.06
CA THR B 240 -2.98 -13.32 52.30
C THR B 240 -3.57 -13.10 53.69
N LEU B 241 -4.81 -13.56 53.87
CA LEU B 241 -5.55 -13.39 55.11
C LEU B 241 -5.89 -14.75 55.70
N HIS B 242 -5.53 -14.93 56.97
CA HIS B 242 -5.78 -16.16 57.70
C HIS B 242 -6.77 -15.89 58.82
N ILE B 243 -7.62 -16.88 59.09
CA ILE B 243 -8.61 -16.76 60.15
C ILE B 243 -7.92 -16.55 61.49
N ALA B 261 0.17 -22.33 55.83
CA ALA B 261 0.54 -23.46 55.01
C ALA B 261 0.07 -23.27 53.57
N TYR B 262 0.74 -22.37 52.85
CA TYR B 262 0.36 -22.06 51.48
C TYR B 262 1.62 -21.96 50.62
N TYR B 263 1.41 -21.87 49.32
CA TYR B 263 2.48 -21.81 48.33
C TYR B 263 2.23 -20.65 47.39
N VAL B 264 3.30 -19.97 47.00
CA VAL B 264 3.25 -18.82 46.10
C VAL B 264 4.25 -19.06 44.98
N GLY B 265 3.76 -19.06 43.75
CA GLY B 265 4.61 -19.12 42.57
C GLY B 265 4.30 -17.93 41.69
N TYR B 266 5.25 -17.56 40.84
CA TYR B 266 5.10 -16.37 40.00
C TYR B 266 5.00 -16.76 38.53
N LEU B 267 4.04 -16.16 37.85
CA LEU B 267 3.78 -16.46 36.45
C LEU B 267 4.80 -15.79 35.54
N GLN B 268 5.06 -16.40 34.40
CA GLN B 268 6.00 -15.92 33.41
C GLN B 268 5.37 -16.06 32.03
N PRO B 269 5.85 -15.28 31.05
CA PRO B 269 5.30 -15.38 29.69
C PRO B 269 5.77 -16.62 28.96
N ARG B 270 5.10 -17.74 29.18
CA ARG B 270 5.48 -19.02 28.61
C ARG B 270 4.49 -19.44 27.53
N THR B 271 4.99 -20.19 26.55
CA THR B 271 4.17 -20.83 25.54
C THR B 271 3.88 -22.26 25.98
N PHE B 272 2.60 -22.59 26.16
CA PHE B 272 2.18 -23.92 26.57
C PHE B 272 1.34 -24.54 25.46
N LEU B 273 1.55 -25.84 25.25
CA LEU B 273 0.71 -26.63 24.36
C LEU B 273 -0.30 -27.36 25.24
N LEU B 274 -1.56 -26.95 25.18
CA LEU B 274 -2.61 -27.50 26.01
C LEU B 274 -3.39 -28.56 25.23
N LYS B 275 -3.90 -29.55 25.95
CA LYS B 275 -4.59 -30.69 25.36
C LYS B 275 -6.02 -30.72 25.87
N TYR B 276 -6.98 -30.63 24.96
CA TYR B 276 -8.41 -30.68 25.30
C TYR B 276 -8.96 -32.03 24.92
N ASN B 277 -9.69 -32.66 25.84
CA ASN B 277 -10.37 -33.92 25.55
C ASN B 277 -11.70 -33.60 24.89
N GLU B 278 -12.53 -34.64 24.69
CA GLU B 278 -13.81 -34.43 24.03
C GLU B 278 -14.70 -33.50 24.83
N ASN B 279 -14.70 -33.65 26.14
CA ASN B 279 -15.51 -32.82 27.04
C ASN B 279 -14.98 -31.41 27.18
N GLY B 280 -13.96 -31.02 26.42
CA GLY B 280 -13.45 -29.67 26.47
C GLY B 280 -12.64 -29.35 27.70
N THR B 281 -12.07 -30.35 28.36
CA THR B 281 -11.29 -30.15 29.57
C THR B 281 -9.80 -30.24 29.23
N ILE B 282 -9.02 -29.31 29.75
CA ILE B 282 -7.57 -29.34 29.57
C ILE B 282 -7.02 -30.43 30.46
N THR B 283 -6.69 -31.58 29.87
CA THR B 283 -6.21 -32.74 30.62
C THR B 283 -4.70 -32.86 30.65
N ASP B 284 -3.98 -32.02 29.90
CA ASP B 284 -2.52 -32.09 29.89
C ASP B 284 -1.97 -30.83 29.26
N ALA B 285 -0.70 -30.56 29.55
CA ALA B 285 -0.03 -29.40 28.98
C ALA B 285 1.45 -29.68 28.85
N VAL B 286 2.08 -29.00 27.90
CA VAL B 286 3.51 -29.10 27.65
C VAL B 286 4.10 -27.70 27.76
N ASP B 287 5.15 -27.57 28.57
CA ASP B 287 5.88 -26.33 28.73
C ASP B 287 6.96 -26.28 27.64
N CYS B 288 6.71 -25.49 26.59
CA CYS B 288 7.52 -25.57 25.38
C CYS B 288 8.97 -25.14 25.59
N ALA B 289 9.29 -24.49 26.70
CA ALA B 289 10.66 -24.07 26.98
C ALA B 289 11.28 -24.81 28.17
N LEU B 290 10.60 -25.82 28.69
CA LEU B 290 11.12 -26.53 29.86
C LEU B 290 12.42 -27.26 29.55
N ASP B 291 12.47 -27.95 28.41
CA ASP B 291 13.61 -28.78 28.06
C ASP B 291 13.54 -29.08 26.58
N PRO B 292 14.61 -29.65 26.00
CA PRO B 292 14.58 -29.96 24.56
C PRO B 292 13.47 -30.90 24.14
N LEU B 293 13.07 -31.85 25.00
CA LEU B 293 11.99 -32.75 24.64
C LEU B 293 10.66 -32.01 24.55
N SER B 294 10.43 -31.03 25.43
CA SER B 294 9.22 -30.23 25.32
C SER B 294 9.25 -29.35 24.08
N GLU B 295 10.42 -28.84 23.70
CA GLU B 295 10.54 -28.11 22.44
C GLU B 295 10.20 -29.02 21.26
N THR B 296 10.68 -30.27 21.28
CA THR B 296 10.32 -31.20 20.23
C THR B 296 8.82 -31.44 20.19
N LYS B 297 8.21 -31.63 21.35
CA LYS B 297 6.77 -31.90 21.41
C LYS B 297 5.98 -30.71 20.86
N CYS B 298 6.39 -29.49 21.18
CA CYS B 298 5.67 -28.33 20.69
C CYS B 298 5.94 -28.08 19.21
N THR B 299 7.13 -28.43 18.72
CA THR B 299 7.42 -28.30 17.31
C THR B 299 6.60 -29.29 16.49
N LEU B 300 6.40 -30.50 17.02
CA LEU B 300 5.59 -31.50 16.35
C LEU B 300 4.11 -31.38 16.67
N LYS B 301 3.73 -30.48 17.57
CA LYS B 301 2.33 -30.32 17.98
C LYS B 301 1.75 -31.65 18.46
N SER B 302 2.56 -32.41 19.19
CA SER B 302 2.15 -33.72 19.65
C SER B 302 2.77 -33.98 21.02
N PHE B 303 2.07 -34.77 21.83
CA PHE B 303 2.56 -35.18 23.13
C PHE B 303 3.44 -36.42 23.07
N THR B 304 3.49 -37.09 21.93
CA THR B 304 4.31 -38.29 21.74
C THR B 304 5.23 -38.07 20.55
N VAL B 305 6.48 -38.51 20.70
CA VAL B 305 7.51 -38.34 19.68
C VAL B 305 8.13 -39.69 19.38
N GLU B 306 8.30 -40.00 18.09
CA GLU B 306 8.92 -41.23 17.68
C GLU B 306 10.44 -41.06 17.57
N LYS B 307 11.15 -42.18 17.51
CA LYS B 307 12.59 -42.14 17.37
C LYS B 307 12.99 -41.36 16.12
N GLY B 308 13.93 -40.44 16.30
CA GLY B 308 14.40 -39.64 15.19
C GLY B 308 15.16 -38.43 15.68
N ILE B 309 15.46 -37.54 14.74
CA ILE B 309 16.13 -36.28 15.01
C ILE B 309 15.30 -35.16 14.40
N TYR B 310 15.01 -34.13 15.19
CA TYR B 310 14.04 -33.12 14.82
C TYR B 310 14.64 -31.73 14.94
N GLN B 311 14.52 -30.94 13.88
CA GLN B 311 14.88 -29.53 13.91
C GLN B 311 13.82 -28.79 14.73
N THR B 312 14.20 -28.31 15.91
CA THR B 312 13.26 -27.70 16.84
C THR B 312 13.41 -26.19 16.98
N SER B 313 14.59 -25.65 16.73
CA SER B 313 14.83 -24.23 16.97
C SER B 313 16.10 -23.83 16.23
N ASN B 314 16.47 -22.56 16.36
CA ASN B 314 17.72 -22.04 15.83
C ASN B 314 18.53 -21.41 16.95
N PHE B 315 19.79 -21.82 17.05
CA PHE B 315 20.72 -21.27 18.01
C PHE B 315 21.42 -20.06 17.40
N ARG B 316 21.58 -19.02 18.22
CA ARG B 316 22.23 -17.78 17.81
C ARG B 316 22.89 -17.17 19.03
N VAL B 317 24.21 -17.01 18.99
CA VAL B 317 24.92 -16.39 20.10
C VAL B 317 24.63 -14.89 20.10
N GLN B 318 24.20 -14.36 21.25
CA GLN B 318 23.80 -12.96 21.33
C GLN B 318 25.00 -12.07 21.62
N PRO B 319 24.95 -10.80 21.17
CA PRO B 319 26.06 -9.89 21.47
C PRO B 319 26.20 -9.63 22.96
N THR B 320 27.45 -9.42 23.39
CA THR B 320 27.75 -9.18 24.79
C THR B 320 27.72 -7.71 25.15
N GLU B 321 28.14 -6.83 24.24
CA GLU B 321 28.23 -5.41 24.52
C GLU B 321 28.09 -4.63 23.23
N SER B 322 27.87 -3.32 23.35
CA SER B 322 27.72 -2.42 22.23
C SER B 322 28.99 -1.60 22.05
N ILE B 323 29.51 -1.58 20.83
CA ILE B 323 30.74 -0.85 20.49
C ILE B 323 30.38 0.32 19.60
N VAL B 324 30.79 1.52 19.99
CA VAL B 324 30.57 2.73 19.22
C VAL B 324 31.92 3.35 18.89
N ARG B 325 32.16 3.58 17.61
CA ARG B 325 33.42 4.16 17.14
C ARG B 325 33.11 5.30 16.18
N PHE B 326 33.47 6.52 16.57
CA PHE B 326 33.21 7.70 15.78
C PHE B 326 34.51 8.44 15.48
N PRO B 327 34.54 9.23 14.40
CA PRO B 327 35.76 9.98 14.06
C PRO B 327 35.95 11.19 14.95
N ASN B 328 36.62 11.01 16.09
CA ASN B 328 36.76 12.06 17.09
C ASN B 328 37.04 13.42 16.45
N ILE B 329 36.16 14.38 16.73
CA ILE B 329 36.24 15.72 16.18
C ILE B 329 36.17 16.72 17.33
N THR B 330 37.02 17.74 17.29
CA THR B 330 37.09 18.75 18.34
C THR B 330 36.45 20.07 17.93
N ASN B 331 35.57 20.05 16.93
CA ASN B 331 34.90 21.25 16.42
C ASN B 331 33.40 21.10 16.55
N LEU B 332 32.72 22.18 16.93
CA LEU B 332 31.27 22.23 16.91
C LEU B 332 30.80 22.77 15.56
N CYS B 333 29.62 22.32 15.16
CA CYS B 333 29.10 22.74 13.86
C CYS B 333 28.56 24.16 13.95
N PRO B 334 28.94 25.05 13.03
CA PRO B 334 28.45 26.44 13.09
C PRO B 334 27.03 26.59 12.56
N PHE B 335 26.09 25.94 13.24
CA PHE B 335 24.68 26.07 12.89
C PHE B 335 24.05 27.35 13.39
N GLY B 336 24.72 28.06 14.30
CA GLY B 336 24.14 29.30 14.82
C GLY B 336 23.97 30.35 13.74
N GLU B 337 24.97 30.51 12.88
CA GLU B 337 24.89 31.49 11.82
C GLU B 337 24.00 31.05 10.66
N VAL B 338 23.49 29.83 10.72
CA VAL B 338 22.47 29.38 9.76
C VAL B 338 21.06 29.64 10.30
N PHE B 339 20.80 29.21 11.53
CA PHE B 339 19.48 29.34 12.13
C PHE B 339 19.29 30.65 12.88
N ASN B 340 20.31 31.51 12.96
CA ASN B 340 20.22 32.72 13.77
C ASN B 340 20.82 33.92 13.04
N ALA B 341 20.80 33.91 11.72
CA ALA B 341 21.35 35.04 10.96
C ALA B 341 20.44 36.26 11.10
N THR B 342 21.04 37.44 10.92
CA THR B 342 20.28 38.68 11.00
C THR B 342 19.35 38.83 9.81
N ARG B 343 19.86 38.59 8.59
CA ARG B 343 19.11 38.77 7.36
C ARG B 343 19.32 37.54 6.48
N PHE B 344 18.31 36.68 6.44
CA PHE B 344 18.35 35.54 5.54
C PHE B 344 18.30 36.00 4.09
N ALA B 345 18.94 35.24 3.21
CA ALA B 345 18.99 35.62 1.81
C ALA B 345 17.63 35.45 1.15
N SER B 346 17.48 36.08 -0.01
CA SER B 346 16.25 35.96 -0.77
C SER B 346 16.09 34.53 -1.29
N VAL B 347 14.83 34.12 -1.47
CA VAL B 347 14.56 32.75 -1.88
C VAL B 347 15.14 32.47 -3.26
N TYR B 348 15.11 33.46 -4.15
CA TYR B 348 15.71 33.28 -5.47
C TYR B 348 17.23 33.15 -5.38
N ALA B 349 17.83 33.64 -4.30
CA ALA B 349 19.28 33.56 -4.07
C ALA B 349 19.55 32.94 -2.71
N TRP B 350 18.89 31.81 -2.44
CA TRP B 350 19.01 31.15 -1.15
C TRP B 350 20.47 30.84 -0.83
N ASN B 351 20.85 31.09 0.41
CA ASN B 351 22.23 30.89 0.84
C ASN B 351 22.48 29.42 1.16
N ARG B 352 23.61 28.90 0.69
CA ARG B 352 24.04 27.54 1.00
C ARG B 352 25.33 27.58 1.81
N LYS B 353 25.35 26.86 2.92
CA LYS B 353 26.52 26.74 3.77
C LYS B 353 26.89 25.27 3.91
N ARG B 354 28.19 24.98 3.80
CA ARG B 354 28.70 23.62 3.91
C ARG B 354 29.18 23.39 5.33
N ILE B 355 28.48 22.50 6.05
CA ILE B 355 28.86 22.08 7.39
C ILE B 355 29.66 20.79 7.25
N SER B 356 30.88 20.80 7.80
CA SER B 356 31.76 19.65 7.70
C SER B 356 32.77 19.69 8.83
N ASN B 357 33.20 18.50 9.25
CA ASN B 357 34.26 18.35 10.25
C ASN B 357 33.85 18.99 11.58
N CYS B 358 32.75 18.47 12.13
CA CYS B 358 32.19 19.03 13.36
C CYS B 358 31.17 18.05 13.91
N VAL B 359 30.81 18.24 15.17
CA VAL B 359 29.78 17.46 15.83
C VAL B 359 28.67 18.41 16.29
N ALA B 360 27.43 18.07 15.96
CA ALA B 360 26.28 18.89 16.29
C ALA B 360 25.30 18.08 17.12
N ASP B 361 24.85 18.66 18.23
CA ASP B 361 23.79 18.06 19.04
C ASP B 361 22.45 18.52 18.46
N TYR B 362 21.75 17.60 17.81
CA TYR B 362 20.47 17.92 17.18
C TYR B 362 19.32 17.92 18.17
N SER B 363 19.54 17.46 19.40
CA SER B 363 18.48 17.54 20.41
C SER B 363 18.05 18.98 20.62
N VAL B 364 19.01 19.91 20.60
CA VAL B 364 18.68 21.33 20.75
C VAL B 364 17.78 21.80 19.61
N LEU B 365 17.85 21.13 18.46
CA LEU B 365 17.10 21.56 17.30
C LEU B 365 15.65 21.07 17.35
N TYR B 366 15.45 19.76 17.54
CA TYR B 366 14.11 19.21 17.48
C TYR B 366 13.39 19.23 18.83
N ASN B 367 14.07 19.57 19.92
CA ASN B 367 13.41 19.83 21.18
C ASN B 367 12.99 21.27 21.33
N SER B 368 13.33 22.13 20.37
CA SER B 368 12.94 23.53 20.39
C SER B 368 11.58 23.70 19.75
N ALA B 369 10.68 24.42 20.43
CA ALA B 369 9.33 24.64 19.97
C ALA B 369 9.18 25.93 19.17
N SER B 370 10.29 26.50 18.69
CA SER B 370 10.26 27.76 17.94
C SER B 370 9.98 27.55 16.46
N PHE B 371 9.85 26.31 16.00
CA PHE B 371 9.65 26.02 14.58
C PHE B 371 8.22 25.55 14.36
N SER B 372 7.55 26.14 13.38
CA SER B 372 6.20 25.71 13.02
C SER B 372 6.24 24.39 12.25
N THR B 373 7.18 24.25 11.31
CA THR B 373 7.31 23.07 10.47
C THR B 373 8.67 22.44 10.69
N PHE B 374 8.68 21.12 10.90
CA PHE B 374 9.93 20.36 11.00
C PHE B 374 9.65 18.99 10.41
N LYS B 375 9.97 18.85 9.12
CA LYS B 375 9.66 17.62 8.37
C LYS B 375 10.95 17.03 7.83
N CYS B 376 11.26 15.81 8.26
CA CYS B 376 12.45 15.11 7.82
C CYS B 376 12.06 13.98 6.86
N TYR B 377 12.78 13.90 5.75
CA TYR B 377 12.56 12.89 4.72
C TYR B 377 13.76 11.95 4.70
N GLY B 378 13.50 10.65 4.83
CA GLY B 378 14.55 9.65 4.79
C GLY B 378 15.33 9.50 6.07
N VAL B 379 15.00 10.24 7.12
CA VAL B 379 15.71 10.15 8.39
C VAL B 379 14.77 10.63 9.48
N SER B 380 14.96 10.10 10.68
CA SER B 380 14.13 10.53 11.81
C SER B 380 14.82 11.66 12.57
N PRO B 381 14.09 12.69 13.01
CA PRO B 381 14.74 13.79 13.74
C PRO B 381 15.47 13.32 14.99
N THR B 382 14.96 12.29 15.67
CA THR B 382 15.58 11.80 16.89
C THR B 382 16.72 10.81 16.63
N LYS B 383 16.99 10.49 15.37
CA LYS B 383 18.07 9.57 15.03
C LYS B 383 19.37 10.28 14.70
N LEU B 384 19.35 11.60 14.50
CA LEU B 384 20.52 12.30 13.99
C LEU B 384 21.69 12.25 14.97
N ASN B 385 21.43 12.08 16.26
CA ASN B 385 22.50 11.99 17.22
C ASN B 385 23.24 10.66 17.14
N ASP B 386 22.64 9.65 16.51
CA ASP B 386 23.28 8.36 16.34
C ASP B 386 23.93 8.19 14.96
N LEU B 387 23.85 9.21 14.11
CA LEU B 387 24.30 9.12 12.73
C LEU B 387 25.49 10.04 12.49
N CYS B 388 26.40 9.57 11.64
CA CYS B 388 27.50 10.37 11.13
C CYS B 388 27.31 10.59 9.64
N PHE B 389 27.61 11.79 9.17
CA PHE B 389 27.39 12.18 7.78
C PHE B 389 28.69 12.68 7.18
N THR B 390 28.89 12.38 5.89
CA THR B 390 30.08 12.85 5.20
C THR B 390 30.10 14.37 5.10
N ASN B 391 28.94 14.98 4.88
CA ASN B 391 28.86 16.43 4.78
C ASN B 391 27.39 16.84 4.89
N VAL B 392 27.15 17.99 5.52
CA VAL B 392 25.81 18.54 5.64
C VAL B 392 25.77 19.85 4.89
N TYR B 393 24.66 20.12 4.21
CA TYR B 393 24.47 21.37 3.49
C TYR B 393 23.22 22.06 4.01
N ALA B 394 23.36 23.27 4.53
CA ALA B 394 22.25 24.04 5.04
C ALA B 394 21.89 25.11 4.02
N ASP B 395 20.67 25.06 3.51
CA ASP B 395 20.16 26.02 2.55
C ASP B 395 19.09 26.86 3.24
N SER B 396 19.38 28.14 3.41
CA SER B 396 18.52 29.04 4.17
C SER B 396 17.95 30.12 3.23
N PHE B 397 16.69 30.46 3.46
CA PHE B 397 16.03 31.51 2.69
C PHE B 397 14.73 31.89 3.41
N VAL B 398 14.00 32.83 2.83
CA VAL B 398 12.75 33.34 3.38
C VAL B 398 11.68 33.28 2.30
N ILE B 399 10.50 32.76 2.66
CA ILE B 399 9.35 32.71 1.76
C ILE B 399 8.12 33.13 2.56
N ARG B 400 6.95 33.01 1.94
CA ARG B 400 5.72 33.25 2.66
C ARG B 400 5.15 31.93 3.17
N GLY B 401 4.21 32.04 4.12
CA GLY B 401 3.69 30.86 4.77
C GLY B 401 3.06 29.87 3.81
N ASP B 402 2.22 30.36 2.89
CA ASP B 402 1.56 29.47 1.95
C ASP B 402 2.55 28.72 1.07
N GLU B 403 3.78 29.22 0.92
CA GLU B 403 4.80 28.57 0.11
C GLU B 403 5.62 27.56 0.89
N VAL B 404 5.44 27.47 2.21
CA VAL B 404 6.21 26.53 3.01
C VAL B 404 5.95 25.10 2.53
N ARG B 405 4.70 24.79 2.19
CA ARG B 405 4.37 23.46 1.72
C ARG B 405 5.08 23.12 0.40
N GLN B 406 5.58 24.12 -0.31
CA GLN B 406 6.28 23.86 -1.56
C GLN B 406 7.73 23.43 -1.34
N ILE B 407 8.24 23.55 -0.13
CA ILE B 407 9.61 23.09 0.19
C ILE B 407 9.48 21.64 0.63
N ALA B 408 9.43 20.75 -0.36
CA ALA B 408 9.30 19.32 -0.09
C ALA B 408 9.52 18.54 -1.38
N PRO B 409 10.06 17.32 -1.30
CA PRO B 409 10.27 16.54 -2.53
C PRO B 409 8.96 16.25 -3.24
N GLY B 410 9.00 16.27 -4.57
CA GLY B 410 7.82 15.97 -5.36
C GLY B 410 6.77 17.06 -5.35
N GLN B 411 7.16 18.31 -5.14
CA GLN B 411 6.24 19.44 -5.15
C GLN B 411 6.46 20.29 -6.38
N THR B 412 5.38 20.95 -6.82
CA THR B 412 5.41 21.81 -7.99
C THR B 412 4.79 23.15 -7.65
N GLY B 413 5.27 24.19 -8.33
CA GLY B 413 4.80 25.53 -8.08
C GLY B 413 5.87 26.53 -8.45
N ASN B 414 5.60 27.80 -8.13
CA ASN B 414 6.55 28.85 -8.41
C ASN B 414 7.86 28.64 -7.66
N ILE B 415 7.77 28.35 -6.37
CA ILE B 415 8.98 28.16 -5.56
C ILE B 415 9.71 26.89 -5.97
N ALA B 416 8.97 25.80 -6.16
CA ALA B 416 9.57 24.51 -6.44
C ALA B 416 10.07 24.37 -7.88
N ASP B 417 9.71 25.31 -8.76
CA ASP B 417 10.12 25.25 -10.16
C ASP B 417 11.06 26.37 -10.57
N TYR B 418 10.99 27.53 -9.92
CA TYR B 418 11.78 28.69 -10.31
C TYR B 418 12.77 29.16 -9.26
N ASN B 419 12.60 28.76 -8.00
CA ASN B 419 13.42 29.28 -6.90
C ASN B 419 14.27 28.21 -6.24
N TYR B 420 13.67 27.12 -5.79
CA TYR B 420 14.40 26.13 -4.99
C TYR B 420 13.71 24.77 -5.14
N LYS B 421 14.43 23.80 -5.68
CA LYS B 421 13.90 22.47 -5.96
C LYS B 421 14.60 21.44 -5.10
N LEU B 422 13.83 20.65 -4.35
CA LEU B 422 14.35 19.52 -3.58
C LEU B 422 14.19 18.23 -4.40
N PRO B 423 15.23 17.41 -4.51
CA PRO B 423 15.11 16.20 -5.34
C PRO B 423 14.14 15.20 -4.74
N ASP B 424 13.68 14.28 -5.59
CA ASP B 424 12.72 13.27 -5.16
C ASP B 424 13.31 12.39 -4.07
N ASP B 425 14.58 12.01 -4.22
CA ASP B 425 15.28 11.17 -3.23
C ASP B 425 15.92 11.99 -2.13
N PHE B 426 15.41 13.19 -1.86
CA PHE B 426 16.00 14.08 -0.86
C PHE B 426 15.98 13.45 0.53
N THR B 427 17.16 13.12 1.05
CA THR B 427 17.31 12.71 2.43
C THR B 427 17.82 13.91 3.22
N GLY B 428 17.04 14.33 4.22
CA GLY B 428 17.36 15.53 4.96
C GLY B 428 16.18 15.97 5.79
N CYS B 429 16.18 17.27 6.11
CA CYS B 429 15.13 17.86 6.92
C CYS B 429 14.84 19.27 6.44
N VAL B 430 13.61 19.72 6.69
CA VAL B 430 13.15 21.07 6.37
C VAL B 430 12.56 21.66 7.63
N ILE B 431 13.14 22.77 8.10
CA ILE B 431 12.71 23.46 9.30
C ILE B 431 12.28 24.87 8.90
N ALA B 432 11.01 25.18 9.12
CA ALA B 432 10.47 26.49 8.81
C ALA B 432 9.83 27.08 10.04
N TRP B 433 10.07 28.37 10.27
CA TRP B 433 9.51 29.06 11.43
C TRP B 433 9.05 30.45 11.02
N ASN B 434 8.08 30.97 11.77
CA ASN B 434 7.51 32.27 11.48
C ASN B 434 8.50 33.37 11.87
N SER B 435 8.74 34.30 10.95
CA SER B 435 9.67 35.40 11.14
C SER B 435 8.97 36.74 10.93
N ASN B 436 7.71 36.84 11.35
CA ASN B 436 6.97 38.08 11.18
C ASN B 436 7.59 39.20 12.01
N ASN B 437 8.05 38.89 13.22
CA ASN B 437 8.63 39.90 14.10
C ASN B 437 9.97 40.44 13.57
N LEU B 438 10.56 39.81 12.57
CA LEU B 438 11.89 40.19 12.09
C LEU B 438 11.91 40.61 10.63
N ASP B 439 11.05 40.06 9.78
CA ASP B 439 11.08 40.34 8.34
C ASP B 439 9.92 41.22 7.89
N SER B 440 9.16 41.79 8.81
CA SER B 440 8.02 42.63 8.48
C SER B 440 8.29 44.08 8.90
N LYS B 441 7.94 45.01 8.02
CA LYS B 441 8.10 46.43 8.27
C LYS B 441 6.76 47.13 8.08
N VAL B 442 6.57 48.23 8.81
CA VAL B 442 5.32 48.97 8.72
C VAL B 442 5.11 49.49 7.31
N GLY B 443 6.15 50.06 6.71
CA GLY B 443 6.08 50.55 5.35
C GLY B 443 6.25 49.49 4.28
N GLY B 444 6.44 48.24 4.66
CA GLY B 444 6.62 47.17 3.70
C GLY B 444 8.08 46.78 3.53
N ASN B 445 8.40 45.52 3.82
CA ASN B 445 9.76 45.02 3.70
C ASN B 445 9.96 44.50 2.28
N TYR B 446 10.68 45.26 1.46
CA TYR B 446 10.93 44.91 0.08
C TYR B 446 12.30 44.31 -0.15
N ASN B 447 13.03 43.97 0.92
CA ASN B 447 14.36 43.39 0.76
C ASN B 447 14.28 41.98 0.20
N TYR B 448 13.27 41.21 0.59
CA TYR B 448 13.12 39.83 0.16
C TYR B 448 12.45 39.77 -1.19
N LEU B 449 13.06 39.05 -2.13
CA LEU B 449 12.54 38.91 -3.48
C LEU B 449 12.48 37.44 -3.85
N TYR B 450 11.58 37.11 -4.79
CA TYR B 450 11.46 35.76 -5.30
C TYR B 450 11.33 35.81 -6.81
N ARG B 451 11.93 34.84 -7.50
CA ARG B 451 11.82 34.77 -8.95
C ARG B 451 10.45 34.25 -9.33
N LEU B 452 9.78 34.97 -10.23
CA LEU B 452 8.44 34.60 -10.67
C LEU B 452 8.40 34.03 -12.08
N PHE B 453 9.29 34.46 -12.95
CA PHE B 453 9.33 34.01 -14.33
C PHE B 453 10.66 33.31 -14.61
N ARG B 454 10.59 32.21 -15.35
CA ARG B 454 11.78 31.50 -15.78
C ARG B 454 11.46 30.69 -17.02
N LYS B 455 12.47 30.54 -17.89
CA LYS B 455 12.27 29.83 -19.14
C LYS B 455 12.11 28.32 -18.95
N SER B 456 12.43 27.79 -17.78
CA SER B 456 12.33 26.36 -17.53
C SER B 456 12.21 26.14 -16.03
N ASN B 457 12.37 24.89 -15.61
CA ASN B 457 12.30 24.53 -14.20
C ASN B 457 13.70 24.23 -13.67
N LEU B 458 13.96 24.70 -12.45
CA LEU B 458 15.27 24.49 -11.85
C LEU B 458 15.52 23.02 -11.54
N LYS B 459 16.74 22.56 -11.81
CA LYS B 459 17.14 21.24 -11.37
C LYS B 459 17.30 21.25 -9.86
N PRO B 460 17.26 20.07 -9.22
CA PRO B 460 17.39 20.02 -7.76
C PRO B 460 18.68 20.67 -7.30
N PHE B 461 18.57 21.46 -6.23
CA PHE B 461 19.73 22.13 -5.62
C PHE B 461 20.51 22.95 -6.66
N GLU B 462 19.79 23.70 -7.48
CA GLU B 462 20.38 24.64 -8.42
C GLU B 462 19.91 26.04 -8.10
N ARG B 463 20.81 27.02 -8.25
CA ARG B 463 20.54 28.41 -7.90
C ARG B 463 20.59 29.26 -9.16
N ASP B 464 19.60 30.14 -9.31
CA ASP B 464 19.54 31.09 -10.41
C ASP B 464 19.50 32.50 -9.82
N ILE B 465 20.51 33.31 -10.15
CA ILE B 465 20.61 34.67 -9.63
C ILE B 465 20.62 35.71 -10.73
N SER B 466 20.45 35.30 -12.00
CA SER B 466 20.46 36.26 -13.09
C SER B 466 19.27 37.20 -12.97
N THR B 467 19.49 38.47 -13.38
CA THR B 467 18.46 39.50 -13.36
C THR B 467 18.01 39.89 -14.76
N GLU B 468 18.26 39.04 -15.75
CA GLU B 468 17.88 39.35 -17.11
C GLU B 468 16.36 39.44 -17.24
N ILE B 469 15.90 40.33 -18.12
CA ILE B 469 14.47 40.50 -18.34
C ILE B 469 13.93 39.28 -19.07
N TYR B 470 12.83 38.72 -18.56
CA TYR B 470 12.26 37.52 -19.14
C TYR B 470 11.57 37.86 -20.46
N GLN B 471 12.05 37.24 -21.55
CA GLN B 471 11.50 37.48 -22.89
C GLN B 471 10.44 36.41 -23.15
N ALA B 472 9.18 36.74 -22.87
CA ALA B 472 8.09 35.80 -23.04
C ALA B 472 7.65 35.64 -24.48
N GLY B 473 7.99 36.57 -25.38
CA GLY B 473 7.60 36.51 -26.77
C GLY B 473 8.81 36.54 -27.68
N SER B 474 8.52 36.41 -28.98
CA SER B 474 9.58 36.42 -29.98
C SER B 474 10.23 37.79 -30.13
N THR B 475 9.62 38.84 -29.61
CA THR B 475 10.21 40.18 -29.68
C THR B 475 11.25 40.34 -28.58
N PRO B 476 12.51 40.63 -28.91
CA PRO B 476 13.51 40.79 -27.84
C PRO B 476 13.22 41.99 -26.97
N CYS B 477 13.60 41.87 -25.70
CA CYS B 477 13.39 42.95 -24.73
C CYS B 477 14.61 43.87 -24.61
N ASN B 478 15.80 43.36 -24.88
CA ASN B 478 17.03 44.15 -24.80
C ASN B 478 17.18 44.80 -23.43
N GLY B 479 16.81 44.06 -22.39
CA GLY B 479 17.01 44.52 -21.03
C GLY B 479 16.11 45.66 -20.60
N VAL B 480 15.02 45.92 -21.31
CA VAL B 480 14.10 47.01 -20.99
C VAL B 480 12.74 46.40 -20.69
N LYS B 481 12.18 46.76 -19.53
CA LYS B 481 10.86 46.29 -19.16
C LYS B 481 9.80 46.88 -20.09
N GLY B 482 8.72 46.12 -20.27
CA GLY B 482 7.64 46.59 -21.13
C GLY B 482 6.69 45.47 -21.50
N PHE B 483 6.07 45.61 -22.67
CA PHE B 483 5.13 44.60 -23.13
C PHE B 483 5.86 43.29 -23.39
N ASN B 484 5.33 42.20 -22.82
CA ASN B 484 5.97 40.89 -22.91
C ASN B 484 7.40 40.93 -22.42
N CYS B 485 7.66 41.78 -21.41
CA CYS B 485 8.99 41.92 -20.82
C CYS B 485 8.79 42.26 -19.35
N TYR B 486 8.91 41.26 -18.50
CA TYR B 486 8.69 41.40 -17.06
C TYR B 486 9.98 41.13 -16.30
N PHE B 487 10.21 41.88 -15.24
CA PHE B 487 11.37 41.66 -14.39
C PHE B 487 11.14 40.39 -13.57
N PRO B 488 12.02 39.38 -13.66
CA PRO B 488 11.71 38.10 -13.00
C PRO B 488 11.50 38.20 -11.50
N LEU B 489 12.22 39.07 -10.82
CA LEU B 489 12.15 39.14 -9.37
C LEU B 489 10.96 39.99 -8.93
N GLN B 490 10.23 39.50 -7.92
CA GLN B 490 9.10 40.20 -7.36
C GLN B 490 9.24 40.23 -5.85
N SER B 491 8.89 41.36 -5.25
CA SER B 491 9.06 41.57 -3.82
C SER B 491 7.85 41.07 -3.04
N TYR B 492 8.11 40.39 -1.92
CA TYR B 492 7.02 39.95 -1.05
C TYR B 492 6.28 41.14 -0.46
N GLY B 493 7.00 42.17 -0.03
CA GLY B 493 6.38 43.30 0.63
C GLY B 493 5.73 42.92 1.94
N PHE B 494 6.45 42.15 2.76
CA PHE B 494 5.89 41.71 4.04
C PHE B 494 5.51 42.91 4.90
N GLN B 495 4.35 42.82 5.54
CA GLN B 495 3.90 43.80 6.51
C GLN B 495 3.34 43.09 7.72
N PRO B 496 3.47 43.67 8.92
CA PRO B 496 2.95 43.00 10.12
C PRO B 496 1.45 42.83 10.11
N THR B 497 0.73 43.62 9.31
CA THR B 497 -0.73 43.53 9.25
C THR B 497 -1.22 42.44 8.31
N TYR B 498 -0.34 41.79 7.56
CA TYR B 498 -0.75 40.70 6.69
C TYR B 498 -1.25 39.52 7.50
N GLY B 499 -2.01 38.66 6.84
CA GLY B 499 -2.50 37.46 7.47
C GLY B 499 -1.41 36.43 7.68
N VAL B 500 -1.75 35.38 8.44
CA VAL B 500 -0.76 34.36 8.77
C VAL B 500 -0.25 33.69 7.51
N GLY B 501 -1.12 33.48 6.52
CA GLY B 501 -0.70 32.84 5.29
C GLY B 501 0.27 33.65 4.47
N TYR B 502 0.38 34.96 4.73
CA TYR B 502 1.31 35.82 4.03
C TYR B 502 2.45 36.33 4.89
N GLN B 503 2.43 36.06 6.19
CA GLN B 503 3.54 36.47 7.04
C GLN B 503 4.81 35.73 6.63
N PRO B 504 5.97 36.36 6.78
CA PRO B 504 7.22 35.72 6.36
C PRO B 504 7.53 34.49 7.19
N TYR B 505 8.16 33.51 6.53
CA TYR B 505 8.62 32.29 7.16
C TYR B 505 10.03 32.00 6.69
N ARG B 506 10.94 31.78 7.65
CA ARG B 506 12.31 31.42 7.35
C ARG B 506 12.41 29.91 7.23
N VAL B 507 13.09 29.45 6.20
CA VAL B 507 13.20 28.03 5.89
C VAL B 507 14.67 27.66 5.81
N VAL B 508 15.04 26.59 6.51
CA VAL B 508 16.38 26.01 6.45
C VAL B 508 16.22 24.54 6.06
N VAL B 509 16.95 24.14 5.02
CA VAL B 509 16.89 22.78 4.49
C VAL B 509 18.26 22.16 4.74
N LEU B 510 18.30 21.16 5.62
CA LEU B 510 19.54 20.45 5.93
C LEU B 510 19.59 19.18 5.09
N SER B 511 20.55 19.10 4.19
CA SER B 511 20.78 17.93 3.36
C SER B 511 21.96 17.17 3.94
N PHE B 512 21.72 15.92 4.34
CA PHE B 512 22.75 15.05 4.91
C PHE B 512 23.25 14.11 3.83
N GLU B 513 24.56 14.10 3.60
CA GLU B 513 25.17 13.19 2.65
C GLU B 513 25.67 11.96 3.39
N LEU B 514 24.92 10.88 3.33
CA LEU B 514 25.32 9.62 3.96
C LEU B 514 26.00 8.76 2.89
N LEU B 515 27.19 9.18 2.50
CA LEU B 515 27.97 8.50 1.49
C LEU B 515 28.93 7.52 2.17
N HIS B 516 29.75 6.86 1.35
CA HIS B 516 30.77 5.95 1.85
C HIS B 516 32.07 6.65 2.19
N ALA B 517 32.18 7.94 1.90
CA ALA B 517 33.38 8.69 2.24
C ALA B 517 33.49 8.85 3.75
N PRO B 518 34.68 9.16 4.25
CA PRO B 518 34.85 9.33 5.70
C PRO B 518 33.88 10.37 6.24
N ALA B 519 33.29 10.07 7.39
CA ALA B 519 32.36 10.99 8.02
C ALA B 519 33.09 12.22 8.54
N THR B 520 32.40 13.36 8.48
CA THR B 520 32.97 14.61 8.98
C THR B 520 31.96 15.34 9.87
N VAL B 521 30.68 15.03 9.72
CA VAL B 521 29.63 15.57 10.57
C VAL B 521 29.01 14.42 11.35
N CYS B 522 29.03 14.51 12.68
CA CYS B 522 28.54 13.45 13.55
C CYS B 522 27.69 14.04 14.65
N GLY B 523 26.97 13.16 15.33
CA GLY B 523 26.24 13.54 16.52
C GLY B 523 27.12 13.49 17.75
N PRO B 524 26.58 13.96 18.88
CA PRO B 524 27.34 14.04 20.13
C PRO B 524 27.36 12.72 20.90
N LYS B 525 27.63 11.63 20.20
CA LYS B 525 27.67 10.30 20.80
C LYS B 525 29.12 9.90 21.01
N LYS B 526 29.48 9.66 22.27
CA LYS B 526 30.86 9.32 22.59
C LYS B 526 31.19 7.92 22.09
N SER B 527 32.42 7.74 21.63
CA SER B 527 32.87 6.46 21.08
C SER B 527 33.49 5.63 22.19
N THR B 528 33.09 4.36 22.27
CA THR B 528 33.61 3.45 23.28
C THR B 528 34.91 2.82 22.76
N ASN B 529 35.42 1.83 23.49
CA ASN B 529 36.63 1.14 23.08
C ASN B 529 36.29 0.10 22.00
N LEU B 530 37.33 -0.38 21.34
CA LEU B 530 37.20 -1.36 20.26
C LEU B 530 37.40 -2.76 20.83
N VAL B 531 36.40 -3.62 20.69
CA VAL B 531 36.42 -4.98 21.21
C VAL B 531 36.47 -5.93 20.02
N LYS B 532 37.47 -6.80 20.00
CA LYS B 532 37.71 -7.72 18.89
C LYS B 532 37.55 -9.16 19.35
N ASN B 533 37.32 -10.04 18.37
CA ASN B 533 37.24 -11.48 18.60
C ASN B 533 36.09 -11.84 19.54
N LYS B 534 35.05 -11.01 19.57
CA LYS B 534 33.89 -11.30 20.40
C LYS B 534 32.65 -10.75 19.72
N CYS B 535 31.51 -11.37 20.00
CA CYS B 535 30.25 -10.96 19.40
C CYS B 535 29.80 -9.64 20.03
N VAL B 536 29.91 -8.55 19.29
CA VAL B 536 29.55 -7.23 19.78
C VAL B 536 28.48 -6.64 18.87
N ASN B 537 27.77 -5.66 19.42
CA ASN B 537 26.75 -4.91 18.68
C ASN B 537 27.39 -3.57 18.32
N PHE B 538 28.11 -3.57 17.20
CA PHE B 538 29.00 -2.47 16.86
C PHE B 538 28.25 -1.35 16.14
N ASN B 539 28.85 -0.17 16.17
CA ASN B 539 28.30 1.01 15.51
C ASN B 539 29.47 1.84 15.00
N PHE B 540 29.67 1.86 13.69
CA PHE B 540 30.77 2.58 13.05
C PHE B 540 30.18 3.70 12.21
N ASN B 541 30.41 4.95 12.62
CA ASN B 541 29.93 6.12 11.88
C ASN B 541 28.44 6.03 11.61
N GLY B 542 27.68 5.47 12.54
CA GLY B 542 26.27 5.25 12.36
C GLY B 542 25.90 3.96 11.66
N LEU B 543 26.89 3.19 11.20
CA LEU B 543 26.63 1.91 10.54
C LEU B 543 26.47 0.86 11.62
N THR B 544 25.24 0.67 12.08
CA THR B 544 24.97 -0.28 13.15
C THR B 544 25.02 -1.71 12.62
N GLY B 545 25.14 -2.65 13.54
CA GLY B 545 25.18 -4.05 13.18
C GLY B 545 25.57 -4.89 14.38
N THR B 546 25.67 -6.19 14.14
CA THR B 546 26.07 -7.15 15.16
C THR B 546 26.97 -8.19 14.52
N GLY B 547 28.13 -8.41 15.13
CA GLY B 547 29.05 -9.40 14.59
C GLY B 547 30.32 -9.44 15.40
N VAL B 548 31.25 -10.25 14.92
CA VAL B 548 32.58 -10.38 15.48
C VAL B 548 33.53 -9.54 14.65
N LEU B 549 34.26 -8.65 15.31
CA LEU B 549 35.23 -7.77 14.66
C LEU B 549 36.62 -8.35 14.86
N THR B 550 37.31 -8.61 13.75
CA THR B 550 38.67 -9.15 13.81
C THR B 550 39.59 -8.31 12.95
N GLU B 551 40.88 -8.34 13.27
CA GLU B 551 41.85 -7.65 12.44
C GLU B 551 41.95 -8.34 11.08
N SER B 552 41.91 -7.54 10.02
CA SER B 552 41.83 -8.05 8.65
C SER B 552 43.12 -7.72 7.90
N ASN B 553 43.40 -8.56 6.90
CA ASN B 553 44.50 -8.34 5.96
C ASN B 553 44.04 -7.76 4.65
N LYS B 554 42.77 -7.36 4.55
CA LYS B 554 42.27 -6.75 3.32
C LYS B 554 43.06 -5.49 3.02
N LYS B 555 43.76 -5.48 1.88
CA LYS B 555 44.63 -4.37 1.51
C LYS B 555 43.76 -3.21 1.04
N PHE B 556 43.10 -2.58 2.01
CA PHE B 556 42.27 -1.41 1.70
C PHE B 556 43.11 -0.31 1.08
N LEU B 557 42.58 0.31 0.04
CA LEU B 557 43.21 1.51 -0.49
C LEU B 557 42.91 2.69 0.43
N PRO B 558 43.78 3.70 0.45
CA PRO B 558 43.60 4.78 1.45
C PRO B 558 42.27 5.50 1.35
N PHE B 559 41.63 5.51 0.17
CA PHE B 559 40.38 6.24 -0.01
C PHE B 559 39.15 5.38 0.26
N GLN B 560 39.32 4.09 0.53
CA GLN B 560 38.21 3.17 0.75
C GLN B 560 37.96 3.01 2.25
N GLN B 561 36.71 3.13 2.67
CA GLN B 561 36.33 3.03 4.07
C GLN B 561 35.51 1.80 4.40
N PHE B 562 34.77 1.25 3.44
CA PHE B 562 33.93 0.09 3.67
C PHE B 562 34.23 -0.99 2.63
N GLY B 563 33.96 -2.23 3.01
CA GLY B 563 34.03 -3.34 2.09
C GLY B 563 32.74 -4.15 2.09
N ARG B 564 32.00 -4.13 0.99
CA ARG B 564 30.73 -4.83 0.89
C ARG B 564 30.93 -6.18 0.21
N ASP B 565 29.84 -6.94 0.12
CA ASP B 565 29.89 -8.29 -0.41
C ASP B 565 28.65 -8.51 -1.27
N ILE B 566 28.35 -9.78 -1.56
CA ILE B 566 27.31 -10.09 -2.54
C ILE B 566 25.96 -9.55 -2.10
N ALA B 567 25.61 -9.75 -0.82
CA ALA B 567 24.35 -9.29 -0.28
C ALA B 567 24.39 -7.83 0.17
N ASP B 568 25.36 -7.05 -0.30
CA ASP B 568 25.51 -5.65 0.07
C ASP B 568 25.65 -5.49 1.59
N THR B 569 26.17 -6.51 2.27
CA THR B 569 26.49 -6.41 3.68
C THR B 569 27.93 -5.96 3.84
N THR B 570 28.15 -5.00 4.73
CA THR B 570 29.48 -4.48 4.99
C THR B 570 30.32 -5.59 5.61
N ASP B 571 31.25 -6.13 4.82
CA ASP B 571 32.12 -7.20 5.30
C ASP B 571 33.34 -6.69 6.03
N ALA B 572 33.80 -5.48 5.68
CA ALA B 572 34.95 -4.88 6.34
C ALA B 572 34.67 -3.41 6.60
N VAL B 573 35.30 -2.88 7.64
CA VAL B 573 35.16 -1.48 8.02
C VAL B 573 36.54 -0.92 8.34
N ARG B 574 36.64 0.41 8.27
CA ARG B 574 37.84 1.13 8.68
C ARG B 574 37.52 1.86 9.98
N ASP B 575 38.26 1.57 11.03
CA ASP B 575 38.00 2.18 12.32
C ASP B 575 38.27 3.68 12.23
N PRO B 576 37.28 4.54 12.46
CA PRO B 576 37.46 5.96 12.16
C PRO B 576 38.56 6.64 12.96
N GLN B 577 38.95 6.10 14.12
CA GLN B 577 39.92 6.78 14.98
C GLN B 577 41.33 6.27 14.73
N THR B 578 41.55 4.97 14.90
CA THR B 578 42.78 4.31 14.49
C THR B 578 42.49 3.60 13.18
N LEU B 579 43.00 4.15 12.08
CA LEU B 579 42.53 3.72 10.76
C LEU B 579 43.03 2.33 10.43
N GLU B 580 42.55 1.34 11.17
CA GLU B 580 42.82 -0.07 10.91
C GLU B 580 41.58 -0.72 10.32
N ILE B 581 41.81 -1.72 9.48
CA ILE B 581 40.71 -2.44 8.84
C ILE B 581 40.28 -3.59 9.72
N LEU B 582 38.97 -3.78 9.83
CA LEU B 582 38.37 -4.85 10.61
C LEU B 582 37.44 -5.66 9.73
N ASP B 583 37.53 -6.98 9.83
CA ASP B 583 36.56 -7.88 9.22
C ASP B 583 35.40 -8.09 10.16
N ILE B 584 34.19 -8.06 9.59
CA ILE B 584 32.95 -8.28 10.32
C ILE B 584 32.44 -9.66 9.92
N THR B 585 32.29 -10.54 10.92
CA THR B 585 31.80 -11.89 10.67
C THR B 585 30.51 -12.11 11.45
N PRO B 586 29.52 -12.81 10.89
CA PRO B 586 28.35 -13.16 11.69
C PRO B 586 28.78 -13.94 12.93
N CYS B 587 28.17 -13.62 14.06
CA CYS B 587 28.66 -14.13 15.33
C CYS B 587 28.65 -15.65 15.32
N SER B 588 27.47 -16.25 15.31
CA SER B 588 27.31 -17.69 15.12
C SER B 588 25.83 -18.02 15.05
N PHE B 589 25.46 -19.02 14.27
CA PHE B 589 24.08 -19.47 14.22
C PHE B 589 24.04 -20.88 13.66
N GLY B 590 22.93 -21.54 13.90
CA GLY B 590 22.72 -22.85 13.31
C GLY B 590 21.49 -23.56 13.85
N GLY B 591 21.01 -24.55 13.12
CA GLY B 591 19.84 -25.29 13.59
C GLY B 591 20.14 -26.08 14.85
N VAL B 592 19.10 -26.30 15.64
CA VAL B 592 19.19 -27.11 16.85
C VAL B 592 18.27 -28.30 16.65
N SER B 593 18.84 -29.50 16.64
CA SER B 593 18.11 -30.73 16.41
C SER B 593 18.09 -31.55 17.69
N VAL B 594 16.95 -32.18 17.97
CA VAL B 594 16.80 -33.02 19.15
C VAL B 594 16.80 -34.48 18.71
N ILE B 595 17.81 -35.22 19.13
CA ILE B 595 17.93 -36.65 18.88
C ILE B 595 17.27 -37.38 20.03
N THR B 596 16.22 -38.14 19.73
CA THR B 596 15.46 -38.81 20.77
C THR B 596 15.15 -40.23 20.33
N PRO B 597 15.18 -41.20 21.25
CA PRO B 597 14.37 -42.40 21.08
C PRO B 597 12.91 -42.05 21.37
N GLY B 598 12.01 -42.84 20.81
CA GLY B 598 10.60 -42.53 20.98
C GLY B 598 10.26 -42.25 22.43
N THR B 599 9.30 -41.35 22.68
CA THR B 599 8.94 -41.06 24.05
C THR B 599 8.35 -42.28 24.75
N ASN B 600 7.94 -43.30 23.99
CA ASN B 600 7.56 -44.56 24.59
C ASN B 600 8.77 -45.34 25.10
N THR B 601 9.95 -45.07 24.55
CA THR B 601 11.17 -45.72 25.00
C THR B 601 11.84 -44.97 26.14
N SER B 602 11.98 -43.66 26.01
CA SER B 602 12.59 -42.85 27.05
C SER B 602 12.23 -41.39 26.82
N ASN B 603 12.40 -40.59 27.87
CA ASN B 603 12.30 -39.14 27.78
C ASN B 603 13.66 -38.48 27.71
N GLN B 604 14.73 -39.26 27.55
CA GLN B 604 16.08 -38.74 27.44
C GLN B 604 16.38 -38.36 26.00
N VAL B 605 17.05 -37.22 25.81
CA VAL B 605 17.34 -36.71 24.48
C VAL B 605 18.75 -36.13 24.47
N ALA B 606 19.34 -36.13 23.27
CA ALA B 606 20.56 -35.40 22.98
C ALA B 606 20.23 -34.25 22.03
N VAL B 607 21.14 -33.28 21.94
CA VAL B 607 20.92 -32.09 21.15
C VAL B 607 22.13 -31.86 20.25
N LEU B 608 21.87 -31.61 18.96
CA LEU B 608 22.89 -31.26 18.00
C LEU B 608 22.75 -29.79 17.64
N TYR B 609 23.81 -29.03 17.85
CA TYR B 609 23.91 -27.66 17.37
C TYR B 609 24.63 -27.72 16.04
N GLN B 610 23.89 -27.51 14.96
CA GLN B 610 24.38 -27.83 13.62
C GLN B 610 25.39 -26.78 13.15
N GLY B 611 26.57 -27.24 12.76
CA GLY B 611 27.55 -26.36 12.16
C GLY B 611 28.20 -25.39 13.11
N VAL B 612 28.08 -25.61 14.42
CA VAL B 612 28.69 -24.75 15.42
C VAL B 612 29.75 -25.53 16.17
N ASN B 613 30.82 -24.85 16.53
CA ASN B 613 31.88 -25.44 17.33
C ASN B 613 31.40 -25.64 18.76
N CYS B 614 32.05 -26.57 19.46
CA CYS B 614 31.67 -26.83 20.85
C CYS B 614 32.34 -25.82 21.78
N THR B 615 32.25 -24.53 21.45
CA THR B 615 32.73 -23.48 22.33
C THR B 615 31.73 -22.32 22.39
N GLU B 616 30.90 -22.19 21.35
CA GLU B 616 29.88 -21.15 21.32
C GLU B 616 28.61 -21.55 22.07
N VAL B 617 28.50 -22.80 22.51
CA VAL B 617 27.30 -23.25 23.19
C VAL B 617 27.43 -23.01 24.68
N ASN B 638 30.00 -35.19 28.17
CA ASN B 638 29.08 -35.53 27.10
C ASN B 638 28.96 -34.39 26.09
N VAL B 639 30.11 -33.96 25.58
CA VAL B 639 30.17 -32.97 24.51
C VAL B 639 31.09 -33.51 23.42
N PHE B 640 30.54 -33.73 22.23
CA PHE B 640 31.23 -34.40 21.14
C PHE B 640 31.19 -33.50 19.92
N GLN B 641 32.36 -33.17 19.38
CA GLN B 641 32.46 -32.30 18.21
C GLN B 641 32.46 -33.16 16.96
N THR B 642 31.31 -33.28 16.30
CA THR B 642 31.20 -33.96 15.03
C THR B 642 31.19 -32.93 13.91
N ARG B 643 31.50 -33.39 12.69
CA ARG B 643 31.49 -32.48 11.56
C ARG B 643 30.10 -31.97 11.22
N ALA B 644 29.06 -32.56 11.79
CA ALA B 644 27.70 -32.05 11.66
C ALA B 644 27.35 -31.03 12.71
N GLY B 645 28.23 -30.77 13.67
CA GLY B 645 28.02 -29.79 14.70
C GLY B 645 28.45 -30.32 16.05
N CYS B 646 27.93 -29.70 17.10
CA CYS B 646 28.24 -30.07 18.48
C CYS B 646 27.09 -30.92 19.04
N LEU B 647 27.42 -32.14 19.46
CA LEU B 647 26.44 -33.07 20.02
C LEU B 647 26.60 -33.06 21.54
N ILE B 648 25.51 -32.79 22.25
CA ILE B 648 25.52 -32.67 23.70
C ILE B 648 24.48 -33.62 24.26
N GLY B 649 24.87 -34.42 25.24
CA GLY B 649 24.01 -35.41 25.83
C GLY B 649 24.12 -36.80 25.23
N ALA B 650 25.12 -37.03 24.38
CA ALA B 650 25.33 -38.34 23.76
C ALA B 650 26.77 -38.79 24.03
N GLU B 651 26.91 -40.07 24.34
CA GLU B 651 28.21 -40.65 24.67
C GLU B 651 28.87 -41.18 23.40
N HIS B 652 30.05 -40.64 23.07
CA HIS B 652 30.80 -41.16 21.94
C HIS B 652 31.33 -42.55 22.27
N VAL B 653 31.17 -43.48 21.32
CA VAL B 653 31.52 -44.88 21.52
C VAL B 653 32.37 -45.32 20.34
N ASN B 654 33.48 -46.00 20.63
CA ASN B 654 34.38 -46.47 19.57
C ASN B 654 33.83 -47.67 18.81
N ASN B 655 32.83 -48.35 19.35
CA ASN B 655 32.17 -49.41 18.60
C ASN B 655 31.29 -48.82 17.52
N SER B 656 31.25 -49.49 16.37
CA SER B 656 30.46 -49.08 15.23
C SER B 656 29.29 -50.04 15.05
N TYR B 657 28.08 -49.49 14.99
CA TYR B 657 26.86 -50.26 14.79
C TYR B 657 26.18 -49.78 13.52
N GLU B 658 25.07 -50.42 13.18
CA GLU B 658 24.24 -49.92 12.09
C GLU B 658 23.65 -48.58 12.48
N CYS B 659 23.49 -47.70 11.49
CA CYS B 659 22.92 -46.40 11.76
C CYS B 659 21.49 -46.56 12.25
N ASP B 660 21.16 -45.87 13.34
CA ASP B 660 19.81 -45.85 13.89
C ASP B 660 19.17 -44.47 13.72
N ILE B 661 19.82 -43.42 14.23
CA ILE B 661 19.38 -42.06 13.99
C ILE B 661 20.50 -41.34 13.26
N PRO B 662 20.32 -40.95 11.99
CA PRO B 662 21.41 -40.32 11.24
C PRO B 662 21.71 -38.92 11.78
N ILE B 663 22.93 -38.74 12.28
CA ILE B 663 23.39 -37.42 12.68
C ILE B 663 24.08 -36.70 11.52
N GLY B 664 24.93 -37.43 10.78
CA GLY B 664 25.59 -36.85 9.63
C GLY B 664 27.08 -37.07 9.63
N ALA B 665 27.71 -36.93 8.46
CA ALA B 665 29.15 -37.08 8.33
C ALA B 665 29.61 -38.46 8.79
N GLY B 666 28.77 -39.48 8.62
CA GLY B 666 29.09 -40.82 9.06
C GLY B 666 28.80 -41.11 10.51
N ILE B 667 28.22 -40.15 11.24
CA ILE B 667 27.94 -40.29 12.66
C ILE B 667 26.45 -40.55 12.85
N CYS B 668 26.13 -41.53 13.69
CA CYS B 668 24.76 -41.90 13.99
C CYS B 668 24.61 -42.05 15.51
N ALA B 669 23.36 -42.00 15.98
CA ALA B 669 23.09 -42.08 17.40
C ALA B 669 21.99 -43.11 17.67
N SER B 670 22.16 -43.89 18.73
CA SER B 670 21.15 -44.86 19.14
C SER B 670 21.05 -44.90 20.65
N TYR B 671 19.86 -45.27 21.14
CA TYR B 671 19.62 -45.44 22.56
C TYR B 671 19.89 -46.91 22.91
N GLN B 672 20.95 -47.15 23.68
CA GLN B 672 21.38 -48.51 23.98
C GLN B 672 22.03 -48.56 25.35
N THR B 673 22.18 -49.78 25.86
CA THR B 673 22.81 -50.00 27.16
C THR B 673 24.25 -49.48 27.17
N SER B 686 20.00 -48.06 32.97
CA SER B 686 21.41 -47.81 32.69
C SER B 686 21.62 -47.44 31.22
N GLN B 687 20.57 -47.56 30.42
CA GLN B 687 20.68 -47.22 29.00
C GLN B 687 20.87 -45.73 28.81
N SER B 688 21.55 -45.39 27.71
CA SER B 688 21.84 -44.00 27.39
C SER B 688 21.92 -43.85 25.87
N ILE B 689 21.98 -42.60 25.43
CA ILE B 689 22.11 -42.29 24.01
C ILE B 689 23.60 -42.24 23.67
N ILE B 690 24.01 -43.08 22.74
CA ILE B 690 25.40 -43.14 22.28
C ILE B 690 25.47 -42.62 20.86
N ALA B 691 26.63 -42.06 20.53
CA ALA B 691 26.95 -41.58 19.19
C ALA B 691 28.19 -42.32 18.71
N TYR B 692 28.16 -42.75 17.45
CA TYR B 692 29.20 -43.62 16.92
C TYR B 692 29.35 -43.38 15.43
N THR B 693 30.45 -43.90 14.88
CA THR B 693 30.62 -43.94 13.43
C THR B 693 29.94 -45.19 12.90
N MET B 694 28.95 -45.01 12.04
CA MET B 694 28.14 -46.13 11.60
C MET B 694 28.97 -47.11 10.79
N SER B 695 28.54 -48.37 10.81
CA SER B 695 29.20 -49.44 10.10
C SER B 695 28.47 -49.70 8.78
N LEU B 696 29.23 -50.00 7.74
CA LEU B 696 28.68 -50.27 6.42
C LEU B 696 28.39 -51.75 6.20
N GLY B 697 28.61 -52.59 7.21
CA GLY B 697 28.41 -54.01 7.12
C GLY B 697 29.58 -54.78 7.70
N VAL B 698 29.48 -56.10 7.61
CA VAL B 698 30.50 -56.99 8.13
C VAL B 698 31.53 -57.26 7.03
N GLU B 699 32.81 -57.07 7.36
CA GLU B 699 33.87 -57.36 6.41
C GLU B 699 33.87 -58.86 6.09
N ASN B 700 34.26 -59.17 4.86
CA ASN B 700 34.22 -60.56 4.39
C ASN B 700 35.19 -60.72 3.23
N SER B 701 36.26 -61.46 3.45
CA SER B 701 37.23 -61.77 2.41
C SER B 701 36.80 -63.06 1.72
N VAL B 702 36.34 -62.96 0.49
CA VAL B 702 35.92 -64.15 -0.25
C VAL B 702 37.13 -65.03 -0.51
N ALA B 703 36.96 -66.34 -0.30
CA ALA B 703 38.06 -67.28 -0.45
C ALA B 703 38.39 -67.48 -1.91
N TYR B 704 38.91 -66.45 -2.56
CA TYR B 704 39.16 -66.49 -3.99
C TYR B 704 40.49 -67.14 -4.31
N SER B 705 40.50 -67.98 -5.34
CA SER B 705 41.71 -68.49 -5.95
C SER B 705 41.40 -68.77 -7.41
N ASN B 706 42.42 -69.20 -8.15
CA ASN B 706 42.26 -69.43 -9.58
C ASN B 706 41.77 -70.83 -9.93
N ASN B 707 41.54 -71.68 -8.92
CA ASN B 707 40.97 -73.00 -9.19
C ASN B 707 39.97 -73.43 -8.13
N SER B 708 39.36 -72.49 -7.41
CA SER B 708 38.40 -72.80 -6.36
C SER B 708 37.05 -72.22 -6.73
N ILE B 709 36.00 -73.02 -6.60
CA ILE B 709 34.64 -72.60 -6.89
C ILE B 709 33.75 -73.02 -5.74
N ALA B 710 32.87 -72.11 -5.31
CA ALA B 710 31.86 -72.40 -4.31
C ALA B 710 30.56 -72.68 -5.03
N ILE B 711 29.95 -73.82 -4.74
CA ILE B 711 28.70 -74.21 -5.41
C ILE B 711 27.66 -74.54 -4.35
N PRO B 712 26.44 -74.03 -4.46
CA PRO B 712 25.43 -74.30 -3.43
C PRO B 712 24.91 -75.72 -3.51
N THR B 713 24.80 -76.36 -2.35
CA THR B 713 24.28 -77.70 -2.24
C THR B 713 22.81 -77.74 -1.83
N ASN B 714 22.23 -76.58 -1.51
CA ASN B 714 20.85 -76.50 -1.05
C ASN B 714 20.28 -75.16 -1.54
N PHE B 715 19.14 -74.77 -0.98
CA PHE B 715 18.52 -73.52 -1.35
C PHE B 715 17.41 -73.20 -0.36
N THR B 716 16.92 -71.97 -0.42
CA THR B 716 15.74 -71.54 0.31
C THR B 716 14.86 -70.74 -0.61
N ILE B 717 13.56 -70.75 -0.31
CA ILE B 717 12.56 -69.98 -1.03
C ILE B 717 12.20 -68.81 -0.15
N SER B 718 12.57 -67.60 -0.59
CA SER B 718 12.29 -66.40 0.17
C SER B 718 11.08 -65.69 -0.42
N VAL B 719 10.21 -65.19 0.45
CA VAL B 719 9.07 -64.37 0.04
C VAL B 719 9.25 -63.02 0.72
N THR B 720 9.55 -62.01 -0.07
CA THR B 720 9.81 -60.67 0.45
C THR B 720 8.74 -59.71 -0.05
N THR B 721 8.51 -58.66 0.72
CA THR B 721 7.44 -57.70 0.43
C THR B 721 8.03 -56.42 -0.12
N GLU B 722 7.42 -55.89 -1.16
CA GLU B 722 7.71 -54.54 -1.65
C GLU B 722 6.41 -53.76 -1.70
N ILE B 723 6.46 -52.50 -1.26
CA ILE B 723 5.27 -51.67 -1.10
C ILE B 723 5.48 -50.42 -1.94
N LEU B 724 4.54 -50.15 -2.85
CA LEU B 724 4.64 -49.01 -3.74
C LEU B 724 3.38 -48.15 -3.65
N PRO B 725 3.50 -46.85 -3.40
CA PRO B 725 2.33 -45.98 -3.54
C PRO B 725 1.85 -45.95 -4.99
N VAL B 726 0.52 -45.95 -5.15
CA VAL B 726 -0.09 -45.94 -6.47
C VAL B 726 -0.88 -44.65 -6.71
N SER B 727 -1.53 -44.12 -5.67
CA SER B 727 -2.36 -42.95 -5.82
C SER B 727 -2.34 -42.16 -4.52
N MET B 728 -2.78 -40.91 -4.62
CA MET B 728 -3.02 -40.05 -3.47
C MET B 728 -4.47 -39.60 -3.49
N THR B 729 -4.91 -39.00 -2.39
CA THR B 729 -6.30 -38.60 -2.28
C THR B 729 -6.61 -37.52 -3.31
N LYS B 730 -7.77 -37.66 -3.94
CA LYS B 730 -8.24 -36.69 -4.93
C LYS B 730 -8.91 -35.55 -4.17
N THR B 731 -8.22 -34.41 -4.08
CA THR B 731 -8.73 -33.26 -3.37
C THR B 731 -9.03 -32.14 -4.36
N SER B 732 -10.20 -31.53 -4.20
CA SER B 732 -10.59 -30.34 -4.93
C SER B 732 -10.76 -29.20 -3.94
N VAL B 733 -10.45 -27.99 -4.39
CA VAL B 733 -10.57 -26.80 -3.56
C VAL B 733 -11.37 -25.76 -4.33
N ASP B 734 -12.49 -25.33 -3.77
CA ASP B 734 -13.25 -24.22 -4.32
C ASP B 734 -12.49 -22.94 -4.01
N CYS B 735 -11.77 -22.43 -5.01
CA CYS B 735 -10.89 -21.29 -4.78
C CYS B 735 -11.65 -20.09 -4.26
N THR B 736 -12.81 -19.81 -4.86
CA THR B 736 -13.60 -18.66 -4.44
C THR B 736 -14.14 -18.84 -3.03
N MET B 737 -14.53 -20.06 -2.67
CA MET B 737 -15.03 -20.27 -1.31
C MET B 737 -13.90 -20.26 -0.30
N TYR B 738 -12.75 -20.84 -0.65
CA TYR B 738 -11.62 -20.83 0.28
C TYR B 738 -11.16 -19.41 0.57
N ILE B 739 -11.07 -18.57 -0.47
CA ILE B 739 -10.58 -17.21 -0.25
C ILE B 739 -11.69 -16.32 0.31
N CYS B 740 -12.87 -16.39 -0.27
CA CYS B 740 -13.95 -15.46 0.01
C CYS B 740 -15.23 -16.16 0.41
N GLY B 741 -15.16 -17.08 1.38
CA GLY B 741 -16.30 -17.93 1.67
C GLY B 741 -17.58 -17.17 1.92
N ASP B 742 -18.52 -17.26 0.97
CA ASP B 742 -19.87 -16.70 1.10
C ASP B 742 -19.90 -15.18 1.04
N SER B 743 -18.77 -14.54 0.71
CA SER B 743 -18.67 -13.08 0.70
C SER B 743 -18.70 -12.58 -0.73
N THR B 744 -19.70 -11.75 -1.05
CA THR B 744 -19.83 -11.21 -2.40
C THR B 744 -18.82 -10.09 -2.66
N GLU B 745 -18.59 -9.22 -1.68
CA GLU B 745 -17.63 -8.14 -1.87
C GLU B 745 -16.23 -8.69 -2.09
N CYS B 746 -15.85 -9.69 -1.29
CA CYS B 746 -14.56 -10.33 -1.46
C CYS B 746 -14.46 -11.00 -2.83
N SER B 747 -15.55 -11.62 -3.29
CA SER B 747 -15.53 -12.24 -4.61
C SER B 747 -15.33 -11.21 -5.71
N ASN B 748 -16.02 -10.07 -5.61
CA ASN B 748 -15.84 -9.03 -6.61
C ASN B 748 -14.41 -8.49 -6.59
N LEU B 749 -13.83 -8.36 -5.40
CA LEU B 749 -12.42 -7.97 -5.32
C LEU B 749 -11.52 -9.02 -5.96
N LEU B 750 -11.82 -10.30 -5.72
CA LEU B 750 -11.03 -11.38 -6.28
C LEU B 750 -11.13 -11.46 -7.79
N LEU B 751 -12.19 -10.90 -8.37
CA LEU B 751 -12.30 -10.85 -9.82
C LEU B 751 -11.16 -10.06 -10.45
N GLN B 752 -10.48 -9.21 -9.68
CA GLN B 752 -9.39 -8.41 -10.22
C GLN B 752 -8.20 -9.26 -10.66
N TYR B 753 -8.09 -10.49 -10.18
CA TYR B 753 -6.96 -11.35 -10.50
C TYR B 753 -7.17 -12.20 -11.75
N GLY B 754 -8.28 -12.01 -12.45
CA GLY B 754 -8.52 -12.73 -13.68
C GLY B 754 -8.84 -14.19 -13.48
N SER B 755 -8.02 -15.07 -14.04
CA SER B 755 -8.28 -16.50 -14.09
C SER B 755 -7.32 -17.29 -13.20
N PHE B 756 -6.99 -16.74 -12.03
CA PHE B 756 -6.12 -17.47 -11.11
C PHE B 756 -6.82 -18.66 -10.47
N CYS B 757 -8.12 -18.52 -10.17
CA CYS B 757 -8.84 -19.61 -9.51
C CYS B 757 -9.13 -20.77 -10.47
N THR B 758 -9.50 -20.46 -11.71
CA THR B 758 -9.87 -21.51 -12.65
C THR B 758 -8.70 -22.40 -13.03
N GLN B 759 -7.47 -21.85 -13.10
CA GLN B 759 -6.33 -22.69 -13.44
C GLN B 759 -5.81 -23.49 -12.25
N LEU B 760 -5.98 -22.98 -11.03
CA LEU B 760 -5.76 -23.83 -9.86
C LEU B 760 -6.73 -25.01 -9.85
N ASN B 761 -8.01 -24.74 -10.14
CA ASN B 761 -8.98 -25.83 -10.22
C ASN B 761 -8.61 -26.79 -11.35
N ARG B 762 -8.14 -26.27 -12.48
CA ARG B 762 -7.71 -27.13 -13.58
C ARG B 762 -6.56 -28.02 -13.16
N ALA B 763 -5.59 -27.47 -12.44
CA ALA B 763 -4.45 -28.26 -11.98
C ALA B 763 -4.91 -29.37 -11.04
N LEU B 764 -5.80 -29.06 -10.10
CA LEU B 764 -6.26 -30.08 -9.16
C LEU B 764 -7.09 -31.16 -9.87
N THR B 765 -7.89 -30.75 -10.85
CA THR B 765 -8.66 -31.73 -11.62
C THR B 765 -7.74 -32.65 -12.40
N GLY B 766 -6.69 -32.09 -13.00
CA GLY B 766 -5.69 -32.93 -13.65
C GLY B 766 -5.05 -33.91 -12.69
N ILE B 767 -4.73 -33.45 -11.49
CA ILE B 767 -4.13 -34.34 -10.49
C ILE B 767 -5.07 -35.49 -10.18
N ALA B 768 -6.36 -35.21 -9.99
CA ALA B 768 -7.31 -36.25 -9.61
C ALA B 768 -7.50 -37.26 -10.74
N VAL B 769 -7.67 -36.77 -11.97
CA VAL B 769 -7.80 -37.69 -13.11
C VAL B 769 -6.54 -38.54 -13.24
N GLU B 770 -5.38 -37.94 -12.96
CA GLU B 770 -4.13 -38.69 -13.02
C GLU B 770 -4.06 -39.76 -11.95
N GLN B 771 -4.63 -39.50 -10.76
CA GLN B 771 -4.66 -40.53 -9.73
C GLN B 771 -5.51 -41.72 -10.19
N ASP B 772 -6.67 -41.44 -10.77
CA ASP B 772 -7.47 -42.54 -11.31
C ASP B 772 -6.72 -43.29 -12.39
N LYS B 773 -6.00 -42.57 -13.25
CA LYS B 773 -5.21 -43.21 -14.30
C LYS B 773 -4.09 -44.08 -13.71
N ASN B 774 -3.45 -43.60 -12.64
CA ASN B 774 -2.42 -44.38 -11.97
C ASN B 774 -2.99 -45.71 -11.51
N THR B 775 -4.13 -45.68 -10.82
CA THR B 775 -4.73 -46.92 -10.34
C THR B 775 -5.09 -47.82 -11.50
N GLN B 776 -5.68 -47.26 -12.55
CA GLN B 776 -6.07 -48.07 -13.71
C GLN B 776 -4.85 -48.74 -14.33
N GLU B 777 -3.75 -48.00 -14.48
CA GLU B 777 -2.56 -48.56 -15.12
C GLU B 777 -1.89 -49.61 -14.24
N VAL B 778 -1.96 -49.47 -12.91
CA VAL B 778 -1.35 -50.47 -12.04
C VAL B 778 -2.17 -51.75 -12.02
N PHE B 779 -3.50 -51.64 -11.86
CA PHE B 779 -4.30 -52.80 -11.51
C PHE B 779 -5.11 -53.40 -12.65
N ALA B 780 -5.46 -52.62 -13.67
CA ALA B 780 -6.24 -53.15 -14.79
C ALA B 780 -5.34 -53.77 -15.86
N GLN B 781 -4.46 -54.67 -15.43
CA GLN B 781 -3.49 -55.31 -16.33
C GLN B 781 -3.94 -56.68 -16.81
N VAL B 782 -5.14 -57.11 -16.45
CA VAL B 782 -5.66 -58.42 -16.84
C VAL B 782 -6.92 -58.18 -17.66
N LYS B 783 -6.98 -58.79 -18.84
CA LYS B 783 -8.11 -58.56 -19.74
C LYS B 783 -9.39 -59.19 -19.19
N GLN B 784 -9.29 -60.41 -18.67
CA GLN B 784 -10.43 -61.11 -18.09
C GLN B 784 -10.30 -61.15 -16.58
N ILE B 785 -11.40 -61.52 -15.93
CA ILE B 785 -11.43 -61.70 -14.49
C ILE B 785 -11.32 -63.20 -14.23
N TYR B 786 -10.12 -63.65 -13.88
CA TYR B 786 -9.90 -65.06 -13.62
C TYR B 786 -10.25 -65.40 -12.18
N LYS B 787 -10.94 -66.52 -12.00
CA LYS B 787 -11.26 -67.06 -10.69
C LYS B 787 -10.67 -68.44 -10.56
N THR B 788 -10.10 -68.74 -9.40
CA THR B 788 -9.37 -69.97 -9.21
C THR B 788 -10.34 -71.11 -8.90
N PRO B 789 -9.96 -72.36 -9.23
CA PRO B 789 -10.91 -73.46 -9.07
C PRO B 789 -11.19 -73.75 -7.61
N PRO B 790 -12.35 -74.34 -7.30
CA PRO B 790 -12.63 -74.68 -5.89
C PRO B 790 -11.64 -75.65 -5.29
N ILE B 791 -11.09 -76.56 -6.08
CA ILE B 791 -10.13 -77.55 -5.60
C ILE B 791 -8.73 -76.94 -5.69
N LYS B 792 -8.07 -76.81 -4.55
CA LYS B 792 -6.76 -76.16 -4.48
C LYS B 792 -5.63 -77.19 -4.52
N ASP B 793 -5.54 -77.89 -5.66
CA ASP B 793 -4.50 -78.90 -5.86
C ASP B 793 -3.34 -78.24 -6.60
N PHE B 794 -2.50 -77.53 -5.83
CA PHE B 794 -1.39 -76.76 -6.38
C PHE B 794 -0.04 -77.38 -6.06
N GLY B 795 0.00 -78.67 -5.74
CA GLY B 795 1.26 -79.34 -5.49
C GLY B 795 1.83 -79.12 -4.12
N GLY B 796 1.01 -78.76 -3.14
CA GLY B 796 1.45 -78.48 -1.80
C GLY B 796 1.62 -77.01 -1.50
N PHE B 797 1.71 -76.17 -2.53
CA PHE B 797 1.76 -74.73 -2.32
C PHE B 797 0.40 -74.22 -1.85
N ASN B 798 0.40 -73.25 -0.95
CA ASN B 798 -0.79 -72.83 -0.25
C ASN B 798 -0.96 -71.32 -0.41
N PHE B 799 -2.03 -70.92 -1.09
CA PHE B 799 -2.32 -69.51 -1.33
C PHE B 799 -3.57 -69.05 -0.57
N SER B 800 -3.94 -69.76 0.49
CA SER B 800 -5.19 -69.46 1.18
C SER B 800 -5.18 -68.06 1.78
N GLN B 801 -4.02 -67.57 2.19
CA GLN B 801 -3.93 -66.29 2.86
C GLN B 801 -3.68 -65.12 1.91
N ILE B 802 -3.44 -65.40 0.63
CA ILE B 802 -3.37 -64.35 -0.39
C ILE B 802 -4.50 -64.42 -1.39
N LEU B 803 -5.29 -65.48 -1.37
CA LEU B 803 -6.48 -65.58 -2.21
C LEU B 803 -7.67 -64.94 -1.51
N PRO B 804 -8.68 -64.50 -2.27
CA PRO B 804 -9.82 -63.82 -1.65
C PRO B 804 -10.54 -64.72 -0.66
N ASP B 805 -11.01 -64.10 0.43
CA ASP B 805 -11.72 -64.82 1.47
C ASP B 805 -13.22 -64.68 1.22
N PRO B 806 -13.93 -65.75 0.85
CA PRO B 806 -15.38 -65.60 0.57
C PRO B 806 -16.17 -65.10 1.76
N SER B 807 -15.79 -65.46 2.99
CA SER B 807 -16.55 -65.03 4.16
C SER B 807 -16.57 -63.51 4.28
N LYS B 808 -15.43 -62.87 4.04
CA LYS B 808 -15.39 -61.41 4.03
C LYS B 808 -16.35 -60.88 2.96
N PRO B 809 -17.11 -59.81 3.25
CA PRO B 809 -18.02 -59.28 2.23
C PRO B 809 -17.33 -58.84 0.96
N SER B 810 -16.10 -58.34 1.06
CA SER B 810 -15.29 -57.97 -0.10
C SER B 810 -14.45 -59.15 -0.56
N LYS B 811 -14.06 -59.11 -1.83
CA LYS B 811 -13.21 -60.15 -2.42
C LYS B 811 -11.76 -59.91 -2.01
N ARG B 812 -11.55 -59.87 -0.69
CA ARG B 812 -10.30 -59.44 -0.09
C ARG B 812 -9.67 -60.59 0.67
N SER B 813 -8.35 -60.71 0.54
CA SER B 813 -7.61 -61.78 1.17
C SER B 813 -7.25 -61.43 2.61
N PHE B 814 -6.73 -62.42 3.33
CA PHE B 814 -6.30 -62.21 4.70
C PHE B 814 -5.20 -61.16 4.78
N ILE B 815 -4.20 -61.25 3.91
CA ILE B 815 -3.08 -60.32 3.95
C ILE B 815 -3.54 -58.93 3.51
N GLU B 816 -4.43 -58.86 2.52
CA GLU B 816 -5.01 -57.57 2.17
C GLU B 816 -5.79 -56.97 3.32
N ASP B 817 -6.51 -57.80 4.08
CA ASP B 817 -7.17 -57.31 5.28
C ASP B 817 -6.17 -56.73 6.27
N LEU B 818 -5.05 -57.43 6.48
CA LEU B 818 -4.03 -56.88 7.36
C LEU B 818 -3.52 -55.54 6.86
N LEU B 819 -3.23 -55.44 5.57
CA LEU B 819 -2.69 -54.21 5.01
C LEU B 819 -3.67 -53.06 5.20
N PHE B 820 -4.96 -53.30 4.93
CA PHE B 820 -5.94 -52.23 5.06
C PHE B 820 -6.20 -51.88 6.51
N ASN B 821 -6.09 -52.84 7.43
CA ASN B 821 -6.20 -52.52 8.84
C ASN B 821 -5.03 -51.68 9.32
N LYS B 822 -3.83 -51.91 8.79
CA LYS B 822 -2.65 -51.22 9.27
C LYS B 822 -2.62 -49.76 8.85
N VAL B 823 -2.62 -49.49 7.55
CA VAL B 823 -2.48 -48.12 7.07
C VAL B 823 -3.75 -47.34 7.38
N THR B 824 -3.62 -46.29 8.18
CA THR B 824 -4.75 -45.49 8.60
C THR B 824 -4.94 -44.28 7.70
N PHE B 852 -15.36 -28.00 4.48
CA PHE B 852 -16.29 -26.92 4.86
C PHE B 852 -15.73 -25.54 4.51
N ASN B 853 -14.52 -25.51 3.96
CA ASN B 853 -13.87 -24.27 3.54
C ASN B 853 -13.54 -24.34 2.05
N GLY B 854 -14.42 -24.93 1.27
CA GLY B 854 -14.16 -25.15 -0.14
C GLY B 854 -13.31 -26.37 -0.44
N LEU B 855 -12.91 -27.13 0.57
CA LEU B 855 -12.07 -28.30 0.42
C LEU B 855 -12.95 -29.54 0.42
N THR B 856 -12.86 -30.33 -0.66
CA THR B 856 -13.64 -31.55 -0.80
C THR B 856 -12.72 -32.67 -1.27
N VAL B 857 -13.11 -33.91 -0.96
CA VAL B 857 -12.38 -35.09 -1.38
C VAL B 857 -13.28 -35.90 -2.29
N LEU B 858 -12.82 -36.12 -3.53
CA LEU B 858 -13.51 -36.91 -4.53
C LEU B 858 -13.20 -38.38 -4.34
N PRO B 859 -14.19 -39.27 -4.42
CA PRO B 859 -13.90 -40.69 -4.28
C PRO B 859 -13.11 -41.21 -5.47
N PRO B 860 -12.26 -42.21 -5.28
CA PRO B 860 -11.60 -42.82 -6.44
C PRO B 860 -12.59 -43.53 -7.34
N LEU B 861 -12.23 -43.61 -8.62
CA LEU B 861 -13.11 -44.25 -9.60
C LEU B 861 -13.28 -45.73 -9.31
N LEU B 862 -12.20 -46.42 -8.98
CA LEU B 862 -12.24 -47.83 -8.63
C LEU B 862 -12.34 -47.96 -7.12
N THR B 863 -13.38 -48.62 -6.65
CA THR B 863 -13.53 -48.88 -5.23
C THR B 863 -12.50 -49.92 -4.78
N ASP B 864 -12.28 -50.00 -3.48
CA ASP B 864 -11.34 -50.97 -2.95
C ASP B 864 -11.78 -52.39 -3.30
N GLU B 865 -13.08 -52.62 -3.40
CA GLU B 865 -13.57 -53.94 -3.80
C GLU B 865 -13.19 -54.26 -5.25
N MET B 866 -13.23 -53.26 -6.13
CA MET B 866 -12.82 -53.47 -7.50
C MET B 866 -11.31 -53.72 -7.62
N ILE B 867 -10.51 -52.99 -6.84
CA ILE B 867 -9.07 -53.24 -6.85
C ILE B 867 -8.77 -54.63 -6.31
N ALA B 868 -9.52 -55.07 -5.30
CA ALA B 868 -9.35 -56.42 -4.78
C ALA B 868 -9.75 -57.46 -5.82
N GLN B 869 -10.81 -57.19 -6.58
CA GLN B 869 -11.17 -58.08 -7.69
C GLN B 869 -10.05 -58.18 -8.71
N TYR B 870 -9.44 -57.03 -9.05
CA TYR B 870 -8.35 -57.04 -10.02
C TYR B 870 -7.17 -57.86 -9.50
N THR B 871 -6.79 -57.65 -8.24
CA THR B 871 -5.66 -58.40 -7.69
C THR B 871 -5.99 -59.89 -7.61
N SER B 872 -7.24 -60.23 -7.30
CA SER B 872 -7.64 -61.63 -7.26
C SER B 872 -7.57 -62.24 -8.66
N ALA B 873 -7.98 -61.50 -9.68
CA ALA B 873 -7.87 -62.01 -11.05
C ALA B 873 -6.42 -62.22 -11.44
N LEU B 874 -5.55 -61.29 -11.10
CA LEU B 874 -4.13 -61.45 -11.37
C LEU B 874 -3.56 -62.68 -10.67
N LEU B 875 -3.90 -62.85 -9.39
CA LEU B 875 -3.40 -63.99 -8.64
C LEU B 875 -3.92 -65.30 -9.21
N ALA B 876 -5.21 -65.36 -9.54
CA ALA B 876 -5.77 -66.58 -10.12
C ALA B 876 -5.12 -66.91 -11.45
N GLY B 877 -4.92 -65.90 -12.29
CA GLY B 877 -4.25 -66.14 -13.56
C GLY B 877 -2.84 -66.68 -13.37
N THR B 878 -2.08 -66.08 -12.47
CA THR B 878 -0.73 -66.55 -12.21
C THR B 878 -0.74 -67.98 -11.72
N ILE B 879 -1.61 -68.29 -10.75
CA ILE B 879 -1.60 -69.61 -10.13
C ILE B 879 -2.05 -70.68 -11.12
N THR B 880 -3.04 -70.36 -11.97
CA THR B 880 -3.63 -71.38 -12.81
C THR B 880 -2.97 -71.52 -14.17
N SER B 881 -2.33 -70.48 -14.69
CA SER B 881 -1.76 -70.54 -16.02
C SER B 881 -0.32 -70.05 -16.11
N GLY B 882 0.25 -69.50 -15.05
CA GLY B 882 1.63 -69.03 -15.11
C GLY B 882 1.71 -67.68 -15.77
N TRP B 883 2.63 -67.54 -16.72
CA TRP B 883 2.82 -66.29 -17.45
C TRP B 883 2.13 -66.29 -18.81
N THR B 884 1.28 -67.29 -19.07
CA THR B 884 0.64 -67.38 -20.38
C THR B 884 -0.54 -66.42 -20.50
N PHE B 885 -1.18 -66.05 -19.39
CA PHE B 885 -2.31 -65.14 -19.47
C PHE B 885 -1.88 -63.70 -19.73
N GLY B 886 -0.65 -63.33 -19.35
CA GLY B 886 -0.15 -62.01 -19.66
C GLY B 886 0.05 -61.78 -21.14
N ALA B 887 0.50 -62.82 -21.86
CA ALA B 887 0.76 -62.68 -23.29
C ALA B 887 -0.52 -62.79 -24.10
N GLY B 888 -1.28 -63.86 -23.91
CA GLY B 888 -2.51 -64.08 -24.64
C GLY B 888 -3.58 -64.72 -23.79
N ALA B 889 -4.21 -65.78 -24.32
CA ALA B 889 -5.16 -66.54 -23.54
C ALA B 889 -4.45 -67.28 -22.41
N ALA B 890 -5.12 -67.38 -21.27
CA ALA B 890 -4.57 -68.14 -20.14
C ALA B 890 -4.57 -69.62 -20.47
N LEU B 891 -3.39 -70.22 -20.47
CA LEU B 891 -3.22 -71.65 -20.76
C LEU B 891 -2.93 -72.35 -19.43
N GLN B 892 -3.85 -73.20 -19.00
CA GLN B 892 -3.69 -73.85 -17.71
C GLN B 892 -2.47 -74.76 -17.71
N ILE B 893 -1.84 -74.87 -16.55
CA ILE B 893 -0.69 -75.75 -16.37
C ILE B 893 -0.65 -76.13 -14.88
N PRO B 894 -0.33 -77.37 -14.52
CA PRO B 894 -0.20 -77.70 -13.11
C PRO B 894 0.86 -76.84 -12.44
N PHE B 895 0.60 -76.47 -11.19
CA PHE B 895 1.46 -75.48 -10.54
C PHE B 895 2.85 -76.00 -10.30
N ALA B 896 3.01 -77.29 -10.03
CA ALA B 896 4.35 -77.85 -9.87
C ALA B 896 5.14 -77.76 -11.16
N MET B 897 4.49 -77.98 -12.30
CA MET B 897 5.15 -77.84 -13.58
C MET B 897 5.47 -76.38 -13.92
N GLN B 898 4.65 -75.44 -13.44
CA GLN B 898 4.99 -74.04 -13.57
C GLN B 898 6.22 -73.68 -12.73
N MET B 899 6.32 -74.23 -11.52
CA MET B 899 7.53 -74.04 -10.73
C MET B 899 8.74 -74.68 -11.40
N ALA B 900 8.54 -75.81 -12.08
CA ALA B 900 9.61 -76.39 -12.88
C ALA B 900 10.04 -75.43 -14.00
N TYR B 901 9.07 -74.84 -14.69
CA TYR B 901 9.38 -73.85 -15.71
C TYR B 901 10.20 -72.70 -15.14
N ARG B 902 9.82 -72.21 -13.97
CA ARG B 902 10.52 -71.07 -13.38
C ARG B 902 11.90 -71.46 -12.88
N PHE B 903 12.07 -72.68 -12.38
CA PHE B 903 13.40 -73.16 -12.04
C PHE B 903 14.29 -73.22 -13.27
N ASN B 904 13.75 -73.71 -14.38
CA ASN B 904 14.49 -73.63 -15.64
C ASN B 904 14.82 -72.19 -15.98
N GLY B 905 13.90 -71.27 -15.71
CA GLY B 905 14.12 -69.88 -16.04
C GLY B 905 15.26 -69.26 -15.26
N ILE B 906 15.42 -69.65 -13.99
CA ILE B 906 16.52 -69.10 -13.19
C ILE B 906 17.81 -69.88 -13.37
N GLY B 907 17.81 -70.95 -14.14
CA GLY B 907 19.01 -71.71 -14.40
C GLY B 907 19.17 -72.99 -13.62
N VAL B 908 18.14 -73.44 -12.92
CA VAL B 908 18.17 -74.70 -12.18
C VAL B 908 17.41 -75.75 -12.99
N THR B 909 17.98 -76.94 -13.10
CA THR B 909 17.30 -78.01 -13.81
C THR B 909 16.00 -78.35 -13.10
N GLN B 910 14.95 -78.63 -13.88
CA GLN B 910 13.62 -78.73 -13.29
C GLN B 910 13.42 -80.01 -12.47
N ASN B 911 14.29 -81.01 -12.63
CA ASN B 911 14.21 -82.17 -11.75
C ASN B 911 14.52 -81.77 -10.31
N VAL B 912 15.25 -80.68 -10.11
CA VAL B 912 15.51 -80.17 -8.77
C VAL B 912 14.20 -79.73 -8.12
N LEU B 913 13.26 -79.23 -8.92
CA LEU B 913 11.96 -78.84 -8.38
C LEU B 913 11.13 -80.07 -8.01
N TYR B 914 11.10 -81.07 -8.89
CA TYR B 914 10.26 -82.23 -8.65
C TYR B 914 10.79 -83.09 -7.51
N GLU B 915 12.11 -83.19 -7.39
CA GLU B 915 12.71 -84.02 -6.35
C GLU B 915 12.72 -83.34 -4.99
N ASN B 916 12.49 -82.04 -4.94
CA ASN B 916 12.39 -81.29 -3.69
C ASN B 916 11.05 -80.56 -3.60
N GLN B 917 10.02 -81.11 -4.23
CA GLN B 917 8.74 -80.39 -4.32
C GLN B 917 8.13 -80.15 -2.95
N LYS B 918 8.16 -81.16 -2.08
CA LYS B 918 7.62 -80.97 -0.74
C LYS B 918 8.42 -79.94 0.04
N LEU B 919 9.75 -80.02 -0.03
CA LEU B 919 10.58 -79.04 0.66
C LEU B 919 10.32 -77.63 0.14
N ILE B 920 10.22 -77.47 -1.18
CA ILE B 920 10.00 -76.15 -1.76
C ILE B 920 8.64 -75.60 -1.36
N ALA B 921 7.61 -76.45 -1.39
CA ALA B 921 6.27 -76.02 -1.00
C ALA B 921 6.23 -75.63 0.48
N ASN B 922 6.89 -76.41 1.34
CA ASN B 922 6.91 -76.08 2.76
C ASN B 922 7.68 -74.77 3.00
N GLN B 923 8.79 -74.56 2.29
CA GLN B 923 9.51 -73.30 2.41
C GLN B 923 8.63 -72.13 2.00
N PHE B 924 7.91 -72.27 0.89
CA PHE B 924 7.03 -71.20 0.44
C PHE B 924 5.93 -70.93 1.47
N ASN B 925 5.33 -71.98 2.01
CA ASN B 925 4.26 -71.79 2.99
C ASN B 925 4.77 -71.13 4.25
N SER B 926 5.96 -71.53 4.72
CA SER B 926 6.54 -70.89 5.89
C SER B 926 6.84 -69.43 5.61
N ALA B 927 7.34 -69.11 4.41
CA ALA B 927 7.64 -67.73 4.08
C ALA B 927 6.38 -66.88 4.05
N ILE B 928 5.29 -67.41 3.49
CA ILE B 928 4.03 -66.68 3.49
C ILE B 928 3.51 -66.48 4.92
N GLY B 929 3.62 -67.51 5.74
CA GLY B 929 3.22 -67.37 7.14
C GLY B 929 4.05 -66.33 7.87
N LYS B 930 5.34 -66.26 7.57
CA LYS B 930 6.19 -65.24 8.18
C LYS B 930 5.80 -63.85 7.71
N ILE B 931 5.42 -63.71 6.43
CA ILE B 931 4.91 -62.43 5.96
C ILE B 931 3.67 -62.04 6.75
N GLN B 932 2.76 -62.99 6.95
CA GLN B 932 1.56 -62.70 7.72
C GLN B 932 1.89 -62.27 9.14
N ASP B 933 2.83 -62.98 9.78
CA ASP B 933 3.22 -62.62 11.14
C ASP B 933 3.82 -61.22 11.19
N SER B 934 4.71 -60.90 10.25
CA SER B 934 5.32 -59.57 10.22
C SER B 934 4.25 -58.49 10.05
N LEU B 935 3.30 -58.72 9.15
CA LEU B 935 2.23 -57.73 8.97
C LEU B 935 1.40 -57.59 10.24
N SER B 936 1.08 -58.70 10.89
CA SER B 936 0.23 -58.64 12.08
C SER B 936 0.94 -57.96 13.24
N SER B 937 2.27 -58.10 13.34
CA SER B 937 3.00 -57.58 14.49
C SER B 937 3.53 -56.16 14.24
N THR B 938 4.35 -55.99 13.21
CA THR B 938 5.00 -54.72 12.92
C THR B 938 4.30 -54.04 11.75
N ALA B 939 4.03 -52.74 11.91
CA ALA B 939 3.34 -51.97 10.90
C ALA B 939 4.21 -50.93 10.21
N SER B 940 5.43 -50.69 10.71
CA SER B 940 6.29 -49.68 10.11
C SER B 940 6.64 -50.00 8.67
N ALA B 941 6.50 -51.27 8.25
CA ALA B 941 6.83 -51.63 6.87
C ALA B 941 5.96 -50.87 5.88
N LEU B 942 4.68 -50.68 6.21
CA LEU B 942 3.76 -49.93 5.37
C LEU B 942 3.98 -48.42 5.44
N GLY B 943 5.05 -47.97 6.10
CA GLY B 943 5.26 -46.53 6.25
C GLY B 943 5.24 -45.81 4.92
N LYS B 944 5.81 -46.42 3.88
CA LYS B 944 5.82 -45.79 2.57
C LYS B 944 4.43 -45.32 2.17
N LEU B 945 3.41 -46.15 2.38
CA LEU B 945 2.05 -45.73 2.11
C LEU B 945 1.59 -44.70 3.13
N GLN B 946 1.80 -44.98 4.42
CA GLN B 946 1.34 -44.06 5.45
C GLN B 946 1.99 -42.70 5.27
N ASP B 947 3.30 -42.69 5.01
CA ASP B 947 3.99 -41.44 4.74
C ASP B 947 3.22 -40.61 3.73
N VAL B 948 2.84 -41.22 2.61
CA VAL B 948 2.11 -40.49 1.58
C VAL B 948 0.88 -39.84 2.19
N VAL B 949 0.07 -40.65 2.88
CA VAL B 949 -1.14 -40.11 3.49
C VAL B 949 -0.77 -38.94 4.40
N ASN B 950 0.22 -39.15 5.27
CA ASN B 950 0.60 -38.08 6.19
C ASN B 950 0.87 -36.80 5.42
N GLN B 951 1.70 -36.90 4.38
CA GLN B 951 2.06 -35.70 3.63
C GLN B 951 0.80 -34.97 3.18
N ASN B 952 -0.11 -35.69 2.53
CA ASN B 952 -1.32 -35.05 2.06
C ASN B 952 -2.04 -34.37 3.21
N ALA B 953 -2.26 -35.10 4.30
CA ALA B 953 -2.93 -34.51 5.45
C ALA B 953 -2.21 -33.23 5.87
N GLN B 954 -0.88 -33.32 6.05
CA GLN B 954 -0.14 -32.15 6.48
C GLN B 954 -0.45 -30.96 5.58
N ALA B 955 -0.39 -31.18 4.26
CA ALA B 955 -0.64 -30.08 3.34
C ALA B 955 -1.97 -29.44 3.63
N LEU B 956 -3.03 -30.24 3.68
CA LEU B 956 -4.35 -29.67 3.90
C LEU B 956 -4.38 -28.91 5.22
N ASN B 957 -3.79 -29.47 6.27
CA ASN B 957 -3.77 -28.76 7.54
C ASN B 957 -3.20 -27.37 7.35
N THR B 958 -2.01 -27.28 6.74
CA THR B 958 -1.40 -25.97 6.54
C THR B 958 -2.38 -25.05 5.83
N LEU B 959 -2.98 -25.54 4.75
CA LEU B 959 -3.92 -24.73 3.99
C LEU B 959 -4.99 -24.17 4.92
N VAL B 960 -5.65 -25.04 5.68
CA VAL B 960 -6.71 -24.58 6.57
C VAL B 960 -6.16 -23.59 7.58
N LYS B 961 -4.97 -23.87 8.13
CA LYS B 961 -4.43 -22.97 9.13
C LYS B 961 -4.14 -21.60 8.56
N GLN B 962 -3.88 -21.51 7.25
CA GLN B 962 -3.59 -20.22 6.66
C GLN B 962 -4.83 -19.32 6.68
N LEU B 963 -6.01 -19.91 6.82
CA LEU B 963 -7.22 -19.10 6.95
C LEU B 963 -7.30 -18.38 8.29
N SER B 964 -6.44 -18.72 9.25
CA SER B 964 -6.40 -18.03 10.53
C SER B 964 -5.36 -16.92 10.56
N SER B 965 -4.71 -16.63 9.44
CA SER B 965 -3.70 -15.58 9.37
C SER B 965 -4.34 -14.28 8.93
N ASN B 966 -3.95 -13.19 9.60
CA ASN B 966 -4.50 -11.88 9.27
C ASN B 966 -3.90 -11.31 7.99
N PHE B 967 -2.64 -11.64 7.70
CA PHE B 967 -1.96 -11.14 6.51
C PHE B 967 -1.90 -9.62 6.50
N GLY B 968 -1.98 -9.00 7.67
CA GLY B 968 -1.96 -7.56 7.80
C GLY B 968 -3.32 -6.94 8.05
N ALA B 969 -4.40 -7.67 7.78
CA ALA B 969 -5.74 -7.14 8.04
C ALA B 969 -5.98 -7.09 9.55
N ILE B 970 -6.97 -6.26 9.93
CA ILE B 970 -7.31 -6.16 11.36
C ILE B 970 -7.80 -7.50 11.88
N SER B 971 -8.46 -8.28 11.04
CA SER B 971 -8.99 -9.57 11.43
C SER B 971 -8.71 -10.59 10.33
N SER B 972 -8.68 -11.86 10.72
CA SER B 972 -8.60 -12.96 9.77
C SER B 972 -9.98 -13.48 9.37
N VAL B 973 -11.04 -12.94 9.96
CA VAL B 973 -12.41 -13.35 9.66
C VAL B 973 -13.04 -12.29 8.79
N LEU B 974 -13.54 -12.69 7.62
CA LEU B 974 -14.16 -11.74 6.72
C LEU B 974 -15.45 -11.19 7.28
N ASN B 975 -16.20 -11.99 8.03
CA ASN B 975 -17.47 -11.53 8.59
C ASN B 975 -17.26 -10.40 9.60
N ASP B 976 -16.23 -10.46 10.43
CA ASP B 976 -15.98 -9.36 11.36
C ASP B 976 -15.62 -8.07 10.62
N ILE B 977 -14.77 -8.17 9.60
CA ILE B 977 -14.40 -6.99 8.82
C ILE B 977 -15.64 -6.39 8.16
N LEU B 978 -16.47 -7.24 7.57
CA LEU B 978 -17.65 -6.74 6.87
C LEU B 978 -18.67 -6.15 7.83
N SER B 979 -18.81 -6.72 9.02
CA SER B 979 -19.79 -6.22 9.98
C SER B 979 -19.30 -4.98 10.73
N ARG B 980 -18.00 -4.71 10.74
CA ARG B 980 -17.47 -3.57 11.48
C ARG B 980 -17.08 -2.39 10.61
N LEU B 981 -16.83 -2.60 9.32
CA LEU B 981 -16.24 -1.56 8.48
C LEU B 981 -17.13 -1.23 7.29
N ASP B 982 -17.07 0.04 6.87
CA ASP B 982 -17.74 0.47 5.65
C ASP B 982 -16.98 -0.06 4.44
N PRO B 983 -17.64 -0.16 3.29
CA PRO B 983 -17.03 -0.80 2.12
C PRO B 983 -15.69 -0.17 1.76
N PRO B 984 -15.59 1.17 1.77
CA PRO B 984 -14.29 1.77 1.43
C PRO B 984 -13.16 1.32 2.33
N GLU B 985 -13.44 1.17 3.63
CA GLU B 985 -12.43 0.71 4.58
C GLU B 985 -12.36 -0.81 4.65
N ALA B 986 -13.47 -1.49 4.38
CA ALA B 986 -13.47 -2.95 4.42
C ALA B 986 -12.68 -3.55 3.27
N GLU B 987 -12.75 -2.92 2.09
CA GLU B 987 -12.03 -3.46 0.93
C GLU B 987 -10.54 -3.44 1.14
N VAL B 988 -10.01 -2.42 1.82
CA VAL B 988 -8.58 -2.37 2.10
C VAL B 988 -8.16 -3.58 2.92
N GLN B 989 -8.96 -3.94 3.92
CA GLN B 989 -8.64 -5.09 4.76
C GLN B 989 -8.84 -6.41 4.02
N ILE B 990 -9.86 -6.47 3.17
CA ILE B 990 -10.16 -7.72 2.45
C ILE B 990 -9.11 -7.99 1.38
N ASP B 991 -8.51 -6.94 0.82
CA ASP B 991 -7.47 -7.14 -0.18
C ASP B 991 -6.28 -7.89 0.39
N ARG B 992 -5.88 -7.57 1.62
CA ARG B 992 -4.77 -8.27 2.25
C ARG B 992 -5.08 -9.74 2.44
N LEU B 993 -6.29 -10.05 2.91
CA LEU B 993 -6.68 -11.44 3.09
C LEU B 993 -6.72 -12.17 1.75
N ILE B 994 -7.23 -11.52 0.71
CA ILE B 994 -7.27 -12.14 -0.61
C ILE B 994 -5.87 -12.46 -1.08
N THR B 995 -4.96 -11.49 -0.93
CA THR B 995 -3.57 -11.72 -1.34
C THR B 995 -2.97 -12.91 -0.60
N GLY B 996 -3.12 -12.93 0.72
CA GLY B 996 -2.50 -14.00 1.49
C GLY B 996 -3.08 -15.36 1.18
N ARG B 997 -4.41 -15.46 1.11
CA ARG B 997 -5.04 -16.74 0.84
C ARG B 997 -4.79 -17.21 -0.58
N LEU B 998 -4.68 -16.28 -1.53
CA LEU B 998 -4.32 -16.66 -2.89
C LEU B 998 -2.90 -17.21 -2.94
N GLN B 999 -1.97 -16.57 -2.23
CA GLN B 999 -0.61 -17.10 -2.17
C GLN B 999 -0.59 -18.48 -1.54
N SER B 1000 -1.39 -18.67 -0.49
CA SER B 1000 -1.46 -19.97 0.16
C SER B 1000 -2.00 -21.06 -0.78
N LEU B 1001 -3.06 -20.74 -1.53
CA LEU B 1001 -3.58 -21.69 -2.49
C LEU B 1001 -2.56 -22.01 -3.57
N GLN B 1002 -1.84 -21.00 -4.05
CA GLN B 1002 -0.83 -21.24 -5.07
C GLN B 1002 0.25 -22.18 -4.54
N THR B 1003 0.72 -21.94 -3.32
CA THR B 1003 1.72 -22.83 -2.74
C THR B 1003 1.19 -24.25 -2.62
N TYR B 1004 -0.04 -24.41 -2.13
CA TYR B 1004 -0.61 -25.73 -1.99
C TYR B 1004 -0.70 -26.44 -3.33
N VAL B 1005 -1.17 -25.75 -4.36
CA VAL B 1005 -1.37 -26.40 -5.65
C VAL B 1005 -0.04 -26.75 -6.29
N THR B 1006 0.97 -25.89 -6.17
CA THR B 1006 2.28 -26.21 -6.73
C THR B 1006 2.88 -27.43 -6.06
N GLN B 1007 2.82 -27.48 -4.71
CA GLN B 1007 3.36 -28.65 -4.03
C GLN B 1007 2.54 -29.90 -4.33
N GLN B 1008 1.24 -29.75 -4.55
CA GLN B 1008 0.42 -30.89 -4.96
C GLN B 1008 0.83 -31.39 -6.34
N LEU B 1009 1.16 -30.49 -7.26
CA LEU B 1009 1.64 -30.92 -8.57
C LEU B 1009 2.95 -31.69 -8.46
N ILE B 1010 3.86 -31.21 -7.62
CA ILE B 1010 5.14 -31.91 -7.46
C ILE B 1010 4.92 -33.28 -6.83
N ARG B 1011 4.09 -33.36 -5.79
CA ARG B 1011 3.81 -34.64 -5.14
C ARG B 1011 3.08 -35.59 -6.08
N ALA B 1012 2.21 -35.05 -6.94
CA ALA B 1012 1.52 -35.88 -7.93
C ALA B 1012 2.50 -36.42 -8.97
N ALA B 1013 3.49 -35.63 -9.36
CA ALA B 1013 4.53 -36.14 -10.25
C ALA B 1013 5.29 -37.29 -9.60
N GLU B 1014 5.62 -37.16 -8.32
CA GLU B 1014 6.31 -38.25 -7.63
C GLU B 1014 5.43 -39.49 -7.53
N ILE B 1015 4.14 -39.31 -7.21
CA ILE B 1015 3.23 -40.45 -7.15
C ILE B 1015 3.05 -41.09 -8.51
N ARG B 1016 3.09 -40.29 -9.59
CA ARG B 1016 2.98 -40.85 -10.92
C ARG B 1016 4.20 -41.68 -11.28
N ALA B 1017 5.39 -41.22 -10.87
CA ALA B 1017 6.58 -42.04 -11.06
C ALA B 1017 6.47 -43.35 -10.31
N SER B 1018 5.99 -43.30 -9.06
CA SER B 1018 5.83 -44.52 -8.28
C SER B 1018 4.81 -45.46 -8.93
N ALA B 1019 3.71 -44.92 -9.44
CA ALA B 1019 2.69 -45.74 -10.07
C ALA B 1019 3.18 -46.35 -11.38
N ASN B 1020 3.98 -45.62 -12.15
CA ASN B 1020 4.59 -46.22 -13.33
C ASN B 1020 5.51 -47.36 -12.95
N LEU B 1021 6.31 -47.18 -11.89
CA LEU B 1021 7.17 -48.27 -11.43
C LEU B 1021 6.33 -49.47 -11.00
N ALA B 1022 5.23 -49.23 -10.30
CA ALA B 1022 4.37 -50.33 -9.86
C ALA B 1022 3.72 -51.04 -11.04
N ALA B 1023 3.31 -50.29 -12.06
CA ALA B 1023 2.74 -50.92 -13.25
C ALA B 1023 3.78 -51.76 -13.97
N THR B 1024 5.01 -51.26 -14.06
CA THR B 1024 6.08 -52.05 -14.69
C THR B 1024 6.36 -53.31 -13.89
N LYS B 1025 6.31 -53.22 -12.56
CA LYS B 1025 6.55 -54.40 -11.73
C LYS B 1025 5.40 -55.39 -11.83
N MET B 1026 4.17 -54.91 -11.98
CA MET B 1026 3.05 -55.81 -12.23
C MET B 1026 3.23 -56.54 -13.54
N SER B 1027 3.65 -55.81 -14.58
CA SER B 1027 3.88 -56.43 -15.88
C SER B 1027 5.00 -57.46 -15.83
N GLU B 1028 6.12 -57.13 -15.20
CA GLU B 1028 7.35 -57.89 -15.37
C GLU B 1028 7.65 -58.86 -14.23
N CYS B 1029 6.98 -58.73 -13.09
CA CYS B 1029 7.17 -59.63 -11.97
C CYS B 1029 5.97 -60.53 -11.72
N VAL B 1030 4.76 -60.02 -11.93
CA VAL B 1030 3.55 -60.79 -11.71
C VAL B 1030 3.07 -61.46 -12.98
N LEU B 1031 3.17 -60.76 -14.11
CA LEU B 1031 2.77 -61.34 -15.39
C LEU B 1031 3.90 -62.06 -16.09
N GLY B 1032 5.11 -62.02 -15.53
CA GLY B 1032 6.22 -62.74 -16.10
C GLY B 1032 7.24 -63.14 -15.05
N GLN B 1033 8.37 -63.66 -15.51
CA GLN B 1033 9.51 -63.94 -14.65
C GLN B 1033 10.67 -63.08 -15.13
N SER B 1034 11.18 -62.23 -14.24
CA SER B 1034 12.16 -61.23 -14.61
C SER B 1034 13.58 -61.78 -14.44
N LYS B 1035 14.45 -61.45 -15.39
CA LYS B 1035 15.88 -61.68 -15.24
C LYS B 1035 16.61 -60.46 -14.70
N ARG B 1036 15.94 -59.32 -14.63
CA ARG B 1036 16.55 -58.10 -14.09
C ARG B 1036 16.89 -58.30 -12.62
N VAL B 1037 18.09 -57.90 -12.24
CA VAL B 1037 18.59 -58.16 -10.89
C VAL B 1037 17.95 -57.19 -9.92
N ASP B 1038 17.41 -57.72 -8.83
CA ASP B 1038 16.82 -56.94 -7.74
C ASP B 1038 15.63 -56.11 -8.19
N PHE B 1039 15.03 -56.44 -9.34
CA PHE B 1039 13.83 -55.73 -9.76
C PHE B 1039 12.59 -56.34 -9.13
N CYS B 1040 12.60 -57.64 -8.88
CA CYS B 1040 11.47 -58.34 -8.30
C CYS B 1040 11.90 -59.05 -7.02
N GLY B 1041 12.61 -58.33 -6.14
CA GLY B 1041 13.14 -58.90 -4.93
C GLY B 1041 14.57 -59.35 -5.09
N LYS B 1042 15.20 -59.64 -3.95
CA LYS B 1042 16.59 -60.05 -3.91
C LYS B 1042 16.70 -61.56 -4.00
N GLY B 1043 17.58 -62.03 -4.86
CA GLY B 1043 17.65 -63.42 -5.24
C GLY B 1043 17.17 -63.61 -6.67
N TYR B 1044 17.17 -64.86 -7.11
CA TYR B 1044 16.71 -65.19 -8.45
C TYR B 1044 15.19 -65.25 -8.43
N HIS B 1045 14.57 -64.31 -9.15
CA HIS B 1045 13.12 -64.18 -9.12
C HIS B 1045 12.46 -65.45 -9.65
N LEU B 1046 11.51 -65.98 -8.88
CA LEU B 1046 10.64 -67.06 -9.35
C LEU B 1046 9.29 -66.49 -9.79
N MET B 1047 8.60 -65.79 -8.90
CA MET B 1047 7.31 -65.22 -9.26
C MET B 1047 6.98 -64.11 -8.28
N SER B 1048 5.85 -63.44 -8.53
CA SER B 1048 5.36 -62.41 -7.63
C SER B 1048 3.85 -62.48 -7.55
N PHE B 1049 3.32 -62.02 -6.42
CA PHE B 1049 1.89 -62.00 -6.18
C PHE B 1049 1.48 -60.59 -5.78
N PRO B 1050 0.45 -60.00 -6.38
CA PRO B 1050 0.02 -58.66 -6.00
C PRO B 1050 -1.07 -58.67 -4.93
N GLN B 1051 -1.01 -57.68 -4.06
CA GLN B 1051 -2.00 -57.47 -3.00
C GLN B 1051 -2.32 -55.97 -2.94
N SER B 1052 -3.61 -55.64 -3.03
CA SER B 1052 -4.00 -54.24 -2.95
C SER B 1052 -3.79 -53.71 -1.53
N ALA B 1053 -3.39 -52.46 -1.43
CA ALA B 1053 -3.20 -51.76 -0.16
C ALA B 1053 -3.79 -50.37 -0.31
N PRO B 1054 -4.08 -49.70 0.79
CA PRO B 1054 -4.68 -48.37 0.68
C PRO B 1054 -3.79 -47.42 -0.10
N HIS B 1055 -4.26 -47.00 -1.27
CA HIS B 1055 -3.52 -46.08 -2.14
C HIS B 1055 -2.21 -46.68 -2.63
N GLY B 1056 -2.12 -48.00 -2.69
CA GLY B 1056 -0.88 -48.61 -3.09
C GLY B 1056 -1.01 -50.07 -3.40
N VAL B 1057 0.12 -50.69 -3.69
CA VAL B 1057 0.19 -52.10 -3.99
C VAL B 1057 1.33 -52.72 -3.20
N VAL B 1058 1.19 -54.01 -2.91
CA VAL B 1058 2.22 -54.81 -2.27
C VAL B 1058 2.53 -55.99 -3.19
N PHE B 1059 3.81 -56.23 -3.42
CA PHE B 1059 4.25 -57.38 -4.19
C PHE B 1059 4.94 -58.35 -3.26
N LEU B 1060 4.46 -59.59 -3.25
CA LEU B 1060 5.11 -60.69 -2.56
C LEU B 1060 5.98 -61.38 -3.59
N HIS B 1061 7.27 -61.09 -3.55
CA HIS B 1061 8.23 -61.67 -4.49
C HIS B 1061 8.75 -62.98 -3.92
N VAL B 1062 8.49 -64.07 -4.64
CA VAL B 1062 9.06 -65.37 -4.36
C VAL B 1062 10.34 -65.49 -5.17
N THR B 1063 11.46 -65.65 -4.47
CA THR B 1063 12.78 -65.73 -5.06
C THR B 1063 13.49 -66.97 -4.56
N TYR B 1064 14.49 -67.39 -5.33
CA TYR B 1064 15.30 -68.56 -5.05
C TYR B 1064 16.66 -68.08 -4.56
N VAL B 1065 17.06 -68.52 -3.36
CA VAL B 1065 18.33 -68.13 -2.77
C VAL B 1065 19.15 -69.39 -2.57
N PRO B 1066 20.30 -69.55 -3.22
CA PRO B 1066 21.17 -70.69 -2.89
C PRO B 1066 21.67 -70.58 -1.46
N ALA B 1067 21.67 -71.71 -0.75
CA ALA B 1067 21.74 -71.70 0.71
C ALA B 1067 23.05 -72.25 1.28
N GLN B 1068 23.41 -73.48 0.94
CA GLN B 1068 24.50 -74.18 1.63
C GLN B 1068 25.58 -74.52 0.62
N GLU B 1069 26.67 -73.78 0.67
CA GLU B 1069 27.68 -73.81 -0.38
C GLU B 1069 28.89 -74.62 0.06
N LYS B 1070 29.42 -75.40 -0.86
CA LYS B 1070 30.60 -76.20 -0.65
C LYS B 1070 31.72 -75.72 -1.57
N ASN B 1071 32.96 -75.93 -1.09
CA ASN B 1071 34.15 -75.65 -1.88
C ASN B 1071 34.44 -76.82 -2.81
N PHE B 1072 34.96 -76.50 -4.00
CA PHE B 1072 35.43 -77.52 -4.92
C PHE B 1072 36.61 -76.96 -5.70
N THR B 1073 37.47 -77.86 -6.16
CA THR B 1073 38.46 -77.50 -7.16
C THR B 1073 37.81 -77.55 -8.53
N THR B 1074 38.19 -76.61 -9.39
CA THR B 1074 37.54 -76.45 -10.68
C THR B 1074 38.58 -76.23 -11.76
N ALA B 1075 38.21 -76.58 -12.98
CA ALA B 1075 39.05 -76.38 -14.16
C ALA B 1075 38.19 -75.81 -15.28
N PRO B 1076 38.79 -75.01 -16.16
CA PRO B 1076 38.01 -74.50 -17.30
C PRO B 1076 37.74 -75.54 -18.37
N ALA B 1077 38.61 -76.53 -18.53
CA ALA B 1077 38.43 -77.58 -19.51
C ALA B 1077 39.08 -78.85 -18.98
N ILE B 1078 38.95 -79.93 -19.75
CA ILE B 1078 39.49 -81.23 -19.38
C ILE B 1078 40.09 -81.88 -20.62
N CYS B 1079 41.27 -82.47 -20.47
CA CYS B 1079 41.96 -83.17 -21.55
C CYS B 1079 41.71 -84.67 -21.46
N HIS B 1080 41.30 -85.27 -22.57
CA HIS B 1080 41.12 -86.71 -22.65
C HIS B 1080 42.09 -87.35 -23.63
N ASP B 1081 42.08 -86.92 -24.90
CA ASP B 1081 42.93 -87.47 -25.95
C ASP B 1081 43.63 -86.36 -26.70
N GLY B 1082 44.21 -85.42 -25.96
CA GLY B 1082 44.80 -84.25 -26.58
C GLY B 1082 43.80 -83.22 -27.03
N LYS B 1083 42.53 -83.41 -26.70
CA LYS B 1083 41.47 -82.47 -27.02
C LYS B 1083 40.97 -81.82 -25.73
N ALA B 1084 40.52 -80.59 -25.84
CA ALA B 1084 40.00 -79.84 -24.70
C ALA B 1084 38.48 -79.94 -24.69
N HIS B 1085 37.92 -80.37 -23.56
CA HIS B 1085 36.49 -80.52 -23.39
C HIS B 1085 35.96 -79.43 -22.47
N PHE B 1086 34.84 -78.85 -22.84
CA PHE B 1086 34.19 -77.81 -22.06
C PHE B 1086 32.77 -78.23 -21.75
N PRO B 1087 32.21 -77.80 -20.62
CA PRO B 1087 30.84 -78.21 -20.27
C PRO B 1087 29.82 -77.55 -21.20
N ARG B 1088 28.91 -78.37 -21.73
CA ARG B 1088 27.77 -77.82 -22.45
C ARG B 1088 26.99 -76.87 -21.56
N GLU B 1089 26.42 -77.39 -20.48
CA GLU B 1089 25.84 -76.59 -19.41
C GLU B 1089 26.47 -77.04 -18.10
N GLY B 1090 26.97 -76.08 -17.32
CA GLY B 1090 27.53 -76.40 -16.04
C GLY B 1090 29.01 -76.07 -15.92
N VAL B 1091 29.65 -76.68 -14.93
CA VAL B 1091 31.03 -76.38 -14.58
C VAL B 1091 31.68 -77.65 -14.08
N PHE B 1092 32.96 -77.82 -14.39
CA PHE B 1092 33.74 -78.94 -13.89
C PHE B 1092 34.15 -78.68 -12.44
N VAL B 1093 33.88 -79.65 -11.57
CA VAL B 1093 34.24 -79.58 -10.17
C VAL B 1093 35.00 -80.84 -9.79
N SER B 1094 35.74 -80.76 -8.70
CA SER B 1094 36.44 -81.90 -8.14
C SER B 1094 36.21 -81.93 -6.63
N ASN B 1095 35.88 -83.10 -6.11
CA ASN B 1095 35.71 -83.29 -4.68
C ASN B 1095 37.01 -83.70 -3.99
N GLY B 1096 38.14 -83.58 -4.69
CA GLY B 1096 39.43 -83.91 -4.11
C GLY B 1096 40.20 -84.91 -4.94
N THR B 1097 39.51 -85.91 -5.47
CA THR B 1097 40.16 -86.95 -6.27
C THR B 1097 39.49 -87.16 -7.62
N HIS B 1098 38.17 -87.05 -7.69
CA HIS B 1098 37.41 -87.31 -8.91
C HIS B 1098 36.87 -85.99 -9.47
N TRP B 1099 36.65 -85.98 -10.78
CA TRP B 1099 36.13 -84.82 -11.48
C TRP B 1099 34.74 -85.11 -12.00
N PHE B 1100 33.81 -84.20 -11.72
CA PHE B 1100 32.44 -84.27 -12.22
C PHE B 1100 32.12 -82.96 -12.94
N VAL B 1101 30.95 -82.92 -13.55
CA VAL B 1101 30.39 -81.70 -14.12
C VAL B 1101 29.01 -81.52 -13.51
N THR B 1102 28.76 -80.32 -12.98
CA THR B 1102 27.52 -80.03 -12.28
C THR B 1102 26.89 -78.79 -12.87
N GLN B 1103 25.57 -78.67 -12.73
CA GLN B 1103 24.92 -77.42 -13.07
C GLN B 1103 25.37 -76.34 -12.09
N ARG B 1104 25.36 -75.10 -12.56
CA ARG B 1104 26.11 -74.04 -11.88
C ARG B 1104 25.47 -73.64 -10.55
N ASN B 1105 24.14 -73.58 -10.50
CA ASN B 1105 23.43 -73.01 -9.37
C ASN B 1105 22.97 -74.04 -8.34
N PHE B 1106 23.30 -75.30 -8.54
CA PHE B 1106 22.90 -76.35 -7.61
C PHE B 1106 23.85 -77.52 -7.78
N TYR B 1107 24.42 -78.01 -6.68
CA TYR B 1107 25.42 -79.06 -6.78
C TYR B 1107 24.74 -80.39 -7.11
N GLU B 1108 25.04 -80.93 -8.29
CA GLU B 1108 24.54 -82.23 -8.71
C GLU B 1108 25.58 -82.86 -9.61
N PRO B 1109 26.64 -83.43 -9.02
CA PRO B 1109 27.76 -83.91 -9.84
C PRO B 1109 27.36 -85.07 -10.73
N GLN B 1110 27.95 -85.11 -11.92
CA GLN B 1110 27.68 -86.15 -12.90
C GLN B 1110 28.98 -86.56 -13.57
N ILE B 1111 28.98 -87.79 -14.09
CA ILE B 1111 30.16 -88.30 -14.78
C ILE B 1111 30.39 -87.49 -16.05
N ILE B 1112 31.62 -87.02 -16.24
CA ILE B 1112 31.97 -86.26 -17.43
C ILE B 1112 31.98 -87.21 -18.62
N THR B 1113 30.98 -87.09 -19.49
CA THR B 1113 30.88 -87.88 -20.71
C THR B 1113 30.96 -86.96 -21.91
N THR B 1114 30.82 -87.56 -23.10
CA THR B 1114 30.81 -86.78 -24.33
C THR B 1114 29.47 -86.12 -24.60
N ASP B 1115 28.44 -86.44 -23.82
CA ASP B 1115 27.17 -85.74 -23.89
C ASP B 1115 27.11 -84.56 -22.92
N ASN B 1116 27.90 -84.59 -21.86
CA ASN B 1116 28.00 -83.48 -20.94
C ASN B 1116 28.88 -82.36 -21.48
N THR B 1117 29.80 -82.65 -22.39
CA THR B 1117 30.82 -81.72 -22.81
C THR B 1117 30.86 -81.61 -24.32
N PHE B 1118 31.67 -80.68 -24.80
CA PHE B 1118 31.95 -80.52 -26.22
C PHE B 1118 33.43 -80.20 -26.38
N VAL B 1119 33.99 -80.62 -27.52
CA VAL B 1119 35.42 -80.49 -27.75
C VAL B 1119 35.67 -79.28 -28.64
N SER B 1120 36.76 -78.58 -28.37
CA SER B 1120 37.13 -77.42 -29.18
C SER B 1120 38.64 -77.24 -29.07
N GLY B 1121 39.36 -77.58 -30.13
CA GLY B 1121 40.80 -77.40 -30.14
C GLY B 1121 41.51 -78.46 -29.32
N ASN B 1122 42.75 -78.12 -28.97
CA ASN B 1122 43.64 -79.03 -28.26
C ASN B 1122 43.98 -78.42 -26.89
N CYS B 1123 44.92 -79.05 -26.20
CA CYS B 1123 45.18 -78.79 -24.79
C CYS B 1123 46.34 -77.81 -24.58
N ASP B 1124 46.81 -77.16 -25.63
CA ASP B 1124 47.94 -76.24 -25.54
C ASP B 1124 47.50 -74.78 -25.44
N VAL B 1125 46.21 -74.52 -25.30
CA VAL B 1125 45.68 -73.15 -25.32
C VAL B 1125 45.03 -72.78 -23.99
N VAL B 1126 44.18 -73.66 -23.45
CA VAL B 1126 43.39 -73.31 -22.27
C VAL B 1126 44.30 -73.24 -21.05
N ILE B 1127 44.21 -72.15 -20.31
CA ILE B 1127 45.00 -71.93 -19.11
C ILE B 1127 44.26 -72.56 -17.93
N GLY B 1128 44.85 -73.58 -17.33
CA GLY B 1128 44.23 -74.29 -16.23
C GLY B 1128 43.58 -75.60 -16.60
N ILE B 1129 43.69 -76.03 -17.87
CA ILE B 1129 43.08 -77.27 -18.30
C ILE B 1129 43.71 -78.44 -17.55
N VAL B 1130 42.90 -79.41 -17.18
CA VAL B 1130 43.34 -80.53 -16.36
C VAL B 1130 43.12 -81.83 -17.13
N ASN B 1131 43.78 -82.88 -16.66
CA ASN B 1131 43.69 -84.22 -17.25
C ASN B 1131 42.64 -85.03 -16.52
N ASN B 1132 41.70 -85.59 -17.28
CA ASN B 1132 40.73 -86.52 -16.71
C ASN B 1132 40.10 -87.29 -17.85
N THR B 1133 39.50 -88.44 -17.50
CA THR B 1133 38.84 -89.27 -18.49
C THR B 1133 37.47 -88.69 -18.83
N VAL B 1134 37.17 -88.63 -20.12
CA VAL B 1134 35.86 -88.24 -20.61
C VAL B 1134 35.18 -89.50 -21.13
N TYR B 1135 34.07 -89.87 -20.50
CA TYR B 1135 33.45 -91.16 -20.75
C TYR B 1135 32.66 -91.14 -22.06
N ASP B 1136 32.78 -92.21 -22.82
CA ASP B 1136 32.07 -92.34 -24.10
C ASP B 1136 30.94 -93.34 -23.93
N PRO B 1137 29.67 -92.92 -23.88
CA PRO B 1137 28.58 -93.88 -23.65
C PRO B 1137 28.48 -94.97 -24.71
N LEU B 1138 28.93 -94.72 -25.93
CA LEU B 1138 28.78 -95.70 -27.00
C LEU B 1138 29.78 -96.85 -26.87
N GLN B 1139 30.90 -96.63 -26.19
CA GLN B 1139 31.93 -97.66 -26.11
C GLN B 1139 31.42 -98.93 -25.44
N PRO B 1140 30.83 -98.90 -24.25
CA PRO B 1140 30.32 -100.15 -23.66
C PRO B 1140 29.19 -100.77 -24.47
N GLU B 1141 28.32 -99.95 -25.06
CA GLU B 1141 27.23 -100.48 -25.85
C GLU B 1141 27.75 -101.28 -27.04
N LEU B 1142 28.77 -100.75 -27.72
CA LEU B 1142 29.35 -101.48 -28.84
C LEU B 1142 30.20 -102.65 -28.39
N ASP B 1143 30.81 -102.55 -27.19
CA ASP B 1143 31.62 -103.65 -26.70
C ASP B 1143 30.79 -104.91 -26.46
N SER B 1144 29.59 -104.74 -25.90
CA SER B 1144 28.72 -105.87 -25.62
C SER B 1144 27.86 -106.19 -26.85
N THR C 22 46.20 31.45 -33.05
CA THR C 22 45.89 30.28 -33.85
C THR C 22 45.89 29.03 -32.97
N GLN C 23 45.27 27.96 -33.47
CA GLN C 23 45.16 26.71 -32.73
C GLN C 23 45.37 25.54 -33.68
N LEU C 24 46.12 24.54 -33.21
CA LEU C 24 46.46 23.41 -34.05
C LEU C 24 45.21 22.61 -34.41
N PRO C 25 45.18 21.97 -35.58
CA PRO C 25 44.04 21.13 -35.93
C PRO C 25 43.90 19.97 -34.95
N PRO C 26 42.67 19.56 -34.63
CA PRO C 26 42.50 18.45 -33.69
C PRO C 26 42.72 17.09 -34.33
N ALA C 27 43.79 16.41 -33.97
CA ALA C 27 44.02 15.05 -34.46
C ALA C 27 43.09 14.07 -33.75
N TYR C 28 43.06 12.85 -34.25
CA TYR C 28 42.28 11.78 -33.63
C TYR C 28 43.17 10.56 -33.41
N THR C 29 42.88 9.83 -32.34
CA THR C 29 43.65 8.63 -32.02
C THR C 29 42.77 7.64 -31.28
N ASN C 30 43.33 6.45 -31.05
CA ASN C 30 42.60 5.34 -30.43
C ASN C 30 42.86 5.33 -28.93
N SER C 31 41.79 5.27 -28.14
CA SER C 31 41.91 5.30 -26.69
C SER C 31 42.26 3.94 -26.09
N PHE C 32 42.11 2.86 -26.85
CA PHE C 32 42.38 1.51 -26.35
C PHE C 32 41.45 1.27 -25.17
N THR C 33 41.92 0.71 -24.05
CA THR C 33 41.11 0.46 -22.88
C THR C 33 41.23 1.55 -21.83
N ARG C 34 42.00 2.61 -22.12
CA ARG C 34 42.23 3.66 -21.13
C ARG C 34 40.94 4.40 -20.83
N GLY C 35 40.79 4.82 -19.57
CA GLY C 35 39.65 5.61 -19.15
C GLY C 35 38.74 4.92 -18.16
N VAL C 36 39.31 4.05 -17.33
CA VAL C 36 38.55 3.29 -16.35
C VAL C 36 38.98 3.75 -14.96
N TYR C 37 38.00 4.05 -14.11
CA TYR C 37 38.25 4.57 -12.77
C TYR C 37 37.41 3.77 -11.77
N TYR C 38 37.78 3.89 -10.51
CA TYR C 38 37.02 3.22 -9.46
C TYR C 38 35.67 3.89 -9.30
N PRO C 39 34.55 3.17 -9.50
CA PRO C 39 33.24 3.84 -9.47
C PRO C 39 32.80 4.25 -8.08
N ASP C 40 33.38 3.71 -7.02
CA ASP C 40 32.95 4.01 -5.66
C ASP C 40 34.06 3.66 -4.70
N LYS C 41 33.90 4.12 -3.45
CA LYS C 41 34.89 3.91 -2.40
C LYS C 41 34.62 2.65 -1.57
N VAL C 42 33.98 1.64 -2.16
CA VAL C 42 33.69 0.39 -1.49
C VAL C 42 34.74 -0.64 -1.91
N PHE C 43 35.37 -1.27 -0.92
CA PHE C 43 36.39 -2.27 -1.20
C PHE C 43 35.75 -3.55 -1.73
N ARG C 44 36.37 -4.15 -2.74
CA ARG C 44 35.93 -5.42 -3.29
C ARG C 44 37.16 -6.19 -3.73
N SER C 45 37.15 -7.52 -3.53
CA SER C 45 38.31 -8.34 -3.84
C SER C 45 37.87 -9.61 -4.55
N SER C 46 38.62 -9.99 -5.58
CA SER C 46 38.43 -11.27 -6.27
C SER C 46 37.00 -11.43 -6.75
N VAL C 47 36.44 -10.37 -7.32
CA VAL C 47 35.04 -10.37 -7.75
C VAL C 47 34.90 -9.61 -9.05
N LEU C 48 33.94 -10.03 -9.87
CA LEU C 48 33.57 -9.34 -11.09
C LEU C 48 32.33 -8.51 -10.80
N HIS C 49 32.47 -7.20 -10.79
CA HIS C 49 31.41 -6.28 -10.41
C HIS C 49 30.93 -5.53 -11.63
N SER C 50 29.62 -5.53 -11.86
CA SER C 50 29.02 -4.84 -13.00
C SER C 50 28.42 -3.52 -12.52
N THR C 51 28.84 -2.42 -13.13
CA THR C 51 28.41 -1.09 -12.71
C THR C 51 28.10 -0.23 -13.93
N GLN C 52 27.07 0.59 -13.80
CA GLN C 52 26.68 1.54 -14.85
C GLN C 52 27.09 2.93 -14.41
N ASP C 53 27.90 3.60 -15.23
CA ASP C 53 28.41 4.91 -14.86
C ASP C 53 28.95 5.58 -16.13
N LEU C 54 29.27 6.87 -16.00
CA LEU C 54 29.86 7.63 -17.10
C LEU C 54 31.31 7.18 -17.27
N PHE C 55 31.54 6.28 -18.21
CA PHE C 55 32.87 5.78 -18.52
C PHE C 55 33.30 6.27 -19.89
N LEU C 56 34.57 6.02 -20.21
CA LEU C 56 35.08 6.31 -21.54
C LEU C 56 34.99 5.03 -22.37
N PRO C 57 34.15 4.99 -23.41
CA PRO C 57 33.99 3.72 -24.15
C PRO C 57 35.32 3.22 -24.69
N PHE C 58 35.48 1.90 -24.67
CA PHE C 58 36.71 1.29 -25.15
C PHE C 58 36.89 1.56 -26.63
N PHE C 59 38.15 1.77 -27.03
CA PHE C 59 38.52 1.98 -28.42
C PHE C 59 37.76 3.15 -29.04
N SER C 60 37.40 4.13 -28.24
CA SER C 60 36.72 5.31 -28.74
C SER C 60 37.74 6.27 -29.36
N ASN C 61 37.24 7.11 -30.27
CA ASN C 61 38.09 8.07 -30.97
C ASN C 61 38.31 9.28 -30.07
N VAL C 62 39.53 9.44 -29.57
CA VAL C 62 39.87 10.51 -28.65
C VAL C 62 40.62 11.60 -29.40
N THR C 63 40.22 12.85 -29.19
CA THR C 63 40.90 13.96 -29.82
C THR C 63 42.29 14.14 -29.22
N TRP C 64 43.21 14.62 -30.05
CA TRP C 64 44.61 14.76 -29.70
C TRP C 64 45.09 16.15 -30.10
N PHE C 65 45.81 16.82 -29.20
CA PHE C 65 46.27 18.17 -29.41
C PHE C 65 47.76 18.26 -29.10
N HIS C 66 48.42 19.24 -29.72
CA HIS C 66 49.84 19.47 -29.55
C HIS C 66 50.05 20.80 -28.84
N ALA C 67 50.94 20.80 -27.85
CA ALA C 67 51.23 22.00 -27.07
C ALA C 67 52.61 22.54 -27.41
N ASN C 81 45.33 24.64 -27.53
CA ASN C 81 44.40 24.44 -26.42
C ASN C 81 43.13 25.26 -26.62
N PRO C 82 42.29 24.83 -27.56
CA PRO C 82 41.02 25.52 -27.80
C PRO C 82 40.04 25.35 -26.65
N VAL C 83 38.83 25.87 -26.80
CA VAL C 83 37.79 25.77 -25.78
C VAL C 83 36.93 24.57 -26.17
N LEU C 84 37.26 23.41 -25.63
CA LEU C 84 36.51 22.20 -25.92
C LEU C 84 35.20 22.17 -25.13
N PRO C 85 34.15 21.52 -25.66
CA PRO C 85 32.93 21.35 -24.88
C PRO C 85 33.12 20.38 -23.72
N PHE C 86 32.07 20.11 -22.96
CA PHE C 86 32.14 19.19 -21.84
C PHE C 86 31.08 18.10 -21.88
N ASN C 87 29.87 18.41 -22.35
CA ASN C 87 28.80 17.43 -22.44
C ASN C 87 28.49 16.79 -21.09
N ASP C 88 29.04 15.61 -20.84
CA ASP C 88 28.72 14.84 -19.64
C ASP C 88 29.95 14.42 -18.84
N GLY C 89 31.15 14.80 -19.26
CA GLY C 89 32.36 14.40 -18.60
C GLY C 89 33.50 14.30 -19.58
N VAL C 90 34.72 14.39 -19.06
CA VAL C 90 35.91 14.45 -19.90
C VAL C 90 37.00 13.58 -19.29
N TYR C 91 37.65 12.80 -20.15
CA TYR C 91 38.89 12.11 -19.83
C TYR C 91 40.05 12.85 -20.48
N PHE C 92 41.13 13.02 -19.73
CA PHE C 92 42.29 13.79 -20.15
C PHE C 92 43.52 12.94 -19.92
N ALA C 93 44.45 12.96 -20.88
CA ALA C 93 45.70 12.22 -20.74
C ALA C 93 46.84 13.06 -21.30
N SER C 94 48.00 12.99 -20.64
CA SER C 94 49.15 13.74 -21.11
C SER C 94 50.45 13.06 -20.67
N THR C 95 51.40 12.96 -21.60
CA THR C 95 52.72 12.42 -21.30
C THR C 95 53.64 13.59 -20.99
N GLU C 96 54.06 13.70 -19.73
CA GLU C 96 54.84 14.83 -19.26
C GLU C 96 56.22 14.37 -18.80
N LYS C 97 57.21 15.25 -18.98
CA LYS C 97 58.52 15.09 -18.38
C LYS C 97 58.99 16.33 -17.63
N SER C 98 58.36 17.49 -17.86
CA SER C 98 58.71 18.70 -17.14
C SER C 98 57.48 19.49 -16.73
N ASN C 99 56.29 18.88 -16.76
CA ASN C 99 55.04 19.53 -16.35
C ASN C 99 54.76 20.75 -17.24
N ILE C 100 54.63 20.48 -18.55
CA ILE C 100 54.29 21.54 -19.49
C ILE C 100 52.86 22.02 -19.24
N ILE C 101 51.93 21.10 -19.06
CA ILE C 101 50.54 21.44 -18.74
C ILE C 101 50.44 21.52 -17.23
N ARG C 102 50.32 22.74 -16.70
CA ARG C 102 50.40 22.98 -15.27
C ARG C 102 49.05 23.19 -14.60
N GLY C 103 47.96 23.08 -15.34
CA GLY C 103 46.66 23.29 -14.74
C GLY C 103 45.57 23.30 -15.79
N TRP C 104 44.35 23.55 -15.30
CA TRP C 104 43.16 23.52 -16.14
C TRP C 104 42.17 24.58 -15.66
N ILE C 105 41.29 24.98 -16.57
CA ILE C 105 40.23 25.94 -16.29
C ILE C 105 38.93 25.35 -16.83
N PHE C 106 37.87 25.43 -16.03
CA PHE C 106 36.56 24.91 -16.39
C PHE C 106 35.50 25.97 -16.17
N GLY C 107 34.43 25.87 -16.92
CA GLY C 107 33.33 26.81 -16.84
C GLY C 107 32.60 26.87 -18.17
N THR C 108 32.00 28.02 -18.44
CA THR C 108 31.29 28.27 -19.69
C THR C 108 31.89 29.42 -20.48
N THR C 109 32.12 30.56 -19.84
CA THR C 109 32.65 31.74 -20.52
C THR C 109 34.09 32.07 -20.15
N LEU C 110 34.50 31.82 -18.90
CA LEU C 110 35.87 32.06 -18.46
C LEU C 110 36.27 33.52 -18.62
N ASP C 111 35.32 34.43 -18.45
CA ASP C 111 35.58 35.87 -18.57
C ASP C 111 35.11 36.62 -17.32
N SER C 112 35.13 35.95 -16.17
CA SER C 112 34.76 36.50 -14.87
C SER C 112 33.26 36.77 -14.74
N LYS C 113 32.46 36.57 -15.79
CA LYS C 113 31.02 36.75 -15.66
C LYS C 113 30.42 35.72 -14.72
N THR C 114 30.87 34.47 -14.83
CA THR C 114 30.41 33.39 -13.96
C THR C 114 31.62 32.71 -13.33
N GLN C 115 31.36 32.00 -12.23
CA GLN C 115 32.43 31.30 -11.54
C GLN C 115 33.08 30.29 -12.46
N SER C 116 34.42 30.30 -12.50
CA SER C 116 35.19 29.40 -13.34
C SER C 116 36.20 28.66 -12.48
N LEU C 117 36.14 27.33 -12.50
CA LEU C 117 37.05 26.53 -11.71
C LEU C 117 38.47 26.64 -12.28
N LEU C 118 39.43 26.92 -11.40
CA LEU C 118 40.83 27.04 -11.78
C LEU C 118 41.63 26.08 -10.92
N ILE C 119 42.31 25.13 -11.56
CA ILE C 119 43.14 24.14 -10.89
C ILE C 119 44.57 24.32 -11.39
N VAL C 120 45.52 24.39 -10.46
CA VAL C 120 46.92 24.55 -10.79
C VAL C 120 47.74 23.59 -9.93
N ASN C 121 48.73 22.96 -10.54
CA ASN C 121 49.67 22.08 -9.84
C ASN C 121 51.07 22.61 -10.11
N ASN C 122 51.53 23.53 -9.28
CA ASN C 122 52.79 24.24 -9.48
C ASN C 122 53.79 23.82 -8.41
N ALA C 123 54.93 23.30 -8.83
CA ALA C 123 55.97 22.85 -7.90
C ALA C 123 55.41 21.80 -6.94
N THR C 124 55.14 22.20 -5.70
CA THR C 124 54.60 21.30 -4.69
C THR C 124 53.29 21.82 -4.10
N ASN C 125 52.55 22.62 -4.86
CA ASN C 125 51.30 23.22 -4.39
C ASN C 125 50.20 22.94 -5.40
N VAL C 126 49.09 22.41 -4.92
CA VAL C 126 47.89 22.20 -5.72
C VAL C 126 46.86 23.22 -5.25
N VAL C 127 46.52 24.18 -6.11
CA VAL C 127 45.65 25.28 -5.78
C VAL C 127 44.38 25.14 -6.61
N ILE C 128 43.23 25.12 -5.94
CA ILE C 128 41.92 25.03 -6.60
C ILE C 128 41.09 26.22 -6.12
N LYS C 129 40.55 26.96 -7.08
CA LYS C 129 39.74 28.15 -6.78
C LYS C 129 38.52 28.15 -7.67
N VAL C 130 37.47 28.84 -7.21
CA VAL C 130 36.23 28.94 -7.96
C VAL C 130 35.80 30.40 -8.07
N CYS C 131 36.75 31.32 -7.95
CA CYS C 131 36.43 32.74 -8.05
C CYS C 131 36.15 33.10 -9.51
N GLU C 132 35.58 34.30 -9.70
CA GLU C 132 35.32 34.83 -11.04
C GLU C 132 36.55 35.61 -11.49
N PHE C 133 37.59 34.87 -11.87
CA PHE C 133 38.82 35.49 -12.32
C PHE C 133 38.65 36.13 -13.69
N GLN C 134 39.30 37.28 -13.89
CA GLN C 134 39.30 37.95 -15.18
C GLN C 134 40.49 37.45 -15.99
N PHE C 135 40.22 36.62 -16.99
CA PHE C 135 41.24 36.03 -17.83
C PHE C 135 41.37 36.80 -19.14
N CYS C 136 42.57 36.74 -19.72
CA CYS C 136 42.84 37.41 -21.00
C CYS C 136 42.41 36.49 -22.14
N ASN C 137 42.68 36.91 -23.38
CA ASN C 137 42.32 36.08 -24.53
C ASN C 137 43.08 34.76 -24.53
N ASP C 138 44.38 34.81 -24.22
CA ASP C 138 45.23 33.62 -24.18
C ASP C 138 46.01 33.63 -22.87
N PRO C 139 45.36 33.32 -21.76
CA PRO C 139 46.06 33.30 -20.47
C PRO C 139 47.17 32.26 -20.46
N PHE C 140 48.22 32.56 -19.72
CA PHE C 140 49.36 31.65 -19.58
C PHE C 140 50.16 32.03 -18.35
N LEU C 141 51.10 31.17 -17.99
CA LEU C 141 51.97 31.38 -16.84
C LEU C 141 53.41 31.50 -17.33
N GLY C 142 54.12 32.51 -16.82
CA GLY C 142 55.50 32.71 -17.21
C GLY C 142 56.45 31.80 -16.45
N VAL C 143 57.71 31.83 -16.87
CA VAL C 143 58.74 31.02 -16.25
C VAL C 143 59.63 31.89 -15.36
N ASN C 165 33.97 36.86 -6.49
CA ASN C 165 32.90 36.16 -5.78
C ASN C 165 33.30 34.72 -5.49
N CYS C 166 34.38 34.55 -4.74
CA CYS C 166 34.87 33.23 -4.41
C CYS C 166 33.86 32.49 -3.52
N THR C 167 33.69 31.20 -3.78
CA THR C 167 32.85 30.34 -2.95
C THR C 167 33.59 29.12 -2.43
N PHE C 168 34.88 28.95 -2.78
CA PHE C 168 35.65 27.80 -2.33
C PHE C 168 37.11 28.04 -2.69
N GLU C 169 38.01 27.47 -1.88
CA GLU C 169 39.44 27.58 -2.12
C GLU C 169 40.13 26.45 -1.39
N TYR C 170 40.96 25.68 -2.10
CA TYR C 170 41.66 24.54 -1.54
C TYR C 170 43.13 24.61 -1.92
N VAL C 171 43.98 24.32 -0.93
CA VAL C 171 45.43 24.29 -1.12
C VAL C 171 45.96 23.00 -0.52
N SER C 172 46.79 22.29 -1.28
CA SER C 172 47.38 21.04 -0.80
C SER C 172 48.70 21.32 -0.09
N PHE C 186 61.47 7.41 -20.21
CA PHE C 186 61.15 7.83 -18.85
C PHE C 186 60.25 9.06 -18.85
N LYS C 187 58.95 8.84 -19.02
CA LYS C 187 57.95 9.90 -18.98
C LYS C 187 56.77 9.45 -18.14
N ASN C 188 56.04 10.42 -17.60
CA ASN C 188 54.89 10.16 -16.75
C ASN C 188 53.61 10.42 -17.54
N LEU C 189 52.84 9.36 -17.76
CA LEU C 189 51.52 9.49 -18.38
C LEU C 189 50.53 9.78 -17.26
N ARG C 190 50.07 11.02 -17.19
CA ARG C 190 49.08 11.45 -16.21
C ARG C 190 47.71 11.41 -16.88
N GLU C 191 46.78 10.67 -16.26
CA GLU C 191 45.43 10.54 -16.73
C GLU C 191 44.48 11.04 -15.66
N PHE C 192 43.46 11.78 -16.09
CA PHE C 192 42.50 12.39 -15.20
C PHE C 192 41.11 12.24 -15.80
N VAL C 193 40.11 12.24 -14.93
CA VAL C 193 38.71 12.21 -15.34
C VAL C 193 37.97 13.26 -14.54
N PHE C 194 37.23 14.13 -15.23
CA PHE C 194 36.46 15.19 -14.59
C PHE C 194 35.02 15.08 -15.06
N LYS C 195 34.07 15.08 -14.12
CA LYS C 195 32.67 15.04 -14.49
C LYS C 195 31.85 15.81 -13.48
N ASN C 196 30.59 16.05 -13.83
CA ASN C 196 29.65 16.76 -12.97
C ASN C 196 28.39 15.94 -12.84
N ILE C 197 28.07 15.54 -11.61
CA ILE C 197 26.86 14.76 -11.32
C ILE C 197 26.10 15.45 -10.19
N ASP C 198 24.87 15.84 -10.48
CA ASP C 198 24.00 16.49 -9.48
C ASP C 198 24.68 17.73 -8.89
N GLY C 199 25.38 18.48 -9.74
CA GLY C 199 26.05 19.69 -9.30
C GLY C 199 27.35 19.45 -8.56
N TYR C 200 27.81 18.20 -8.47
CA TYR C 200 29.06 17.86 -7.80
C TYR C 200 30.13 17.58 -8.83
N PHE C 201 31.26 18.28 -8.72
CA PHE C 201 32.38 18.12 -9.63
C PHE C 201 33.33 17.07 -9.08
N LYS C 202 33.52 15.99 -9.82
CA LYS C 202 34.31 14.85 -9.40
C LYS C 202 35.55 14.73 -10.28
N ILE C 203 36.69 14.48 -9.64
CA ILE C 203 37.99 14.35 -10.29
C ILE C 203 38.66 13.07 -9.83
N TYR C 204 39.00 12.21 -10.79
CA TYR C 204 39.80 11.01 -10.57
C TYR C 204 41.13 11.17 -11.30
N SER C 205 42.16 10.46 -10.84
CA SER C 205 43.49 10.65 -11.39
C SER C 205 44.31 9.37 -11.25
N LYS C 206 45.35 9.28 -12.08
CA LYS C 206 46.31 8.19 -12.02
C LYS C 206 47.53 8.54 -12.85
N HIS C 207 48.71 8.31 -12.30
CA HIS C 207 49.98 8.58 -12.98
C HIS C 207 50.70 7.25 -13.21
N THR C 208 51.17 7.04 -14.44
CA THR C 208 51.86 5.81 -14.78
C THR C 208 53.23 6.10 -15.39
N PRO C 209 54.25 5.28 -15.09
CA PRO C 209 55.54 5.46 -15.76
C PRO C 209 55.61 4.70 -17.08
N ILE C 210 55.83 5.42 -18.19
CA ILE C 210 55.91 4.78 -19.49
C ILE C 210 57.12 5.32 -20.25
N ASN C 211 57.53 4.58 -21.27
CA ASN C 211 58.57 5.00 -22.20
C ASN C 211 57.99 4.89 -23.61
N LEU C 212 57.26 5.92 -24.02
CA LEU C 212 56.67 5.99 -25.34
C LEU C 212 56.03 7.36 -25.51
N VAL C 213 56.14 7.92 -26.71
CA VAL C 213 55.60 9.25 -26.99
C VAL C 213 54.59 9.25 -28.14
N ARG C 214 54.48 8.14 -28.89
CA ARG C 214 53.58 8.13 -30.05
C ARG C 214 52.12 8.22 -29.62
N GLY C 215 51.73 7.46 -28.61
CA GLY C 215 50.34 7.44 -28.21
C GLY C 215 50.13 6.72 -26.89
N LEU C 216 48.87 6.53 -26.56
CA LEU C 216 48.52 5.90 -25.29
C LEU C 216 48.98 4.44 -25.27
N PRO C 217 49.51 3.96 -24.15
CA PRO C 217 49.92 2.55 -24.09
C PRO C 217 48.73 1.61 -24.23
N GLN C 218 49.01 0.43 -24.77
CA GLN C 218 47.99 -0.62 -24.90
C GLN C 218 48.02 -1.45 -23.63
N GLY C 219 47.20 -1.06 -22.67
CA GLY C 219 47.16 -1.75 -21.39
C GLY C 219 46.01 -1.22 -20.56
N PHE C 220 45.94 -1.71 -19.32
CA PHE C 220 44.88 -1.33 -18.40
C PHE C 220 45.50 -0.81 -17.10
N SER C 221 45.01 0.34 -16.65
CA SER C 221 45.40 0.90 -15.36
C SER C 221 44.27 1.79 -14.88
N ALA C 222 43.78 1.55 -13.67
CA ALA C 222 42.59 2.23 -13.17
C ALA C 222 42.95 3.56 -12.51
N LEU C 223 41.94 4.41 -12.38
CA LEU C 223 42.07 5.74 -11.81
C LEU C 223 41.31 5.82 -10.50
N GLU C 224 41.99 6.26 -9.44
CA GLU C 224 41.34 6.43 -8.15
C GLU C 224 40.59 7.76 -8.09
N PRO C 225 39.58 7.86 -7.23
CA PRO C 225 38.91 9.16 -7.03
C PRO C 225 39.72 10.04 -6.09
N LEU C 226 39.84 11.32 -6.44
CA LEU C 226 40.63 12.25 -5.66
C LEU C 226 39.83 13.42 -5.09
N VAL C 227 39.02 14.09 -5.89
CA VAL C 227 38.42 15.35 -5.47
C VAL C 227 36.93 15.36 -5.76
N ASP C 228 36.15 15.91 -4.83
CA ASP C 228 34.74 16.19 -5.02
C ASP C 228 34.46 17.59 -4.50
N LEU C 229 33.83 18.42 -5.33
CA LEU C 229 33.53 19.79 -4.96
C LEU C 229 32.05 20.09 -5.18
N PRO C 230 31.38 20.79 -4.24
CA PRO C 230 29.98 21.19 -4.44
C PRO C 230 29.83 22.53 -5.14
N ILE C 231 30.49 22.69 -6.29
CA ILE C 231 30.44 23.97 -7.00
C ILE C 231 29.06 24.23 -7.56
N GLY C 232 28.40 23.19 -8.05
CA GLY C 232 27.07 23.37 -8.65
C GLY C 232 27.10 24.25 -9.88
N ILE C 233 28.10 24.08 -10.73
CA ILE C 233 28.29 24.90 -11.93
C ILE C 233 27.95 24.07 -13.15
N ASN C 234 27.08 24.61 -14.01
CA ASN C 234 26.71 23.94 -15.25
C ASN C 234 27.84 24.12 -16.25
N ILE C 235 28.84 23.25 -16.13
CA ILE C 235 30.04 23.34 -16.95
C ILE C 235 29.75 22.71 -18.31
N THR C 236 29.94 23.50 -19.38
CA THR C 236 29.80 23.02 -20.74
C THR C 236 31.07 23.13 -21.56
N ARG C 237 32.10 23.80 -21.04
CA ARG C 237 33.37 23.95 -21.75
C ARG C 237 34.51 23.94 -20.73
N PHE C 238 35.72 23.88 -21.24
CA PHE C 238 36.91 23.91 -20.39
C PHE C 238 38.13 24.15 -21.27
N GLN C 239 39.25 24.47 -20.62
CA GLN C 239 40.50 24.72 -21.33
C GLN C 239 41.65 24.50 -20.37
N THR C 240 42.81 24.18 -20.92
CA THR C 240 44.00 23.85 -20.14
C THR C 240 44.94 25.04 -20.04
N LEU C 241 45.95 24.89 -19.19
CA LEU C 241 46.96 25.92 -18.95
C LEU C 241 48.34 25.34 -19.18
N HIS C 242 49.11 25.97 -20.07
CA HIS C 242 50.44 25.52 -20.43
C HIS C 242 51.48 26.54 -20.00
N ILE C 243 52.66 26.04 -19.65
CA ILE C 243 53.76 26.91 -19.23
C ILE C 243 54.35 27.61 -20.45
N ALA C 261 50.31 18.23 -26.52
CA ALA C 261 50.48 16.79 -26.52
C ALA C 261 49.57 16.15 -25.48
N TYR C 262 48.28 16.38 -25.60
CA TYR C 262 47.31 15.81 -24.66
C TYR C 262 46.10 15.30 -25.41
N TYR C 263 45.45 14.31 -24.82
CA TYR C 263 44.29 13.64 -25.40
C TYR C 263 43.05 13.91 -24.55
N VAL C 264 41.94 14.13 -25.24
CA VAL C 264 40.66 14.45 -24.62
C VAL C 264 39.60 13.52 -25.18
N GLY C 265 38.77 12.97 -24.29
CA GLY C 265 37.67 12.12 -24.69
C GLY C 265 36.44 12.41 -23.86
N TYR C 266 35.29 11.99 -24.38
CA TYR C 266 34.01 12.23 -23.72
C TYR C 266 33.51 10.97 -23.04
N LEU C 267 32.90 11.14 -21.87
CA LEU C 267 32.31 10.03 -21.12
C LEU C 267 30.86 9.83 -21.53
N GLN C 268 30.43 8.58 -21.54
CA GLN C 268 29.06 8.20 -21.84
C GLN C 268 28.54 7.27 -20.76
N PRO C 269 27.23 7.22 -20.55
CA PRO C 269 26.67 6.32 -19.53
C PRO C 269 26.79 4.86 -19.93
N ARG C 270 27.98 4.29 -19.79
CA ARG C 270 28.25 2.93 -20.20
C ARG C 270 28.18 1.98 -19.01
N THR C 271 27.78 0.75 -19.28
CA THR C 271 27.83 -0.32 -18.29
C THR C 271 29.11 -1.12 -18.48
N PHE C 272 29.88 -1.25 -17.41
CA PHE C 272 31.15 -1.94 -17.42
C PHE C 272 31.11 -3.14 -16.49
N LEU C 273 32.01 -4.08 -16.75
CA LEU C 273 32.23 -5.24 -15.89
C LEU C 273 33.68 -5.18 -15.44
N LEU C 274 33.91 -4.73 -14.22
CA LEU C 274 35.25 -4.55 -13.67
C LEU C 274 35.66 -5.81 -12.90
N LYS C 275 36.96 -6.06 -12.87
CA LYS C 275 37.51 -7.22 -12.19
C LYS C 275 38.40 -6.75 -11.03
N TYR C 276 37.95 -6.98 -9.80
CA TYR C 276 38.74 -6.69 -8.62
C TYR C 276 39.53 -7.93 -8.24
N ASN C 277 40.86 -7.80 -8.23
CA ASN C 277 41.74 -8.92 -7.94
C ASN C 277 41.78 -9.14 -6.43
N GLU C 278 42.72 -9.98 -5.97
CA GLU C 278 42.79 -10.32 -4.55
C GLU C 278 43.02 -9.10 -3.69
N ASN C 279 43.78 -8.12 -4.19
CA ASN C 279 44.13 -6.93 -3.43
C ASN C 279 43.19 -5.76 -3.69
N GLY C 280 42.09 -5.99 -4.40
CA GLY C 280 41.11 -4.95 -4.64
C GLY C 280 41.42 -4.01 -5.77
N THR C 281 42.43 -4.31 -6.59
CA THR C 281 42.78 -3.48 -7.72
C THR C 281 41.99 -3.92 -8.94
N ILE C 282 41.45 -2.94 -9.67
CA ILE C 282 40.70 -3.22 -10.90
C ILE C 282 41.74 -3.52 -11.98
N THR C 283 42.02 -4.80 -12.20
CA THR C 283 43.05 -5.23 -13.14
C THR C 283 42.49 -5.56 -14.52
N ASP C 284 41.19 -5.42 -14.74
CA ASP C 284 40.61 -5.71 -16.04
C ASP C 284 39.19 -5.16 -16.08
N ALA C 285 38.70 -4.93 -17.29
CA ALA C 285 37.35 -4.40 -17.46
C ALA C 285 36.83 -4.81 -18.82
N VAL C 286 35.50 -4.89 -18.91
CA VAL C 286 34.80 -5.23 -20.15
C VAL C 286 33.74 -4.17 -20.39
N ASP C 287 33.75 -3.58 -21.58
CA ASP C 287 32.75 -2.60 -21.99
C ASP C 287 31.60 -3.36 -22.65
N CYS C 288 30.49 -3.49 -21.92
CA CYS C 288 29.43 -4.40 -22.34
C CYS C 288 28.82 -4.03 -23.67
N ALA C 289 28.95 -2.77 -24.10
CA ALA C 289 28.35 -2.32 -25.36
C ALA C 289 29.35 -2.21 -26.49
N LEU C 290 30.60 -2.64 -26.27
CA LEU C 290 31.61 -2.53 -27.31
C LEU C 290 31.28 -3.42 -28.51
N ASP C 291 30.97 -4.68 -28.26
CA ASP C 291 30.72 -5.64 -29.32
C ASP C 291 29.91 -6.78 -28.74
N PRO C 292 29.37 -7.66 -29.59
CA PRO C 292 28.58 -8.79 -29.07
C PRO C 292 29.34 -9.68 -28.12
N LEU C 293 30.65 -9.85 -28.31
CA LEU C 293 31.42 -10.68 -27.39
C LEU C 293 31.48 -10.06 -26.00
N SER C 294 31.58 -8.73 -25.92
CA SER C 294 31.53 -8.08 -24.62
C SER C 294 30.15 -8.19 -23.97
N GLU C 295 29.09 -8.13 -24.78
CA GLU C 295 27.77 -8.39 -24.25
C GLU C 295 27.67 -9.79 -23.67
N THR C 296 28.24 -10.78 -24.38
CA THR C 296 28.23 -12.15 -23.87
C THR C 296 29.02 -12.26 -22.57
N LYS C 297 30.19 -11.64 -22.51
CA LYS C 297 30.99 -11.67 -21.29
C LYS C 297 30.25 -11.06 -20.12
N CYS C 298 29.57 -9.92 -20.35
CA CYS C 298 28.82 -9.29 -19.28
C CYS C 298 27.62 -10.14 -18.86
N THR C 299 26.94 -10.76 -19.82
CA THR C 299 25.81 -11.61 -19.49
C THR C 299 26.24 -12.81 -18.66
N LEU C 300 27.37 -13.42 -19.01
CA LEU C 300 27.88 -14.57 -18.27
C LEU C 300 28.65 -14.19 -17.02
N LYS C 301 28.90 -12.90 -16.79
CA LYS C 301 29.66 -12.44 -15.64
C LYS C 301 31.03 -13.13 -15.57
N SER C 302 31.71 -13.15 -16.71
CA SER C 302 33.02 -13.79 -16.80
C SER C 302 33.77 -13.23 -17.99
N PHE C 303 35.09 -13.13 -17.85
CA PHE C 303 35.95 -12.70 -18.95
C PHE C 303 36.26 -13.82 -19.93
N THR C 304 36.01 -15.07 -19.54
CA THR C 304 36.20 -16.23 -20.41
C THR C 304 34.83 -16.77 -20.81
N VAL C 305 34.65 -16.99 -22.11
CA VAL C 305 33.39 -17.48 -22.67
C VAL C 305 33.68 -18.76 -23.41
N GLU C 306 32.91 -19.80 -23.10
CA GLU C 306 33.11 -21.11 -23.71
C GLU C 306 32.46 -21.17 -25.09
N LYS C 307 32.77 -22.23 -25.83
CA LYS C 307 32.10 -22.47 -27.10
C LYS C 307 30.62 -22.70 -26.87
N GLY C 308 29.79 -22.01 -27.61
CA GLY C 308 28.36 -22.15 -27.47
C GLY C 308 27.63 -20.95 -28.05
N ILE C 309 26.31 -20.94 -27.83
CA ILE C 309 25.44 -19.87 -28.31
C ILE C 309 24.64 -19.37 -27.12
N TYR C 310 24.80 -18.09 -26.80
CA TYR C 310 24.21 -17.48 -25.61
C TYR C 310 23.30 -16.34 -26.02
N GLN C 311 22.10 -16.29 -25.45
CA GLN C 311 21.20 -15.16 -25.64
C GLN C 311 21.67 -14.03 -24.73
N THR C 312 22.16 -12.95 -25.33
CA THR C 312 22.81 -11.87 -24.59
C THR C 312 21.91 -10.67 -24.36
N SER C 313 20.94 -10.43 -25.24
CA SER C 313 20.06 -9.27 -25.11
C SER C 313 18.85 -9.49 -26.00
N ASN C 314 18.05 -8.43 -26.15
CA ASN C 314 16.89 -8.45 -27.01
C ASN C 314 17.01 -7.32 -28.02
N PHE C 315 16.41 -7.55 -29.18
CA PHE C 315 16.43 -6.62 -30.29
C PHE C 315 15.01 -6.12 -30.53
N ARG C 316 14.90 -4.81 -30.77
CA ARG C 316 13.61 -4.15 -30.95
C ARG C 316 13.82 -2.96 -31.88
N VAL C 317 12.96 -2.86 -32.89
CA VAL C 317 13.06 -1.78 -33.87
C VAL C 317 12.51 -0.51 -33.24
N GLN C 318 13.37 0.48 -33.04
CA GLN C 318 12.95 1.71 -32.39
C GLN C 318 12.06 2.53 -33.33
N PRO C 319 11.10 3.28 -32.79
CA PRO C 319 10.19 4.04 -33.66
C PRO C 319 10.93 5.08 -34.48
N THR C 320 10.50 5.24 -35.73
CA THR C 320 11.12 6.21 -36.62
C THR C 320 10.71 7.65 -36.27
N GLU C 321 9.44 7.87 -35.93
CA GLU C 321 8.93 9.21 -35.70
C GLU C 321 7.67 9.10 -34.84
N SER C 322 6.96 10.22 -34.70
CA SER C 322 5.75 10.28 -33.90
C SER C 322 4.58 10.72 -34.78
N ILE C 323 3.43 10.07 -34.59
CA ILE C 323 2.22 10.33 -35.36
C ILE C 323 1.12 10.76 -34.41
N VAL C 324 0.42 11.83 -34.77
CA VAL C 324 -0.74 12.32 -34.01
C VAL C 324 -1.90 12.42 -34.98
N ARG C 325 -3.05 11.85 -34.59
CA ARG C 325 -4.24 11.83 -35.44
C ARG C 325 -5.44 12.13 -34.56
N PHE C 326 -5.93 13.36 -34.61
CA PHE C 326 -7.12 13.79 -33.90
C PHE C 326 -8.22 14.12 -34.90
N PRO C 327 -9.48 14.15 -34.44
CA PRO C 327 -10.57 14.50 -35.35
C PRO C 327 -10.42 15.92 -35.86
N ASN C 328 -10.93 16.15 -37.07
CA ASN C 328 -10.85 17.46 -37.70
C ASN C 328 -12.01 18.31 -37.19
N ILE C 329 -11.84 18.82 -35.97
CA ILE C 329 -12.85 19.61 -35.28
C ILE C 329 -12.37 21.06 -35.23
N THR C 330 -13.25 21.98 -35.64
CA THR C 330 -12.91 23.39 -35.80
C THR C 330 -13.86 24.28 -35.01
N ASN C 331 -14.13 23.93 -33.76
CA ASN C 331 -14.93 24.74 -32.85
C ASN C 331 -14.25 24.83 -31.50
N LEU C 332 -14.40 25.97 -30.85
CA LEU C 332 -13.91 26.15 -29.49
C LEU C 332 -14.96 25.70 -28.49
N CYS C 333 -14.52 24.98 -27.46
CA CYS C 333 -15.45 24.53 -26.44
C CYS C 333 -15.96 25.74 -25.66
N PRO C 334 -17.28 25.94 -25.56
CA PRO C 334 -17.79 27.13 -24.85
C PRO C 334 -17.76 26.94 -23.33
N PHE C 335 -16.56 26.89 -22.78
CA PHE C 335 -16.39 26.79 -21.35
C PHE C 335 -16.55 28.13 -20.64
N GLY C 336 -16.62 29.23 -21.38
CA GLY C 336 -16.79 30.53 -20.75
C GLY C 336 -18.14 30.67 -20.07
N GLU C 337 -19.20 30.18 -20.71
CA GLU C 337 -20.53 30.27 -20.15
C GLU C 337 -20.78 29.24 -19.05
N VAL C 338 -19.74 28.54 -18.61
CA VAL C 338 -19.81 27.67 -17.44
C VAL C 338 -19.02 28.27 -16.28
N PHE C 339 -17.72 28.49 -16.47
CA PHE C 339 -16.89 29.06 -15.42
C PHE C 339 -17.16 30.54 -15.20
N ASN C 340 -17.57 31.26 -16.26
CA ASN C 340 -17.70 32.72 -16.22
C ASN C 340 -19.14 33.17 -16.22
N ALA C 341 -20.08 32.30 -15.88
CA ALA C 341 -21.48 32.68 -15.84
C ALA C 341 -21.74 33.70 -14.75
N THR C 342 -22.78 34.51 -14.94
CA THR C 342 -23.10 35.56 -13.97
C THR C 342 -23.64 34.97 -12.68
N ARG C 343 -24.48 33.94 -12.79
CA ARG C 343 -25.11 33.33 -11.62
C ARG C 343 -25.10 31.82 -11.79
N PHE C 344 -24.47 31.13 -10.85
CA PHE C 344 -24.46 29.68 -10.84
C PHE C 344 -25.79 29.15 -10.30
N ALA C 345 -26.05 27.88 -10.57
CA ALA C 345 -27.28 27.25 -10.12
C ALA C 345 -27.15 26.87 -8.65
N SER C 346 -28.23 26.31 -8.10
CA SER C 346 -28.23 25.81 -6.74
C SER C 346 -27.75 24.36 -6.74
N VAL C 347 -27.14 23.96 -5.61
CA VAL C 347 -26.55 22.63 -5.55
C VAL C 347 -27.63 21.56 -5.70
N TYR C 348 -28.81 21.76 -5.13
CA TYR C 348 -29.87 20.78 -5.27
C TYR C 348 -30.36 20.71 -6.71
N ALA C 349 -30.25 21.80 -7.45
CA ALA C 349 -30.66 21.85 -8.85
C ALA C 349 -29.45 22.18 -9.72
N TRP C 350 -28.35 21.49 -9.46
CA TRP C 350 -27.09 21.77 -10.14
C TRP C 350 -27.29 21.77 -11.65
N ASN C 351 -26.64 22.71 -12.32
CA ASN C 351 -26.77 22.84 -13.77
C ASN C 351 -25.79 21.91 -14.46
N ARG C 352 -26.19 21.35 -15.60
CA ARG C 352 -25.31 20.49 -16.39
C ARG C 352 -25.30 20.96 -17.84
N LYS C 353 -24.13 21.36 -18.32
CA LYS C 353 -23.94 21.70 -19.72
C LYS C 353 -23.17 20.60 -20.42
N ARG C 354 -23.57 20.30 -21.65
CA ARG C 354 -22.90 19.28 -22.46
C ARG C 354 -21.93 19.95 -23.41
N ILE C 355 -20.66 19.60 -23.30
CA ILE C 355 -19.61 20.08 -24.19
C ILE C 355 -19.28 18.96 -25.16
N SER C 356 -19.46 19.23 -26.45
CA SER C 356 -19.28 18.21 -27.48
C SER C 356 -18.88 18.88 -28.78
N ASN C 357 -18.07 18.18 -29.57
CA ASN C 357 -17.66 18.63 -30.89
C ASN C 357 -16.96 19.98 -30.81
N CYS C 358 -15.82 19.99 -30.13
CA CYS C 358 -15.07 21.22 -29.91
C CYS C 358 -13.68 20.86 -29.42
N VAL C 359 -12.79 21.84 -29.40
CA VAL C 359 -11.43 21.68 -28.92
C VAL C 359 -11.20 22.70 -27.81
N ALA C 360 -10.63 22.24 -26.70
CA ALA C 360 -10.39 23.07 -25.54
C ALA C 360 -8.92 23.02 -25.17
N ASP C 361 -8.33 24.18 -24.95
CA ASP C 361 -6.95 24.30 -24.46
C ASP C 361 -7.03 24.41 -22.94
N TYR C 362 -6.82 23.28 -22.26
CA TYR C 362 -6.90 23.26 -20.80
C TYR C 362 -5.70 23.92 -20.13
N SER C 363 -4.72 24.38 -20.90
CA SER C 363 -3.60 25.09 -20.31
C SER C 363 -4.08 26.34 -19.59
N VAL C 364 -5.03 27.06 -20.18
CA VAL C 364 -5.59 28.24 -19.54
C VAL C 364 -6.30 27.87 -18.25
N LEU C 365 -6.71 26.62 -18.11
CA LEU C 365 -7.48 26.21 -16.94
C LEU C 365 -6.57 25.93 -15.74
N TYR C 366 -5.67 24.96 -15.88
CA TYR C 366 -4.81 24.60 -14.75
C TYR C 366 -3.69 25.61 -14.50
N ASN C 367 -3.47 26.55 -15.41
CA ASN C 367 -2.54 27.65 -15.16
C ASN C 367 -3.23 28.86 -14.52
N SER C 368 -4.53 28.77 -14.27
CA SER C 368 -5.25 29.87 -13.65
C SER C 368 -5.07 29.83 -12.13
N ALA C 369 -4.85 31.00 -11.53
CA ALA C 369 -4.68 31.13 -10.09
C ALA C 369 -5.98 31.45 -9.37
N SER C 370 -7.11 31.52 -10.09
CA SER C 370 -8.38 31.91 -9.51
C SER C 370 -9.06 30.77 -8.75
N PHE C 371 -8.51 29.56 -8.78
CA PHE C 371 -9.15 28.39 -8.20
C PHE C 371 -8.49 28.01 -6.89
N SER C 372 -9.30 27.75 -5.87
CA SER C 372 -8.81 27.24 -4.60
C SER C 372 -8.74 25.73 -4.56
N THR C 373 -9.62 25.05 -5.31
CA THR C 373 -9.63 23.60 -5.40
C THR C 373 -9.54 23.21 -6.87
N PHE C 374 -8.61 22.32 -7.19
CA PHE C 374 -8.47 21.79 -8.55
C PHE C 374 -7.95 20.36 -8.40
N LYS C 375 -8.88 19.41 -8.37
CA LYS C 375 -8.54 18.01 -8.10
C LYS C 375 -9.10 17.14 -9.21
N CYS C 376 -8.22 16.45 -9.92
CA CYS C 376 -8.61 15.56 -11.00
C CYS C 376 -8.52 14.10 -10.55
N TYR C 377 -9.44 13.30 -11.04
CA TYR C 377 -9.56 11.89 -10.70
C TYR C 377 -9.58 11.07 -11.98
N GLY C 378 -8.64 10.13 -12.11
CA GLY C 378 -8.53 9.31 -13.28
C GLY C 378 -7.76 9.93 -14.42
N VAL C 379 -7.35 11.19 -14.29
CA VAL C 379 -6.66 11.91 -15.36
C VAL C 379 -5.88 13.05 -14.72
N SER C 380 -4.79 13.43 -15.35
CA SER C 380 -3.97 14.52 -14.84
C SER C 380 -4.31 15.83 -15.54
N PRO C 381 -4.27 16.95 -14.83
CA PRO C 381 -4.64 18.23 -15.48
C PRO C 381 -3.75 18.55 -16.67
N THR C 382 -2.47 18.22 -16.61
CA THR C 382 -1.54 18.55 -17.68
C THR C 382 -1.64 17.61 -18.86
N LYS C 383 -2.28 16.46 -18.71
CA LYS C 383 -2.46 15.50 -19.80
C LYS C 383 -3.68 15.81 -20.67
N LEU C 384 -4.55 16.71 -20.22
CA LEU C 384 -5.83 16.91 -20.90
C LEU C 384 -5.66 17.46 -22.31
N ASN C 385 -4.54 18.14 -22.59
CA ASN C 385 -4.31 18.65 -23.94
C ASN C 385 -3.87 17.56 -24.91
N ASP C 386 -3.48 16.39 -24.41
CA ASP C 386 -3.06 15.27 -25.25
C ASP C 386 -4.15 14.21 -25.38
N LEU C 387 -5.34 14.47 -24.85
CA LEU C 387 -6.40 13.48 -24.79
C LEU C 387 -7.64 14.00 -25.53
N CYS C 388 -8.41 13.06 -26.06
CA CYS C 388 -9.70 13.33 -26.65
C CYS C 388 -10.77 12.56 -25.89
N PHE C 389 -11.95 13.15 -25.81
CA PHE C 389 -13.06 12.57 -25.06
C PHE C 389 -14.32 12.58 -25.93
N THR C 390 -15.16 11.56 -25.72
CA THR C 390 -16.39 11.47 -26.48
C THR C 390 -17.32 12.63 -26.15
N ASN C 391 -17.43 12.97 -24.87
CA ASN C 391 -18.20 14.12 -24.43
C ASN C 391 -17.57 14.64 -23.15
N VAL C 392 -17.94 15.87 -22.78
CA VAL C 392 -17.61 16.42 -21.49
C VAL C 392 -18.89 16.97 -20.89
N TYR C 393 -19.06 16.79 -19.59
CA TYR C 393 -20.21 17.34 -18.88
C TYR C 393 -19.70 18.31 -17.82
N ALA C 394 -20.08 19.58 -17.96
CA ALA C 394 -19.69 20.62 -17.02
C ALA C 394 -20.88 20.86 -16.09
N ASP C 395 -20.77 20.36 -14.86
CA ASP C 395 -21.82 20.52 -13.85
C ASP C 395 -21.42 21.64 -12.92
N SER C 396 -22.24 22.68 -12.86
CA SER C 396 -21.92 23.89 -12.13
C SER C 396 -22.97 24.16 -11.06
N PHE C 397 -22.50 24.61 -9.90
CA PHE C 397 -23.39 24.93 -8.79
C PHE C 397 -22.60 25.72 -7.76
N VAL C 398 -23.26 26.06 -6.65
CA VAL C 398 -22.66 26.82 -5.56
C VAL C 398 -22.91 26.08 -4.26
N ILE C 399 -21.87 25.98 -3.42
CA ILE C 399 -21.97 25.43 -2.08
C ILE C 399 -21.18 26.35 -1.15
N ARG C 400 -21.03 25.95 0.10
CA ARG C 400 -20.19 26.68 1.03
C ARG C 400 -18.86 25.94 1.22
N GLY C 401 -17.86 26.68 1.70
CA GLY C 401 -16.50 26.16 1.67
C GLY C 401 -16.34 24.83 2.37
N ASP C 402 -16.92 24.71 3.57
CA ASP C 402 -16.78 23.48 4.34
C ASP C 402 -17.38 22.27 3.61
N GLU C 403 -18.13 22.48 2.54
CA GLU C 403 -18.74 21.40 1.80
C GLU C 403 -18.01 21.06 0.52
N VAL C 404 -16.95 21.80 0.17
CA VAL C 404 -16.23 21.53 -1.07
C VAL C 404 -15.63 20.13 -1.03
N ARG C 405 -15.18 19.68 0.14
CA ARG C 405 -14.64 18.34 0.27
C ARG C 405 -15.67 17.26 -0.07
N GLN C 406 -16.97 17.57 0.05
CA GLN C 406 -17.98 16.57 -0.25
C GLN C 406 -18.12 16.34 -1.74
N ILE C 407 -17.60 17.23 -2.58
CA ILE C 407 -17.62 17.05 -4.03
C ILE C 407 -16.37 16.26 -4.38
N ALA C 408 -16.46 14.95 -4.23
CA ALA C 408 -15.34 14.04 -4.48
C ALA C 408 -15.85 12.62 -4.47
N PRO C 409 -15.27 11.73 -5.27
CA PRO C 409 -15.75 10.33 -5.31
C PRO C 409 -15.54 9.67 -3.96
N GLY C 410 -16.62 9.10 -3.41
CA GLY C 410 -16.54 8.45 -2.12
C GLY C 410 -16.63 9.41 -0.96
N GLN C 411 -17.73 10.16 -0.88
CA GLN C 411 -17.98 11.09 0.21
C GLN C 411 -19.42 10.96 0.67
N THR C 412 -19.68 11.43 1.88
CA THR C 412 -21.01 11.40 2.46
C THR C 412 -21.26 12.71 3.18
N GLY C 413 -22.53 13.08 3.24
CA GLY C 413 -22.94 14.32 3.88
C GLY C 413 -24.21 14.82 3.24
N ASN C 414 -24.64 16.01 3.68
CA ASN C 414 -25.84 16.60 3.11
C ASN C 414 -25.68 16.84 1.62
N ILE C 415 -24.57 17.47 1.21
CA ILE C 415 -24.35 17.76 -0.21
C ILE C 415 -24.24 16.46 -1.00
N ALA C 416 -23.38 15.55 -0.55
CA ALA C 416 -23.14 14.32 -1.31
C ALA C 416 -24.37 13.44 -1.34
N ASP C 417 -25.07 13.30 -0.21
CA ASP C 417 -26.19 12.39 -0.14
C ASP C 417 -27.44 12.93 -0.81
N TYR C 418 -27.71 14.24 -0.70
CA TYR C 418 -29.01 14.78 -1.07
C TYR C 418 -28.97 15.72 -2.26
N ASN C 419 -27.81 16.28 -2.61
CA ASN C 419 -27.73 17.30 -3.65
C ASN C 419 -26.95 16.84 -4.87
N TYR C 420 -25.70 16.42 -4.71
CA TYR C 420 -24.86 16.08 -5.85
C TYR C 420 -23.88 14.99 -5.45
N LYS C 421 -24.00 13.83 -6.09
CA LYS C 421 -23.18 12.67 -5.78
C LYS C 421 -22.31 12.31 -6.99
N LEU C 422 -21.01 12.16 -6.75
CA LEU C 422 -20.07 11.69 -7.76
C LEU C 422 -19.87 10.19 -7.64
N PRO C 423 -19.86 9.44 -8.74
CA PRO C 423 -19.68 7.99 -8.65
C PRO C 423 -18.28 7.64 -8.18
N ASP C 424 -18.09 6.35 -7.86
CA ASP C 424 -16.79 5.88 -7.39
C ASP C 424 -15.79 5.77 -8.53
N ASP C 425 -16.26 5.40 -9.73
CA ASP C 425 -15.41 5.32 -10.91
C ASP C 425 -15.37 6.63 -11.69
N PHE C 426 -15.58 7.74 -11.00
CA PHE C 426 -15.67 9.04 -11.67
C PHE C 426 -14.33 9.43 -12.27
N THR C 427 -14.35 9.79 -13.55
CA THR C 427 -13.19 10.34 -14.24
C THR C 427 -13.51 11.79 -14.59
N GLY C 428 -12.69 12.71 -14.12
CA GLY C 428 -12.99 14.11 -14.32
C GLY C 428 -12.11 15.00 -13.47
N CYS C 429 -12.56 16.23 -13.30
CA CYS C 429 -11.86 17.23 -12.52
C CYS C 429 -12.86 18.12 -11.80
N VAL C 430 -12.70 18.25 -10.48
CA VAL C 430 -13.53 19.12 -9.66
C VAL C 430 -12.76 20.40 -9.40
N ILE C 431 -13.36 21.54 -9.72
CA ILE C 431 -12.73 22.84 -9.62
C ILE C 431 -13.65 23.74 -8.81
N ALA C 432 -13.14 24.30 -7.73
CA ALA C 432 -13.92 25.18 -6.87
C ALA C 432 -13.15 26.45 -6.60
N TRP C 433 -13.87 27.57 -6.55
CA TRP C 433 -13.24 28.85 -6.26
C TRP C 433 -14.20 29.71 -5.45
N ASN C 434 -13.62 30.48 -4.53
CA ASN C 434 -14.42 31.34 -3.67
C ASN C 434 -15.12 32.42 -4.50
N SER C 435 -16.40 32.62 -4.23
CA SER C 435 -17.21 33.61 -4.93
C SER C 435 -17.92 34.52 -3.92
N ASN C 436 -17.19 34.95 -2.90
CA ASN C 436 -17.77 35.84 -1.91
C ASN C 436 -18.20 37.16 -2.54
N ASN C 437 -17.39 37.69 -3.46
CA ASN C 437 -17.69 38.97 -4.09
C ASN C 437 -18.95 38.90 -4.95
N LEU C 438 -19.36 37.70 -5.39
CA LEU C 438 -20.46 37.54 -6.32
C LEU C 438 -21.74 37.04 -5.68
N ASP C 439 -21.64 36.14 -4.70
CA ASP C 439 -22.81 35.45 -4.15
C ASP C 439 -23.12 35.86 -2.72
N SER C 440 -22.49 36.91 -2.20
CA SER C 440 -22.74 37.38 -0.85
C SER C 440 -23.40 38.76 -0.89
N LYS C 441 -24.52 38.89 -0.21
CA LYS C 441 -25.24 40.14 -0.09
C LYS C 441 -25.29 40.58 1.36
N VAL C 442 -25.33 41.89 1.58
CA VAL C 442 -25.35 42.42 2.95
C VAL C 442 -26.58 41.93 3.69
N GLY C 443 -27.74 41.96 3.03
CA GLY C 443 -28.96 41.48 3.63
C GLY C 443 -29.14 39.98 3.60
N GLY C 444 -28.17 39.25 3.05
CA GLY C 444 -28.26 37.81 2.96
C GLY C 444 -28.71 37.36 1.58
N ASN C 445 -27.89 36.56 0.92
CA ASN C 445 -28.22 36.04 -0.41
C ASN C 445 -28.97 34.72 -0.23
N TYR C 446 -30.29 34.77 -0.43
CA TYR C 446 -31.15 33.60 -0.28
C TYR C 446 -31.47 32.95 -1.63
N ASN C 447 -30.77 33.34 -2.69
CA ASN C 447 -31.01 32.74 -4.00
C ASN C 447 -30.57 31.28 -4.04
N TYR C 448 -29.51 30.94 -3.32
CA TYR C 448 -28.94 29.60 -3.37
C TYR C 448 -29.54 28.74 -2.26
N LEU C 449 -30.01 27.55 -2.64
CA LEU C 449 -30.63 26.62 -1.71
C LEU C 449 -29.89 25.29 -1.78
N TYR C 450 -30.10 24.47 -0.76
CA TYR C 450 -29.60 23.10 -0.75
C TYR C 450 -30.61 22.19 -0.07
N ARG C 451 -30.78 21.00 -0.61
CA ARG C 451 -31.71 20.05 -0.01
C ARG C 451 -31.21 19.61 1.36
N LEU C 452 -32.01 19.86 2.39
CA LEU C 452 -31.62 19.54 3.76
C LEU C 452 -32.12 18.17 4.19
N PHE C 453 -33.25 17.71 3.67
CA PHE C 453 -33.79 16.40 3.97
C PHE C 453 -34.19 15.71 2.68
N ARG C 454 -33.87 14.42 2.58
CA ARG C 454 -34.32 13.62 1.45
C ARG C 454 -34.65 12.22 1.96
N LYS C 455 -35.54 11.54 1.24
CA LYS C 455 -36.00 10.23 1.68
C LYS C 455 -34.97 9.14 1.46
N SER C 456 -33.94 9.39 0.66
CA SER C 456 -32.87 8.42 0.44
C SER C 456 -31.67 9.18 -0.12
N ASN C 457 -30.64 8.43 -0.50
CA ASN C 457 -29.44 9.01 -1.10
C ASN C 457 -29.58 9.07 -2.61
N LEU C 458 -28.93 10.07 -3.20
CA LEU C 458 -28.93 10.22 -4.65
C LEU C 458 -27.97 9.22 -5.28
N LYS C 459 -28.38 8.65 -6.40
CA LYS C 459 -27.47 7.89 -7.23
C LYS C 459 -26.51 8.85 -7.93
N PRO C 460 -25.37 8.34 -8.41
CA PRO C 460 -24.39 9.23 -9.04
C PRO C 460 -25.00 10.01 -10.19
N PHE C 461 -24.66 11.30 -10.26
CA PHE C 461 -25.14 12.19 -11.32
C PHE C 461 -26.65 12.14 -11.43
N GLU C 462 -27.33 12.14 -10.29
CA GLU C 462 -28.77 12.19 -10.21
C GLU C 462 -29.19 13.52 -9.59
N ARG C 463 -30.24 14.12 -10.15
CA ARG C 463 -30.72 15.42 -9.72
C ARG C 463 -32.15 15.30 -9.24
N ASP C 464 -32.46 15.97 -8.13
CA ASP C 464 -33.79 15.99 -7.56
C ASP C 464 -34.21 17.44 -7.37
N ILE C 465 -35.23 17.87 -8.09
CA ILE C 465 -35.78 19.22 -7.95
C ILE C 465 -37.14 19.21 -7.27
N SER C 466 -37.62 18.05 -6.83
CA SER C 466 -38.90 17.99 -6.16
C SER C 466 -38.88 18.79 -4.87
N THR C 467 -39.93 19.59 -4.66
CA THR C 467 -40.09 20.39 -3.44
C THR C 467 -41.22 19.86 -2.57
N GLU C 468 -41.59 18.59 -2.73
CA GLU C 468 -42.62 18.00 -1.88
C GLU C 468 -42.20 18.09 -0.42
N ILE C 469 -43.17 18.41 0.45
CA ILE C 469 -42.86 18.55 1.87
C ILE C 469 -42.37 17.21 2.41
N TYR C 470 -41.24 17.25 3.12
CA TYR C 470 -40.62 16.04 3.63
C TYR C 470 -41.39 15.52 4.85
N GLN C 471 -41.74 14.24 4.81
CA GLN C 471 -42.44 13.58 5.91
C GLN C 471 -41.41 12.94 6.82
N ALA C 472 -41.10 13.59 7.94
CA ALA C 472 -40.08 13.11 8.85
C ALA C 472 -40.58 11.99 9.77
N GLY C 473 -41.88 11.72 9.79
CA GLY C 473 -42.42 10.67 10.63
C GLY C 473 -43.48 9.84 9.93
N SER C 474 -44.47 9.37 10.69
CA SER C 474 -45.57 8.60 10.14
C SER C 474 -46.82 9.43 9.90
N THR C 475 -46.72 10.76 10.05
CA THR C 475 -47.85 11.64 9.81
C THR C 475 -47.72 12.25 8.44
N PRO C 476 -48.57 11.91 7.47
CA PRO C 476 -48.47 12.55 6.15
C PRO C 476 -48.68 14.05 6.25
N CYS C 477 -47.92 14.79 5.45
CA CYS C 477 -47.92 16.25 5.54
C CYS C 477 -49.02 16.89 4.68
N ASN C 478 -49.40 16.25 3.58
CA ASN C 478 -50.42 16.80 2.68
C ASN C 478 -50.05 18.20 2.21
N GLY C 479 -48.76 18.40 1.95
CA GLY C 479 -48.29 19.66 1.41
C GLY C 479 -48.33 20.83 2.37
N VAL C 480 -48.33 20.56 3.68
CA VAL C 480 -48.36 21.61 4.69
C VAL C 480 -47.27 21.33 5.71
N LYS C 481 -46.53 22.37 6.09
CA LYS C 481 -45.50 22.23 7.11
C LYS C 481 -46.15 22.04 8.48
N GLY C 482 -45.30 21.92 9.50
CA GLY C 482 -45.79 21.78 10.86
C GLY C 482 -44.89 20.91 11.72
N PHE C 483 -45.48 19.87 12.32
CA PHE C 483 -44.75 18.94 13.17
C PHE C 483 -44.39 17.70 12.37
N ASN C 484 -43.11 17.33 12.39
CA ASN C 484 -42.60 16.22 11.59
C ASN C 484 -42.83 16.45 10.10
N CYS C 485 -42.79 17.72 9.68
CA CYS C 485 -42.93 18.08 8.28
C CYS C 485 -42.08 19.32 8.03
N TYR C 486 -41.16 19.22 7.08
CA TYR C 486 -40.21 20.28 6.79
C TYR C 486 -40.21 20.59 5.30
N PHE C 487 -39.86 21.82 4.96
CA PHE C 487 -39.58 22.17 3.58
C PHE C 487 -38.22 21.62 3.21
N PRO C 488 -38.12 20.74 2.19
CA PRO C 488 -36.87 20.00 2.00
C PRO C 488 -35.66 20.86 1.69
N LEU C 489 -35.85 22.09 1.22
CA LEU C 489 -34.75 22.95 0.82
C LEU C 489 -34.50 24.02 1.88
N GLN C 490 -33.22 24.24 2.19
CA GLN C 490 -32.80 25.25 3.13
C GLN C 490 -31.91 26.24 2.40
N SER C 491 -32.17 27.53 2.60
CA SER C 491 -31.39 28.56 1.94
C SER C 491 -30.04 28.74 2.63
N TYR C 492 -29.00 28.98 1.82
CA TYR C 492 -27.69 29.24 2.38
C TYR C 492 -27.65 30.58 3.11
N GLY C 493 -28.22 31.62 2.51
CA GLY C 493 -28.20 32.94 3.10
C GLY C 493 -26.79 33.50 3.24
N PHE C 494 -25.99 33.39 2.18
CA PHE C 494 -24.63 33.88 2.23
C PHE C 494 -24.60 35.37 2.57
N GLN C 495 -23.64 35.75 3.41
CA GLN C 495 -23.44 37.14 3.77
C GLN C 495 -21.94 37.42 3.69
N PRO C 496 -21.55 38.64 3.31
CA PRO C 496 -20.11 38.93 3.19
C PRO C 496 -19.35 38.83 4.50
N THR C 497 -20.04 38.89 5.64
CA THR C 497 -19.41 38.80 6.94
C THR C 497 -19.20 37.36 7.41
N TYR C 498 -19.69 36.38 6.66
CA TYR C 498 -19.51 34.98 7.05
C TYR C 498 -18.04 34.60 7.03
N GLY C 499 -17.73 33.51 7.73
CA GLY C 499 -16.38 32.98 7.73
C GLY C 499 -16.05 32.23 6.46
N VAL C 500 -14.77 31.88 6.33
CA VAL C 500 -14.30 31.23 5.11
C VAL C 500 -15.07 29.93 4.88
N GLY C 501 -15.33 29.18 5.94
CA GLY C 501 -16.07 27.93 5.82
C GLY C 501 -17.54 28.09 5.53
N TYR C 502 -18.05 29.33 5.50
CA TYR C 502 -19.44 29.59 5.16
C TYR C 502 -19.60 30.53 3.98
N GLN C 503 -18.52 31.09 3.45
CA GLN C 503 -18.61 31.90 2.25
C GLN C 503 -18.97 31.03 1.05
N PRO C 504 -19.53 31.61 -0.01
CA PRO C 504 -19.97 30.79 -1.15
C PRO C 504 -18.81 30.45 -2.08
N TYR C 505 -18.73 29.17 -2.43
CA TYR C 505 -17.76 28.67 -3.40
C TYR C 505 -18.52 28.15 -4.62
N ARG C 506 -18.07 28.56 -5.80
CA ARG C 506 -18.61 28.07 -7.05
C ARG C 506 -17.82 26.83 -7.48
N VAL C 507 -18.55 25.77 -7.82
CA VAL C 507 -17.97 24.47 -8.12
C VAL C 507 -18.39 24.06 -9.52
N VAL C 508 -17.39 23.72 -10.35
CA VAL C 508 -17.60 23.14 -11.67
C VAL C 508 -16.92 21.77 -11.67
N VAL C 509 -17.69 20.75 -12.03
CA VAL C 509 -17.20 19.39 -12.16
C VAL C 509 -17.21 19.04 -13.64
N LEU C 510 -16.04 18.71 -14.17
CA LEU C 510 -15.89 18.32 -15.57
C LEU C 510 -15.77 16.81 -15.62
N SER C 511 -16.79 16.15 -16.15
CA SER C 511 -16.78 14.71 -16.35
C SER C 511 -16.39 14.43 -17.80
N PHE C 512 -15.29 13.71 -17.98
CA PHE C 512 -14.76 13.38 -19.30
C PHE C 512 -15.21 11.97 -19.65
N GLU C 513 -16.15 11.86 -20.59
CA GLU C 513 -16.64 10.55 -21.01
C GLU C 513 -15.65 9.92 -21.97
N LEU C 514 -15.13 8.75 -21.62
CA LEU C 514 -14.25 7.97 -22.48
C LEU C 514 -14.99 6.70 -22.86
N LEU C 515 -15.82 6.79 -23.89
CA LEU C 515 -16.59 5.67 -24.38
C LEU C 515 -15.92 5.11 -25.64
N HIS C 516 -16.59 4.17 -26.29
CA HIS C 516 -16.11 3.62 -27.56
C HIS C 516 -16.52 4.46 -28.75
N ALA C 517 -17.40 5.44 -28.56
CA ALA C 517 -17.87 6.27 -29.65
C ALA C 517 -16.76 7.18 -30.14
N PRO C 518 -16.91 7.76 -31.34
CA PRO C 518 -15.89 8.69 -31.84
C PRO C 518 -15.70 9.84 -30.86
N ALA C 519 -14.45 10.27 -30.71
CA ALA C 519 -14.16 11.39 -29.84
C ALA C 519 -14.62 12.69 -30.48
N THR C 520 -15.15 13.60 -29.65
CA THR C 520 -15.64 14.88 -30.13
C THR C 520 -15.09 16.07 -29.35
N VAL C 521 -14.52 15.87 -28.16
CA VAL C 521 -13.85 16.91 -27.41
C VAL C 521 -12.38 16.54 -27.30
N CYS C 522 -11.51 17.42 -27.77
CA CYS C 522 -10.09 17.15 -27.85
C CYS C 522 -9.29 18.32 -27.28
N GLY C 523 -8.02 18.07 -27.03
CA GLY C 523 -7.09 19.12 -26.72
C GLY C 523 -6.61 19.84 -27.97
N PRO C 524 -5.83 20.89 -27.77
CA PRO C 524 -5.35 21.72 -28.88
C PRO C 524 -4.10 21.16 -29.55
N LYS C 525 -4.11 19.86 -29.82
CA LYS C 525 -2.96 19.17 -30.38
C LYS C 525 -3.15 19.01 -31.88
N LYS C 526 -2.21 19.56 -32.65
CA LYS C 526 -2.28 19.43 -34.11
C LYS C 526 -1.92 18.01 -34.52
N SER C 527 -2.63 17.52 -35.53
CA SER C 527 -2.45 16.15 -36.00
C SER C 527 -1.49 16.12 -37.18
N THR C 528 -0.47 15.27 -37.09
CA THR C 528 0.48 15.10 -38.17
C THR C 528 -0.15 14.28 -39.29
N ASN C 529 0.64 14.00 -40.32
CA ASN C 529 0.19 13.14 -41.40
C ASN C 529 0.29 11.67 -40.98
N LEU C 530 -0.45 10.84 -41.68
CA LEU C 530 -0.50 9.41 -41.38
C LEU C 530 0.65 8.71 -42.09
N VAL C 531 1.50 8.03 -41.33
CA VAL C 531 2.65 7.31 -41.85
C VAL C 531 2.43 5.83 -41.62
N LYS C 532 2.48 5.05 -42.69
CA LYS C 532 2.22 3.61 -42.65
C LYS C 532 3.49 2.84 -43.00
N ASN C 533 3.49 1.56 -42.64
CA ASN C 533 4.56 0.64 -42.99
C ASN C 533 5.88 0.97 -42.29
N LYS C 534 5.85 1.82 -41.27
CA LYS C 534 7.03 2.20 -40.52
C LYS C 534 6.75 2.13 -39.03
N CYS C 535 7.77 1.76 -38.27
CA CYS C 535 7.66 1.73 -36.81
C CYS C 535 7.61 3.15 -36.28
N VAL C 536 6.46 3.56 -35.76
CA VAL C 536 6.25 4.92 -35.30
C VAL C 536 5.55 4.89 -33.95
N ASN C 537 5.66 6.01 -33.23
CA ASN C 537 4.85 6.28 -32.06
C ASN C 537 3.61 7.03 -32.52
N PHE C 538 2.45 6.39 -32.37
CA PHE C 538 1.19 6.93 -32.86
C PHE C 538 0.31 7.36 -31.71
N ASN C 539 -0.64 8.23 -32.04
CA ASN C 539 -1.59 8.79 -31.08
C ASN C 539 -2.90 9.03 -31.82
N PHE C 540 -3.90 8.21 -31.52
CA PHE C 540 -5.23 8.33 -32.14
C PHE C 540 -6.22 8.72 -31.05
N ASN C 541 -6.72 9.95 -31.12
CA ASN C 541 -7.73 10.45 -30.19
C ASN C 541 -7.26 10.30 -28.74
N GLY C 542 -5.97 10.52 -28.51
CA GLY C 542 -5.39 10.42 -27.19
C GLY C 542 -4.90 9.05 -26.82
N LEU C 543 -5.29 8.00 -27.56
CA LEU C 543 -4.77 6.67 -27.34
C LEU C 543 -3.38 6.57 -27.96
N THR C 544 -2.36 6.40 -27.13
CA THR C 544 -0.99 6.38 -27.57
C THR C 544 -0.50 4.94 -27.74
N GLY C 545 0.57 4.79 -28.50
CA GLY C 545 1.17 3.48 -28.67
C GLY C 545 2.36 3.55 -29.59
N THR C 546 3.00 2.40 -29.76
CA THR C 546 4.12 2.24 -30.67
C THR C 546 3.88 1.01 -31.54
N GLY C 547 4.18 1.13 -32.82
CA GLY C 547 4.00 0.00 -33.71
C GLY C 547 4.02 0.42 -35.15
N VAL C 548 3.57 -0.51 -36.00
CA VAL C 548 3.50 -0.31 -37.44
C VAL C 548 2.02 -0.30 -37.83
N LEU C 549 1.63 0.72 -38.57
CA LEU C 549 0.26 0.90 -39.04
C LEU C 549 0.18 0.45 -40.50
N THR C 550 -0.79 -0.42 -40.80
CA THR C 550 -0.98 -0.91 -42.15
C THR C 550 -2.46 -0.87 -42.50
N GLU C 551 -2.74 -0.66 -43.80
CA GLU C 551 -4.12 -0.70 -44.25
C GLU C 551 -4.70 -2.09 -43.98
N SER C 552 -5.94 -2.11 -43.50
CA SER C 552 -6.58 -3.35 -43.07
C SER C 552 -7.87 -3.59 -43.85
N ASN C 553 -8.22 -4.87 -43.96
CA ASN C 553 -9.47 -5.28 -44.60
C ASN C 553 -10.55 -5.59 -43.58
N LYS C 554 -10.31 -5.34 -42.30
CA LYS C 554 -11.33 -5.57 -41.29
C LYS C 554 -12.56 -4.71 -41.58
N LYS C 555 -13.74 -5.31 -41.45
CA LYS C 555 -14.99 -4.66 -41.81
C LYS C 555 -15.62 -4.06 -40.56
N PHE C 556 -15.04 -2.94 -40.12
CA PHE C 556 -15.60 -2.23 -38.99
C PHE C 556 -17.02 -1.78 -39.27
N LEU C 557 -17.89 -1.92 -38.28
CA LEU C 557 -19.21 -1.32 -38.40
C LEU C 557 -19.11 0.18 -38.13
N PRO C 558 -20.08 0.97 -38.62
CA PRO C 558 -19.94 2.43 -38.51
C PRO C 558 -19.78 2.92 -37.08
N PHE C 559 -20.33 2.22 -36.10
CA PHE C 559 -20.28 2.67 -34.71
C PHE C 559 -19.03 2.21 -33.98
N GLN C 560 -18.18 1.40 -34.61
CA GLN C 560 -16.96 0.90 -33.99
C GLN C 560 -15.80 1.82 -34.35
N GLN C 561 -14.97 2.13 -33.35
CA GLN C 561 -13.82 2.98 -33.55
C GLN C 561 -12.47 2.28 -33.35
N PHE C 562 -12.47 1.07 -32.79
CA PHE C 562 -11.23 0.31 -32.64
C PHE C 562 -11.58 -1.13 -32.31
N GLY C 563 -10.60 -2.00 -32.49
CA GLY C 563 -10.74 -3.41 -32.13
C GLY C 563 -9.67 -3.78 -31.14
N ARG C 564 -9.96 -4.78 -30.32
CA ARG C 564 -9.04 -5.23 -29.28
C ARG C 564 -8.67 -6.69 -29.50
N ASP C 565 -7.49 -7.05 -28.99
CA ASP C 565 -6.97 -8.40 -29.07
C ASP C 565 -7.33 -9.15 -27.79
N ILE C 566 -6.79 -10.37 -27.64
CA ILE C 566 -7.11 -11.17 -26.47
C ILE C 566 -6.54 -10.55 -25.20
N ALA C 567 -5.35 -9.95 -25.30
CA ALA C 567 -4.72 -9.29 -24.17
C ALA C 567 -5.27 -7.89 -23.92
N ASP C 568 -6.34 -7.50 -24.61
CA ASP C 568 -7.00 -6.21 -24.41
C ASP C 568 -6.17 -5.06 -24.96
N THR C 569 -5.31 -5.34 -25.93
CA THR C 569 -4.52 -4.31 -26.60
C THR C 569 -5.20 -3.92 -27.91
N THR C 570 -5.19 -2.62 -28.20
CA THR C 570 -5.79 -2.13 -29.44
C THR C 570 -5.06 -2.72 -30.63
N ASP C 571 -5.76 -3.58 -31.38
CA ASP C 571 -5.20 -4.25 -32.54
C ASP C 571 -5.49 -3.50 -33.83
N ALA C 572 -6.57 -2.72 -33.87
CA ALA C 572 -6.90 -1.91 -35.03
C ALA C 572 -7.59 -0.65 -34.57
N VAL C 573 -7.50 0.39 -35.40
CA VAL C 573 -8.08 1.69 -35.10
C VAL C 573 -8.79 2.22 -36.34
N ARG C 574 -9.66 3.20 -36.12
CA ARG C 574 -10.25 3.98 -37.20
C ARG C 574 -9.61 5.37 -37.19
N ASP C 575 -9.03 5.77 -38.31
CA ASP C 575 -8.39 7.06 -38.39
C ASP C 575 -9.44 8.16 -38.26
N PRO C 576 -9.30 9.08 -37.29
CA PRO C 576 -10.39 10.03 -37.02
C PRO C 576 -10.69 10.99 -38.15
N GLN C 577 -9.76 11.20 -39.10
CA GLN C 577 -9.96 12.18 -40.16
C GLN C 577 -10.37 11.51 -41.48
N THR C 578 -9.56 10.58 -41.97
CA THR C 578 -9.92 9.75 -43.11
C THR C 578 -10.37 8.42 -42.55
N LEU C 579 -11.67 8.17 -42.55
CA LEU C 579 -12.23 7.09 -41.75
C LEU C 579 -11.87 5.73 -42.34
N GLU C 580 -10.58 5.40 -42.31
CA GLU C 580 -10.07 4.12 -42.76
C GLU C 580 -9.60 3.32 -41.56
N ILE C 581 -9.69 2.00 -41.67
CA ILE C 581 -9.28 1.10 -40.61
C ILE C 581 -7.81 0.75 -40.79
N LEU C 582 -7.05 0.85 -39.71
CA LEU C 582 -5.62 0.55 -39.71
C LEU C 582 -5.34 -0.57 -38.71
N ASP C 583 -4.58 -1.56 -39.15
CA ASP C 583 -4.05 -2.58 -38.26
C ASP C 583 -2.77 -2.10 -37.62
N ILE C 584 -2.64 -2.33 -36.33
CA ILE C 584 -1.47 -1.95 -35.55
C ILE C 584 -0.74 -3.23 -35.16
N THR C 585 0.54 -3.30 -35.48
CA THR C 585 1.33 -4.47 -35.13
C THR C 585 2.58 -4.06 -34.39
N PRO C 586 3.10 -4.91 -33.50
CA PRO C 586 4.40 -4.62 -32.90
C PRO C 586 5.46 -4.51 -33.99
N CYS C 587 6.40 -3.59 -33.78
CA CYS C 587 7.32 -3.24 -34.86
C CYS C 587 8.14 -4.44 -35.30
N SER C 588 9.06 -4.87 -34.43
CA SER C 588 9.81 -6.10 -34.63
C SER C 588 10.64 -6.33 -33.39
N PHE C 589 10.66 -7.57 -32.89
CA PHE C 589 11.48 -7.86 -31.72
C PHE C 589 11.88 -9.32 -31.73
N GLY C 590 12.93 -9.61 -30.99
CA GLY C 590 13.35 -10.99 -30.80
C GLY C 590 14.67 -11.05 -30.05
N GLY C 591 14.96 -12.22 -29.52
CA GLY C 591 16.21 -12.41 -28.81
C GLY C 591 17.41 -12.24 -29.71
N VAL C 592 18.55 -11.98 -29.08
CA VAL C 592 19.83 -11.89 -29.78
C VAL C 592 20.78 -12.87 -29.12
N SER C 593 21.22 -13.86 -29.89
CA SER C 593 22.16 -14.86 -29.42
C SER C 593 23.52 -14.60 -30.05
N VAL C 594 24.58 -14.88 -29.30
CA VAL C 594 25.94 -14.73 -29.80
C VAL C 594 26.55 -16.12 -29.92
N ILE C 595 26.89 -16.51 -31.14
CA ILE C 595 27.55 -17.77 -31.44
C ILE C 595 29.05 -17.53 -31.36
N THR C 596 29.71 -18.21 -30.44
CA THR C 596 31.12 -18.01 -30.22
C THR C 596 31.83 -19.34 -30.07
N PRO C 597 33.02 -19.49 -30.66
CA PRO C 597 33.97 -20.47 -30.13
C PRO C 597 34.57 -19.92 -28.85
N GLY C 598 35.27 -20.79 -28.12
CA GLY C 598 35.84 -20.35 -26.86
C GLY C 598 36.69 -19.11 -27.05
N THR C 599 36.58 -18.19 -26.09
CA THR C 599 37.46 -17.02 -26.11
C THR C 599 38.92 -17.44 -26.08
N ASN C 600 39.19 -18.64 -25.55
CA ASN C 600 40.51 -19.24 -25.71
C ASN C 600 40.82 -19.48 -27.17
N THR C 601 39.83 -19.91 -27.96
CA THR C 601 40.04 -20.19 -29.37
C THR C 601 40.07 -18.90 -30.19
N SER C 602 39.05 -18.06 -30.06
CA SER C 602 38.99 -16.84 -30.85
C SER C 602 38.03 -15.87 -30.19
N ASN C 603 38.19 -14.59 -30.53
CA ASN C 603 37.26 -13.54 -30.15
C ASN C 603 36.26 -13.22 -31.26
N GLN C 604 36.27 -13.98 -32.34
CA GLN C 604 35.34 -13.78 -33.44
C GLN C 604 34.01 -14.46 -33.11
N VAL C 605 32.92 -13.74 -33.30
CA VAL C 605 31.59 -14.25 -32.98
C VAL C 605 30.63 -13.94 -34.12
N ALA C 606 29.59 -14.74 -34.21
CA ALA C 606 28.44 -14.48 -35.07
C ALA C 606 27.25 -14.12 -34.18
N VAL C 607 26.24 -13.51 -34.78
CA VAL C 607 25.06 -13.04 -34.05
C VAL C 607 23.82 -13.55 -34.74
N LEU C 608 22.91 -14.14 -33.96
CA LEU C 608 21.62 -14.59 -34.45
C LEU C 608 20.54 -13.69 -33.87
N TYR C 609 19.83 -12.98 -34.73
CA TYR C 609 18.61 -12.28 -34.35
C TYR C 609 17.46 -13.24 -34.55
N GLN C 610 16.90 -13.72 -33.44
CA GLN C 610 15.97 -14.84 -33.47
C GLN C 610 14.62 -14.41 -34.01
N GLY C 611 14.15 -15.11 -35.05
CA GLY C 611 12.82 -14.86 -35.57
C GLY C 611 12.64 -13.53 -36.24
N VAL C 612 13.72 -12.93 -36.72
CA VAL C 612 13.66 -11.66 -37.44
C VAL C 612 14.16 -11.89 -38.85
N ASN C 613 13.53 -11.22 -39.80
CA ASN C 613 13.94 -11.29 -41.19
C ASN C 613 15.24 -10.52 -41.38
N CYS C 614 16.00 -10.89 -42.42
CA CYS C 614 17.26 -10.21 -42.66
C CYS C 614 17.02 -8.91 -43.42
N THR C 615 16.06 -8.11 -42.95
CA THR C 615 15.86 -6.74 -43.41
C THR C 615 15.60 -5.76 -42.29
N GLU C 616 15.13 -6.21 -41.13
CA GLU C 616 14.90 -5.31 -40.01
C GLU C 616 16.20 -4.89 -39.33
N VAL C 617 17.21 -5.75 -39.37
CA VAL C 617 18.48 -5.47 -38.71
C VAL C 617 19.13 -4.24 -39.33
N SER C 637 29.03 -7.59 -44.47
CA SER C 637 29.60 -8.88 -44.09
C SER C 637 28.70 -10.01 -44.59
N ASN C 638 28.64 -11.10 -43.83
CA ASN C 638 27.85 -12.27 -44.20
C ASN C 638 26.49 -12.18 -43.51
N VAL C 639 25.42 -12.25 -44.31
CA VAL C 639 24.05 -12.25 -43.80
C VAL C 639 23.36 -13.46 -44.39
N PHE C 640 22.82 -14.32 -43.53
CA PHE C 640 22.22 -15.59 -43.93
C PHE C 640 20.86 -15.72 -43.26
N GLN C 641 19.83 -15.98 -44.06
CA GLN C 641 18.47 -16.08 -43.54
C GLN C 641 18.18 -17.53 -43.17
N THR C 642 18.16 -17.80 -41.87
CA THR C 642 17.79 -19.10 -41.34
C THR C 642 16.32 -19.09 -40.90
N ARG C 643 15.79 -20.28 -40.64
CA ARG C 643 14.45 -20.37 -40.07
C ARG C 643 14.43 -20.01 -38.60
N ALA C 644 15.59 -20.00 -37.94
CA ALA C 644 15.70 -19.53 -36.57
C ALA C 644 15.84 -18.01 -36.48
N GLY C 645 16.08 -17.33 -37.59
CA GLY C 645 16.26 -15.91 -37.61
C GLY C 645 17.38 -15.54 -38.55
N CYS C 646 17.88 -14.33 -38.40
CA CYS C 646 18.94 -13.81 -39.26
C CYS C 646 20.30 -14.04 -38.61
N LEU C 647 21.22 -14.64 -39.34
CA LEU C 647 22.55 -14.96 -38.85
C LEU C 647 23.57 -14.06 -39.55
N ILE C 648 24.33 -13.31 -38.76
CA ILE C 648 25.27 -12.32 -39.26
C ILE C 648 26.66 -12.65 -38.74
N GLY C 649 27.63 -12.73 -39.64
CA GLY C 649 28.99 -13.04 -39.29
C GLY C 649 29.37 -14.50 -39.46
N ALA C 650 28.47 -15.33 -39.97
CA ALA C 650 28.74 -16.74 -40.25
C ALA C 650 28.66 -16.99 -41.73
N GLU C 651 29.65 -17.70 -42.26
CA GLU C 651 29.72 -18.02 -43.68
C GLU C 651 28.95 -19.31 -43.93
N HIS C 652 27.84 -19.22 -44.65
CA HIS C 652 27.08 -20.40 -45.00
C HIS C 652 27.88 -21.25 -45.99
N VAL C 653 27.85 -22.56 -45.77
CA VAL C 653 28.63 -23.51 -46.55
C VAL C 653 27.69 -24.59 -47.06
N ASN C 654 27.96 -25.10 -48.27
CA ASN C 654 27.18 -26.17 -48.85
C ASN C 654 27.55 -27.54 -48.28
N ASN C 655 28.65 -27.64 -47.55
CA ASN C 655 29.00 -28.89 -46.90
C ASN C 655 28.14 -29.10 -45.66
N SER C 656 28.10 -30.34 -45.18
CA SER C 656 27.37 -30.69 -43.98
C SER C 656 28.28 -31.48 -43.05
N TYR C 657 28.38 -31.03 -41.81
CA TYR C 657 29.20 -31.66 -40.79
C TYR C 657 28.33 -32.02 -39.60
N GLU C 658 28.96 -32.58 -38.57
CA GLU C 658 28.29 -32.79 -37.30
C GLU C 658 27.92 -31.45 -36.70
N CYS C 659 26.84 -31.44 -35.91
CA CYS C 659 26.47 -30.21 -35.23
C CYS C 659 27.50 -29.88 -34.17
N ASP C 660 28.00 -28.64 -34.20
CA ASP C 660 28.98 -28.16 -33.23
C ASP C 660 28.35 -27.13 -32.30
N ILE C 661 27.77 -26.08 -32.85
CA ILE C 661 26.98 -25.11 -32.11
C ILE C 661 25.61 -25.07 -32.78
N PRO C 662 24.53 -25.49 -32.12
CA PRO C 662 23.23 -25.57 -32.80
C PRO C 662 22.60 -24.19 -32.94
N ILE C 663 22.16 -23.88 -34.15
CA ILE C 663 21.41 -22.66 -34.42
C ILE C 663 19.91 -22.94 -34.43
N GLY C 664 19.50 -23.98 -35.14
CA GLY C 664 18.12 -24.41 -35.17
C GLY C 664 17.68 -24.72 -36.59
N ALA C 665 16.57 -25.45 -36.70
CA ALA C 665 16.02 -25.85 -37.99
C ALA C 665 17.04 -26.64 -38.80
N GLY C 666 17.88 -27.42 -38.13
CA GLY C 666 18.91 -28.18 -38.79
C GLY C 666 20.18 -27.42 -39.08
N ILE C 667 20.25 -26.14 -38.72
CA ILE C 667 21.41 -25.30 -38.99
C ILE C 667 22.29 -25.27 -37.76
N CYS C 668 23.57 -25.55 -37.95
CA CYS C 668 24.57 -25.53 -36.89
C CYS C 668 25.75 -24.67 -37.34
N ALA C 669 26.50 -24.17 -36.37
CA ALA C 669 27.61 -23.26 -36.63
C ALA C 669 28.89 -23.80 -35.98
N SER C 670 30.00 -23.65 -36.69
CA SER C 670 31.29 -24.10 -36.18
C SER C 670 32.40 -23.21 -36.72
N TYR C 671 33.50 -23.16 -35.98
CA TYR C 671 34.66 -22.36 -36.34
C TYR C 671 35.64 -23.26 -37.10
N GLN C 672 35.85 -22.96 -38.38
CA GLN C 672 36.67 -23.80 -39.24
C GLN C 672 37.45 -22.93 -40.21
N THR C 673 38.43 -23.55 -40.88
CA THR C 673 39.26 -22.86 -41.86
C THR C 673 38.43 -22.46 -43.08
N SER C 686 42.86 -17.23 -41.59
CA SER C 686 41.96 -17.75 -42.61
C SER C 686 40.74 -18.43 -42.00
N GLN C 687 40.80 -18.68 -40.70
CA GLN C 687 39.70 -19.34 -40.01
C GLN C 687 38.55 -18.39 -39.79
N SER C 688 37.33 -18.91 -39.93
CA SER C 688 36.12 -18.12 -39.76
C SER C 688 35.01 -19.01 -39.23
N ILE C 689 33.94 -18.38 -38.76
CA ILE C 689 32.75 -19.09 -38.32
C ILE C 689 31.88 -19.38 -39.55
N ILE C 690 31.47 -20.65 -39.69
CA ILE C 690 30.64 -21.08 -40.79
C ILE C 690 29.34 -21.63 -40.24
N ALA C 691 28.30 -21.55 -41.06
CA ALA C 691 27.00 -22.14 -40.78
C ALA C 691 26.72 -23.20 -41.85
N TYR C 692 26.01 -24.25 -41.46
CA TYR C 692 25.75 -25.35 -42.38
C TYR C 692 24.53 -26.13 -41.92
N THR C 693 24.01 -26.95 -42.82
CA THR C 693 23.02 -27.95 -42.47
C THR C 693 23.74 -29.15 -41.88
N MET C 694 23.41 -29.49 -40.64
CA MET C 694 24.15 -30.55 -39.96
C MET C 694 23.87 -31.90 -40.58
N SER C 695 24.89 -32.76 -40.56
CA SER C 695 24.77 -34.12 -41.04
C SER C 695 24.30 -35.02 -39.91
N LEU C 696 23.52 -36.04 -40.26
CA LEU C 696 23.02 -37.01 -39.29
C LEU C 696 23.89 -38.26 -39.23
N GLY C 697 24.97 -38.32 -40.00
CA GLY C 697 25.84 -39.47 -40.05
C GLY C 697 26.21 -39.81 -41.47
N VAL C 698 26.96 -40.90 -41.61
CA VAL C 698 27.45 -41.36 -42.90
C VAL C 698 26.44 -42.33 -43.49
N GLU C 699 26.12 -42.13 -44.76
CA GLU C 699 25.25 -43.08 -45.46
C GLU C 699 25.91 -44.45 -45.52
N ASN C 700 25.11 -45.49 -45.38
CA ASN C 700 25.64 -46.85 -45.33
C ASN C 700 24.54 -47.80 -45.81
N SER C 701 24.64 -48.25 -47.05
CA SER C 701 23.73 -49.25 -47.59
C SER C 701 24.24 -50.64 -47.19
N VAL C 702 23.47 -51.34 -46.38
CA VAL C 702 23.85 -52.67 -45.92
C VAL C 702 23.68 -53.64 -47.07
N ALA C 703 24.69 -54.50 -47.27
CA ALA C 703 24.69 -55.42 -48.40
C ALA C 703 23.72 -56.56 -48.17
N TYR C 704 22.42 -56.24 -48.13
CA TYR C 704 21.41 -57.23 -47.83
C TYR C 704 21.03 -58.04 -49.07
N SER C 705 20.83 -59.33 -48.86
CA SER C 705 20.26 -60.22 -49.86
C SER C 705 19.57 -61.35 -49.12
N ASN C 706 18.95 -62.26 -49.86
CA ASN C 706 18.20 -63.35 -49.25
C ASN C 706 19.06 -64.57 -48.93
N ASN C 707 20.36 -64.55 -49.26
CA ASN C 707 21.23 -65.66 -48.88
C ASN C 707 22.63 -65.20 -48.47
N SER C 708 22.79 -63.96 -48.02
CA SER C 708 24.07 -63.44 -47.61
C SER C 708 24.03 -63.08 -46.13
N ILE C 709 25.04 -63.52 -45.39
CA ILE C 709 25.11 -63.24 -43.95
C ILE C 709 26.52 -62.76 -43.62
N ALA C 710 26.60 -61.72 -42.79
CA ALA C 710 27.86 -61.22 -42.29
C ALA C 710 28.07 -61.75 -40.87
N ILE C 711 29.23 -62.35 -40.63
CA ILE C 711 29.51 -62.95 -39.34
C ILE C 711 30.85 -62.44 -38.83
N PRO C 712 30.93 -61.96 -37.59
CA PRO C 712 32.22 -61.48 -37.07
C PRO C 712 33.22 -62.61 -36.91
N THR C 713 34.46 -62.32 -37.29
CA THR C 713 35.57 -63.26 -37.15
C THR C 713 36.47 -62.91 -35.98
N ASN C 714 36.23 -61.76 -35.34
CA ASN C 714 37.05 -61.30 -34.22
C ASN C 714 36.13 -60.54 -33.28
N PHE C 715 36.72 -59.80 -32.35
CA PHE C 715 35.93 -59.01 -31.40
C PHE C 715 36.85 -58.03 -30.68
N THR C 716 36.22 -57.06 -30.04
CA THR C 716 36.90 -56.10 -29.19
C THR C 716 36.16 -56.01 -27.85
N ILE C 717 36.92 -55.71 -26.80
CA ILE C 717 36.37 -55.47 -25.48
C ILE C 717 36.40 -53.96 -25.25
N SER C 718 35.22 -53.37 -25.08
CA SER C 718 35.11 -51.93 -24.95
C SER C 718 34.68 -51.57 -23.53
N VAL C 719 35.42 -50.68 -22.90
CA VAL C 719 35.06 -50.13 -21.60
C VAL C 719 34.62 -48.70 -21.82
N THR C 720 33.38 -48.39 -21.46
CA THR C 720 32.81 -47.06 -21.66
C THR C 720 32.30 -46.52 -20.34
N THR C 721 32.36 -45.20 -20.19
CA THR C 721 32.03 -44.53 -18.94
C THR C 721 30.64 -43.91 -19.04
N GLU C 722 29.81 -44.18 -18.03
CA GLU C 722 28.53 -43.51 -17.87
C GLU C 722 28.53 -42.79 -16.52
N ILE C 723 28.20 -41.51 -16.52
CA ILE C 723 28.24 -40.69 -15.32
C ILE C 723 26.82 -40.30 -14.97
N LEU C 724 26.41 -40.60 -13.74
CA LEU C 724 25.06 -40.36 -13.26
C LEU C 724 25.09 -39.52 -11.99
N PRO C 725 24.43 -38.36 -11.96
CA PRO C 725 24.23 -37.67 -10.69
C PRO C 725 23.42 -38.52 -9.72
N VAL C 726 23.77 -38.46 -8.45
CA VAL C 726 23.12 -39.23 -7.40
C VAL C 726 22.43 -38.34 -6.38
N SER C 727 23.06 -37.22 -6.02
CA SER C 727 22.50 -36.35 -5.00
C SER C 727 22.93 -34.92 -5.29
N MET C 728 22.26 -33.99 -4.63
CA MET C 728 22.61 -32.58 -4.62
C MET C 728 22.98 -32.17 -3.21
N THR C 729 23.35 -30.90 -3.04
CA THR C 729 23.78 -30.40 -1.75
C THR C 729 22.57 -30.18 -0.86
N LYS C 730 22.67 -30.65 0.38
CA LYS C 730 21.61 -30.49 1.37
C LYS C 730 21.74 -29.10 1.98
N THR C 731 20.75 -28.25 1.76
CA THR C 731 20.76 -26.88 2.25
C THR C 731 19.56 -26.64 3.15
N SER C 732 19.79 -25.95 4.26
CA SER C 732 18.76 -25.52 5.17
C SER C 732 18.83 -24.00 5.28
N VAL C 733 17.70 -23.33 5.11
CA VAL C 733 17.65 -21.88 5.10
C VAL C 733 16.88 -21.42 6.33
N ASP C 734 17.54 -20.66 7.19
CA ASP C 734 16.88 -20.01 8.31
C ASP C 734 16.03 -18.88 7.75
N CYS C 735 14.73 -19.14 7.61
CA CYS C 735 13.82 -18.19 6.99
C CYS C 735 13.91 -16.82 7.66
N THR C 736 13.82 -16.80 9.00
CA THR C 736 13.74 -15.53 9.70
C THR C 736 15.05 -14.76 9.60
N MET C 737 16.18 -15.47 9.58
CA MET C 737 17.45 -14.78 9.44
C MET C 737 17.70 -14.32 8.01
N TYR C 738 17.21 -15.06 7.02
CA TYR C 738 17.34 -14.60 5.64
C TYR C 738 16.48 -13.37 5.40
N ILE C 739 15.24 -13.39 5.85
CA ILE C 739 14.34 -12.27 5.61
C ILE C 739 14.59 -11.14 6.60
N CYS C 740 14.71 -11.48 7.88
CA CYS C 740 14.74 -10.51 8.97
C CYS C 740 15.99 -10.71 9.82
N GLY C 741 17.14 -10.78 9.18
CA GLY C 741 18.36 -11.14 9.89
C GLY C 741 18.62 -10.28 11.11
N ASP C 742 18.47 -10.88 12.29
CA ASP C 742 18.73 -10.23 13.57
C ASP C 742 18.01 -8.88 13.65
N SER C 743 16.68 -8.95 13.60
CA SER C 743 15.86 -7.75 13.71
C SER C 743 14.49 -8.14 14.26
N THR C 744 14.14 -7.60 15.42
CA THR C 744 12.85 -7.90 16.04
C THR C 744 11.70 -7.18 15.36
N GLU C 745 11.92 -5.94 14.91
CA GLU C 745 10.87 -5.20 14.23
C GLU C 745 10.43 -5.92 12.97
N CYS C 746 11.39 -6.47 12.22
CA CYS C 746 11.06 -7.21 11.01
C CYS C 746 10.40 -8.54 11.34
N SER C 747 10.88 -9.22 12.39
CA SER C 747 10.32 -10.53 12.74
C SER C 747 8.87 -10.43 13.20
N ASN C 748 8.54 -9.38 13.96
CA ASN C 748 7.16 -9.21 14.38
C ASN C 748 6.24 -9.02 13.19
N LEU C 749 6.66 -8.23 12.20
CA LEU C 749 5.86 -8.08 10.99
C LEU C 749 5.79 -9.39 10.21
N LEU C 750 6.89 -10.13 10.17
CA LEU C 750 6.93 -11.40 9.46
C LEU C 750 6.01 -12.43 10.09
N LEU C 751 5.71 -12.30 11.39
CA LEU C 751 4.76 -13.20 12.03
C LEU C 751 3.37 -13.11 11.40
N GLN C 752 3.07 -12.04 10.66
CA GLN C 752 1.76 -11.86 10.07
C GLN C 752 1.48 -12.86 8.94
N TYR C 753 2.49 -13.58 8.46
CA TYR C 753 2.34 -14.47 7.32
C TYR C 753 2.06 -15.91 7.71
N GLY C 754 1.82 -16.18 8.99
CA GLY C 754 1.44 -17.52 9.39
C GLY C 754 2.59 -18.50 9.28
N SER C 755 2.29 -19.70 8.83
CA SER C 755 3.26 -20.79 8.75
C SER C 755 3.95 -20.83 7.40
N PHE C 756 4.49 -19.68 6.97
CA PHE C 756 5.31 -19.65 5.76
C PHE C 756 6.63 -20.37 5.97
N CYS C 757 7.23 -20.19 7.15
CA CYS C 757 8.59 -20.67 7.41
C CYS C 757 8.61 -22.18 7.61
N THR C 758 7.64 -22.71 8.36
CA THR C 758 7.67 -24.12 8.71
C THR C 758 7.56 -25.00 7.47
N GLN C 759 6.79 -24.59 6.46
CA GLN C 759 6.63 -25.42 5.29
C GLN C 759 7.77 -25.30 4.29
N LEU C 760 8.39 -24.12 4.16
CA LEU C 760 9.62 -24.04 3.38
C LEU C 760 10.72 -24.88 4.00
N ASN C 761 10.87 -24.81 5.34
CA ASN C 761 11.86 -25.64 5.99
C ASN C 761 11.50 -27.11 5.90
N ARG C 762 10.21 -27.44 5.95
CA ARG C 762 9.79 -28.83 5.76
C ARG C 762 10.17 -29.33 4.38
N ALA C 763 9.95 -28.51 3.35
CA ALA C 763 10.33 -28.88 2.00
C ALA C 763 11.83 -29.13 1.91
N LEU C 764 12.64 -28.21 2.45
CA LEU C 764 14.08 -28.37 2.36
C LEU C 764 14.56 -29.59 3.14
N THR C 765 13.96 -29.85 4.30
CA THR C 765 14.32 -31.04 5.08
C THR C 765 13.97 -32.31 4.31
N GLY C 766 12.80 -32.34 3.67
CA GLY C 766 12.48 -33.47 2.82
C GLY C 766 13.49 -33.66 1.72
N ILE C 767 13.93 -32.57 1.09
CA ILE C 767 14.92 -32.67 0.01
C ILE C 767 16.22 -33.27 0.56
N ALA C 768 16.67 -32.82 1.72
CA ALA C 768 17.93 -33.32 2.27
C ALA C 768 17.84 -34.80 2.63
N VAL C 769 16.75 -35.20 3.29
CA VAL C 769 16.55 -36.60 3.59
C VAL C 769 16.51 -37.41 2.31
N GLU C 770 15.91 -36.85 1.26
CA GLU C 770 15.87 -37.52 -0.02
C GLU C 770 17.27 -37.71 -0.60
N GLN C 771 18.15 -36.71 -0.42
CA GLN C 771 19.52 -36.84 -0.92
C GLN C 771 20.24 -37.98 -0.21
N ASP C 772 20.08 -38.07 1.11
CA ASP C 772 20.69 -39.19 1.84
C ASP C 772 20.12 -40.51 1.35
N LYS C 773 18.80 -40.57 1.13
CA LYS C 773 18.18 -41.79 0.64
C LYS C 773 18.70 -42.15 -0.75
N ASN C 774 18.89 -41.15 -1.61
CA ASN C 774 19.44 -41.37 -2.94
C ASN C 774 20.79 -42.06 -2.85
N THR C 775 21.69 -41.50 -2.04
CA THR C 775 23.01 -42.10 -1.91
C THR C 775 22.90 -43.52 -1.37
N GLN C 776 22.10 -43.71 -0.33
CA GLN C 776 21.96 -45.04 0.27
C GLN C 776 21.49 -46.06 -0.76
N GLU C 777 20.47 -45.70 -1.53
CA GLU C 777 19.91 -46.62 -2.52
C GLU C 777 20.92 -46.94 -3.61
N VAL C 778 21.67 -45.94 -4.08
CA VAL C 778 22.63 -46.21 -5.15
C VAL C 778 23.76 -47.10 -4.66
N PHE C 779 24.31 -46.82 -3.49
CA PHE C 779 25.57 -47.41 -3.08
C PHE C 779 25.47 -48.53 -2.05
N ALA C 780 24.53 -48.47 -1.12
CA ALA C 780 24.42 -49.51 -0.11
C ALA C 780 23.64 -50.72 -0.63
N GLN C 781 24.05 -51.24 -1.79
CA GLN C 781 23.43 -52.41 -2.39
C GLN C 781 24.17 -53.70 -2.08
N VAL C 782 25.22 -53.64 -1.28
CA VAL C 782 26.03 -54.81 -0.93
C VAL C 782 25.79 -55.13 0.53
N LYS C 783 25.61 -56.41 0.83
CA LYS C 783 25.30 -56.83 2.19
C LYS C 783 26.55 -56.83 3.07
N GLN C 784 27.57 -57.57 2.66
CA GLN C 784 28.84 -57.61 3.36
C GLN C 784 29.84 -56.69 2.65
N ILE C 785 30.90 -56.32 3.39
CA ILE C 785 31.97 -55.50 2.83
C ILE C 785 33.01 -56.48 2.30
N TYR C 786 32.82 -56.89 1.05
CA TYR C 786 33.74 -57.82 0.41
C TYR C 786 35.07 -57.12 0.12
N LYS C 787 36.16 -57.86 0.27
CA LYS C 787 37.49 -57.35 -0.05
C LYS C 787 38.26 -58.40 -0.82
N THR C 788 39.04 -57.95 -1.80
CA THR C 788 39.75 -58.86 -2.67
C THR C 788 40.92 -59.53 -1.94
N PRO C 789 41.35 -60.70 -2.41
CA PRO C 789 42.49 -61.36 -1.78
C PRO C 789 43.78 -60.62 -2.07
N PRO C 790 44.81 -60.79 -1.24
CA PRO C 790 46.10 -60.14 -1.53
C PRO C 790 46.73 -60.60 -2.83
N ILE C 791 46.37 -61.79 -3.32
CA ILE C 791 46.89 -62.30 -4.59
C ILE C 791 45.89 -61.97 -5.68
N LYS C 792 46.33 -61.18 -6.66
CA LYS C 792 45.46 -60.73 -7.74
C LYS C 792 45.64 -61.61 -8.98
N ASP C 793 45.31 -62.89 -8.83
CA ASP C 793 45.40 -63.84 -9.94
C ASP C 793 44.05 -63.94 -10.64
N PHE C 794 43.73 -62.89 -11.40
CA PHE C 794 42.44 -62.76 -12.06
C PHE C 794 42.51 -63.14 -13.53
N GLY C 795 43.37 -64.09 -13.89
CA GLY C 795 43.44 -64.53 -15.27
C GLY C 795 44.08 -63.57 -16.23
N GLY C 796 44.93 -62.66 -15.73
CA GLY C 796 45.55 -61.65 -16.55
C GLY C 796 44.81 -60.33 -16.59
N PHE C 797 43.60 -60.27 -16.04
CA PHE C 797 42.86 -59.02 -15.97
C PHE C 797 43.38 -58.17 -14.83
N ASN C 798 43.56 -56.88 -15.09
CA ASN C 798 44.23 -55.97 -14.18
C ASN C 798 43.23 -54.91 -13.71
N PHE C 799 42.87 -54.97 -12.43
CA PHE C 799 41.92 -54.04 -11.84
C PHE C 799 42.60 -53.04 -10.90
N SER C 800 43.92 -52.89 -11.02
CA SER C 800 44.66 -52.07 -10.06
C SER C 800 44.16 -50.64 -10.05
N GLN C 801 43.78 -50.12 -11.22
CA GLN C 801 43.41 -48.71 -11.34
C GLN C 801 41.99 -48.42 -10.92
N ILE C 802 41.17 -49.45 -10.66
CA ILE C 802 39.84 -49.27 -10.11
C ILE C 802 39.71 -49.85 -8.71
N LEU C 803 40.66 -50.66 -8.26
CA LEU C 803 40.64 -51.16 -6.90
C LEU C 803 41.18 -50.11 -5.94
N PRO C 804 40.78 -50.16 -4.67
CA PRO C 804 41.23 -49.13 -3.73
C PRO C 804 42.73 -49.10 -3.59
N ASP C 805 43.26 -47.89 -3.39
CA ASP C 805 44.70 -47.67 -3.29
C ASP C 805 45.06 -47.49 -1.82
N PRO C 806 45.75 -48.44 -1.18
CA PRO C 806 46.04 -48.30 0.26
C PRO C 806 46.92 -47.11 0.58
N SER C 807 47.75 -46.65 -0.35
CA SER C 807 48.70 -45.57 -0.03
C SER C 807 47.98 -44.30 0.38
N LYS C 808 46.92 -43.94 -0.34
CA LYS C 808 46.17 -42.74 0.01
C LYS C 808 45.50 -42.93 1.36
N PRO C 809 45.43 -41.89 2.20
CA PRO C 809 44.72 -42.04 3.48
C PRO C 809 43.28 -42.49 3.30
N SER C 810 42.60 -41.98 2.27
CA SER C 810 41.31 -42.51 1.87
C SER C 810 41.55 -43.68 0.90
N LYS C 811 41.04 -44.85 1.25
CA LYS C 811 41.28 -46.04 0.43
C LYS C 811 40.48 -45.94 -0.86
N ARG C 812 40.89 -45.00 -1.71
CA ARG C 812 40.17 -44.63 -2.92
C ARG C 812 41.02 -45.02 -4.13
N SER C 813 40.36 -45.42 -5.21
CA SER C 813 41.07 -45.93 -6.37
C SER C 813 41.64 -44.78 -7.19
N PHE C 814 42.50 -45.16 -8.15
CA PHE C 814 43.14 -44.16 -9.00
C PHE C 814 42.13 -43.37 -9.82
N ILE C 815 41.19 -44.08 -10.45
CA ILE C 815 40.21 -43.40 -11.28
C ILE C 815 39.26 -42.57 -10.42
N GLU C 816 38.93 -43.05 -9.22
CA GLU C 816 38.12 -42.25 -8.31
C GLU C 816 38.83 -40.97 -7.89
N ASP C 817 40.16 -41.03 -7.69
CA ASP C 817 40.91 -39.82 -7.43
C ASP C 817 40.85 -38.86 -8.61
N LEU C 818 41.03 -39.38 -9.83
CA LEU C 818 40.86 -38.54 -11.01
C LEU C 818 39.50 -37.86 -10.99
N LEU C 819 38.44 -38.64 -10.76
CA LEU C 819 37.09 -38.10 -10.83
C LEU C 819 36.88 -37.00 -9.79
N PHE C 820 37.33 -37.24 -8.56
CA PHE C 820 37.16 -36.24 -7.52
C PHE C 820 38.02 -35.01 -7.77
N ASN C 821 39.11 -35.14 -8.51
CA ASN C 821 39.88 -33.96 -8.89
C ASN C 821 39.18 -33.16 -9.99
N LYS C 822 38.57 -33.85 -10.96
CA LYS C 822 38.02 -33.14 -12.12
C LYS C 822 36.75 -32.37 -11.78
N VAL C 823 35.96 -32.85 -10.83
CA VAL C 823 34.71 -32.18 -10.44
C VAL C 823 34.97 -31.39 -9.18
N THR C 824 34.73 -30.09 -9.23
CA THR C 824 35.00 -29.21 -8.11
C THR C 824 33.89 -29.29 -7.07
N PHE C 852 26.30 -17.58 4.82
CA PHE C 852 26.31 -17.00 6.17
C PHE C 852 25.24 -15.92 6.30
N ASN C 853 24.07 -16.16 5.70
CA ASN C 853 22.95 -15.22 5.78
C ASN C 853 21.67 -16.00 6.06
N GLY C 854 21.75 -16.93 7.01
CA GLY C 854 20.66 -17.85 7.28
C GLY C 854 20.70 -19.12 6.46
N LEU C 855 21.66 -19.24 5.53
CA LEU C 855 21.79 -20.41 4.67
C LEU C 855 22.94 -21.27 5.16
N THR C 856 22.67 -22.56 5.38
CA THR C 856 23.68 -23.50 5.82
C THR C 856 23.61 -24.76 4.98
N VAL C 857 24.73 -25.47 4.91
CA VAL C 857 24.85 -26.70 4.14
C VAL C 857 25.03 -27.86 5.11
N LEU C 858 24.11 -28.81 5.04
CA LEU C 858 24.15 -29.99 5.90
C LEU C 858 25.06 -31.04 5.28
N PRO C 859 26.01 -31.60 6.03
CA PRO C 859 26.90 -32.60 5.44
C PRO C 859 26.13 -33.87 5.10
N PRO C 860 26.52 -34.57 4.05
CA PRO C 860 25.86 -35.85 3.74
C PRO C 860 26.10 -36.87 4.84
N LEU C 861 25.14 -37.78 4.99
CA LEU C 861 25.25 -38.81 6.02
C LEU C 861 26.44 -39.73 5.74
N LEU C 862 26.59 -40.16 4.49
CA LEU C 862 27.71 -41.00 4.09
C LEU C 862 28.87 -40.13 3.66
N THR C 863 30.03 -40.32 4.28
CA THR C 863 31.22 -39.60 3.89
C THR C 863 31.80 -40.21 2.61
N ASP C 864 32.69 -39.46 1.96
CA ASP C 864 33.28 -39.95 0.73
C ASP C 864 34.08 -41.22 0.95
N GLU C 865 34.65 -41.39 2.15
CA GLU C 865 35.32 -42.64 2.47
C GLU C 865 34.33 -43.79 2.53
N MET C 866 33.13 -43.55 3.03
CA MET C 866 32.12 -44.60 3.08
C MET C 866 31.61 -44.96 1.69
N ILE C 867 31.41 -43.97 0.82
CA ILE C 867 31.02 -44.27 -0.56
C ILE C 867 32.13 -45.05 -1.25
N ALA C 868 33.39 -44.69 -0.98
CA ALA C 868 34.50 -45.42 -1.56
C ALA C 868 34.55 -46.86 -1.07
N GLN C 869 34.27 -47.06 0.23
CA GLN C 869 34.23 -48.42 0.77
C GLN C 869 33.09 -49.22 0.13
N TYR C 870 31.93 -48.60 -0.06
CA TYR C 870 30.82 -49.30 -0.72
C TYR C 870 31.20 -49.70 -2.14
N THR C 871 31.82 -48.78 -2.89
CA THR C 871 32.20 -49.11 -4.26
C THR C 871 33.28 -50.18 -4.29
N SER C 872 34.21 -50.16 -3.33
CA SER C 872 35.23 -51.19 -3.30
C SER C 872 34.64 -52.55 -2.93
N ALA C 873 33.65 -52.56 -2.04
CA ALA C 873 32.97 -53.81 -1.71
C ALA C 873 32.24 -54.36 -2.93
N LEU C 874 31.55 -53.49 -3.67
CA LEU C 874 30.88 -53.93 -4.89
C LEU C 874 31.89 -54.47 -5.90
N LEU C 875 33.01 -53.78 -6.06
CA LEU C 875 34.03 -54.22 -7.01
C LEU C 875 34.62 -55.57 -6.60
N ALA C 876 34.94 -55.74 -5.32
CA ALA C 876 35.50 -57.00 -4.86
C ALA C 876 34.50 -58.13 -5.01
N GLY C 877 33.23 -57.88 -4.68
CA GLY C 877 32.22 -58.90 -4.88
C GLY C 877 32.11 -59.32 -6.33
N THR C 878 32.06 -58.35 -7.24
CA THR C 878 31.98 -58.67 -8.66
C THR C 878 33.20 -59.46 -9.11
N ILE C 879 34.39 -59.01 -8.72
CA ILE C 879 35.62 -59.60 -9.24
C ILE C 879 35.81 -61.01 -8.71
N THR C 880 35.44 -61.27 -7.46
CA THR C 880 35.71 -62.56 -6.85
C THR C 880 34.56 -63.53 -6.92
N SER C 881 33.33 -63.07 -7.15
CA SER C 881 32.18 -63.98 -7.10
C SER C 881 31.16 -63.70 -8.21
N GLY C 882 31.52 -62.92 -9.22
CA GLY C 882 30.58 -62.67 -10.30
C GLY C 882 29.32 -62.00 -9.81
N TRP C 883 28.17 -62.54 -10.21
CA TRP C 883 26.88 -62.02 -9.81
C TRP C 883 26.26 -62.79 -8.66
N THR C 884 26.98 -63.75 -8.09
CA THR C 884 26.40 -64.57 -7.03
C THR C 884 26.17 -63.76 -5.77
N PHE C 885 27.04 -62.79 -5.48
CA PHE C 885 26.90 -62.03 -4.24
C PHE C 885 25.67 -61.13 -4.25
N GLY C 886 25.12 -60.82 -5.41
CA GLY C 886 23.91 -60.02 -5.50
C GLY C 886 22.62 -60.79 -5.32
N ALA C 887 22.69 -62.13 -5.33
CA ALA C 887 21.52 -62.96 -5.15
C ALA C 887 21.55 -63.79 -3.88
N GLY C 888 22.62 -63.72 -3.10
CA GLY C 888 22.73 -64.47 -1.87
C GLY C 888 24.13 -64.39 -1.31
N ALA C 889 24.66 -65.53 -0.86
CA ALA C 889 26.05 -65.59 -0.45
C ALA C 889 26.97 -65.49 -1.65
N ALA C 890 28.09 -64.81 -1.47
CA ALA C 890 29.07 -64.68 -2.55
C ALA C 890 29.80 -65.99 -2.74
N LEU C 891 29.75 -66.52 -3.97
CA LEU C 891 30.37 -67.79 -4.30
C LEU C 891 31.62 -67.49 -5.14
N GLN C 892 32.78 -67.88 -4.63
CA GLN C 892 34.01 -67.60 -5.36
C GLN C 892 34.04 -68.40 -6.66
N ILE C 893 34.68 -67.83 -7.67
CA ILE C 893 34.85 -68.49 -8.95
C ILE C 893 36.07 -67.86 -9.61
N PRO C 894 36.91 -68.62 -10.31
CA PRO C 894 38.01 -68.00 -11.04
C PRO C 894 37.48 -66.98 -12.04
N PHE C 895 38.21 -65.87 -12.18
CA PHE C 895 37.70 -64.76 -12.97
C PHE C 895 37.58 -65.15 -14.44
N ALA C 896 38.48 -66.01 -14.93
CA ALA C 896 38.37 -66.46 -16.32
C ALA C 896 37.11 -67.29 -16.52
N MET C 897 36.75 -68.14 -15.55
CA MET C 897 35.50 -68.89 -15.64
C MET C 897 34.28 -67.98 -15.52
N GLN C 898 34.38 -66.90 -14.75
CA GLN C 898 33.31 -65.91 -14.73
C GLN C 898 33.15 -65.24 -16.09
N MET C 899 34.26 -64.88 -16.73
CA MET C 899 34.18 -64.32 -18.07
C MET C 899 33.64 -65.33 -19.07
N ALA C 900 33.92 -66.61 -18.87
CA ALA C 900 33.31 -67.65 -19.70
C ALA C 900 31.80 -67.67 -19.52
N TYR C 901 31.34 -67.55 -18.28
CA TYR C 901 29.90 -67.46 -18.03
C TYR C 901 29.31 -66.24 -18.73
N ARG C 902 30.00 -65.11 -18.67
CA ARG C 902 29.50 -63.89 -19.31
C ARG C 902 29.44 -64.05 -20.82
N PHE C 903 30.44 -64.71 -21.40
CA PHE C 903 30.44 -64.99 -22.83
C PHE C 903 29.26 -65.88 -23.21
N ASN C 904 28.98 -66.90 -22.40
CA ASN C 904 27.76 -67.67 -22.60
C ASN C 904 26.53 -66.76 -22.52
N GLY C 905 26.54 -65.80 -21.60
CA GLY C 905 25.41 -64.90 -21.46
C GLY C 905 25.16 -64.07 -22.70
N ILE C 906 26.22 -63.63 -23.38
CA ILE C 906 26.03 -62.83 -24.59
C ILE C 906 25.89 -63.70 -25.84
N GLY C 907 25.93 -65.01 -25.72
CA GLY C 907 25.70 -65.89 -26.83
C GLY C 907 26.94 -66.44 -27.50
N VAL C 908 28.12 -66.26 -26.92
CA VAL C 908 29.38 -66.75 -27.46
C VAL C 908 29.82 -67.94 -26.61
N THR C 909 30.19 -69.04 -27.27
CA THR C 909 30.61 -70.21 -26.52
C THR C 909 31.84 -69.88 -25.70
N GLN C 910 31.96 -70.55 -24.54
CA GLN C 910 32.99 -70.20 -23.59
C GLN C 910 34.38 -70.63 -24.04
N ASN C 911 34.49 -71.54 -25.00
CA ASN C 911 35.79 -71.87 -25.55
C ASN C 911 36.40 -70.65 -26.26
N VAL C 912 35.57 -69.74 -26.73
CA VAL C 912 36.07 -68.51 -27.33
C VAL C 912 36.80 -67.67 -26.29
N LEU C 913 36.30 -67.68 -25.04
CA LEU C 913 36.95 -66.94 -23.97
C LEU C 913 38.30 -67.57 -23.61
N TYR C 914 38.32 -68.90 -23.47
CA TYR C 914 39.54 -69.56 -23.03
C TYR C 914 40.62 -69.57 -24.11
N GLU C 915 40.23 -69.69 -25.38
CA GLU C 915 41.19 -69.72 -26.46
C GLU C 915 41.69 -68.32 -26.84
N ASN C 916 41.09 -67.27 -26.28
CA ASN C 916 41.52 -65.90 -26.52
C ASN C 916 41.70 -65.15 -25.21
N GLN C 917 42.03 -65.88 -24.14
CA GLN C 917 42.02 -65.28 -22.80
C GLN C 917 43.05 -64.16 -22.70
N LYS C 918 44.26 -64.37 -23.22
CA LYS C 918 45.28 -63.34 -23.15
C LYS C 918 44.88 -62.12 -23.97
N LEU C 919 44.33 -62.33 -25.16
CA LEU C 919 43.88 -61.22 -26.00
C LEU C 919 42.78 -60.43 -25.29
N ILE C 920 41.82 -61.12 -24.70
CA ILE C 920 40.71 -60.45 -24.02
C ILE C 920 41.22 -59.67 -22.83
N ALA C 921 42.14 -60.25 -22.05
CA ALA C 921 42.71 -59.55 -20.91
C ALA C 921 43.47 -58.30 -21.34
N ASN C 922 44.26 -58.41 -22.42
CA ASN C 922 45.00 -57.26 -22.92
C ASN C 922 44.06 -56.17 -23.40
N GLN C 923 42.99 -56.54 -24.11
CA GLN C 923 42.03 -55.55 -24.57
C GLN C 923 41.37 -54.85 -23.40
N PHE C 924 40.99 -55.61 -22.36
CA PHE C 924 40.38 -55.00 -21.19
C PHE C 924 41.34 -54.04 -20.51
N ASN C 925 42.60 -54.45 -20.33
CA ASN C 925 43.59 -53.59 -19.69
C ASN C 925 43.80 -52.31 -20.49
N SER C 926 43.91 -52.43 -21.81
CA SER C 926 44.07 -51.25 -22.65
C SER C 926 42.87 -50.33 -22.55
N ALA C 927 41.67 -50.89 -22.53
CA ALA C 927 40.47 -50.06 -22.40
C ALA C 927 40.46 -49.31 -21.07
N ILE C 928 40.87 -49.96 -19.99
CA ILE C 928 40.96 -49.28 -18.70
C ILE C 928 42.00 -48.16 -18.78
N GLY C 929 43.14 -48.42 -19.40
CA GLY C 929 44.13 -47.38 -19.58
C GLY C 929 43.59 -46.20 -20.37
N LYS C 930 42.79 -46.48 -21.40
CA LYS C 930 42.18 -45.40 -22.17
C LYS C 930 41.21 -44.60 -21.32
N ILE C 931 40.46 -45.27 -20.45
CA ILE C 931 39.58 -44.56 -19.53
C ILE C 931 40.40 -43.61 -18.65
N GLN C 932 41.51 -44.11 -18.11
CA GLN C 932 42.38 -43.28 -17.29
C GLN C 932 42.86 -42.06 -18.06
N ASP C 933 43.35 -42.28 -19.28
CA ASP C 933 43.89 -41.19 -20.09
C ASP C 933 42.81 -40.16 -20.41
N SER C 934 41.62 -40.63 -20.78
CA SER C 934 40.53 -39.71 -21.08
C SER C 934 40.16 -38.87 -19.88
N LEU C 935 40.10 -39.49 -18.70
CA LEU C 935 39.79 -38.72 -17.49
C LEU C 935 40.88 -37.71 -17.20
N SER C 936 42.15 -38.11 -17.34
CA SER C 936 43.25 -37.21 -17.02
C SER C 936 43.34 -36.04 -18.00
N SER C 937 42.97 -36.25 -19.26
CA SER C 937 43.13 -35.22 -20.28
C SER C 937 41.91 -34.32 -20.40
N THR C 938 40.75 -34.91 -20.70
CA THR C 938 39.53 -34.16 -20.98
C THR C 938 38.61 -34.24 -19.77
N ALA C 939 38.21 -33.08 -19.25
CA ALA C 939 37.33 -32.99 -18.09
C ALA C 939 35.88 -32.72 -18.45
N SER C 940 35.54 -32.68 -19.75
CA SER C 940 34.17 -32.39 -20.16
C SER C 940 33.23 -33.55 -19.89
N ALA C 941 33.75 -34.79 -19.81
CA ALA C 941 32.89 -35.94 -19.60
C ALA C 941 32.14 -35.84 -18.28
N LEU C 942 32.77 -35.25 -17.26
CA LEU C 942 32.15 -35.07 -15.96
C LEU C 942 31.14 -33.93 -15.94
N GLY C 943 30.79 -33.36 -17.10
CA GLY C 943 29.90 -32.21 -17.11
C GLY C 943 28.60 -32.50 -16.38
N LYS C 944 28.03 -33.68 -16.58
CA LYS C 944 26.76 -34.02 -15.96
C LYS C 944 26.79 -33.77 -14.46
N LEU C 945 27.94 -34.01 -13.82
CA LEU C 945 28.05 -33.71 -12.40
C LEU C 945 28.27 -32.22 -12.17
N GLN C 946 29.24 -31.64 -12.87
CA GLN C 946 29.57 -30.24 -12.64
C GLN C 946 28.35 -29.35 -12.85
N ASP C 947 27.59 -29.61 -13.93
CA ASP C 947 26.38 -28.84 -14.16
C ASP C 947 25.51 -28.82 -12.92
N VAL C 948 25.25 -30.00 -12.35
CA VAL C 948 24.42 -30.05 -11.15
C VAL C 948 25.01 -29.14 -10.08
N VAL C 949 26.30 -29.27 -9.82
CA VAL C 949 26.95 -28.40 -8.84
C VAL C 949 26.70 -26.95 -9.22
N ASN C 950 27.02 -26.59 -10.47
CA ASN C 950 26.82 -25.22 -10.89
C ASN C 950 25.39 -24.78 -10.59
N GLN C 951 24.42 -25.60 -10.99
CA GLN C 951 23.03 -25.20 -10.78
C GLN C 951 22.81 -24.83 -9.32
N ASN C 952 23.17 -25.73 -8.42
CA ASN C 952 22.97 -25.44 -7.00
C ASN C 952 23.63 -24.12 -6.65
N ALA C 953 24.91 -23.98 -6.98
CA ALA C 953 25.62 -22.74 -6.68
C ALA C 953 24.83 -21.57 -7.22
N GLN C 954 24.48 -21.62 -8.51
CA GLN C 954 23.77 -20.50 -9.11
C GLN C 954 22.56 -20.13 -8.27
N ALA C 955 21.74 -21.13 -7.93
CA ALA C 955 20.53 -20.84 -7.16
C ALA C 955 20.90 -20.10 -5.88
N LEU C 956 21.83 -20.64 -5.10
CA LEU C 956 22.19 -19.98 -3.87
C LEU C 956 22.63 -18.55 -4.13
N ASN C 957 23.50 -18.36 -5.12
CA ASN C 957 23.96 -17.01 -5.41
C ASN C 957 22.78 -16.10 -5.68
N THR C 958 21.85 -16.54 -6.53
CA THR C 958 20.67 -15.72 -6.81
C THR C 958 19.99 -15.34 -5.52
N LEU C 959 19.76 -16.32 -4.65
CA LEU C 959 19.08 -16.05 -3.39
C LEU C 959 19.83 -14.97 -2.61
N VAL C 960 21.15 -15.11 -2.50
CA VAL C 960 21.92 -14.11 -1.78
C VAL C 960 21.78 -12.75 -2.43
N LYS C 961 21.86 -12.70 -3.76
CA LYS C 961 21.74 -11.42 -4.44
C LYS C 961 20.37 -10.81 -4.26
N GLN C 962 19.35 -11.62 -4.00
CA GLN C 962 18.02 -11.07 -3.77
C GLN C 962 17.95 -10.30 -2.46
N LEU C 963 18.96 -10.39 -1.61
CA LEU C 963 19.04 -9.57 -0.42
C LEU C 963 19.58 -8.18 -0.68
N SER C 964 20.00 -7.89 -1.92
CA SER C 964 20.46 -6.55 -2.29
C SER C 964 19.43 -5.80 -3.13
N SER C 965 18.18 -6.28 -3.13
CA SER C 965 17.10 -5.64 -3.88
C SER C 965 16.26 -4.79 -2.94
N ASN C 966 15.87 -3.61 -3.42
CA ASN C 966 15.05 -2.71 -2.61
C ASN C 966 13.61 -3.18 -2.55
N PHE C 967 13.09 -3.74 -3.64
CA PHE C 967 11.69 -4.13 -3.73
C PHE C 967 10.76 -2.94 -3.47
N GLY C 968 11.24 -1.73 -3.75
CA GLY C 968 10.50 -0.52 -3.52
C GLY C 968 10.92 0.25 -2.29
N ALA C 969 11.68 -0.37 -1.38
CA ALA C 969 12.12 0.30 -0.18
C ALA C 969 13.23 1.29 -0.51
N ILE C 970 13.53 2.18 0.45
CA ILE C 970 14.59 3.15 0.26
C ILE C 970 15.96 2.50 0.31
N SER C 971 16.08 1.31 0.88
CA SER C 971 17.36 0.63 1.01
C SER C 971 17.13 -0.87 1.06
N SER C 972 18.12 -1.63 0.60
CA SER C 972 18.11 -3.07 0.71
C SER C 972 18.81 -3.57 1.97
N VAL C 973 19.28 -2.66 2.82
CA VAL C 973 19.92 -3.00 4.08
C VAL C 973 18.94 -2.66 5.20
N LEU C 974 18.66 -3.65 6.05
CA LEU C 974 17.65 -3.48 7.09
C LEU C 974 18.14 -2.59 8.23
N ASN C 975 19.41 -2.70 8.58
CA ASN C 975 19.96 -1.85 9.63
C ASN C 975 19.94 -0.38 9.22
N ASP C 976 20.17 -0.09 7.95
CA ASP C 976 20.11 1.29 7.49
C ASP C 976 18.74 1.88 7.70
N ILE C 977 17.68 1.13 7.39
CA ILE C 977 16.33 1.60 7.63
C ILE C 977 16.08 1.76 9.13
N LEU C 978 16.47 0.75 9.92
CA LEU C 978 16.20 0.80 11.35
C LEU C 978 17.00 1.91 12.02
N SER C 979 18.23 2.13 11.58
CA SER C 979 19.10 3.12 12.22
C SER C 979 18.79 4.55 11.83
N ARG C 980 17.90 4.77 10.85
CA ARG C 980 17.61 6.10 10.34
C ARG C 980 16.16 6.53 10.52
N LEU C 981 15.21 5.59 10.60
CA LEU C 981 13.80 5.92 10.63
C LEU C 981 13.14 5.40 11.89
N ASP C 982 12.09 6.08 12.32
CA ASP C 982 11.30 5.66 13.46
C ASP C 982 10.41 4.48 13.07
N PRO C 983 9.95 3.71 14.05
CA PRO C 983 9.21 2.48 13.75
C PRO C 983 8.00 2.73 12.85
N PRO C 984 7.26 3.82 13.07
CA PRO C 984 6.08 4.06 12.20
C PRO C 984 6.44 4.15 10.73
N GLU C 985 7.60 4.73 10.40
CA GLU C 985 8.07 4.79 9.03
C GLU C 985 9.00 3.64 8.67
N ALA C 986 9.62 3.00 9.67
CA ALA C 986 10.48 1.86 9.38
C ALA C 986 9.67 0.66 8.93
N GLU C 987 8.49 0.45 9.51
CA GLU C 987 7.67 -0.69 9.13
C GLU C 987 7.26 -0.62 7.67
N VAL C 988 6.98 0.58 7.16
CA VAL C 988 6.57 0.73 5.76
C VAL C 988 7.66 0.23 4.83
N GLN C 989 8.91 0.62 5.12
CA GLN C 989 10.03 0.20 4.29
C GLN C 989 10.42 -1.25 4.53
N ILE C 990 10.12 -1.79 5.71
CA ILE C 990 10.47 -3.18 5.99
C ILE C 990 9.49 -4.15 5.36
N ASP C 991 8.22 -3.75 5.21
CA ASP C 991 7.23 -4.64 4.62
C ASP C 991 7.57 -4.98 3.17
N ARG C 992 8.08 -3.99 2.42
CA ARG C 992 8.46 -4.24 1.04
C ARG C 992 9.59 -5.27 0.96
N LEU C 993 10.60 -5.11 1.81
CA LEU C 993 11.68 -6.08 1.84
C LEU C 993 11.17 -7.46 2.25
N ILE C 994 10.26 -7.51 3.21
CA ILE C 994 9.72 -8.79 3.65
C ILE C 994 9.01 -9.49 2.50
N THR C 995 8.17 -8.74 1.77
CA THR C 995 7.45 -9.32 0.64
C THR C 995 8.42 -9.85 -0.41
N GLY C 996 9.39 -9.02 -0.80
CA GLY C 996 10.32 -9.43 -1.84
C GLY C 996 11.15 -10.64 -1.43
N ARG C 997 11.64 -10.65 -0.19
CA ARG C 997 12.49 -11.74 0.25
C ARG C 997 11.72 -13.03 0.48
N LEU C 998 10.47 -12.92 0.94
CA LEU C 998 9.62 -14.11 1.03
C LEU C 998 9.35 -14.69 -0.35
N GLN C 999 9.09 -13.82 -1.33
CA GLN C 999 8.89 -14.31 -2.70
C GLN C 999 10.15 -14.98 -3.22
N SER C 1000 11.32 -14.40 -2.93
CA SER C 1000 12.58 -14.99 -3.36
C SER C 1000 12.80 -16.36 -2.73
N LEU C 1001 12.51 -16.48 -1.43
CA LEU C 1001 12.68 -17.77 -0.77
C LEU C 1001 11.73 -18.81 -1.34
N GLN C 1002 10.48 -18.43 -1.60
CA GLN C 1002 9.54 -19.37 -2.19
C GLN C 1002 10.02 -19.82 -3.57
N THR C 1003 10.52 -18.88 -4.37
CA THR C 1003 11.07 -19.24 -5.68
C THR C 1003 12.21 -20.25 -5.51
N TYR C 1004 13.12 -19.97 -4.58
CA TYR C 1004 14.26 -20.86 -4.37
C TYR C 1004 13.80 -22.25 -3.98
N VAL C 1005 12.86 -22.34 -3.05
CA VAL C 1005 12.43 -23.65 -2.55
C VAL C 1005 11.69 -24.42 -3.63
N THR C 1006 10.88 -23.74 -4.45
CA THR C 1006 10.18 -24.44 -5.52
C THR C 1006 11.16 -24.96 -6.58
N GLN C 1007 12.14 -24.14 -6.95
CA GLN C 1007 13.16 -24.61 -7.87
C GLN C 1007 13.92 -25.78 -7.29
N GLN C 1008 14.21 -25.74 -5.99
CA GLN C 1008 14.92 -26.84 -5.34
C GLN C 1008 14.07 -28.11 -5.35
N LEU C 1009 12.76 -27.99 -5.16
CA LEU C 1009 11.89 -29.16 -5.23
C LEU C 1009 11.94 -29.78 -6.63
N ILE C 1010 11.82 -28.96 -7.66
CA ILE C 1010 11.84 -29.49 -9.03
C ILE C 1010 13.18 -30.16 -9.32
N ARG C 1011 14.28 -29.50 -8.95
CA ARG C 1011 15.61 -30.06 -9.18
C ARG C 1011 15.84 -31.32 -8.38
N ALA C 1012 15.29 -31.39 -7.16
CA ALA C 1012 15.39 -32.60 -6.36
C ALA C 1012 14.63 -33.74 -6.98
N ALA C 1013 13.47 -33.46 -7.59
CA ALA C 1013 12.75 -34.51 -8.32
C ALA C 1013 13.59 -35.03 -9.48
N GLU C 1014 14.24 -34.13 -10.22
CA GLU C 1014 15.11 -34.57 -11.31
C GLU C 1014 16.27 -35.41 -10.80
N ILE C 1015 16.90 -34.99 -9.70
CA ILE C 1015 18.00 -35.75 -9.11
C ILE C 1015 17.51 -37.10 -8.59
N ARG C 1016 16.27 -37.15 -8.09
CA ARG C 1016 15.70 -38.42 -7.66
C ARG C 1016 15.55 -39.38 -8.83
N ALA C 1017 15.07 -38.87 -9.96
CA ALA C 1017 14.98 -39.72 -11.15
C ALA C 1017 16.36 -40.23 -11.55
N SER C 1018 17.36 -39.34 -11.53
CA SER C 1018 18.72 -39.75 -11.89
C SER C 1018 19.25 -40.82 -10.93
N ALA C 1019 19.00 -40.65 -9.63
CA ALA C 1019 19.50 -41.60 -8.65
C ALA C 1019 18.77 -42.93 -8.71
N ASN C 1020 17.47 -42.91 -9.04
CA ASN C 1020 16.77 -44.17 -9.26
C ASN C 1020 17.33 -44.90 -10.47
N LEU C 1021 17.63 -44.17 -11.54
CA LEU C 1021 18.28 -44.81 -12.68
C LEU C 1021 19.64 -45.38 -12.29
N ALA C 1022 20.40 -44.65 -11.48
CA ALA C 1022 21.72 -45.12 -11.06
C ALA C 1022 21.61 -46.36 -10.20
N ALA C 1023 20.59 -46.44 -9.34
CA ALA C 1023 20.41 -47.63 -8.50
C ALA C 1023 19.98 -48.83 -9.34
N THR C 1024 19.10 -48.61 -10.30
CA THR C 1024 18.73 -49.69 -11.21
C THR C 1024 19.93 -50.17 -12.00
N LYS C 1025 20.78 -49.25 -12.44
CA LYS C 1025 21.97 -49.64 -13.18
C LYS C 1025 22.95 -50.39 -12.29
N MET C 1026 23.13 -49.95 -11.05
CA MET C 1026 23.97 -50.71 -10.13
C MET C 1026 23.48 -52.14 -10.03
N SER C 1027 22.19 -52.31 -9.75
CA SER C 1027 21.60 -53.64 -9.63
C SER C 1027 21.82 -54.48 -10.88
N GLU C 1028 21.49 -53.93 -12.05
CA GLU C 1028 21.38 -54.76 -13.25
C GLU C 1028 22.67 -54.84 -14.07
N CYS C 1029 23.66 -54.01 -13.78
CA CYS C 1029 24.94 -54.06 -14.50
C CYS C 1029 26.10 -54.47 -13.61
N VAL C 1030 26.11 -54.05 -12.35
CA VAL C 1030 27.20 -54.39 -11.45
C VAL C 1030 26.90 -55.70 -10.71
N LEU C 1031 25.67 -55.87 -10.25
CA LEU C 1031 25.26 -57.08 -9.56
C LEU C 1031 24.76 -58.16 -10.53
N GLY C 1032 24.72 -57.87 -11.82
CA GLY C 1032 24.27 -58.85 -12.79
C GLY C 1032 24.83 -58.62 -14.18
N GLN C 1033 24.22 -59.26 -15.16
CA GLN C 1033 24.57 -59.10 -16.57
C GLN C 1033 23.28 -58.83 -17.33
N SER C 1034 23.15 -57.63 -17.89
CA SER C 1034 21.89 -57.17 -18.45
C SER C 1034 21.76 -57.57 -19.91
N LYS C 1035 20.59 -58.09 -20.26
CA LYS C 1035 20.21 -58.30 -21.66
C LYS C 1035 19.56 -57.07 -22.27
N ARG C 1036 19.22 -56.08 -21.46
CA ARG C 1036 18.61 -54.86 -21.96
C ARG C 1036 19.59 -54.12 -22.86
N VAL C 1037 19.15 -53.77 -24.07
CA VAL C 1037 20.03 -53.18 -25.05
C VAL C 1037 20.35 -51.73 -24.66
N ASP C 1038 21.64 -51.40 -24.65
CA ASP C 1038 22.12 -50.05 -24.39
C ASP C 1038 21.80 -49.57 -22.98
N PHE C 1039 21.47 -50.48 -22.07
CA PHE C 1039 21.25 -50.09 -20.68
C PHE C 1039 22.54 -50.04 -19.90
N CYS C 1040 23.45 -50.97 -20.18
CA CYS C 1040 24.76 -51.04 -19.54
C CYS C 1040 25.86 -50.75 -20.55
N GLY C 1041 25.67 -49.73 -21.39
CA GLY C 1041 26.64 -49.36 -22.39
C GLY C 1041 26.28 -49.91 -23.76
N LYS C 1042 27.04 -49.45 -24.75
CA LYS C 1042 26.80 -49.84 -26.14
C LYS C 1042 27.63 -51.07 -26.46
N GLY C 1043 26.96 -52.14 -26.88
CA GLY C 1043 27.54 -53.43 -27.16
C GLY C 1043 26.80 -54.50 -26.41
N TYR C 1044 27.37 -55.70 -26.38
CA TYR C 1044 26.84 -56.79 -25.59
C TYR C 1044 27.46 -56.70 -24.19
N HIS C 1045 26.64 -56.37 -23.20
CA HIS C 1045 27.15 -56.14 -21.86
C HIS C 1045 27.83 -57.38 -21.31
N LEU C 1046 29.06 -57.20 -20.85
CA LEU C 1046 29.78 -58.24 -20.11
C LEU C 1046 29.70 -57.99 -18.61
N MET C 1047 30.12 -56.81 -18.18
CA MET C 1047 30.01 -56.47 -16.76
C MET C 1047 30.11 -54.96 -16.60
N SER C 1048 29.98 -54.50 -15.37
CA SER C 1048 30.14 -53.08 -15.06
C SER C 1048 30.85 -52.94 -13.72
N PHE C 1049 31.60 -51.86 -13.58
CA PHE C 1049 32.31 -51.54 -12.36
C PHE C 1049 31.90 -50.16 -11.87
N PRO C 1050 31.53 -50.02 -10.59
CA PRO C 1050 31.19 -48.69 -10.07
C PRO C 1050 32.39 -47.95 -9.49
N GLN C 1051 32.38 -46.64 -9.67
CA GLN C 1051 33.35 -45.73 -9.07
C GLN C 1051 32.60 -44.56 -8.47
N SER C 1052 32.94 -44.20 -7.25
CA SER C 1052 32.30 -43.04 -6.62
C SER C 1052 32.84 -41.76 -7.24
N ALA C 1053 31.94 -40.79 -7.44
CA ALA C 1053 32.29 -39.47 -7.95
C ALA C 1053 31.58 -38.44 -7.10
N PRO C 1054 32.06 -37.20 -7.09
CA PRO C 1054 31.41 -36.19 -6.25
C PRO C 1054 29.94 -36.04 -6.56
N HIS C 1055 29.08 -36.41 -5.61
CA HIS C 1055 27.62 -36.33 -5.76
C HIS C 1055 27.13 -37.20 -6.91
N GLY C 1056 27.87 -38.24 -7.27
CA GLY C 1056 27.45 -39.07 -8.37
C GLY C 1056 28.19 -40.40 -8.42
N VAL C 1057 27.88 -41.15 -9.46
CA VAL C 1057 28.49 -42.46 -9.68
C VAL C 1057 28.97 -42.53 -11.12
N VAL C 1058 30.05 -43.26 -11.34
CA VAL C 1058 30.57 -43.57 -12.66
C VAL C 1058 30.49 -45.08 -12.84
N PHE C 1059 29.99 -45.51 -13.98
CA PHE C 1059 29.94 -46.92 -14.34
C PHE C 1059 30.89 -47.16 -15.49
N LEU C 1060 31.83 -48.07 -15.30
CA LEU C 1060 32.70 -48.54 -16.36
C LEU C 1060 32.07 -49.82 -16.90
N HIS C 1061 31.38 -49.69 -18.04
CA HIS C 1061 30.69 -50.80 -18.68
C HIS C 1061 31.66 -51.50 -19.61
N VAL C 1062 31.95 -52.76 -19.31
CA VAL C 1062 32.70 -53.64 -20.19
C VAL C 1062 31.70 -54.38 -21.07
N THR C 1063 31.80 -54.15 -22.37
CA THR C 1063 30.92 -54.76 -23.35
C THR C 1063 31.75 -55.47 -24.42
N TYR C 1064 31.08 -56.38 -25.12
CA TYR C 1064 31.66 -57.18 -26.19
C TYR C 1064 31.16 -56.61 -27.52
N VAL C 1065 32.09 -56.29 -28.41
CA VAL C 1065 31.75 -55.67 -29.69
C VAL C 1065 32.31 -56.54 -30.81
N PRO C 1066 31.48 -57.11 -31.68
CA PRO C 1066 32.02 -57.82 -32.84
C PRO C 1066 32.86 -56.88 -33.71
N ALA C 1067 33.95 -57.42 -34.25
CA ALA C 1067 35.00 -56.56 -34.81
C ALA C 1067 35.16 -56.72 -36.32
N GLN C 1068 35.40 -57.92 -36.84
CA GLN C 1068 35.84 -58.12 -38.22
C GLN C 1068 34.91 -59.13 -38.89
N GLU C 1069 33.86 -58.62 -39.52
CA GLU C 1069 32.85 -59.48 -40.13
C GLU C 1069 33.23 -59.85 -41.56
N LYS C 1070 32.89 -61.08 -41.91
CA LYS C 1070 33.09 -61.60 -43.26
C LYS C 1070 31.74 -62.00 -43.85
N ASN C 1071 31.64 -61.89 -45.17
CA ASN C 1071 30.46 -62.34 -45.89
C ASN C 1071 30.52 -63.85 -46.08
N PHE C 1072 29.36 -64.51 -45.94
CA PHE C 1072 29.22 -65.91 -46.26
C PHE C 1072 27.87 -66.11 -46.93
N THR C 1073 27.75 -67.18 -47.70
CA THR C 1073 26.42 -67.58 -48.18
C THR C 1073 25.72 -68.33 -47.07
N THR C 1074 24.40 -68.24 -47.02
CA THR C 1074 23.67 -68.83 -45.91
C THR C 1074 22.35 -69.43 -46.41
N ALA C 1075 21.88 -70.43 -45.69
CA ALA C 1075 20.63 -71.10 -45.97
C ALA C 1075 19.84 -71.28 -44.67
N PRO C 1076 18.52 -71.27 -44.74
CA PRO C 1076 17.74 -71.50 -43.52
C PRO C 1076 17.71 -72.95 -43.08
N ALA C 1077 17.94 -73.89 -44.00
CA ALA C 1077 17.94 -75.31 -43.67
C ALA C 1077 18.79 -76.03 -44.70
N ILE C 1078 18.98 -77.34 -44.48
CA ILE C 1078 19.78 -78.17 -45.37
C ILE C 1078 19.07 -79.50 -45.57
N CYS C 1079 19.09 -79.99 -46.80
CA CYS C 1079 18.44 -81.24 -47.18
C CYS C 1079 19.48 -82.34 -47.32
N HIS C 1080 19.24 -83.47 -46.66
CA HIS C 1080 20.13 -84.61 -46.71
C HIS C 1080 19.48 -85.84 -47.32
N ASP C 1081 18.33 -86.26 -46.79
CA ASP C 1081 17.62 -87.45 -47.25
C ASP C 1081 16.13 -87.14 -47.40
N GLY C 1082 15.83 -86.03 -48.04
CA GLY C 1082 14.46 -85.56 -48.09
C GLY C 1082 13.97 -84.97 -46.79
N LYS C 1083 14.86 -84.77 -45.83
CA LYS C 1083 14.53 -84.17 -44.55
C LYS C 1083 15.21 -82.82 -44.43
N ALA C 1084 14.49 -81.84 -43.88
CA ALA C 1084 15.03 -80.52 -43.65
C ALA C 1084 15.76 -80.49 -42.31
N HIS C 1085 16.98 -79.96 -42.30
CA HIS C 1085 17.80 -79.87 -41.10
C HIS C 1085 17.97 -78.41 -40.74
N PHE C 1086 17.80 -78.10 -39.46
CA PHE C 1086 17.97 -76.76 -38.94
C PHE C 1086 19.03 -76.76 -37.85
N PRO C 1087 19.79 -75.68 -37.69
CA PRO C 1087 20.85 -75.68 -36.68
C PRO C 1087 20.26 -75.60 -35.27
N ARG C 1088 20.75 -76.48 -34.39
CA ARG C 1088 20.35 -76.43 -32.99
C ARG C 1088 20.74 -75.10 -32.37
N GLU C 1089 22.00 -74.71 -32.52
CA GLU C 1089 22.50 -73.42 -32.06
C GLU C 1089 23.46 -72.92 -33.12
N GLY C 1090 23.03 -71.95 -33.92
CA GLY C 1090 23.93 -71.35 -34.90
C GLY C 1090 23.21 -71.12 -36.22
N VAL C 1091 24.02 -70.88 -37.24
CA VAL C 1091 23.55 -70.57 -38.59
C VAL C 1091 24.39 -71.36 -39.58
N PHE C 1092 23.74 -71.82 -40.64
CA PHE C 1092 24.46 -72.47 -41.73
C PHE C 1092 25.16 -71.42 -42.58
N VAL C 1093 26.46 -71.64 -42.84
CA VAL C 1093 27.26 -70.74 -43.65
C VAL C 1093 28.01 -71.54 -44.70
N SER C 1094 28.39 -70.85 -45.76
CA SER C 1094 29.17 -71.42 -46.84
C SER C 1094 30.26 -70.43 -47.23
N ASN C 1095 31.49 -70.93 -47.31
CA ASN C 1095 32.66 -70.16 -47.72
C ASN C 1095 32.84 -70.17 -49.23
N GLY C 1096 31.80 -70.52 -49.98
CA GLY C 1096 31.88 -70.58 -51.42
C GLY C 1096 31.66 -71.97 -51.97
N THR C 1097 32.20 -72.97 -51.30
CA THR C 1097 32.14 -74.35 -51.79
C THR C 1097 31.59 -75.33 -50.76
N HIS C 1098 31.92 -75.17 -49.48
CA HIS C 1098 31.53 -76.12 -48.45
C HIS C 1098 30.61 -75.44 -47.44
N TRP C 1099 29.76 -76.25 -46.83
CA TRP C 1099 28.76 -75.77 -45.89
C TRP C 1099 29.12 -76.21 -44.47
N PHE C 1100 29.17 -75.24 -43.57
CA PHE C 1100 29.42 -75.46 -42.15
C PHE C 1100 28.27 -74.88 -41.34
N VAL C 1101 28.28 -75.18 -40.05
CA VAL C 1101 27.37 -74.57 -39.08
C VAL C 1101 28.23 -73.83 -38.08
N THR C 1102 27.97 -72.54 -37.89
CA THR C 1102 28.78 -71.71 -37.02
C THR C 1102 27.88 -71.03 -35.99
N GLN C 1103 28.46 -70.71 -34.84
CA GLN C 1103 27.75 -69.87 -33.87
C GLN C 1103 27.57 -68.47 -34.45
N ARG C 1104 26.54 -67.78 -33.97
CA ARG C 1104 26.03 -66.62 -34.68
C ARG C 1104 26.86 -65.37 -34.45
N ASN C 1105 27.53 -65.26 -33.29
CA ASN C 1105 28.24 -64.04 -32.92
C ASN C 1105 29.74 -64.17 -33.06
N PHE C 1106 30.23 -65.25 -33.67
CA PHE C 1106 31.67 -65.46 -33.82
C PHE C 1106 31.87 -66.59 -34.82
N TYR C 1107 32.72 -66.36 -35.82
CA TYR C 1107 32.87 -67.33 -36.91
C TYR C 1107 33.73 -68.49 -36.43
N GLU C 1108 33.09 -69.62 -36.15
CA GLU C 1108 33.76 -70.85 -35.73
C GLU C 1108 33.18 -72.01 -36.52
N PRO C 1109 33.47 -72.09 -37.83
CA PRO C 1109 32.78 -73.07 -38.68
C PRO C 1109 33.05 -74.50 -38.23
N GLN C 1110 32.02 -75.34 -38.36
CA GLN C 1110 32.12 -76.73 -37.98
C GLN C 1110 31.31 -77.59 -38.96
N ILE C 1111 31.69 -78.86 -39.05
CA ILE C 1111 31.00 -79.77 -39.94
C ILE C 1111 29.55 -79.91 -39.50
N ILE C 1112 28.66 -80.04 -40.48
CA ILE C 1112 27.24 -80.18 -40.21
C ILE C 1112 26.95 -81.66 -39.97
N THR C 1113 26.61 -82.00 -38.74
CA THR C 1113 26.33 -83.37 -38.32
C THR C 1113 24.92 -83.45 -37.75
N THR C 1114 24.51 -84.66 -37.40
CA THR C 1114 23.21 -84.85 -36.76
C THR C 1114 23.21 -84.39 -35.31
N ASP C 1115 24.36 -84.03 -34.76
CA ASP C 1115 24.43 -83.44 -33.43
C ASP C 1115 24.36 -81.92 -33.46
N ASN C 1116 24.77 -81.31 -34.58
CA ASN C 1116 24.65 -79.87 -34.75
C ASN C 1116 23.27 -79.44 -35.19
N THR C 1117 22.47 -80.35 -35.74
CA THR C 1117 21.22 -80.00 -36.38
C THR C 1117 20.09 -80.87 -35.86
N PHE C 1118 18.87 -80.49 -36.20
CA PHE C 1118 17.68 -81.27 -35.91
C PHE C 1118 16.79 -81.28 -37.14
N VAL C 1119 16.00 -82.34 -37.26
CA VAL C 1119 15.19 -82.58 -38.46
C VAL C 1119 13.74 -82.24 -38.16
N SER C 1120 13.07 -81.62 -39.13
CA SER C 1120 11.64 -81.30 -38.98
C SER C 1120 11.04 -81.20 -40.39
N GLY C 1121 10.33 -82.24 -40.80
CA GLY C 1121 9.64 -82.21 -42.07
C GLY C 1121 10.55 -82.52 -43.24
N ASN C 1122 9.98 -82.35 -44.43
CA ASN C 1122 10.67 -82.62 -45.69
C ASN C 1122 11.07 -81.31 -46.34
N CYS C 1123 11.59 -81.40 -47.56
CA CYS C 1123 12.25 -80.30 -48.25
C CYS C 1123 11.32 -79.51 -49.16
N ASP C 1124 10.00 -79.67 -49.01
CA ASP C 1124 9.04 -79.03 -49.90
C ASP C 1124 8.42 -77.77 -49.31
N VAL C 1125 8.91 -77.29 -48.17
CA VAL C 1125 8.31 -76.16 -47.46
C VAL C 1125 9.30 -75.01 -47.30
N VAL C 1126 10.49 -75.30 -46.79
CA VAL C 1126 11.44 -74.25 -46.42
C VAL C 1126 11.90 -73.52 -47.67
N ILE C 1127 11.76 -72.19 -47.66
CA ILE C 1127 12.14 -71.36 -48.80
C ILE C 1127 13.63 -71.03 -48.67
N GLY C 1128 14.40 -71.40 -49.68
CA GLY C 1128 15.83 -71.20 -49.66
C GLY C 1128 16.64 -72.38 -49.18
N ILE C 1129 16.01 -73.52 -48.95
CA ILE C 1129 16.72 -74.70 -48.46
C ILE C 1129 17.72 -75.17 -49.52
N VAL C 1130 18.88 -75.63 -49.07
CA VAL C 1130 19.96 -76.04 -49.96
C VAL C 1130 20.34 -77.48 -49.65
N ASN C 1131 20.89 -78.15 -50.67
CA ASN C 1131 21.30 -79.54 -50.55
C ASN C 1131 22.71 -79.63 -50.01
N ASN C 1132 22.90 -80.47 -49.00
CA ASN C 1132 24.22 -80.77 -48.48
C ASN C 1132 24.15 -82.05 -47.68
N THR C 1133 25.31 -82.61 -47.38
CA THR C 1133 25.40 -83.88 -46.65
C THR C 1133 25.54 -83.60 -45.16
N VAL C 1134 24.67 -84.22 -44.37
CA VAL C 1134 24.72 -84.14 -42.92
C VAL C 1134 25.46 -85.36 -42.41
N TYR C 1135 26.56 -85.14 -41.69
CA TYR C 1135 27.41 -86.24 -41.24
C TYR C 1135 26.75 -86.97 -40.07
N ASP C 1136 26.94 -88.29 -40.03
CA ASP C 1136 26.42 -89.12 -38.96
C ASP C 1136 27.56 -89.72 -38.17
N PRO C 1137 27.87 -89.23 -36.96
CA PRO C 1137 29.04 -89.76 -36.24
C PRO C 1137 28.97 -91.26 -35.96
N LEU C 1138 27.77 -91.81 -35.77
CA LEU C 1138 27.65 -93.21 -35.40
C LEU C 1138 28.03 -94.15 -36.55
N GLN C 1139 27.92 -93.68 -37.79
CA GLN C 1139 28.19 -94.56 -38.93
C GLN C 1139 29.62 -95.07 -38.95
N PRO C 1140 30.65 -94.22 -38.87
CA PRO C 1140 32.02 -94.75 -38.82
C PRO C 1140 32.27 -95.65 -37.61
N GLU C 1141 31.69 -95.30 -36.46
CA GLU C 1141 31.89 -96.12 -35.26
C GLU C 1141 31.35 -97.52 -35.47
N LEU C 1142 30.15 -97.65 -36.04
CA LEU C 1142 29.60 -98.97 -36.32
C LEU C 1142 30.38 -99.68 -37.41
N ASP C 1143 30.78 -98.94 -38.46
CA ASP C 1143 31.57 -99.54 -39.52
C ASP C 1143 32.92 -100.02 -39.01
N SER C 1144 33.57 -99.22 -38.18
CA SER C 1144 34.87 -99.57 -37.62
C SER C 1144 34.71 -100.37 -36.33
N ALA D 1 -38.43 4.18 47.04
CA ALA D 1 -38.70 5.41 46.24
C ALA D 1 -38.02 6.62 46.87
N ILE D 2 -37.09 7.23 46.14
CA ILE D 2 -36.39 8.40 46.64
C ILE D 2 -37.40 9.51 46.89
N ARG D 3 -37.22 10.22 48.00
CA ARG D 3 -38.05 11.35 48.36
C ARG D 3 -37.22 12.62 48.26
N MET D 4 -37.70 13.60 47.51
CA MET D 4 -37.04 14.88 47.35
C MET D 4 -37.82 15.94 48.14
N THR D 5 -37.16 16.58 49.09
CA THR D 5 -37.75 17.65 49.87
C THR D 5 -36.98 18.94 49.60
N GLN D 6 -37.61 20.06 49.92
CA GLN D 6 -37.01 21.37 49.67
C GLN D 6 -37.07 22.23 50.91
N SER D 7 -36.06 23.07 51.08
CA SER D 7 -35.97 24.00 52.18
C SER D 7 -35.51 25.36 51.67
N PRO D 8 -36.05 26.46 52.20
CA PRO D 8 -37.16 26.50 53.15
C PRO D 8 -38.52 26.28 52.49
N GLY D 9 -39.56 26.07 53.28
CA GLY D 9 -40.89 25.92 52.69
C GLY D 9 -41.31 27.16 51.92
N THR D 10 -41.01 28.34 52.45
CA THR D 10 -41.27 29.60 51.78
C THR D 10 -40.16 30.57 52.12
N LEU D 11 -39.51 31.12 51.11
CA LEU D 11 -38.38 32.03 51.29
C LEU D 11 -38.84 33.44 50.99
N SER D 12 -38.69 34.33 51.97
CA SER D 12 -39.05 35.73 51.84
C SER D 12 -37.78 36.56 51.75
N LEU D 13 -37.65 37.31 50.65
CA LEU D 13 -36.46 38.13 50.43
C LEU D 13 -36.86 39.34 49.60
N SER D 14 -36.01 40.37 49.68
CA SER D 14 -36.22 41.58 48.89
C SER D 14 -35.41 41.52 47.60
N PRO D 15 -35.85 42.20 46.55
CA PRO D 15 -35.11 42.17 45.28
C PRO D 15 -33.68 42.67 45.47
N GLY D 16 -32.76 42.06 44.74
CA GLY D 16 -31.35 42.40 44.82
C GLY D 16 -30.57 41.64 45.88
N GLU D 17 -31.22 40.75 46.63
CA GLU D 17 -30.56 39.99 47.67
C GLU D 17 -30.06 38.66 47.10
N ARG D 18 -29.65 37.75 47.97
CA ARG D 18 -29.13 36.44 47.60
C ARG D 18 -30.11 35.37 48.09
N ALA D 19 -30.56 34.53 47.17
CA ALA D 19 -31.49 33.45 47.49
C ALA D 19 -30.78 32.12 47.37
N THR D 20 -30.99 31.25 48.35
CA THR D 20 -30.42 29.91 48.34
C THR D 20 -31.52 28.90 48.68
N LEU D 21 -31.77 27.97 47.76
CA LEU D 21 -32.76 26.93 47.94
C LEU D 21 -32.05 25.60 48.01
N SER D 22 -32.44 24.75 48.96
CA SER D 22 -31.79 23.47 49.18
C SER D 22 -32.76 22.33 48.89
N CYS D 23 -32.25 21.29 48.24
CA CYS D 23 -32.99 20.08 47.93
C CYS D 23 -32.30 18.92 48.63
N ARG D 24 -33.09 18.13 49.35
CA ARG D 24 -32.62 17.01 50.14
C ARG D 24 -33.20 15.72 49.57
N ALA D 25 -32.36 14.70 49.40
CA ALA D 25 -32.77 13.40 48.91
C ALA D 25 -32.65 12.36 50.00
N SER D 26 -33.68 11.55 50.15
CA SER D 26 -33.65 10.48 51.16
C SER D 26 -32.51 9.50 50.91
N GLN D 27 -32.02 9.43 49.67
CA GLN D 27 -30.88 8.57 49.35
C GLN D 27 -29.82 9.39 48.63
N SER D 28 -28.78 8.72 48.13
CA SER D 28 -27.73 9.39 47.37
C SER D 28 -28.15 9.46 45.91
N VAL D 29 -28.32 10.67 45.40
CA VAL D 29 -28.78 10.92 44.04
C VAL D 29 -27.58 11.39 43.22
N SER D 30 -27.40 10.81 42.04
CA SER D 30 -26.34 11.23 41.16
C SER D 30 -26.51 12.70 40.80
N SER D 31 -25.41 13.45 40.89
CA SER D 31 -25.47 14.88 40.57
C SER D 31 -25.74 15.12 39.09
N SER D 32 -25.56 14.11 38.24
CA SER D 32 -25.82 14.28 36.82
C SER D 32 -27.32 14.31 36.52
N TYR D 33 -28.15 13.90 37.47
CA TYR D 33 -29.59 13.73 37.24
C TYR D 33 -30.39 14.51 38.26
N LEU D 34 -30.03 15.78 38.47
CA LEU D 34 -30.82 16.69 39.28
C LEU D 34 -31.12 17.93 38.44
N ALA D 35 -32.39 18.36 38.47
CA ALA D 35 -32.83 19.51 37.70
C ALA D 35 -33.57 20.48 38.61
N TRP D 36 -33.57 21.74 38.20
CA TRP D 36 -34.27 22.82 38.89
C TRP D 36 -35.19 23.52 37.92
N TYR D 37 -36.46 23.64 38.29
CA TYR D 37 -37.49 24.29 37.48
C TYR D 37 -38.03 25.50 38.22
N GLN D 38 -38.33 26.56 37.47
CA GLN D 38 -39.04 27.73 37.97
C GLN D 38 -40.41 27.80 37.31
N GLN D 39 -41.45 27.90 38.13
CA GLN D 39 -42.82 27.99 37.65
C GLN D 39 -43.47 29.25 38.21
N LYS D 40 -43.79 30.19 37.32
CA LYS D 40 -44.65 31.30 37.66
C LYS D 40 -46.10 30.86 37.61
N PRO D 41 -46.98 31.49 38.38
CA PRO D 41 -48.39 31.06 38.39
C PRO D 41 -49.01 31.18 37.01
N GLY D 42 -49.83 30.19 36.66
CA GLY D 42 -50.51 30.18 35.39
C GLY D 42 -49.65 29.80 34.20
N GLN D 43 -48.46 29.25 34.43
CA GLN D 43 -47.55 28.88 33.36
C GLN D 43 -47.05 27.46 33.58
N ALA D 44 -46.45 26.91 32.54
CA ALA D 44 -45.81 25.60 32.63
C ALA D 44 -44.45 25.74 33.32
N PRO D 45 -43.95 24.68 33.95
CA PRO D 45 -42.62 24.76 34.56
C PRO D 45 -41.55 25.10 33.53
N ARG D 46 -40.61 25.94 33.95
CA ARG D 46 -39.49 26.35 33.11
C ARG D 46 -38.23 25.71 33.64
N LEU D 47 -37.58 24.92 32.81
CA LEU D 47 -36.34 24.27 33.21
C LEU D 47 -35.23 25.30 33.34
N LEU D 48 -34.70 25.44 34.55
CA LEU D 48 -33.57 26.34 34.80
C LEU D 48 -32.25 25.60 34.78
N ILE D 49 -32.10 24.55 35.59
CA ILE D 49 -30.84 23.85 35.75
C ILE D 49 -31.05 22.37 35.41
N TYR D 50 -30.06 21.78 34.74
CA TYR D 50 -30.00 20.34 34.53
C TYR D 50 -28.59 19.86 34.83
N GLY D 51 -28.47 18.59 35.20
CA GLY D 51 -27.19 18.06 35.61
C GLY D 51 -26.70 18.69 36.91
N ALA D 52 -27.60 19.41 37.57
CA ALA D 52 -27.36 20.01 38.89
C ALA D 52 -26.43 21.22 38.83
N SER D 53 -25.82 21.50 37.68
CA SER D 53 -24.96 22.67 37.56
C SER D 53 -25.01 23.36 36.21
N SER D 54 -25.84 22.90 35.27
CA SER D 54 -25.86 23.45 33.92
C SER D 54 -27.15 24.23 33.70
N ARG D 55 -27.03 25.40 33.10
CA ARG D 55 -28.17 26.27 32.85
C ARG D 55 -28.77 25.98 31.47
N ALA D 56 -30.09 25.98 31.41
CA ALA D 56 -30.77 25.77 30.15
C ALA D 56 -30.56 26.97 29.22
N THR D 57 -31.07 26.87 28.01
CA THR D 57 -30.90 27.94 27.03
C THR D 57 -31.75 29.14 27.41
N GLY D 58 -31.13 30.32 27.43
CA GLY D 58 -31.81 31.55 27.77
C GLY D 58 -31.89 31.86 29.24
N ILE D 59 -31.37 30.99 30.11
CA ILE D 59 -31.42 31.22 31.54
C ILE D 59 -30.37 32.25 31.91
N PRO D 60 -30.71 33.30 32.67
CA PRO D 60 -29.68 34.25 33.11
C PRO D 60 -28.63 33.57 33.98
N ASP D 61 -27.40 34.09 33.89
CA ASP D 61 -26.29 33.50 34.63
C ASP D 61 -26.39 33.72 36.13
N ARG D 62 -27.31 34.56 36.60
CA ARG D 62 -27.44 34.78 38.04
C ARG D 62 -27.93 33.54 38.76
N PHE D 63 -28.46 32.56 38.04
CA PHE D 63 -28.82 31.26 38.63
C PHE D 63 -27.63 30.32 38.54
N SER D 64 -27.40 29.58 39.62
CA SER D 64 -26.33 28.58 39.63
C SER D 64 -26.81 27.36 40.40
N GLY D 65 -26.31 26.20 39.99
CA GLY D 65 -26.61 24.95 40.66
C GLY D 65 -25.34 24.30 41.18
N SER D 66 -25.48 23.58 42.28
CA SER D 66 -24.34 22.90 42.87
C SER D 66 -24.85 21.80 43.80
N GLY D 67 -23.91 21.06 44.37
CA GLY D 67 -24.21 20.04 45.35
C GLY D 67 -23.95 18.64 44.84
N SER D 68 -24.16 17.68 45.74
CA SER D 68 -23.96 16.27 45.43
C SER D 68 -24.57 15.45 46.57
N GLY D 69 -24.39 14.13 46.47
CA GLY D 69 -24.85 13.24 47.51
C GLY D 69 -26.34 13.37 47.75
N THR D 70 -26.71 13.95 48.89
CA THR D 70 -28.10 14.20 49.24
C THR D 70 -28.46 15.67 49.24
N ASP D 71 -27.49 16.57 49.20
CA ASP D 71 -27.73 18.01 49.31
C ASP D 71 -27.43 18.68 47.99
N PHE D 72 -28.42 19.38 47.43
CA PHE D 72 -28.25 20.15 46.21
C PHE D 72 -28.74 21.57 46.44
N THR D 73 -28.16 22.52 45.71
CA THR D 73 -28.37 23.93 45.98
C THR D 73 -28.63 24.68 44.68
N LEU D 74 -29.65 25.53 44.71
CA LEU D 74 -29.92 26.51 43.66
C LEU D 74 -29.72 27.90 44.25
N THR D 75 -28.77 28.65 43.69
CA THR D 75 -28.39 29.95 44.21
C THR D 75 -28.71 31.02 43.17
N ILE D 76 -29.49 32.01 43.58
CA ILE D 76 -29.76 33.20 42.78
C ILE D 76 -28.98 34.34 43.42
N SER D 77 -28.02 34.89 42.68
CA SER D 77 -27.14 35.91 43.24
C SER D 77 -27.89 37.22 43.46
N ARG D 78 -28.69 37.64 42.50
CA ARG D 78 -29.40 38.91 42.56
C ARG D 78 -30.86 38.68 42.16
N LEU D 79 -31.76 38.71 43.14
CA LEU D 79 -33.18 38.59 42.83
C LEU D 79 -33.60 39.68 41.84
N GLU D 80 -34.60 39.37 41.05
CA GLU D 80 -35.18 40.29 40.09
C GLU D 80 -36.70 40.17 40.16
N PRO D 81 -37.44 41.14 39.64
CA PRO D 81 -38.89 41.04 39.67
C PRO D 81 -39.43 39.77 39.05
N GLU D 82 -38.67 39.13 38.15
CA GLU D 82 -39.09 37.89 37.53
C GLU D 82 -38.67 36.65 38.32
N ASP D 83 -37.77 36.79 39.28
CA ASP D 83 -37.22 35.65 40.01
C ASP D 83 -38.02 35.32 41.26
N PHE D 84 -39.30 35.69 41.30
CA PHE D 84 -40.17 35.41 42.45
C PHE D 84 -41.28 34.49 41.97
N ALA D 85 -41.03 33.18 42.05
CA ALA D 85 -41.97 32.17 41.61
C ALA D 85 -41.60 30.86 42.28
N VAL D 86 -42.44 29.84 42.06
CA VAL D 86 -42.21 28.56 42.71
C VAL D 86 -40.99 27.88 42.10
N TYR D 87 -40.27 27.11 42.91
CA TYR D 87 -39.06 26.42 42.47
C TYR D 87 -39.15 24.95 42.86
N TYR D 88 -38.92 24.08 41.90
CA TYR D 88 -38.96 22.64 42.11
C TYR D 88 -37.59 22.03 41.81
N CYS D 89 -37.22 21.01 42.58
CA CYS D 89 -36.07 20.18 42.28
C CYS D 89 -36.55 18.79 41.90
N GLN D 90 -35.95 18.23 40.85
CA GLN D 90 -36.36 16.96 40.29
C GLN D 90 -35.16 16.02 40.24
N GLN D 91 -35.39 14.77 40.65
CA GLN D 91 -34.44 13.69 40.45
C GLN D 91 -34.93 12.81 39.32
N TYR D 92 -34.06 12.52 38.36
CA TYR D 92 -34.43 11.74 37.20
C TYR D 92 -33.28 10.79 36.88
N GLY D 93 -33.31 10.20 35.69
CA GLY D 93 -32.26 9.28 35.30
C GLY D 93 -32.55 8.72 33.92
N THR D 94 -31.79 7.69 33.56
CA THR D 94 -32.03 6.93 32.35
C THR D 94 -32.99 5.78 32.56
N SER D 95 -33.56 5.66 33.77
CA SER D 95 -34.60 4.69 34.08
C SER D 95 -35.91 5.41 34.34
N PRO D 96 -37.05 4.75 34.11
CA PRO D 96 -38.34 5.41 34.34
C PRO D 96 -38.70 5.50 35.82
N SER D 97 -37.91 6.29 36.56
CA SER D 97 -38.15 6.49 37.98
C SER D 97 -37.63 7.87 38.35
N TRP D 98 -38.53 8.85 38.41
CA TRP D 98 -38.20 10.23 38.72
C TRP D 98 -38.95 10.67 39.96
N THR D 99 -38.55 11.82 40.50
CA THR D 99 -39.23 12.39 41.66
C THR D 99 -39.11 13.90 41.61
N PHE D 100 -40.02 14.57 42.32
CA PHE D 100 -40.05 16.03 42.38
C PHE D 100 -40.05 16.49 43.83
N GLY D 101 -39.61 17.72 44.04
CA GLY D 101 -39.73 18.36 45.33
C GLY D 101 -41.14 18.86 45.55
N GLN D 102 -41.38 19.37 46.77
CA GLN D 102 -42.69 19.88 47.12
C GLN D 102 -42.86 21.35 46.77
N GLY D 103 -41.80 22.03 46.35
CA GLY D 103 -41.91 23.41 45.91
C GLY D 103 -41.48 24.42 46.96
N THR D 104 -40.67 25.40 46.54
CA THR D 104 -40.23 26.48 47.40
C THR D 104 -40.62 27.80 46.75
N LYS D 105 -41.33 28.65 47.48
CA LYS D 105 -41.86 29.89 46.96
C LYS D 105 -40.98 31.06 47.41
N VAL D 106 -40.50 31.83 46.44
CA VAL D 106 -39.72 33.03 46.71
C VAL D 106 -40.63 34.23 46.54
N GLU D 107 -40.75 35.04 47.59
CA GLU D 107 -41.70 36.15 47.62
C GLU D 107 -41.01 37.42 48.07
N ILE D 108 -41.66 38.55 47.79
CA ILE D 108 -41.13 39.85 48.18
C ILE D 108 -41.23 40.01 49.68
N LYS D 109 -40.14 40.42 50.31
CA LYS D 109 -40.10 40.69 51.74
C LYS D 109 -40.54 42.13 51.97
N ARG D 110 -41.67 42.30 52.65
CA ARG D 110 -42.29 43.61 52.84
C ARG D 110 -42.65 43.79 54.31
N THR D 111 -42.77 45.05 54.73
CA THR D 111 -43.20 45.36 56.08
C THR D 111 -44.62 44.86 56.30
N VAL D 112 -44.92 44.54 57.56
CA VAL D 112 -46.22 43.99 57.90
C VAL D 112 -47.30 45.04 57.65
N ALA D 113 -48.34 44.66 56.92
CA ALA D 113 -49.46 45.54 56.59
C ALA D 113 -50.73 44.97 57.21
N ALA D 114 -51.45 45.82 57.95
CA ALA D 114 -52.67 45.37 58.60
C ALA D 114 -53.75 45.09 57.55
N PRO D 115 -54.49 43.99 57.68
CA PRO D 115 -55.58 43.74 56.73
C PRO D 115 -56.70 44.75 56.88
N SER D 116 -57.42 44.99 55.79
CA SER D 116 -58.64 45.79 55.79
C SER D 116 -59.80 44.82 55.65
N VAL D 117 -60.59 44.68 56.72
CA VAL D 117 -61.66 43.70 56.77
C VAL D 117 -62.97 44.36 56.35
N PHE D 118 -63.66 43.72 55.41
CA PHE D 118 -64.99 44.15 54.98
C PHE D 118 -65.90 42.93 54.97
N ILE D 119 -67.18 43.15 55.30
CA ILE D 119 -68.18 42.10 55.29
C ILE D 119 -69.36 42.54 54.43
N PHE D 120 -69.79 41.67 53.53
CA PHE D 120 -70.88 41.95 52.60
C PHE D 120 -71.93 40.86 52.74
N PRO D 121 -73.18 41.21 53.08
CA PRO D 121 -74.23 40.20 53.13
C PRO D 121 -74.63 39.75 51.74
N PRO D 122 -75.35 38.64 51.63
CA PRO D 122 -75.83 38.20 50.32
C PRO D 122 -76.84 39.17 49.73
N SER D 123 -76.86 39.25 48.41
CA SER D 123 -77.84 40.08 47.73
C SER D 123 -79.21 39.41 47.74
N ASP D 124 -80.26 40.23 47.64
CA ASP D 124 -81.62 39.71 47.66
C ASP D 124 -81.86 38.80 46.46
N GLU D 125 -81.38 39.21 45.28
CA GLU D 125 -81.53 38.37 44.09
C GLU D 125 -80.88 37.02 44.29
N GLN D 126 -79.71 36.98 44.93
CA GLN D 126 -79.09 35.71 45.24
C GLN D 126 -79.95 34.90 46.22
N LEU D 127 -80.54 35.58 47.20
CA LEU D 127 -81.44 34.89 48.13
C LEU D 127 -82.63 34.28 47.41
N LYS D 128 -83.07 34.90 46.31
CA LYS D 128 -84.18 34.34 45.55
C LYS D 128 -83.87 32.96 45.01
N SER D 129 -82.59 32.62 44.86
CA SER D 129 -82.17 31.31 44.37
C SER D 129 -82.09 30.27 45.48
N GLY D 130 -82.36 30.64 46.72
CA GLY D 130 -82.30 29.71 47.84
C GLY D 130 -80.93 29.56 48.46
N THR D 131 -79.93 30.28 47.97
CA THR D 131 -78.57 30.20 48.50
C THR D 131 -78.11 31.59 48.92
N ALA D 132 -77.42 31.64 50.06
CA ALA D 132 -76.90 32.88 50.62
C ALA D 132 -75.39 32.79 50.73
N SER D 133 -74.70 33.77 50.17
CA SER D 133 -73.24 33.85 50.23
C SER D 133 -72.84 35.11 50.97
N VAL D 134 -72.01 34.96 52.00
CA VAL D 134 -71.48 36.06 52.78
C VAL D 134 -70.01 36.24 52.42
N VAL D 135 -69.62 37.47 52.11
CA VAL D 135 -68.28 37.76 51.62
C VAL D 135 -67.49 38.47 52.72
N CYS D 136 -66.30 37.96 53.01
CA CYS D 136 -65.38 38.59 53.96
C CYS D 136 -64.08 38.88 53.22
N LEU D 137 -63.78 40.15 53.03
CA LEU D 137 -62.61 40.59 52.28
C LEU D 137 -61.53 41.08 53.24
N LEU D 138 -60.35 40.47 53.16
CA LEU D 138 -59.15 40.92 53.85
C LEU D 138 -58.25 41.53 52.79
N ASN D 139 -58.23 42.86 52.70
CA ASN D 139 -57.56 43.56 51.61
C ASN D 139 -56.21 44.09 52.09
N ASN D 140 -55.18 43.86 51.26
CA ASN D 140 -53.85 44.45 51.45
C ASN D 140 -53.27 44.07 52.81
N PHE D 141 -53.00 42.78 52.98
CA PHE D 141 -52.38 42.25 54.18
C PHE D 141 -51.13 41.47 53.83
N TYR D 142 -50.18 41.45 54.77
CA TYR D 142 -48.91 40.76 54.61
C TYR D 142 -48.41 40.42 56.00
N PRO D 143 -47.89 39.20 56.23
CA PRO D 143 -47.69 38.11 55.28
C PRO D 143 -48.98 37.39 54.90
N ARG D 144 -48.88 36.45 53.94
CA ARG D 144 -50.06 35.76 53.45
C ARG D 144 -50.78 35.00 54.56
N GLU D 145 -50.04 34.54 55.58
CA GLU D 145 -50.64 33.73 56.62
C GLU D 145 -51.72 34.51 57.38
N ALA D 146 -52.98 34.14 57.18
CA ALA D 146 -54.10 34.75 57.86
C ALA D 146 -55.11 33.67 58.23
N LYS D 147 -55.81 33.88 59.34
CA LYS D 147 -56.82 32.94 59.83
C LYS D 147 -58.17 33.62 59.80
N VAL D 148 -59.15 32.97 59.17
CA VAL D 148 -60.51 33.50 59.05
C VAL D 148 -61.47 32.47 59.62
N GLN D 149 -62.31 32.89 60.55
CA GLN D 149 -63.33 32.01 61.15
C GLN D 149 -64.68 32.69 61.12
N TRP D 150 -65.71 31.95 60.72
CA TRP D 150 -67.06 32.49 60.58
C TRP D 150 -67.85 32.22 61.86
N LYS D 151 -68.36 33.29 62.47
CA LYS D 151 -69.20 33.20 63.66
C LYS D 151 -70.59 33.70 63.30
N VAL D 152 -71.57 32.80 63.38
CA VAL D 152 -72.97 33.14 63.15
C VAL D 152 -73.68 33.01 64.49
N ASP D 153 -74.17 34.13 65.01
CA ASP D 153 -74.77 34.18 66.34
C ASP D 153 -73.82 33.61 67.39
N ASN D 154 -72.54 34.02 67.28
CA ASN D 154 -71.50 33.59 68.22
C ASN D 154 -71.33 32.07 68.20
N ALA D 155 -71.46 31.47 67.02
CA ALA D 155 -71.27 30.04 66.83
C ALA D 155 -70.28 29.82 65.70
N LEU D 156 -69.21 29.05 65.98
CA LEU D 156 -68.21 28.79 64.97
C LEU D 156 -68.79 27.98 63.82
N GLN D 157 -68.31 28.26 62.62
CA GLN D 157 -68.75 27.58 61.40
C GLN D 157 -67.55 26.96 60.70
N SER D 158 -67.72 25.72 60.24
CA SER D 158 -66.67 25.00 59.54
C SER D 158 -67.28 24.07 58.50
N GLY D 159 -66.50 23.76 57.48
CA GLY D 159 -66.95 22.86 56.43
C GLY D 159 -67.83 23.49 55.38
N ASN D 160 -68.08 24.80 55.46
CA ASN D 160 -68.92 25.47 54.47
C ASN D 160 -68.36 26.82 54.04
N SER D 161 -67.06 27.03 54.19
CA SER D 161 -66.42 28.29 53.83
C SER D 161 -65.22 28.00 52.93
N GLN D 162 -64.97 28.89 51.98
CA GLN D 162 -63.85 28.76 51.06
C GLN D 162 -63.10 30.07 50.97
N GLU D 163 -61.80 29.99 50.64
CA GLU D 163 -60.95 31.16 50.59
C GLU D 163 -60.19 31.21 49.27
N SER D 164 -60.09 32.40 48.70
CA SER D 164 -59.31 32.64 47.50
C SER D 164 -58.28 33.73 47.79
N VAL D 165 -57.02 33.46 47.46
CA VAL D 165 -55.91 34.37 47.71
C VAL D 165 -55.28 34.76 46.38
N THR D 166 -55.12 36.06 46.15
CA THR D 166 -54.48 36.55 44.95
C THR D 166 -52.97 36.47 45.09
N GLU D 167 -52.29 36.58 43.94
CA GLU D 167 -50.83 36.57 43.95
C GLU D 167 -50.29 37.85 44.59
N GLN D 168 -49.06 37.75 45.09
CA GLN D 168 -48.44 38.91 45.71
C GLN D 168 -48.39 40.07 44.72
N ASP D 169 -48.98 41.19 45.10
CA ASP D 169 -49.09 42.31 44.20
C ASP D 169 -47.71 42.88 43.87
N SER D 170 -47.58 43.37 42.63
CA SER D 170 -46.30 43.89 42.15
C SER D 170 -46.03 45.32 42.61
N LYS D 171 -47.02 46.02 43.16
CA LYS D 171 -46.87 47.42 43.55
C LYS D 171 -46.60 47.57 45.04
N ASP D 172 -47.49 47.07 45.88
CA ASP D 172 -47.36 47.19 47.33
C ASP D 172 -46.90 45.91 48.00
N SER D 173 -46.75 44.82 47.26
CA SER D 173 -46.27 43.55 47.81
C SER D 173 -47.15 43.09 48.97
N THR D 174 -48.47 43.14 48.76
CA THR D 174 -49.44 42.71 49.76
C THR D 174 -50.42 41.74 49.13
N TYR D 175 -50.92 40.82 49.95
CA TYR D 175 -51.89 39.83 49.50
C TYR D 175 -53.31 40.29 49.80
N SER D 176 -54.26 39.67 49.11
CA SER D 176 -55.68 39.91 49.32
C SER D 176 -56.39 38.57 49.42
N LEU D 177 -57.30 38.44 50.38
CA LEU D 177 -58.02 37.20 50.64
C LEU D 177 -59.51 37.46 50.59
N SER D 178 -60.25 36.59 49.93
CA SER D 178 -61.70 36.64 49.87
C SER D 178 -62.27 35.34 50.42
N SER D 179 -63.01 35.42 51.51
CA SER D 179 -63.63 34.26 52.12
C SER D 179 -65.13 34.29 51.84
N THR D 180 -65.63 33.21 51.25
CA THR D 180 -67.04 33.06 50.92
C THR D 180 -67.65 32.00 51.83
N LEU D 181 -68.71 32.38 52.54
CA LEU D 181 -69.49 31.46 53.37
C LEU D 181 -70.80 31.18 52.66
N THR D 182 -71.06 29.91 52.36
CA THR D 182 -72.23 29.49 51.60
C THR D 182 -73.20 28.78 52.54
N LEU D 183 -74.48 29.18 52.48
CA LEU D 183 -75.51 28.56 53.28
C LEU D 183 -76.80 28.52 52.47
N SER D 184 -77.75 27.70 52.92
CA SER D 184 -79.07 27.71 52.30
C SER D 184 -79.88 28.91 52.78
N LYS D 185 -80.88 29.28 51.99
CA LYS D 185 -81.73 30.41 52.37
C LYS D 185 -82.45 30.12 53.68
N ALA D 186 -82.96 28.90 53.86
CA ALA D 186 -83.64 28.56 55.10
C ALA D 186 -82.71 28.71 56.30
N ASP D 187 -81.48 28.19 56.19
CA ASP D 187 -80.52 28.34 57.27
C ASP D 187 -80.13 29.79 57.47
N TYR D 188 -80.00 30.55 56.38
CA TYR D 188 -79.63 31.97 56.50
C TYR D 188 -80.69 32.74 57.26
N GLU D 189 -81.97 32.47 57.00
CA GLU D 189 -83.05 33.16 57.68
C GLU D 189 -83.20 32.75 59.14
N LYS D 190 -82.55 31.65 59.57
CA LYS D 190 -82.64 31.21 60.95
C LYS D 190 -81.69 31.96 61.88
N HIS D 191 -80.84 32.83 61.34
CA HIS D 191 -79.87 33.57 62.14
C HIS D 191 -79.88 35.04 61.72
N LYS D 192 -79.39 35.89 62.62
CA LYS D 192 -79.40 37.33 62.42
C LYS D 192 -78.02 37.94 62.38
N VAL D 193 -77.10 37.51 63.24
CA VAL D 193 -75.78 38.09 63.35
C VAL D 193 -74.79 37.21 62.58
N TYR D 194 -74.07 37.82 61.64
CA TYR D 194 -73.04 37.13 60.88
C TYR D 194 -71.75 37.94 60.97
N ALA D 195 -70.65 37.26 61.28
CA ALA D 195 -69.36 37.93 61.45
C ALA D 195 -68.24 37.01 61.00
N CYS D 196 -67.14 37.61 60.54
CA CYS D 196 -65.91 36.88 60.25
C CYS D 196 -64.78 37.45 61.10
N GLU D 197 -64.14 36.59 61.88
CA GLU D 197 -63.02 36.96 62.74
C GLU D 197 -61.72 36.69 61.97
N VAL D 198 -60.83 37.68 61.99
CA VAL D 198 -59.56 37.64 61.27
C VAL D 198 -58.44 37.71 62.29
N THR D 199 -57.55 36.72 62.23
CA THR D 199 -56.32 36.71 63.03
C THR D 199 -55.14 36.86 62.08
N HIS D 200 -54.31 37.88 62.35
CA HIS D 200 -53.20 38.23 61.47
C HIS D 200 -52.14 38.91 62.30
N GLN D 201 -50.90 38.88 61.79
CA GLN D 201 -49.78 39.45 62.52
C GLN D 201 -49.94 40.96 62.70
N GLY D 202 -50.41 41.65 61.67
CA GLY D 202 -50.51 43.10 61.72
C GLY D 202 -51.57 43.64 62.64
N LEU D 203 -52.46 42.79 63.14
CA LEU D 203 -53.52 43.21 64.06
C LEU D 203 -53.15 42.80 65.48
N SER D 204 -53.15 43.78 66.39
CA SER D 204 -52.86 43.48 67.78
C SER D 204 -53.89 42.54 68.37
N SER D 205 -55.16 42.74 68.05
CA SER D 205 -56.26 41.88 68.48
C SER D 205 -57.09 41.48 67.27
N PRO D 206 -57.77 40.34 67.33
CA PRO D 206 -58.60 39.92 66.19
C PRO D 206 -59.73 40.90 65.92
N VAL D 207 -59.67 41.59 64.79
CA VAL D 207 -60.70 42.53 64.39
C VAL D 207 -61.80 41.78 63.67
N THR D 208 -63.04 41.92 64.15
CA THR D 208 -64.18 41.21 63.60
C THR D 208 -65.24 42.21 63.19
N LYS D 209 -65.77 42.06 61.99
CA LYS D 209 -66.88 42.87 61.49
C LYS D 209 -68.11 42.00 61.41
N SER D 210 -69.23 42.51 61.92
CA SER D 210 -70.48 41.76 62.00
C SER D 210 -71.62 42.60 61.47
N PHE D 211 -72.65 41.92 60.97
CA PHE D 211 -73.84 42.58 60.48
C PHE D 211 -75.07 41.79 60.90
N ASN D 212 -76.21 42.48 60.91
CA ASN D 212 -77.48 41.92 61.30
C ASN D 212 -78.32 41.65 60.05
N ARG D 213 -78.92 40.47 59.98
CA ARG D 213 -79.73 40.10 58.83
C ARG D 213 -80.91 41.06 58.68
N GLY D 214 -81.10 41.56 57.46
CA GLY D 214 -82.20 42.44 57.16
C GLY D 214 -81.95 43.91 57.46
N GLU D 215 -80.81 44.25 58.04
CA GLU D 215 -80.50 45.64 58.36
C GLU D 215 -80.12 46.40 57.09
N CYS D 216 -80.34 47.71 57.13
CA CYS D 216 -80.01 48.58 56.00
C CYS D 216 -78.52 48.92 56.00
N GLU E 1 -34.75 21.49 17.12
CA GLU E 1 -34.15 20.29 17.77
C GLU E 1 -35.26 19.30 18.16
N VAL E 2 -35.14 18.72 19.36
CA VAL E 2 -36.14 17.77 19.83
C VAL E 2 -37.35 18.55 20.34
N GLN E 3 -38.54 18.13 19.94
CA GLN E 3 -39.77 18.83 20.29
C GLN E 3 -40.85 17.83 20.68
N LEU E 4 -41.58 18.15 21.74
CA LEU E 4 -42.70 17.35 22.21
C LEU E 4 -43.98 18.15 22.08
N VAL E 5 -45.00 17.55 21.46
CA VAL E 5 -46.28 18.19 21.26
C VAL E 5 -47.38 17.23 21.71
N GLN E 6 -48.24 17.69 22.61
CA GLN E 6 -49.27 16.84 23.19
C GLN E 6 -50.62 17.13 22.54
N SER E 7 -51.59 16.26 22.85
CA SER E 7 -52.94 16.42 22.36
C SER E 7 -53.62 17.59 23.06
N GLY E 8 -54.76 18.01 22.52
CA GLY E 8 -55.49 19.13 23.07
C GLY E 8 -56.13 18.82 24.40
N ALA E 9 -56.66 19.87 25.02
CA ALA E 9 -57.30 19.73 26.32
C ALA E 9 -58.53 18.83 26.20
N GLU E 10 -58.81 18.11 27.29
CA GLU E 10 -59.90 17.15 27.34
C GLU E 10 -60.86 17.50 28.48
N VAL E 11 -62.15 17.29 28.23
CA VAL E 11 -63.19 17.41 29.25
C VAL E 11 -63.91 16.07 29.31
N LYS E 12 -63.85 15.42 30.47
CA LYS E 12 -64.40 14.09 30.65
C LYS E 12 -65.31 14.07 31.87
N LYS E 13 -66.39 13.30 31.78
CA LYS E 13 -67.24 13.11 32.94
C LYS E 13 -66.64 12.04 33.86
N PRO E 14 -66.89 12.12 35.17
CA PRO E 14 -66.32 11.12 36.08
C PRO E 14 -66.76 9.72 35.70
N GLY E 15 -65.84 8.77 35.87
CA GLY E 15 -66.08 7.38 35.53
C GLY E 15 -65.65 6.99 34.14
N SER E 16 -65.38 7.95 33.27
CA SER E 16 -64.92 7.67 31.91
C SER E 16 -63.39 7.56 31.93
N SER E 17 -62.78 7.53 30.74
CA SER E 17 -61.34 7.42 30.61
C SER E 17 -60.84 8.46 29.61
N VAL E 18 -59.59 8.86 29.79
CA VAL E 18 -58.92 9.81 28.91
C VAL E 18 -57.62 9.18 28.45
N LYS E 19 -57.12 9.65 27.30
CA LYS E 19 -55.88 9.13 26.72
C LYS E 19 -55.15 10.31 26.08
N VAL E 20 -54.14 10.82 26.78
CA VAL E 20 -53.36 11.95 26.31
C VAL E 20 -52.14 11.43 25.55
N SER E 21 -51.92 11.98 24.37
CA SER E 21 -50.81 11.57 23.51
C SER E 21 -49.73 12.65 23.50
N CYS E 22 -48.51 12.23 23.18
CA CYS E 22 -47.34 13.09 23.20
C CYS E 22 -46.43 12.66 22.06
N LYS E 23 -46.42 13.43 20.97
CA LYS E 23 -45.60 13.13 19.81
C LYS E 23 -44.25 13.81 19.94
N ALA E 24 -43.19 13.07 19.64
CA ALA E 24 -41.83 13.56 19.74
C ALA E 24 -41.20 13.63 18.35
N SER E 25 -40.45 14.71 18.11
CA SER E 25 -39.68 14.87 16.89
C SER E 25 -38.23 15.11 17.25
N GLY E 26 -37.34 14.52 16.46
CA GLY E 26 -35.90 14.65 16.66
C GLY E 26 -35.13 13.35 16.57
N GLY E 27 -35.79 12.19 16.53
CA GLY E 27 -35.12 10.92 16.41
C GLY E 27 -34.56 10.35 17.68
N THR E 28 -34.74 11.03 18.82
CA THR E 28 -34.26 10.56 20.11
C THR E 28 -35.34 9.85 20.91
N PHE E 29 -36.52 9.64 20.32
CA PHE E 29 -37.65 9.12 21.08
C PHE E 29 -37.40 7.69 21.55
N SER E 30 -36.86 6.83 20.68
CA SER E 30 -36.77 5.41 21.01
C SER E 30 -35.84 5.15 22.19
N SER E 31 -34.71 5.86 22.24
CA SER E 31 -33.69 5.64 23.26
C SER E 31 -33.80 6.64 24.41
N SER E 32 -35.01 7.04 24.76
CA SER E 32 -35.25 8.01 25.82
C SER E 32 -36.14 7.41 26.88
N VAL E 33 -36.27 8.14 27.98
CA VAL E 33 -37.24 7.87 29.03
C VAL E 33 -38.30 8.95 28.91
N ILE E 34 -39.51 8.55 28.53
CA ILE E 34 -40.64 9.47 28.42
C ILE E 34 -41.50 9.28 29.66
N SER E 35 -41.73 10.36 30.40
CA SER E 35 -42.46 10.32 31.65
C SER E 35 -43.61 11.30 31.61
N TRP E 36 -44.65 11.01 32.39
CA TRP E 36 -45.82 11.85 32.49
C TRP E 36 -45.87 12.48 33.88
N VAL E 37 -46.09 13.79 33.93
CA VAL E 37 -46.06 14.56 35.16
C VAL E 37 -47.39 15.28 35.29
N ARG E 38 -48.07 15.06 36.40
CA ARG E 38 -49.40 15.62 36.64
C ARG E 38 -49.32 16.72 37.69
N GLN E 39 -49.81 17.90 37.34
CA GLN E 39 -49.92 19.03 38.27
C GLN E 39 -51.40 19.36 38.46
N ALA E 40 -51.90 19.11 39.66
CA ALA E 40 -53.24 19.54 40.00
C ALA E 40 -53.24 21.05 40.24
N PRO E 41 -54.37 21.72 40.01
CA PRO E 41 -54.39 23.18 40.18
C PRO E 41 -54.04 23.59 41.59
N GLY E 42 -52.91 24.30 41.72
CA GLY E 42 -52.43 24.74 43.00
C GLY E 42 -51.52 23.76 43.73
N GLN E 43 -51.25 22.59 43.16
CA GLN E 43 -50.38 21.61 43.76
C GLN E 43 -49.09 21.49 42.97
N GLY E 44 -48.11 20.82 43.57
CA GLY E 44 -46.80 20.68 42.95
C GLY E 44 -46.77 19.62 41.87
N LEU E 45 -45.63 19.56 41.18
CA LEU E 45 -45.44 18.58 40.13
C LEU E 45 -45.41 17.17 40.72
N GLU E 46 -45.95 16.22 39.96
CA GLU E 46 -46.11 14.85 40.45
C GLU E 46 -45.80 13.89 39.31
N TRP E 47 -44.80 13.04 39.51
CA TRP E 47 -44.37 12.09 38.49
C TRP E 47 -45.29 10.87 38.52
N MET E 48 -46.06 10.69 37.46
CA MET E 48 -47.00 9.57 37.40
C MET E 48 -46.29 8.28 37.05
N GLY E 49 -45.66 8.23 35.88
CA GLY E 49 -44.94 7.05 35.45
C GLY E 49 -44.21 7.33 34.16
N GLY E 50 -43.26 6.46 33.85
CA GLY E 50 -42.42 6.61 32.69
C GLY E 50 -42.27 5.30 31.93
N ILE E 51 -41.65 5.41 30.77
CA ILE E 51 -41.46 4.26 29.89
C ILE E 51 -40.27 4.54 28.98
N ILE E 52 -39.54 3.49 28.64
CA ILE E 52 -38.50 3.52 27.61
C ILE E 52 -39.07 2.84 26.37
N PRO E 53 -39.35 3.56 25.29
CA PRO E 53 -40.00 2.92 24.13
C PRO E 53 -39.21 1.74 23.58
N LEU E 54 -37.88 1.79 23.63
CA LEU E 54 -37.07 0.70 23.09
C LEU E 54 -37.37 -0.61 23.80
N PHE E 55 -37.75 -0.56 25.07
CA PHE E 55 -38.08 -1.75 25.85
C PHE E 55 -39.58 -1.95 25.97
N GLY E 56 -40.32 -0.90 26.34
CA GLY E 56 -41.76 -0.98 26.44
C GLY E 56 -42.30 -1.44 27.77
N SER E 57 -41.50 -1.35 28.84
CA SER E 57 -41.92 -1.74 30.18
C SER E 57 -42.16 -0.46 30.98
N ALA E 58 -43.42 -0.10 31.16
CA ALA E 58 -43.76 1.12 31.88
C ALA E 58 -43.56 0.93 33.38
N ASN E 59 -43.19 2.02 34.05
CA ASN E 59 -43.02 2.04 35.49
C ASN E 59 -43.80 3.22 36.05
N TYR E 60 -44.74 2.95 36.96
CA TYR E 60 -45.63 3.96 37.50
C TYR E 60 -45.32 4.20 38.98
N ALA E 61 -45.66 5.40 39.43
CA ALA E 61 -45.54 5.73 40.84
C ALA E 61 -46.54 4.93 41.66
N GLN E 62 -46.22 4.73 42.93
CA GLN E 62 -47.08 3.92 43.80
C GLN E 62 -48.50 4.47 43.84
N LYS E 63 -48.66 5.78 43.72
CA LYS E 63 -50.00 6.38 43.75
C LYS E 63 -50.77 6.11 42.47
N PHE E 64 -50.08 5.87 41.35
CA PHE E 64 -50.71 5.69 40.04
C PHE E 64 -50.51 4.27 39.51
N GLN E 65 -50.41 3.29 40.40
CA GLN E 65 -50.11 1.94 39.97
C GLN E 65 -51.20 1.37 39.07
N GLY E 66 -52.47 1.58 39.43
CA GLY E 66 -53.55 0.89 38.76
C GLY E 66 -54.36 1.73 37.78
N ARG E 67 -54.50 3.01 38.06
CA ARG E 67 -55.39 3.87 37.29
C ARG E 67 -54.72 4.52 36.09
N VAL E 68 -53.46 4.20 35.81
CA VAL E 68 -52.73 4.79 34.70
C VAL E 68 -52.07 3.67 33.89
N THR E 69 -52.13 3.81 32.56
CA THR E 69 -51.44 2.93 31.64
C THR E 69 -50.63 3.78 30.68
N ILE E 70 -49.31 3.59 30.68
CA ILE E 70 -48.40 4.39 29.87
C ILE E 70 -47.80 3.49 28.80
N THR E 71 -47.93 3.91 27.54
CA THR E 71 -47.44 3.13 26.41
C THR E 71 -46.64 4.05 25.49
N ALA E 72 -45.82 3.44 24.64
CA ALA E 72 -45.01 4.18 23.68
C ALA E 72 -44.98 3.42 22.37
N ASP E 73 -45.11 4.15 21.27
CA ASP E 73 -45.09 3.58 19.93
C ASP E 73 -43.96 4.24 19.15
N GLU E 74 -42.91 3.46 18.87
CA GLU E 74 -41.77 3.98 18.13
C GLU E 74 -42.12 4.24 16.68
N SER E 75 -42.92 3.37 16.07
CA SER E 75 -43.28 3.55 14.67
C SER E 75 -43.90 4.92 14.44
N THR E 76 -44.70 5.41 15.38
CA THR E 76 -45.27 6.74 15.32
C THR E 76 -44.59 7.72 16.27
N SER E 77 -43.64 7.24 17.08
CA SER E 77 -42.91 8.08 18.02
C SER E 77 -43.87 8.88 18.90
N THR E 78 -44.82 8.19 19.51
CA THR E 78 -45.85 8.81 20.33
C THR E 78 -45.98 8.06 21.64
N ALA E 79 -46.04 8.80 22.75
CA ALA E 79 -46.23 8.24 24.07
C ALA E 79 -47.65 8.57 24.55
N TYR E 80 -48.38 7.55 24.98
CA TYR E 80 -49.75 7.70 25.42
C TYR E 80 -49.87 7.43 26.91
N MET E 81 -50.70 8.21 27.59
CA MET E 81 -51.06 8.00 28.99
C MET E 81 -52.57 7.89 29.05
N GLU E 82 -53.08 6.72 29.44
CA GLU E 82 -54.50 6.46 29.52
C GLU E 82 -54.89 6.30 30.99
N MET E 83 -55.82 7.14 31.45
CA MET E 83 -56.32 7.09 32.81
C MET E 83 -57.79 6.72 32.77
N THR E 84 -58.15 5.66 33.48
CA THR E 84 -59.51 5.16 33.53
C THR E 84 -60.14 5.45 34.88
N SER E 85 -61.46 5.43 34.92
CA SER E 85 -62.22 5.73 36.13
C SER E 85 -61.83 7.10 36.67
N LEU E 86 -61.94 8.10 35.81
CA LEU E 86 -61.54 9.45 36.16
C LEU E 86 -62.35 9.96 37.35
N ARG E 87 -61.65 10.55 38.32
CA ARG E 87 -62.26 11.12 39.51
C ARG E 87 -62.16 12.63 39.46
N SER E 88 -62.83 13.28 40.41
CA SER E 88 -62.79 14.73 40.48
C SER E 88 -61.39 15.24 40.82
N GLU E 89 -60.59 14.42 41.51
CA GLU E 89 -59.24 14.81 41.87
C GLU E 89 -58.26 14.71 40.70
N ASP E 90 -58.65 14.07 39.60
CA ASP E 90 -57.77 13.91 38.46
C ASP E 90 -57.78 15.09 37.51
N THR E 91 -58.57 16.13 37.79
CA THR E 91 -58.60 17.33 36.96
C THR E 91 -57.26 18.05 37.13
N ALA E 92 -56.39 17.94 36.13
CA ALA E 92 -55.03 18.43 36.28
C ALA E 92 -54.39 18.60 34.90
N VAL E 93 -53.23 19.25 34.90
CA VAL E 93 -52.43 19.41 33.68
C VAL E 93 -51.42 18.26 33.62
N TYR E 94 -51.35 17.61 32.47
CA TYR E 94 -50.45 16.48 32.25
C TYR E 94 -49.39 16.90 31.23
N TYR E 95 -48.15 16.96 31.69
CA TYR E 95 -47.01 17.19 30.81
C TYR E 95 -46.34 15.86 30.51
N CYS E 96 -45.67 15.81 29.36
CA CYS E 96 -44.80 14.69 29.01
C CYS E 96 -43.38 15.21 28.91
N ALA E 97 -42.53 14.78 29.84
CA ALA E 97 -41.12 15.08 29.82
C ALA E 97 -40.35 13.93 29.21
N LYS E 98 -39.12 14.19 28.81
CA LYS E 98 -38.33 13.21 28.07
C LYS E 98 -36.87 13.44 28.37
N VAL E 99 -36.13 12.37 28.61
CA VAL E 99 -34.69 12.42 28.82
C VAL E 99 -34.05 11.44 27.85
N SER E 100 -33.21 11.96 26.95
CA SER E 100 -32.46 11.11 26.04
C SER E 100 -31.25 10.53 26.74
N GLN E 101 -30.83 9.35 26.29
CA GLN E 101 -29.67 8.70 26.88
C GLN E 101 -28.36 9.36 26.47
N TRP E 102 -28.39 10.38 25.62
CA TRP E 102 -27.19 11.07 25.18
C TRP E 102 -27.07 12.48 25.77
N ALA E 103 -28.05 12.91 26.57
CA ALA E 103 -28.01 14.23 27.17
C ALA E 103 -28.62 14.16 28.56
N LEU E 104 -28.23 15.11 29.40
CA LEU E 104 -28.82 15.28 30.73
C LEU E 104 -29.97 16.29 30.73
N ILE E 105 -30.23 16.94 29.60
CA ILE E 105 -31.30 17.91 29.53
C ILE E 105 -32.65 17.21 29.43
N LEU E 106 -33.71 17.94 29.74
CA LEU E 106 -35.07 17.42 29.70
C LEU E 106 -35.88 18.16 28.64
N PHE E 107 -36.74 17.43 27.95
CA PHE E 107 -37.62 17.99 26.94
C PHE E 107 -39.06 17.83 27.41
N TRP E 108 -39.75 18.94 27.62
CA TRP E 108 -41.10 18.95 28.15
C TRP E 108 -42.11 19.29 27.06
N GLY E 109 -43.32 18.79 27.22
CA GLY E 109 -44.42 19.16 26.37
C GLY E 109 -45.04 20.48 26.80
N GLN E 110 -46.12 20.84 26.12
CA GLN E 110 -46.82 22.08 26.43
C GLN E 110 -47.88 21.91 27.50
N GLY E 111 -48.13 20.68 27.96
CA GLY E 111 -49.13 20.43 28.97
C GLY E 111 -50.52 20.33 28.40
N THR E 112 -51.25 19.29 28.80
CA THR E 112 -52.62 19.07 28.36
C THR E 112 -53.52 19.04 29.58
N LEU E 113 -54.48 19.96 29.64
CA LEU E 113 -55.39 20.01 30.77
C LEU E 113 -56.51 18.99 30.57
N VAL E 114 -56.72 18.15 31.57
CA VAL E 114 -57.83 17.21 31.58
C VAL E 114 -58.73 17.60 32.74
N THR E 115 -59.98 17.94 32.43
CA THR E 115 -60.95 18.38 33.41
C THR E 115 -62.00 17.29 33.61
N VAL E 116 -62.07 16.75 34.81
CA VAL E 116 -63.05 15.72 35.17
C VAL E 116 -64.14 16.41 35.97
N SER E 117 -65.30 16.59 35.35
CA SER E 117 -66.42 17.27 36.00
C SER E 117 -67.72 16.74 35.43
N SER E 118 -68.80 16.91 36.20
CA SER E 118 -70.13 16.45 35.79
C SER E 118 -70.96 17.56 35.18
N ALA E 119 -70.84 18.79 35.68
CA ALA E 119 -71.61 19.90 35.15
C ALA E 119 -71.14 20.25 33.74
N SER E 120 -72.08 20.63 32.89
CA SER E 120 -71.79 21.02 31.52
C SER E 120 -71.61 22.52 31.44
N THR E 121 -71.50 23.05 30.22
CA THR E 121 -71.33 24.49 30.04
C THR E 121 -72.51 25.24 30.63
N LYS E 122 -72.22 26.29 31.39
CA LYS E 122 -73.24 27.09 32.05
C LYS E 122 -72.80 28.53 32.11
N GLY E 123 -73.74 29.44 31.95
CA GLY E 123 -73.46 30.86 32.04
C GLY E 123 -73.25 31.30 33.47
N PRO E 124 -72.57 32.42 33.66
CA PRO E 124 -72.32 32.90 35.03
C PRO E 124 -73.51 33.65 35.61
N SER E 125 -73.60 33.63 36.93
CA SER E 125 -74.57 34.42 37.67
C SER E 125 -73.82 35.48 38.48
N VAL E 126 -74.17 36.75 38.23
CA VAL E 126 -73.45 37.88 38.82
C VAL E 126 -74.33 38.49 39.91
N PHE E 127 -73.78 38.61 41.11
CA PHE E 127 -74.46 39.27 42.22
C PHE E 127 -73.56 40.38 42.77
N PRO E 128 -73.97 41.64 42.71
CA PRO E 128 -73.12 42.70 43.27
C PRO E 128 -73.12 42.67 44.78
N LEU E 129 -72.03 43.17 45.36
CA LEU E 129 -71.87 43.28 46.81
C LEU E 129 -72.05 44.74 47.17
N ALA E 130 -73.18 45.07 47.78
CA ALA E 130 -73.46 46.45 48.13
C ALA E 130 -72.53 46.90 49.26
N PRO E 131 -71.73 47.95 49.08
CA PRO E 131 -70.85 48.39 50.17
C PRO E 131 -71.64 48.87 51.36
N SER E 132 -71.10 48.59 52.54
CA SER E 132 -71.74 49.01 53.78
C SER E 132 -71.71 50.52 53.91
N SER E 133 -72.84 51.10 54.32
CA SER E 133 -72.93 52.55 54.49
C SER E 133 -72.34 53.03 55.81
N LYS E 134 -72.03 52.11 56.73
CA LYS E 134 -71.45 52.47 58.03
C LYS E 134 -70.15 51.77 58.35
N SER E 135 -69.86 50.62 57.75
CA SER E 135 -68.63 49.88 58.03
C SER E 135 -67.52 50.34 57.07
N THR E 136 -67.27 51.64 57.09
CA THR E 136 -66.22 52.21 56.26
C THR E 136 -64.87 52.06 56.96
N SER E 137 -63.84 51.74 56.16
CA SER E 137 -62.49 51.54 56.68
C SER E 137 -61.68 52.81 56.46
N GLY E 138 -61.82 53.75 57.40
CA GLY E 138 -61.09 55.00 57.32
C GLY E 138 -61.39 55.80 56.07
N GLY E 139 -62.67 55.88 55.71
CA GLY E 139 -63.08 56.62 54.52
C GLY E 139 -62.99 55.84 53.23
N THR E 140 -62.56 54.58 53.27
CA THR E 140 -62.45 53.74 52.08
C THR E 140 -63.42 52.58 52.22
N ALA E 141 -64.25 52.40 51.20
CA ALA E 141 -65.23 51.31 51.16
C ALA E 141 -64.90 50.38 50.00
N ALA E 142 -65.10 49.08 50.22
CA ALA E 142 -64.85 48.07 49.21
C ALA E 142 -66.17 47.61 48.60
N LEU E 143 -66.16 47.35 47.30
CA LEU E 143 -67.33 46.84 46.60
C LEU E 143 -66.87 45.93 45.48
N GLY E 144 -67.71 44.97 45.13
CA GLY E 144 -67.31 43.99 44.15
C GLY E 144 -68.49 43.25 43.56
N CYS E 145 -68.17 42.25 42.75
CA CYS E 145 -69.17 41.40 42.13
C CYS E 145 -68.79 39.94 42.35
N LEU E 146 -69.77 39.12 42.75
CA LEU E 146 -69.59 37.70 42.96
C LEU E 146 -70.15 36.97 41.74
N VAL E 147 -69.26 36.31 41.00
CA VAL E 147 -69.65 35.50 39.85
C VAL E 147 -69.70 34.05 40.32
N LYS E 148 -70.88 33.44 40.25
CA LYS E 148 -71.12 32.13 40.81
C LYS E 148 -71.86 31.25 39.83
N ASP E 149 -71.67 29.94 39.97
CA ASP E 149 -72.36 28.93 39.18
C ASP E 149 -72.11 29.13 37.68
N TYR E 150 -70.83 28.99 37.32
CA TYR E 150 -70.41 29.05 35.93
C TYR E 150 -69.44 27.92 35.64
N PHE E 151 -69.45 27.44 34.39
CA PHE E 151 -68.59 26.35 33.99
C PHE E 151 -68.55 26.33 32.47
N PRO E 152 -67.38 26.07 31.85
CA PRO E 152 -66.06 25.85 32.45
C PRO E 152 -65.26 27.15 32.57
N GLU E 153 -64.02 27.04 33.03
CA GLU E 153 -63.15 28.19 33.12
C GLU E 153 -62.76 28.67 31.71
N PRO E 154 -62.33 29.93 31.57
CA PRO E 154 -62.26 31.00 32.57
C PRO E 154 -63.32 32.08 32.35
N VAL E 155 -63.36 33.07 33.24
CA VAL E 155 -64.19 34.25 33.07
C VAL E 155 -63.31 35.48 33.28
N THR E 156 -63.67 36.58 32.62
CA THR E 156 -62.93 37.83 32.73
C THR E 156 -63.83 38.88 33.38
N VAL E 157 -63.30 39.57 34.39
CA VAL E 157 -64.03 40.59 35.13
C VAL E 157 -63.31 41.92 34.96
N SER E 158 -64.06 42.94 34.54
CA SER E 158 -63.53 44.28 34.39
C SER E 158 -64.49 45.26 35.06
N TRP E 159 -64.00 46.47 35.33
CA TRP E 159 -64.80 47.51 35.95
C TRP E 159 -64.92 48.70 35.02
N ASN E 160 -66.15 49.12 34.75
CA ASN E 160 -66.42 50.28 33.89
C ASN E 160 -65.71 50.13 32.55
N SER E 161 -65.82 48.93 31.96
CA SER E 161 -65.18 48.63 30.68
C SER E 161 -63.68 48.88 30.75
N GLY E 162 -63.07 48.51 31.88
CA GLY E 162 -61.66 48.68 32.08
C GLY E 162 -61.23 50.06 32.54
N ALA E 163 -62.16 50.99 32.70
CA ALA E 163 -61.80 52.34 33.14
C ALA E 163 -61.27 52.35 34.57
N LEU E 164 -61.62 51.35 35.38
CA LEU E 164 -61.18 51.25 36.76
C LEU E 164 -60.24 50.05 36.87
N THR E 165 -58.97 50.32 37.12
CA THR E 165 -57.95 49.28 37.24
C THR E 165 -57.22 49.31 38.58
N SER E 166 -56.89 50.49 39.09
CA SER E 166 -56.17 50.57 40.35
C SER E 166 -57.05 50.08 41.50
N GLY E 167 -56.44 49.28 42.39
CA GLY E 167 -57.16 48.76 43.53
C GLY E 167 -58.09 47.62 43.22
N VAL E 168 -58.07 47.08 42.01
CA VAL E 168 -58.96 45.99 41.61
C VAL E 168 -58.26 44.67 41.88
N HIS E 169 -58.94 43.78 42.59
CA HIS E 169 -58.42 42.45 42.92
C HIS E 169 -59.43 41.41 42.43
N THR E 170 -59.04 40.64 41.42
CA THR E 170 -59.86 39.56 40.90
C THR E 170 -59.35 38.25 41.50
N PHE E 171 -60.05 37.76 42.52
CA PHE E 171 -59.59 36.58 43.22
C PHE E 171 -59.72 35.35 42.32
N PRO E 172 -58.81 34.38 42.44
CA PRO E 172 -58.89 33.19 41.60
C PRO E 172 -60.13 32.37 41.91
N ALA E 173 -60.64 31.69 40.88
CA ALA E 173 -61.85 30.89 41.04
C ALA E 173 -61.56 29.63 41.86
N VAL E 174 -62.62 29.11 42.47
CA VAL E 174 -62.56 27.91 43.30
C VAL E 174 -63.66 26.96 42.86
N LEU E 175 -63.35 25.66 42.85
CA LEU E 175 -64.29 24.65 42.43
C LEU E 175 -65.20 24.27 43.60
N GLN E 176 -66.49 24.55 43.46
CA GLN E 176 -67.45 24.22 44.50
C GLN E 176 -67.75 22.72 44.48
N SER E 177 -68.44 22.26 45.53
CA SER E 177 -68.81 20.85 45.62
C SER E 177 -69.78 20.44 44.53
N SER E 178 -70.47 21.40 43.91
CA SER E 178 -71.43 21.11 42.85
C SER E 178 -70.79 21.04 41.47
N GLY E 179 -69.47 21.21 41.38
CA GLY E 179 -68.79 21.17 40.10
C GLY E 179 -68.80 22.47 39.33
N LEU E 180 -69.35 23.55 39.88
CA LEU E 180 -69.40 24.84 39.23
C LEU E 180 -68.42 25.79 39.91
N TYR E 181 -67.59 26.45 39.11
CA TYR E 181 -66.61 27.38 39.65
C TYR E 181 -67.28 28.67 40.08
N SER E 182 -66.61 29.39 40.98
CA SER E 182 -67.12 30.65 41.50
C SER E 182 -65.94 31.50 41.97
N LEU E 183 -66.13 32.81 41.91
CA LEU E 183 -65.09 33.76 42.32
C LEU E 183 -65.75 35.08 42.66
N SER E 184 -64.96 35.95 43.30
CA SER E 184 -65.39 37.30 43.63
C SER E 184 -64.30 38.28 43.23
N SER E 185 -64.71 39.41 42.64
CA SER E 185 -63.77 40.44 42.23
C SER E 185 -64.16 41.73 42.92
N VAL E 186 -63.21 42.32 43.66
CA VAL E 186 -63.50 43.47 44.51
C VAL E 186 -62.60 44.63 44.13
N VAL E 187 -62.92 45.80 44.67
CA VAL E 187 -62.13 47.01 44.48
C VAL E 187 -62.48 47.99 45.59
N THR E 188 -61.47 48.72 46.06
CA THR E 188 -61.64 49.68 47.14
C THR E 188 -61.64 51.09 46.57
N VAL E 189 -62.64 51.89 46.96
CA VAL E 189 -62.75 53.27 46.50
C VAL E 189 -63.08 54.15 47.70
N PRO E 190 -62.75 55.43 47.64
CA PRO E 190 -63.09 56.33 48.75
C PRO E 190 -64.58 56.32 49.02
N SER E 191 -64.94 56.35 50.31
CA SER E 191 -66.35 56.30 50.69
C SER E 191 -67.11 57.51 50.17
N SER E 192 -66.44 58.64 49.98
CA SER E 192 -67.10 59.83 49.45
C SER E 192 -67.56 59.65 48.02
N SER E 193 -67.00 58.67 47.30
CA SER E 193 -67.36 58.42 45.92
C SER E 193 -68.47 57.39 45.76
N LEU E 194 -69.00 56.86 46.86
CA LEU E 194 -70.07 55.87 46.76
C LEU E 194 -71.30 56.45 46.06
N GLY E 195 -71.68 57.66 46.45
CA GLY E 195 -72.82 58.34 45.85
C GLY E 195 -72.47 59.22 44.67
N THR E 196 -71.21 59.25 44.25
CA THR E 196 -70.76 60.11 43.16
C THR E 196 -70.33 59.33 41.93
N GLN E 197 -69.53 58.28 42.10
CA GLN E 197 -69.01 57.49 40.99
C GLN E 197 -69.82 56.20 40.86
N THR E 198 -70.23 55.89 39.64
CA THR E 198 -70.97 54.67 39.34
C THR E 198 -70.02 53.59 38.87
N TYR E 199 -70.12 52.41 39.47
CA TYR E 199 -69.26 51.28 39.16
C TYR E 199 -70.10 50.16 38.54
N ILE E 200 -69.65 49.64 37.41
CA ILE E 200 -70.30 48.54 36.72
C ILE E 200 -69.25 47.47 36.43
N CYS E 201 -69.53 46.24 36.86
CA CYS E 201 -68.66 45.12 36.62
C CYS E 201 -69.15 44.37 35.38
N ASN E 202 -68.24 44.15 34.44
CA ASN E 202 -68.48 43.39 33.22
C ASN E 202 -67.85 42.02 33.40
N VAL E 203 -68.67 40.97 33.28
CA VAL E 203 -68.25 39.59 33.41
C VAL E 203 -68.47 38.89 32.09
N ASN E 204 -67.42 38.27 31.56
CA ASN E 204 -67.46 37.59 30.28
C ASN E 204 -67.10 36.12 30.47
N HIS E 205 -67.90 35.24 29.85
CA HIS E 205 -67.69 33.79 29.86
C HIS E 205 -67.78 33.34 28.41
N LYS E 206 -66.63 33.19 27.77
CA LYS E 206 -66.59 32.88 26.35
C LYS E 206 -67.21 31.53 26.01
N PRO E 207 -66.92 30.43 26.71
CA PRO E 207 -67.50 29.14 26.31
C PRO E 207 -69.01 29.17 26.22
N SER E 208 -69.68 29.86 27.15
CA SER E 208 -71.10 30.08 27.07
C SER E 208 -71.46 31.35 26.31
N ASN E 209 -70.46 32.14 25.92
CA ASN E 209 -70.68 33.38 25.16
C ASN E 209 -71.66 34.28 25.88
N THR E 210 -71.44 34.47 27.18
CA THR E 210 -72.33 35.24 28.03
C THR E 210 -71.59 36.44 28.60
N LYS E 211 -72.15 37.63 28.42
CA LYS E 211 -71.60 38.87 28.96
C LYS E 211 -72.66 39.54 29.82
N VAL E 212 -72.30 39.88 31.05
CA VAL E 212 -73.22 40.50 32.00
C VAL E 212 -72.56 41.75 32.56
N ASP E 213 -73.25 42.88 32.48
CA ASP E 213 -72.77 44.16 33.00
C ASP E 213 -73.71 44.57 34.12
N LYS E 214 -73.24 44.49 35.36
CA LYS E 214 -74.07 44.75 36.53
C LYS E 214 -73.49 45.91 37.34
N LYS E 215 -74.36 46.84 37.74
CA LYS E 215 -73.96 48.01 38.49
C LYS E 215 -73.98 47.71 39.98
N VAL E 216 -73.04 48.31 40.71
CA VAL E 216 -72.93 48.16 42.16
C VAL E 216 -73.32 49.48 42.81
N GLU E 217 -74.26 49.42 43.75
CA GLU E 217 -74.72 50.59 44.47
C GLU E 217 -74.74 50.31 45.97
N PRO E 218 -74.60 51.34 46.80
CA PRO E 218 -74.69 51.12 48.25
C PRO E 218 -76.06 50.59 48.64
N LYS E 219 -76.07 49.75 49.68
CA LYS E 219 -77.31 49.17 50.18
C LYS E 219 -78.13 50.21 50.93
N ALA F 1 47.05 36.23 19.06
CA ALA F 1 45.56 36.18 19.07
C ALA F 1 44.98 37.43 18.43
N ILE F 2 43.71 37.36 18.02
CA ILE F 2 43.05 38.50 17.40
C ILE F 2 42.84 39.59 18.45
N ARG F 3 43.18 40.82 18.07
CA ARG F 3 43.08 41.97 18.97
C ARG F 3 41.97 42.89 18.47
N MET F 4 41.05 43.23 19.36
CA MET F 4 39.94 44.12 19.06
C MET F 4 40.17 45.44 19.79
N THR F 5 40.17 46.54 19.04
CA THR F 5 40.41 47.87 19.59
C THR F 5 39.25 48.79 19.22
N GLN F 6 38.78 49.56 20.20
CA GLN F 6 37.61 50.42 20.02
C GLN F 6 38.07 51.86 19.84
N SER F 7 37.48 52.55 18.87
CA SER F 7 37.78 53.94 18.61
C SER F 7 36.49 54.74 18.48
N PRO F 8 36.46 56.00 18.95
CA PRO F 8 37.52 56.64 19.74
C PRO F 8 37.52 56.13 21.17
N GLY F 9 38.61 56.36 21.91
CA GLY F 9 38.67 55.89 23.28
C GLY F 9 37.53 56.44 24.12
N THR F 10 37.17 57.70 23.92
CA THR F 10 36.04 58.31 24.59
C THR F 10 35.42 59.34 23.66
N LEU F 11 34.11 59.22 23.43
CA LEU F 11 33.39 60.09 22.52
C LEU F 11 32.42 60.94 23.33
N SER F 12 32.53 62.25 23.18
CA SER F 12 31.69 63.21 23.90
C SER F 12 30.73 63.85 22.90
N LEU F 13 29.44 63.57 23.05
CA LEU F 13 28.40 64.11 22.18
C LEU F 13 27.21 64.54 23.02
N SER F 14 26.50 65.55 22.53
CA SER F 14 25.32 66.05 23.21
C SER F 14 24.14 65.11 22.97
N PRO F 15 23.17 65.08 23.89
CA PRO F 15 21.97 64.25 23.66
C PRO F 15 21.25 64.67 22.39
N GLY F 16 20.67 63.67 21.71
CA GLY F 16 19.98 63.91 20.46
C GLY F 16 20.84 63.83 19.22
N GLU F 17 22.14 63.65 19.36
CA GLU F 17 23.04 63.55 18.22
C GLU F 17 23.16 62.09 17.80
N ARG F 18 24.11 61.78 16.92
CA ARG F 18 24.33 60.44 16.41
C ARG F 18 25.73 59.98 16.80
N ALA F 19 25.82 58.80 17.40
CA ALA F 19 27.09 58.27 17.90
C ALA F 19 27.53 57.10 17.03
N THR F 20 28.79 57.12 16.61
CA THR F 20 29.38 56.07 15.79
C THR F 20 30.63 55.55 16.51
N LEU F 21 30.58 54.31 16.97
CA LEU F 21 31.70 53.65 17.63
C LEU F 21 32.24 52.56 16.73
N SER F 22 33.55 52.55 16.52
CA SER F 22 34.18 51.63 15.58
C SER F 22 34.98 50.58 16.36
N CYS F 23 34.85 49.33 15.94
CA CYS F 23 35.63 48.22 16.47
C CYS F 23 36.55 47.72 15.37
N ARG F 24 37.85 47.71 15.65
CA ARG F 24 38.88 47.35 14.70
C ARG F 24 39.44 45.98 15.09
N ALA F 25 39.44 45.05 14.13
CA ALA F 25 39.95 43.71 14.33
C ALA F 25 41.32 43.59 13.69
N SER F 26 42.30 43.11 14.46
CA SER F 26 43.65 42.97 13.92
C SER F 26 43.66 42.03 12.72
N GLN F 27 42.91 40.94 12.80
CA GLN F 27 42.78 39.98 11.71
C GLN F 27 41.33 39.98 11.21
N SER F 28 41.10 39.23 10.14
CA SER F 28 39.75 39.12 9.58
C SER F 28 38.87 38.30 10.51
N VAL F 29 37.75 38.88 10.93
CA VAL F 29 36.81 38.24 11.84
C VAL F 29 35.45 38.16 11.15
N SER F 30 34.85 36.97 11.16
CA SER F 30 33.54 36.80 10.58
C SER F 30 32.52 37.71 11.27
N SER F 31 31.67 38.34 10.47
CA SER F 31 30.66 39.24 11.03
C SER F 31 29.66 38.52 11.91
N SER F 32 29.45 37.23 11.70
CA SER F 32 28.45 36.48 12.46
C SER F 32 28.82 36.31 13.92
N TYR F 33 30.07 36.59 14.30
CA TYR F 33 30.52 36.33 15.66
C TYR F 33 31.07 37.58 16.33
N LEU F 34 30.37 38.70 16.20
CA LEU F 34 30.72 39.94 16.88
C LEU F 34 29.54 40.40 17.73
N ALA F 35 29.82 40.79 18.98
CA ALA F 35 28.79 41.19 19.91
C ALA F 35 29.08 42.59 20.44
N TRP F 36 28.02 43.36 20.67
CA TRP F 36 28.11 44.69 21.24
C TRP F 36 27.35 44.74 22.55
N TYR F 37 27.98 45.35 23.55
CA TYR F 37 27.44 45.45 24.91
C TYR F 37 27.29 46.91 25.31
N GLN F 38 26.73 47.11 26.51
CA GLN F 38 26.67 48.41 27.14
C GLN F 38 26.66 48.19 28.64
N GLN F 39 27.59 48.80 29.36
CA GLN F 39 27.72 48.63 30.80
C GLN F 39 27.70 49.98 31.48
N LYS F 40 26.79 50.13 32.46
CA LYS F 40 26.74 51.28 33.34
C LYS F 40 27.46 50.95 34.65
N PRO F 41 27.96 51.96 35.37
CA PRO F 41 28.68 51.66 36.61
C PRO F 41 27.80 50.91 37.60
N GLY F 42 28.39 49.92 38.27
CA GLY F 42 27.66 49.14 39.23
C GLY F 42 26.70 48.13 38.63
N GLN F 43 26.83 47.83 37.34
CA GLN F 43 25.94 46.90 36.67
C GLN F 43 26.76 45.94 35.80
N ALA F 44 26.21 44.74 35.60
CA ALA F 44 26.84 43.78 34.71
C ALA F 44 26.65 44.22 33.26
N PRO F 45 27.51 43.76 32.35
CA PRO F 45 27.38 44.16 30.95
C PRO F 45 26.01 43.76 30.39
N ARG F 46 25.45 44.64 29.56
CA ARG F 46 24.16 44.42 28.92
C ARG F 46 24.39 44.16 27.45
N LEU F 47 23.98 42.98 26.98
CA LEU F 47 24.15 42.64 25.58
C LEU F 47 23.22 43.49 24.72
N LEU F 48 23.78 44.10 23.67
CA LEU F 48 23.03 44.93 22.75
C LEU F 48 22.87 44.30 21.38
N ILE F 49 23.95 43.75 20.82
CA ILE F 49 23.93 43.18 19.49
C ILE F 49 24.65 41.83 19.52
N TYR F 50 24.08 40.84 18.84
CA TYR F 50 24.73 39.56 18.59
C TYR F 50 24.70 39.31 17.08
N GLY F 51 25.78 38.74 16.56
CA GLY F 51 25.93 38.63 15.12
C GLY F 51 26.34 39.92 14.45
N ALA F 52 26.63 40.97 15.23
CA ALA F 52 27.10 42.25 14.72
C ALA F 52 26.00 43.09 14.09
N SER F 53 24.81 42.51 13.90
CA SER F 53 23.71 43.27 13.34
C SER F 53 22.35 43.01 13.99
N SER F 54 22.18 41.97 14.78
CA SER F 54 20.87 41.61 15.33
C SER F 54 20.69 42.23 16.71
N ARG F 55 19.53 42.85 16.92
CA ARG F 55 19.22 43.48 18.19
C ARG F 55 18.68 42.46 19.17
N ALA F 56 19.04 42.63 20.44
CA ALA F 56 18.64 41.70 21.49
C ALA F 56 17.21 42.01 21.94
N THR F 57 16.78 41.38 23.03
CA THR F 57 15.43 41.55 23.53
C THR F 57 15.33 42.82 24.35
N GLY F 58 14.38 43.68 24.00
CA GLY F 58 14.16 44.93 24.72
C GLY F 58 15.11 46.05 24.34
N ILE F 59 16.02 45.82 23.41
CA ILE F 59 16.94 46.88 23.00
C ILE F 59 16.22 47.83 22.05
N PRO F 60 16.18 49.14 22.34
CA PRO F 60 15.51 50.06 21.42
C PRO F 60 16.15 50.03 20.04
N ASP F 61 15.32 50.21 19.02
CA ASP F 61 15.75 50.10 17.63
C ASP F 61 16.70 51.22 17.20
N ARG F 62 17.08 52.12 18.10
CA ARG F 62 18.03 53.16 17.74
C ARG F 62 19.47 52.64 17.69
N PHE F 63 19.73 51.46 18.26
CA PHE F 63 21.03 50.82 18.19
C PHE F 63 21.07 49.98 16.91
N SER F 64 22.09 50.20 16.08
CA SER F 64 22.26 49.43 14.85
C SER F 64 23.71 49.03 14.70
N GLY F 65 23.95 47.75 14.44
CA GLY F 65 25.29 47.24 14.21
C GLY F 65 25.49 46.91 12.74
N SER F 66 26.73 47.03 12.28
CA SER F 66 27.05 46.72 10.89
C SER F 66 28.56 46.56 10.76
N GLY F 67 29.02 46.33 9.54
CA GLY F 67 30.43 46.20 9.26
C GLY F 67 30.80 44.78 8.88
N SER F 68 32.04 44.63 8.44
CA SER F 68 32.53 43.34 7.97
C SER F 68 34.05 43.35 7.96
N GLY F 69 34.63 42.21 7.60
CA GLY F 69 36.06 42.12 7.43
C GLY F 69 36.80 42.31 8.73
N THR F 70 37.45 43.47 8.86
CA THR F 70 38.12 43.84 10.09
C THR F 70 37.50 45.06 10.77
N ASP F 71 36.59 45.76 10.10
CA ASP F 71 35.99 46.99 10.62
C ASP F 71 34.52 46.77 10.90
N PHE F 72 34.09 47.11 12.12
CA PHE F 72 32.69 47.01 12.50
C PHE F 72 32.27 48.30 13.19
N THR F 73 30.96 48.57 13.15
CA THR F 73 30.44 49.85 13.61
C THR F 73 29.13 49.67 14.35
N LEU F 74 29.06 50.25 15.55
CA LEU F 74 27.82 50.38 16.29
C LEU F 74 27.37 51.84 16.25
N THR F 75 26.13 52.06 15.85
CA THR F 75 25.61 53.40 15.63
C THR F 75 24.34 53.61 16.46
N ILE F 76 24.30 54.74 17.17
CA ILE F 76 23.11 55.20 17.87
C ILE F 76 22.57 56.39 17.09
N SER F 77 21.38 56.23 16.51
CA SER F 77 20.82 57.26 15.65
C SER F 77 20.56 58.55 16.41
N ARG F 78 19.97 58.43 17.61
CA ARG F 78 19.68 59.59 18.44
C ARG F 78 20.05 59.26 19.88
N LEU F 79 20.99 60.01 20.44
CA LEU F 79 21.40 59.78 21.82
C LEU F 79 20.25 60.06 22.77
N GLU F 80 20.20 59.29 23.86
CA GLU F 80 19.22 59.48 24.91
C GLU F 80 19.93 59.49 26.25
N PRO F 81 19.32 60.08 27.28
CA PRO F 81 20.01 60.17 28.58
C PRO F 81 20.43 58.83 29.14
N GLU F 82 19.72 57.76 28.82
CA GLU F 82 20.02 56.43 29.33
C GLU F 82 21.02 55.67 28.47
N ASP F 83 21.43 56.23 27.33
CA ASP F 83 22.37 55.58 26.43
C ASP F 83 23.81 55.96 26.67
N PHE F 84 24.10 56.76 27.70
CA PHE F 84 25.47 57.22 27.97
C PHE F 84 26.11 56.24 28.93
N ALA F 85 26.96 55.36 28.41
CA ALA F 85 27.66 54.37 29.20
C ALA F 85 28.79 53.79 28.36
N VAL F 86 29.54 52.87 28.96
CA VAL F 86 30.69 52.27 28.30
C VAL F 86 30.21 51.19 27.35
N TYR F 87 30.76 51.18 26.14
CA TYR F 87 30.42 50.22 25.10
C TYR F 87 31.61 49.32 24.82
N TYR F 88 31.36 48.02 24.70
CA TYR F 88 32.37 47.03 24.38
C TYR F 88 32.00 46.30 23.10
N CYS F 89 33.02 45.81 22.40
CA CYS F 89 32.84 44.88 21.30
C CYS F 89 33.62 43.60 21.59
N GLN F 90 32.98 42.46 21.36
CA GLN F 90 33.53 41.15 21.68
C GLN F 90 33.55 40.29 20.43
N GLN F 91 34.63 39.54 20.26
CA GLN F 91 34.74 38.52 19.23
C GLN F 91 34.64 37.15 19.88
N TYR F 92 33.78 36.30 19.33
CA TYR F 92 33.53 34.97 19.90
C TYR F 92 33.40 33.99 18.74
N GLY F 93 32.90 32.80 19.05
CA GLY F 93 32.71 31.80 18.02
C GLY F 93 32.44 30.44 18.65
N THR F 94 32.39 29.43 17.78
CA THR F 94 32.20 28.05 18.22
C THR F 94 33.43 27.48 18.91
N SER F 95 34.56 28.19 18.87
CA SER F 95 35.77 27.76 19.55
C SER F 95 35.97 28.59 20.82
N PRO F 96 36.61 28.03 21.85
CA PRO F 96 36.85 28.81 23.08
C PRO F 96 38.02 29.78 22.93
N SER F 97 37.78 30.86 22.19
CA SER F 97 38.79 31.90 22.01
C SER F 97 38.07 33.22 21.77
N TRP F 98 37.91 34.01 22.82
CA TRP F 98 37.18 35.27 22.76
C TRP F 98 38.10 36.42 23.16
N THR F 99 37.79 37.61 22.64
CA THR F 99 38.53 38.82 22.98
C THR F 99 37.58 40.00 23.01
N PHE F 100 37.88 40.95 23.91
CA PHE F 100 37.07 42.15 24.11
C PHE F 100 37.85 43.39 23.69
N GLY F 101 37.11 44.43 23.29
CA GLY F 101 37.70 45.73 23.13
C GLY F 101 37.94 46.41 24.47
N GLN F 102 38.80 47.43 24.45
CA GLN F 102 39.13 48.10 25.70
C GLN F 102 37.93 48.84 26.27
N GLY F 103 37.02 49.31 25.42
CA GLY F 103 35.81 49.98 25.85
C GLY F 103 35.81 51.45 25.45
N THR F 104 34.66 51.91 24.98
CA THR F 104 34.45 53.30 24.58
C THR F 104 33.38 53.92 25.46
N LYS F 105 33.68 55.07 26.04
CA LYS F 105 32.76 55.77 26.93
C LYS F 105 32.09 56.93 26.19
N VAL F 106 30.78 57.04 26.34
CA VAL F 106 29.99 58.12 25.75
C VAL F 106 29.49 59.00 26.88
N GLU F 107 29.77 60.30 26.77
CA GLU F 107 29.40 61.27 27.80
C GLU F 107 28.82 62.51 27.16
N ILE F 108 28.17 63.33 27.97
CA ILE F 108 27.56 64.56 27.48
C ILE F 108 28.64 65.52 26.99
N LYS F 109 28.35 66.20 25.88
CA LYS F 109 29.21 67.27 25.38
C LYS F 109 28.80 68.57 26.06
N ARG F 110 29.67 69.10 26.92
CA ARG F 110 29.34 70.23 27.77
C ARG F 110 30.39 71.31 27.60
N THR F 111 29.99 72.54 27.93
CA THR F 111 30.94 73.65 27.96
C THR F 111 31.93 73.46 29.09
N VAL F 112 33.13 74.03 28.91
CA VAL F 112 34.19 73.87 29.91
C VAL F 112 33.78 74.59 31.19
N ALA F 113 33.96 73.92 32.32
CA ALA F 113 33.59 74.44 33.63
C ALA F 113 34.86 74.62 34.46
N ALA F 114 34.96 75.78 35.11
CA ALA F 114 36.13 76.06 35.95
C ALA F 114 36.08 75.21 37.21
N PRO F 115 37.13 74.45 37.53
CA PRO F 115 37.12 73.66 38.77
C PRO F 115 37.06 74.55 40.00
N SER F 116 36.41 74.03 41.04
CA SER F 116 36.40 74.66 42.35
C SER F 116 37.39 73.89 43.23
N VAL F 117 38.44 74.58 43.67
CA VAL F 117 39.55 73.96 44.39
C VAL F 117 39.40 74.22 45.88
N PHE F 118 39.51 73.15 46.67
CA PHE F 118 39.52 73.24 48.12
C PHE F 118 40.60 72.31 48.67
N ILE F 119 41.10 72.62 49.86
CA ILE F 119 42.06 71.76 50.54
C ILE F 119 41.65 71.63 52.00
N PHE F 120 41.73 70.40 52.51
CA PHE F 120 41.34 70.07 53.87
C PHE F 120 42.52 69.44 54.60
N PRO F 121 43.03 70.06 55.67
CA PRO F 121 44.07 69.41 56.45
C PRO F 121 43.50 68.25 57.24
N PRO F 122 44.35 67.33 57.70
CA PRO F 122 43.85 66.22 58.53
C PRO F 122 43.31 66.73 59.86
N SER F 123 42.30 66.02 60.37
CA SER F 123 41.72 66.37 61.65
C SER F 123 42.70 66.05 62.79
N ASP F 124 42.54 66.77 63.90
CA ASP F 124 43.43 66.57 65.04
C ASP F 124 43.31 65.15 65.59
N GLU F 125 42.08 64.64 65.71
CA GLU F 125 41.89 63.29 66.23
C GLU F 125 42.54 62.25 65.31
N GLN F 126 42.60 62.54 64.00
CA GLN F 126 43.26 61.61 63.09
C GLN F 126 44.75 61.51 63.39
N LEU F 127 45.38 62.62 63.76
CA LEU F 127 46.81 62.59 64.09
C LEU F 127 47.09 61.69 65.29
N LYS F 128 46.11 61.49 66.17
CA LYS F 128 46.31 60.61 67.32
C LYS F 128 46.59 59.17 66.90
N SER F 129 46.21 58.78 65.69
CA SER F 129 46.45 57.45 65.17
C SER F 129 47.77 57.34 64.41
N GLY F 130 48.53 58.43 64.29
CA GLY F 130 49.80 58.41 63.61
C GLY F 130 49.74 58.56 62.10
N THR F 131 48.55 58.77 61.53
CA THR F 131 48.38 58.93 60.09
C THR F 131 47.77 60.29 59.81
N ALA F 132 48.28 60.97 58.79
CA ALA F 132 47.80 62.29 58.38
C ALA F 132 47.38 62.22 56.93
N SER F 133 46.12 62.57 56.65
CA SER F 133 45.58 62.59 55.30
C SER F 133 45.16 64.01 54.95
N VAL F 134 45.67 64.52 53.84
CA VAL F 134 45.36 65.86 53.33
C VAL F 134 44.54 65.68 52.07
N VAL F 135 43.38 66.35 52.00
CA VAL F 135 42.41 66.11 50.94
C VAL F 135 42.36 67.34 50.03
N CYS F 136 42.67 67.15 48.75
CA CYS F 136 42.51 68.17 47.73
C CYS F 136 41.26 67.85 46.92
N LEU F 137 40.30 68.77 46.92
CA LEU F 137 38.99 68.55 46.32
C LEU F 137 38.82 69.46 45.12
N LEU F 138 38.48 68.87 43.97
CA LEU F 138 38.08 69.60 42.78
C LEU F 138 36.61 69.30 42.54
N ASN F 139 35.80 70.36 42.43
CA ASN F 139 34.37 70.23 42.31
C ASN F 139 33.89 70.91 41.03
N ASN F 140 32.99 70.24 40.31
CA ASN F 140 32.34 70.82 39.13
C ASN F 140 33.37 71.27 38.09
N PHE F 141 34.13 70.29 37.60
CA PHE F 141 35.12 70.51 36.57
C PHE F 141 34.84 69.63 35.37
N TYR F 142 34.99 70.19 34.17
CA TYR F 142 34.80 69.47 32.92
C TYR F 142 35.73 70.11 31.89
N PRO F 143 36.42 69.31 31.07
CA PRO F 143 36.40 67.85 30.97
C PRO F 143 37.13 67.15 32.11
N ARG F 144 36.98 65.83 32.17
CA ARG F 144 37.60 65.05 33.24
C ARG F 144 39.11 65.21 33.25
N GLU F 145 39.72 65.43 32.09
CA GLU F 145 41.17 65.53 31.99
C GLU F 145 41.69 66.72 32.80
N ALA F 146 42.40 66.44 33.89
CA ALA F 146 43.00 67.48 34.71
C ALA F 146 44.27 66.92 35.35
N LYS F 147 45.17 67.82 35.73
CA LYS F 147 46.44 67.44 36.34
C LYS F 147 46.50 68.00 37.76
N VAL F 148 46.67 67.12 38.74
CA VAL F 148 46.74 67.51 40.15
C VAL F 148 48.06 67.03 40.70
N GLN F 149 48.83 67.94 41.30
CA GLN F 149 50.14 67.59 41.86
C GLN F 149 50.28 68.17 43.25
N TRP F 150 50.82 67.36 44.17
CA TRP F 150 51.00 67.78 45.55
C TRP F 150 52.38 68.40 45.73
N LYS F 151 52.41 69.61 46.31
CA LYS F 151 53.64 70.32 46.61
C LYS F 151 53.67 70.58 48.11
N VAL F 152 54.63 69.97 48.80
CA VAL F 152 54.84 70.18 50.22
C VAL F 152 56.18 70.90 50.37
N ASP F 153 56.13 72.14 50.85
CA ASP F 153 57.34 72.97 50.97
C ASP F 153 58.04 73.07 49.62
N ASN F 154 57.27 73.29 48.56
CA ASN F 154 57.79 73.43 47.20
C ASN F 154 58.58 72.19 46.79
N ALA F 155 58.10 71.01 47.18
CA ALA F 155 58.69 69.75 46.81
C ALA F 155 57.62 68.85 46.21
N LEU F 156 57.90 68.28 45.04
CA LEU F 156 56.95 67.41 44.39
C LEU F 156 56.78 66.11 45.17
N GLN F 157 55.53 65.64 45.23
CA GLN F 157 55.20 64.41 45.93
C GLN F 157 54.65 63.41 44.94
N SER F 158 55.16 62.17 45.00
CA SER F 158 54.71 61.11 44.10
C SER F 158 54.74 59.79 44.84
N GLY F 159 53.80 58.91 44.49
CA GLY F 159 53.72 57.60 45.09
C GLY F 159 53.03 57.55 46.44
N ASN F 160 52.48 58.68 46.92
CA ASN F 160 51.80 58.73 48.21
C ASN F 160 50.45 59.41 48.11
N SER F 161 49.88 59.53 46.91
CA SER F 161 48.60 60.18 46.70
C SER F 161 47.70 59.29 45.88
N GLN F 162 46.40 59.32 46.20
CA GLN F 162 45.40 58.51 45.52
C GLN F 162 44.27 59.41 45.03
N GLU F 163 43.78 59.15 43.83
CA GLU F 163 42.77 59.98 43.20
C GLU F 163 41.51 59.17 42.93
N SER F 164 40.36 59.75 43.24
CA SER F 164 39.05 59.15 42.98
C SER F 164 38.22 60.12 42.14
N VAL F 165 37.57 59.57 41.11
CA VAL F 165 36.77 60.35 40.17
C VAL F 165 35.35 59.82 40.20
N THR F 166 34.38 60.72 40.34
CA THR F 166 32.97 60.36 40.34
C THR F 166 32.42 60.38 38.91
N GLU F 167 31.28 59.74 38.74
CA GLU F 167 30.64 59.69 37.43
C GLU F 167 30.09 61.06 37.05
N GLN F 168 29.84 61.24 35.76
CA GLN F 168 29.29 62.50 35.28
C GLN F 168 27.93 62.76 35.92
N ASP F 169 27.76 63.97 36.44
CA ASP F 169 26.51 64.34 37.09
C ASP F 169 25.41 64.54 36.04
N SER F 170 24.20 64.09 36.35
CA SER F 170 23.09 64.18 35.42
C SER F 170 22.49 65.57 35.33
N LYS F 171 22.86 66.48 36.23
CA LYS F 171 22.28 67.83 36.23
C LYS F 171 23.15 68.82 35.46
N ASP F 172 24.41 68.99 35.87
CA ASP F 172 25.31 69.94 35.25
C ASP F 172 26.37 69.27 34.38
N SER F 173 26.41 67.94 34.32
CA SER F 173 27.37 67.23 33.50
C SER F 173 28.81 67.60 33.86
N THR F 174 29.06 67.76 35.16
CA THR F 174 30.39 68.09 35.66
C THR F 174 30.91 66.95 36.53
N TYR F 175 32.21 67.01 36.82
CA TYR F 175 32.89 65.96 37.56
C TYR F 175 33.45 66.48 38.87
N SER F 176 33.71 65.55 39.79
CA SER F 176 34.34 65.85 41.06
C SER F 176 35.48 64.87 41.29
N LEU F 177 36.64 65.39 41.68
CA LEU F 177 37.83 64.58 41.90
C LEU F 177 38.36 64.82 43.30
N SER F 178 38.65 63.74 44.02
CA SER F 178 39.21 63.81 45.37
C SER F 178 40.59 63.18 45.36
N SER F 179 41.61 63.95 45.74
CA SER F 179 42.98 63.48 45.84
C SER F 179 43.39 63.47 47.30
N THR F 180 43.76 62.31 47.81
CA THR F 180 44.15 62.15 49.20
C THR F 180 45.64 61.88 49.26
N LEU F 181 46.35 62.71 50.02
CA LEU F 181 47.78 62.53 50.30
C LEU F 181 47.91 61.94 51.69
N THR F 182 48.47 60.73 51.76
CA THR F 182 48.60 60.00 53.01
C THR F 182 50.07 60.02 53.44
N LEU F 183 50.31 60.43 54.68
CA LEU F 183 51.66 60.50 55.22
C LEU F 183 51.65 60.06 56.68
N SER F 184 52.82 59.71 57.18
CA SER F 184 52.95 59.40 58.60
C SER F 184 52.91 60.68 59.42
N LYS F 185 52.53 60.52 60.70
CA LYS F 185 52.49 61.67 61.60
C LYS F 185 53.86 62.31 61.74
N ALA F 186 54.91 61.48 61.89
CA ALA F 186 56.25 62.02 62.03
C ALA F 186 56.65 62.81 60.80
N ASP F 187 56.39 62.28 59.61
CA ASP F 187 56.70 63.01 58.38
C ASP F 187 55.80 64.24 58.22
N TYR F 188 54.53 64.14 58.64
CA TYR F 188 53.64 65.27 58.55
C TYR F 188 54.14 66.44 59.39
N GLU F 189 54.63 66.15 60.60
CA GLU F 189 55.15 67.20 61.46
C GLU F 189 56.46 67.79 60.96
N LYS F 190 57.13 67.14 60.01
CA LYS F 190 58.37 67.65 59.46
C LYS F 190 58.15 68.74 58.42
N HIS F 191 56.91 68.99 58.01
CA HIS F 191 56.60 70.00 57.00
C HIS F 191 55.49 70.90 57.52
N LYS F 192 55.47 72.13 57.00
CA LYS F 192 54.53 73.15 57.44
C LYS F 192 53.52 73.54 56.37
N VAL F 193 53.96 73.69 55.12
CA VAL F 193 53.10 74.15 54.04
C VAL F 193 52.73 72.97 53.17
N TYR F 194 51.43 72.79 52.93
CA TYR F 194 50.92 71.75 52.04
C TYR F 194 50.02 72.40 51.02
N ALA F 195 50.23 72.09 49.74
CA ALA F 195 49.45 72.68 48.66
C ALA F 195 49.23 71.65 47.56
N CYS F 196 48.17 71.83 46.79
CA CYS F 196 47.93 71.03 45.59
C CYS F 196 47.70 71.97 44.41
N GLU F 197 48.48 71.78 43.35
CA GLU F 197 48.34 72.54 42.12
C GLU F 197 47.38 71.81 41.20
N VAL F 198 46.41 72.55 40.66
CA VAL F 198 45.40 72.03 39.75
C VAL F 198 45.60 72.74 38.41
N THR F 199 45.76 71.94 37.36
CA THR F 199 45.87 72.42 35.99
C THR F 199 44.69 71.84 35.21
N HIS F 200 43.92 72.73 34.58
CA HIS F 200 42.69 72.36 33.91
C HIS F 200 42.52 73.21 32.67
N GLN F 201 41.75 72.69 31.71
CA GLN F 201 41.56 73.40 30.45
C GLN F 201 40.86 74.74 30.67
N GLY F 202 39.87 74.78 31.55
CA GLY F 202 39.11 75.98 31.80
C GLY F 202 39.79 77.02 32.66
N LEU F 203 40.98 76.73 33.16
CA LEU F 203 41.76 77.66 33.97
C LEU F 203 42.90 78.23 33.13
N SER F 204 42.97 79.56 33.06
CA SER F 204 44.05 80.19 32.31
C SER F 204 45.40 79.85 32.90
N SER F 205 45.51 79.84 34.24
CA SER F 205 46.72 79.49 34.94
C SER F 205 46.39 78.45 36.01
N PRO F 206 47.36 77.61 36.39
CA PRO F 206 47.09 76.63 37.44
C PRO F 206 46.69 77.31 38.74
N VAL F 207 45.77 76.68 39.46
CA VAL F 207 45.25 77.21 40.72
C VAL F 207 45.75 76.32 41.85
N THR F 208 46.33 76.94 42.88
CA THR F 208 46.90 76.21 44.00
C THR F 208 46.36 76.78 45.29
N LYS F 209 45.87 75.90 46.17
CA LYS F 209 45.45 76.26 47.51
C LYS F 209 46.40 75.61 48.51
N SER F 210 46.92 76.40 49.43
CA SER F 210 47.93 75.94 50.38
C SER F 210 47.51 76.30 51.79
N PHE F 211 47.94 75.46 52.74
CA PHE F 211 47.68 75.71 54.15
C PHE F 211 48.94 75.43 54.96
N ASN F 212 49.02 76.08 56.11
CA ASN F 212 50.15 75.95 57.02
C ASN F 212 49.77 75.02 58.15
N ARG F 213 50.67 74.09 58.47
CA ARG F 213 50.42 73.14 59.55
C ARG F 213 50.28 73.88 60.87
N GLY F 214 49.23 73.57 61.62
CA GLY F 214 48.97 74.17 62.90
C GLY F 214 48.22 75.48 62.85
N GLU F 215 48.06 76.08 61.67
CA GLU F 215 47.35 77.34 61.53
C GLU F 215 45.85 77.13 61.67
N CYS F 216 45.17 78.18 62.09
CA CYS F 216 43.72 78.13 62.25
C CYS F 216 43.01 78.19 60.90
N GLU G 1 13.95 30.62 28.62
CA GLU G 1 14.62 29.70 27.64
C GLU G 1 15.86 29.06 28.26
N VAL G 2 16.98 29.76 28.19
CA VAL G 2 18.25 29.30 28.74
C VAL G 2 18.70 30.28 29.80
N GLN G 3 19.09 29.77 30.96
CA GLN G 3 19.49 30.60 32.09
C GLN G 3 20.75 30.04 32.72
N LEU G 4 21.64 30.94 33.12
CA LEU G 4 22.87 30.60 33.84
C LEU G 4 22.79 31.18 35.25
N VAL G 5 23.22 30.39 36.23
CA VAL G 5 23.22 30.78 37.63
C VAL G 5 24.57 30.43 38.24
N GLN G 6 25.19 31.40 38.90
CA GLN G 6 26.50 31.22 39.50
C GLN G 6 26.39 31.18 41.01
N SER G 7 27.48 30.78 41.66
CA SER G 7 27.54 30.72 43.11
C SER G 7 27.61 32.14 43.68
N GLY G 8 27.61 32.23 45.01
CA GLY G 8 27.64 33.51 45.67
C GLY G 8 29.02 34.14 45.68
N ALA G 9 29.06 35.40 46.11
CA ALA G 9 30.32 36.13 46.18
C ALA G 9 31.25 35.47 47.19
N GLU G 10 32.55 35.52 46.92
CA GLU G 10 33.56 34.86 47.74
C GLU G 10 34.62 35.86 48.15
N VAL G 11 35.05 35.78 49.40
CA VAL G 11 36.18 36.56 49.91
C VAL G 11 37.24 35.58 50.40
N LYS G 12 38.41 35.63 49.78
CA LYS G 12 39.49 34.70 50.07
C LYS G 12 40.78 35.45 50.35
N LYS G 13 41.53 34.98 51.34
CA LYS G 13 42.82 35.56 51.63
C LYS G 13 43.82 35.19 50.53
N PRO G 14 44.84 36.02 50.31
CA PRO G 14 45.83 35.69 49.29
C PRO G 14 46.52 34.37 49.59
N GLY G 15 46.85 33.63 48.54
CA GLY G 15 47.53 32.36 48.65
C GLY G 15 46.62 31.15 48.57
N SER G 16 45.32 31.34 48.76
CA SER G 16 44.37 30.24 48.68
C SER G 16 43.84 30.11 47.25
N SER G 17 42.83 29.27 47.05
CA SER G 17 42.23 29.05 45.74
C SER G 17 40.72 29.17 45.87
N VAL G 18 40.09 29.64 44.80
CA VAL G 18 38.65 29.87 44.76
C VAL G 18 38.06 29.10 43.58
N LYS G 19 37.00 28.35 43.83
CA LYS G 19 36.33 27.55 42.81
C LYS G 19 34.91 28.08 42.65
N VAL G 20 34.63 28.68 41.50
CA VAL G 20 33.32 29.22 41.19
C VAL G 20 32.58 28.24 40.30
N SER G 21 31.25 28.29 40.34
CA SER G 21 30.41 27.39 39.58
C SER G 21 29.41 28.20 38.75
N CYS G 22 28.93 27.57 37.67
CA CYS G 22 27.98 28.21 36.77
C CYS G 22 27.12 27.10 36.17
N LYS G 23 25.89 26.98 36.65
CA LYS G 23 24.95 25.98 36.16
C LYS G 23 24.09 26.57 35.06
N ALA G 24 23.84 25.77 34.03
CA ALA G 24 23.03 26.18 32.89
C ALA G 24 21.77 25.32 32.81
N SER G 25 20.68 25.92 32.35
CA SER G 25 19.42 25.22 32.15
C SER G 25 18.95 25.44 30.72
N GLY G 26 18.49 24.37 30.06
CA GLY G 26 17.96 24.49 28.72
C GLY G 26 18.35 23.34 27.81
N GLY G 27 19.31 22.52 28.24
CA GLY G 27 19.75 21.38 27.46
C GLY G 27 20.79 21.68 26.40
N THR G 28 21.13 22.95 26.19
CA THR G 28 22.17 23.35 25.25
C THR G 28 23.54 23.42 25.89
N PHE G 29 23.66 23.00 27.14
CA PHE G 29 24.92 23.13 27.86
C PHE G 29 26.05 22.35 27.18
N SER G 30 25.77 21.11 26.81
CA SER G 30 26.84 20.23 26.33
C SER G 30 27.38 20.69 24.99
N SER G 31 26.54 21.21 24.11
CA SER G 31 26.91 21.59 22.75
C SER G 31 27.19 23.07 22.63
N SER G 32 27.76 23.68 23.67
CA SER G 32 27.99 25.12 23.71
C SER G 32 29.43 25.41 24.11
N VAL G 33 29.82 26.67 23.94
CA VAL G 33 31.11 27.17 24.39
C VAL G 33 30.86 28.01 25.63
N ILE G 34 31.49 27.64 26.74
CA ILE G 34 31.33 28.29 28.03
C ILE G 34 32.63 28.99 28.36
N SER G 35 32.57 30.30 28.56
CA SER G 35 33.73 31.13 28.78
C SER G 35 33.56 31.92 30.07
N TRP G 36 34.64 32.07 30.83
CA TRP G 36 34.64 32.87 32.04
C TRP G 36 35.21 34.24 31.73
N VAL G 37 34.40 35.28 31.90
CA VAL G 37 34.79 36.65 31.64
C VAL G 37 35.07 37.33 32.98
N ARG G 38 36.22 38.00 33.08
CA ARG G 38 36.63 38.69 34.29
C ARG G 38 36.66 40.18 34.02
N GLN G 39 36.17 40.97 34.98
CA GLN G 39 36.20 42.42 34.91
C GLN G 39 36.75 42.94 36.23
N ALA G 40 37.94 43.54 36.19
CA ALA G 40 38.46 44.20 37.37
C ALA G 40 37.71 45.52 37.61
N PRO G 41 37.54 45.92 38.87
CA PRO G 41 36.79 47.16 39.15
C PRO G 41 37.47 48.36 38.49
N GLY G 42 36.71 49.05 37.64
CA GLY G 42 37.21 50.20 36.93
C GLY G 42 37.97 49.90 35.66
N GLN G 43 38.08 48.63 35.27
CA GLN G 43 38.77 48.22 34.06
C GLN G 43 37.78 47.63 33.07
N GLY G 44 38.30 47.19 31.92
CA GLY G 44 37.47 46.61 30.89
C GLY G 44 37.29 45.10 31.03
N LEU G 45 36.42 44.56 30.18
CA LEU G 45 36.17 43.12 30.20
C LEU G 45 37.38 42.37 29.71
N GLU G 46 37.66 41.23 30.35
CA GLU G 46 38.80 40.39 29.98
C GLU G 46 38.36 38.93 29.98
N TRP G 47 38.62 38.25 28.86
CA TRP G 47 38.25 36.85 28.72
C TRP G 47 39.33 35.97 29.34
N MET G 48 38.94 35.20 30.37
CA MET G 48 39.90 34.33 31.04
C MET G 48 40.16 33.07 30.22
N GLY G 49 39.12 32.28 29.99
CA GLY G 49 39.26 31.02 29.28
C GLY G 49 37.91 30.50 28.88
N GLY G 50 37.94 29.43 28.08
CA GLY G 50 36.73 28.80 27.61
C GLY G 50 36.86 27.29 27.57
N ILE G 51 35.73 26.63 27.33
CA ILE G 51 35.70 25.18 27.23
C ILE G 51 34.44 24.78 26.47
N ILE G 52 34.50 23.61 25.85
CA ILE G 52 33.33 22.95 25.27
C ILE G 52 33.04 21.71 26.11
N PRO G 53 31.92 21.65 26.84
CA PRO G 53 31.69 20.51 27.73
C PRO G 53 31.72 19.17 27.02
N LEU G 54 31.35 19.13 25.75
CA LEU G 54 31.41 17.88 25.00
C LEU G 54 32.83 17.34 24.93
N PHE G 55 33.80 18.21 24.67
CA PHE G 55 35.18 17.79 24.49
C PHE G 55 36.01 17.88 25.76
N GLY G 56 35.62 18.71 26.72
CA GLY G 56 36.31 18.78 27.99
C GLY G 56 37.73 19.28 27.91
N SER G 57 38.11 19.94 26.82
CA SER G 57 39.44 20.52 26.65
C SER G 57 39.31 22.03 26.74
N ALA G 58 39.64 22.59 27.90
CA ALA G 58 39.50 24.01 28.13
C ALA G 58 40.62 24.79 27.43
N ASN G 59 40.30 26.01 27.03
CA ASN G 59 41.25 26.93 26.44
C ASN G 59 41.32 28.18 27.29
N TYR G 60 42.53 28.67 27.54
CA TYR G 60 42.77 29.76 28.47
C TYR G 60 43.47 30.92 27.78
N ALA G 61 43.29 32.11 28.35
CA ALA G 61 44.04 33.27 27.92
C ALA G 61 45.47 33.18 28.42
N GLN G 62 46.37 33.88 27.73
CA GLN G 62 47.78 33.82 28.08
C GLN G 62 48.02 34.29 29.51
N LYS G 63 47.34 35.37 29.91
CA LYS G 63 47.53 35.90 31.26
C LYS G 63 47.09 34.89 32.31
N PHE G 64 45.96 34.21 32.08
CA PHE G 64 45.42 33.23 33.02
C PHE G 64 45.81 31.81 32.66
N GLN G 65 46.89 31.63 31.91
CA GLN G 65 47.23 30.30 31.40
C GLN G 65 47.53 29.33 32.53
N GLY G 66 48.23 29.79 33.56
CA GLY G 66 48.71 28.89 34.60
C GLY G 66 47.90 28.87 35.87
N ARG G 67 47.35 30.02 36.26
CA ARG G 67 46.70 30.16 37.56
C ARG G 67 45.23 29.76 37.56
N VAL G 68 44.68 29.37 36.41
CA VAL G 68 43.25 29.07 36.30
C VAL G 68 43.08 27.70 35.65
N THR G 69 42.11 26.94 36.15
CA THR G 69 41.72 25.66 35.56
C THR G 69 40.21 25.65 35.42
N ILE G 70 39.72 25.53 34.18
CA ILE G 70 38.29 25.53 33.89
C ILE G 70 37.89 24.11 33.50
N THR G 71 36.84 23.61 34.13
CA THR G 71 36.30 22.28 33.84
C THR G 71 34.80 22.40 33.63
N ALA G 72 34.23 21.44 32.89
CA ALA G 72 32.80 21.39 32.66
C ALA G 72 32.29 19.98 32.90
N ASP G 73 31.16 19.87 33.57
CA ASP G 73 30.51 18.60 33.85
C ASP G 73 29.16 18.59 33.15
N GLU G 74 28.98 17.65 32.22
CA GLU G 74 27.73 17.56 31.48
C GLU G 74 26.62 16.93 32.30
N SER G 75 26.97 16.01 33.21
CA SER G 75 25.96 15.31 33.98
C SER G 75 25.09 16.29 34.78
N THR G 76 25.73 17.25 35.45
CA THR G 76 25.02 18.28 36.19
C THR G 76 24.94 19.61 35.44
N SER G 77 25.44 19.66 34.21
CA SER G 77 25.38 20.88 33.40
C SER G 77 25.99 22.06 34.14
N THR G 78 27.18 21.86 34.72
CA THR G 78 27.82 22.87 35.55
C THR G 78 29.25 23.08 35.10
N ALA G 79 29.64 24.34 34.92
CA ALA G 79 31.00 24.71 34.58
C ALA G 79 31.67 25.30 35.81
N TYR G 80 32.81 24.72 36.19
CA TYR G 80 33.58 25.17 37.33
C TYR G 80 34.86 25.85 36.87
N MET G 81 35.29 26.85 37.63
CA MET G 81 36.53 27.57 37.37
C MET G 81 37.29 27.70 38.69
N GLU G 82 38.45 27.07 38.78
CA GLU G 82 39.26 27.07 39.99
C GLU G 82 40.51 27.91 39.73
N MET G 83 40.64 29.01 40.46
CA MET G 83 41.81 29.87 40.38
C MET G 83 42.66 29.63 41.62
N THR G 84 43.93 29.28 41.40
CA THR G 84 44.87 28.99 42.47
C THR G 84 45.90 30.10 42.59
N SER G 85 46.53 30.18 43.76
CA SER G 85 47.52 31.20 44.06
C SER G 85 46.91 32.60 43.88
N LEU G 86 45.86 32.85 44.66
CA LEU G 86 45.16 34.12 44.57
C LEU G 86 46.06 35.29 44.97
N ARG G 87 45.92 36.40 44.26
CA ARG G 87 46.65 37.63 44.54
C ARG G 87 45.67 38.78 44.64
N SER G 88 46.16 39.92 45.14
CA SER G 88 45.31 41.09 45.28
C SER G 88 44.75 41.55 43.94
N GLU G 89 45.44 41.22 42.85
CA GLU G 89 44.97 41.61 41.51
C GLU G 89 43.83 40.75 41.01
N ASP G 90 43.52 39.64 41.69
CA ASP G 90 42.44 38.74 41.27
C ASP G 90 41.08 39.19 41.78
N THR G 91 41.00 40.23 42.60
CA THR G 91 39.72 40.74 43.07
C THR G 91 38.96 41.34 41.90
N ALA G 92 37.87 40.72 41.50
CA ALA G 92 37.16 41.15 40.30
C ALA G 92 35.76 40.55 40.26
N VAL G 93 34.98 41.04 39.32
CA VAL G 93 33.66 40.47 39.02
C VAL G 93 33.84 39.48 37.87
N TYR G 94 33.72 38.20 38.17
CA TYR G 94 33.80 37.15 37.17
C TYR G 94 32.41 36.88 36.60
N TYR G 95 32.38 36.37 35.38
CA TYR G 95 31.15 36.02 34.69
C TYR G 95 31.30 34.66 34.05
N CYS G 96 30.18 34.13 33.56
CA CYS G 96 30.20 32.94 32.70
C CYS G 96 29.23 33.18 31.56
N ALA G 97 29.77 33.38 30.36
CA ALA G 97 28.99 33.58 29.15
C ALA G 97 29.02 32.30 28.32
N LYS G 98 27.86 31.84 27.90
CA LYS G 98 27.71 30.60 27.16
C LYS G 98 27.08 30.90 25.81
N VAL G 99 27.64 30.29 24.76
CA VAL G 99 27.15 30.45 23.40
C VAL G 99 26.81 29.06 22.86
N SER G 100 25.54 28.84 22.56
CA SER G 100 25.13 27.59 21.94
C SER G 100 25.51 27.59 20.46
N GLN G 101 25.81 26.40 19.94
CA GLN G 101 26.17 26.27 18.54
C GLN G 101 24.98 26.48 17.61
N TRP G 102 23.76 26.54 18.14
CA TRP G 102 22.56 26.72 17.33
C TRP G 102 22.06 28.17 17.36
N ALA G 103 22.82 29.09 17.92
CA ALA G 103 22.42 30.48 18.00
C ALA G 103 23.65 31.35 18.18
N LEU G 104 23.54 32.60 17.73
CA LEU G 104 24.63 33.56 17.86
C LEU G 104 24.53 34.39 19.13
N ILE G 105 23.35 34.45 19.75
CA ILE G 105 23.21 35.21 20.98
C ILE G 105 24.08 34.61 22.08
N LEU G 106 24.41 35.43 23.07
CA LEU G 106 25.23 35.01 24.20
C LEU G 106 24.39 35.02 25.47
N PHE G 107 24.60 34.01 26.31
CA PHE G 107 23.90 33.87 27.58
C PHE G 107 24.87 34.15 28.71
N TRP G 108 24.55 35.14 29.54
CA TRP G 108 25.42 35.60 30.61
C TRP G 108 24.84 35.25 31.97
N GLY G 109 25.72 34.92 32.90
CA GLY G 109 25.33 34.73 34.29
C GLY G 109 25.16 36.06 35.00
N GLN G 110 24.74 35.98 36.27
CA GLN G 110 24.48 37.19 37.03
C GLN G 110 25.74 37.85 37.56
N GLY G 111 26.90 37.19 37.46
CA GLY G 111 28.14 37.77 37.94
C GLY G 111 28.47 37.37 39.36
N THR G 112 29.72 37.03 39.61
CA THR G 112 30.20 36.62 40.92
C THR G 112 31.34 37.54 41.34
N LEU G 113 31.22 38.15 42.51
CA LEU G 113 32.23 39.06 43.03
C LEU G 113 33.20 38.27 43.90
N VAL G 114 34.49 38.32 43.56
CA VAL G 114 35.53 37.65 44.33
C VAL G 114 36.50 38.72 44.82
N THR G 115 36.72 38.76 46.13
CA THR G 115 37.58 39.74 46.76
C THR G 115 38.75 39.04 47.45
N VAL G 116 39.95 39.47 47.11
CA VAL G 116 41.18 38.91 47.67
C VAL G 116 41.77 39.93 48.63
N SER G 117 41.78 39.60 49.92
CA SER G 117 42.31 40.50 50.94
C SER G 117 42.70 39.67 52.16
N SER G 118 43.83 40.02 52.76
CA SER G 118 44.31 39.31 53.95
C SER G 118 43.68 39.83 55.24
N ALA G 119 42.98 40.96 55.19
CA ALA G 119 42.36 41.54 56.37
C ALA G 119 40.99 40.92 56.60
N SER G 120 40.28 41.43 57.60
CA SER G 120 38.94 40.96 57.93
C SER G 120 37.99 42.14 58.12
N THR G 121 36.77 41.87 58.57
CA THR G 121 35.80 42.94 58.77
C THR G 121 36.31 43.89 59.84
N LYS G 122 36.20 45.19 59.56
CA LYS G 122 36.64 46.23 60.48
C LYS G 122 35.71 47.42 60.39
N GLY G 123 35.46 48.05 61.54
CA GLY G 123 34.61 49.22 61.60
C GLY G 123 35.26 50.42 60.93
N PRO G 124 34.45 51.28 60.32
CA PRO G 124 35.01 52.46 59.65
C PRO G 124 35.47 53.52 60.66
N SER G 125 36.39 54.37 60.21
CA SER G 125 36.85 55.51 60.97
C SER G 125 36.48 56.78 60.20
N VAL G 126 35.69 57.64 60.82
CA VAL G 126 35.17 58.85 60.19
C VAL G 126 35.86 60.06 60.78
N PHE G 127 36.46 60.87 59.91
CA PHE G 127 37.11 62.11 60.34
C PHE G 127 36.52 63.28 59.57
N PRO G 128 35.92 64.27 60.23
CA PRO G 128 35.37 65.41 59.48
C PRO G 128 36.47 66.29 58.93
N LEU G 129 36.16 66.95 57.81
CA LEU G 129 37.08 67.89 57.17
C LEU G 129 36.52 69.30 57.43
N ALA G 130 37.12 70.00 58.38
CA ALA G 130 36.63 71.32 58.75
C ALA G 130 36.86 72.29 57.60
N PRO G 131 35.83 72.97 57.10
CA PRO G 131 36.05 73.93 56.02
C PRO G 131 36.92 75.09 56.46
N SER G 132 37.72 75.59 55.54
CA SER G 132 38.61 76.71 55.83
C SER G 132 37.79 77.98 56.07
N SER G 133 38.21 78.77 57.06
CA SER G 133 37.52 80.02 57.38
C SER G 133 37.91 81.16 56.46
N LYS G 134 38.96 80.99 55.65
CA LYS G 134 39.40 82.04 54.73
C LYS G 134 39.50 81.60 53.28
N SER G 135 39.68 80.31 53.00
CA SER G 135 39.80 79.83 51.63
C SER G 135 38.41 79.54 51.04
N THR G 136 37.62 80.61 50.96
CA THR G 136 36.28 80.53 50.40
C THR G 136 36.32 80.77 48.89
N SER G 137 35.57 79.96 48.15
CA SER G 137 35.52 80.05 46.70
C SER G 137 34.26 80.82 46.30
N GLY G 138 34.37 82.16 46.35
CA GLY G 138 33.25 83.01 45.99
C GLY G 138 32.04 82.82 46.88
N GLY G 139 32.26 82.69 48.18
CA GLY G 139 31.17 82.53 49.12
C GLY G 139 30.69 81.11 49.30
N THR G 140 31.27 80.14 48.59
CA THR G 140 30.89 78.74 48.69
C THR G 140 32.01 77.96 49.38
N ALA G 141 31.64 77.23 50.43
CA ALA G 141 32.59 76.41 51.18
C ALA G 141 32.24 74.95 51.04
N ALA G 142 33.25 74.11 50.86
CA ALA G 142 33.09 72.68 50.75
C ALA G 142 33.48 72.02 52.06
N LEU G 143 32.68 71.05 52.51
CA LEU G 143 32.97 70.33 53.74
C LEU G 143 32.49 68.89 53.59
N GLY G 144 33.19 67.98 54.26
CA GLY G 144 32.87 66.58 54.07
C GLY G 144 33.39 65.73 55.23
N CYS G 145 33.27 64.43 55.04
CA CYS G 145 33.75 63.45 56.00
C CYS G 145 34.56 62.39 55.29
N LEU G 146 35.76 62.11 55.82
CA LEU G 146 36.66 61.11 55.28
C LEU G 146 36.47 59.81 56.05
N VAL G 147 35.94 58.80 55.37
CA VAL G 147 35.79 57.47 55.96
C VAL G 147 36.99 56.65 55.50
N LYS G 148 37.69 56.05 56.45
CA LYS G 148 38.93 55.34 56.17
C LYS G 148 39.00 54.08 57.02
N ASP G 149 39.77 53.11 56.53
CA ASP G 149 40.09 51.92 57.32
C ASP G 149 38.82 51.13 57.66
N TYR G 150 38.08 50.78 56.61
CA TYR G 150 36.87 49.99 56.75
C TYR G 150 36.90 48.86 55.71
N PHE G 151 36.28 47.74 56.09
CA PHE G 151 36.28 46.56 55.23
C PHE G 151 35.22 45.60 55.72
N PRO G 152 34.47 44.92 54.84
CA PRO G 152 34.47 45.05 53.38
C PRO G 152 33.47 46.09 52.88
N GLU G 153 33.35 46.22 51.56
CA GLU G 153 32.36 47.11 50.98
C GLU G 153 30.96 46.54 51.18
N PRO G 154 29.92 47.40 51.10
CA PRO G 154 29.94 48.86 50.93
C PRO G 154 29.57 49.61 52.21
N VAL G 155 29.62 50.94 52.15
CA VAL G 155 29.15 51.79 53.24
C VAL G 155 28.24 52.85 52.64
N THR G 156 27.28 53.31 53.44
CA THR G 156 26.32 54.32 53.02
C THR G 156 26.57 55.61 53.79
N VAL G 157 26.69 56.72 53.05
CA VAL G 157 26.98 58.03 53.62
C VAL G 157 25.81 58.96 53.31
N SER G 158 25.28 59.61 54.35
CA SER G 158 24.20 60.57 54.21
C SER G 158 24.52 61.80 55.04
N TRP G 159 23.85 62.90 54.71
CA TRP G 159 24.02 64.17 55.42
C TRP G 159 22.70 64.58 56.05
N ASN G 160 22.76 64.87 57.35
CA ASN G 160 21.57 65.28 58.10
C ASN G 160 20.45 64.26 57.95
N SER G 161 20.80 62.97 58.01
CA SER G 161 19.84 61.89 57.86
C SER G 161 19.07 62.01 56.55
N GLY G 162 19.77 62.38 55.47
CA GLY G 162 19.18 62.53 54.17
C GLY G 162 18.55 63.89 53.90
N ALA G 163 18.55 64.79 54.88
CA ALA G 163 17.97 66.11 54.66
C ALA G 163 18.83 66.99 53.77
N LEU G 164 20.13 66.68 53.64
CA LEU G 164 21.06 67.44 52.80
C LEU G 164 21.50 66.52 51.67
N THR G 165 21.00 66.78 50.46
CA THR G 165 21.33 65.99 49.29
C THR G 165 21.90 66.79 48.14
N SER G 166 21.50 68.05 47.98
CA SER G 166 22.00 68.87 46.89
C SER G 166 23.48 69.15 47.08
N GLY G 167 24.26 68.99 46.01
CA GLY G 167 25.68 69.24 46.06
C GLY G 167 26.50 68.18 46.75
N VAL G 168 25.90 67.05 47.12
CA VAL G 168 26.60 65.98 47.82
C VAL G 168 27.24 65.06 46.80
N HIS G 169 28.55 64.84 46.94
CA HIS G 169 29.30 63.93 46.08
C HIS G 169 30.06 62.95 46.98
N THR G 170 29.71 61.68 46.87
CA THR G 170 30.40 60.61 47.60
C THR G 170 31.37 59.92 46.64
N PHE G 171 32.66 60.20 46.80
CA PHE G 171 33.65 59.66 45.89
C PHE G 171 33.75 58.14 46.06
N PRO G 172 33.95 57.39 44.98
CA PRO G 172 34.09 55.93 45.12
C PRO G 172 35.33 55.55 45.91
N ALA G 173 35.22 54.44 46.64
CA ALA G 173 36.31 54.00 47.48
C ALA G 173 37.45 53.43 46.63
N VAL G 174 38.65 53.44 47.22
CA VAL G 174 39.84 52.88 46.60
C VAL G 174 40.54 51.98 47.60
N LEU G 175 41.05 50.86 47.13
CA LEU G 175 41.70 49.88 47.99
C LEU G 175 43.11 50.35 48.30
N GLN G 176 43.37 50.64 49.57
CA GLN G 176 44.69 51.09 49.99
C GLN G 176 45.64 49.92 50.13
N SER G 177 46.93 50.23 50.26
CA SER G 177 47.95 49.19 50.41
C SER G 177 47.79 48.42 51.71
N SER G 178 47.05 48.95 52.68
CA SER G 178 46.85 48.29 53.96
C SER G 178 45.73 47.26 53.92
N GLY G 179 45.03 47.11 52.79
CA GLY G 179 43.94 46.17 52.69
C GLY G 179 42.61 46.68 53.19
N LEU G 180 42.54 47.94 53.63
CA LEU G 180 41.31 48.54 54.13
C LEU G 180 40.89 49.67 53.20
N TYR G 181 39.60 49.72 52.90
CA TYR G 181 39.09 50.70 51.95
C TYR G 181 38.92 52.07 52.61
N SER G 182 38.74 53.08 51.76
CA SER G 182 38.51 54.45 52.22
C SER G 182 37.84 55.23 51.11
N LEU G 183 36.93 56.11 51.50
CA LEU G 183 36.27 57.02 50.57
C LEU G 183 36.03 58.36 51.27
N SER G 184 35.63 59.34 50.48
CA SER G 184 35.33 60.67 50.97
C SER G 184 34.02 61.14 50.39
N SER G 185 33.19 61.76 51.21
CA SER G 185 31.93 62.36 50.79
C SER G 185 31.91 63.81 51.20
N VAL G 186 31.70 64.70 50.22
CA VAL G 186 31.76 66.14 50.44
C VAL G 186 30.46 66.78 49.97
N VAL G 187 30.24 68.00 50.43
CA VAL G 187 29.07 68.79 50.06
C VAL G 187 29.47 70.26 50.03
N THR G 188 28.93 70.99 49.07
CA THR G 188 29.19 72.42 48.91
C THR G 188 28.01 73.20 49.45
N VAL G 189 28.27 74.12 50.38
CA VAL G 189 27.22 74.93 50.99
C VAL G 189 27.69 76.38 51.04
N PRO G 190 26.78 77.36 51.09
CA PRO G 190 27.22 78.75 51.21
C PRO G 190 28.06 78.95 52.46
N SER G 191 29.11 79.77 52.34
CA SER G 191 29.99 80.02 53.48
C SER G 191 29.28 80.74 54.60
N SER G 192 28.21 81.49 54.30
CA SER G 192 27.47 82.20 55.34
C SER G 192 26.73 81.25 56.28
N SER G 193 26.45 80.03 55.84
CA SER G 193 25.72 79.06 56.64
C SER G 193 26.62 78.18 57.50
N LEU G 194 27.94 78.39 57.45
CA LEU G 194 28.85 77.57 58.25
C LEU G 194 28.59 77.78 59.73
N GLY G 195 28.40 79.02 60.16
CA GLY G 195 28.13 79.34 61.55
C GLY G 195 26.67 79.25 61.95
N THR G 196 25.78 78.94 61.02
CA THR G 196 24.34 78.87 61.29
C THR G 196 23.78 77.47 61.11
N GLN G 197 24.11 76.81 60.01
CA GLN G 197 23.60 75.47 59.71
C GLN G 197 24.59 74.42 60.19
N THR G 198 24.08 73.44 60.93
CA THR G 198 24.90 72.33 61.43
C THR G 198 24.81 71.16 60.47
N TYR G 199 25.95 70.62 60.09
CA TYR G 199 26.03 69.49 59.17
C TYR G 199 26.56 68.27 59.92
N ILE G 200 25.89 67.14 59.77
CA ILE G 200 26.29 65.89 60.39
C ILE G 200 26.29 64.80 59.32
N CYS G 201 27.40 64.07 59.22
CA CYS G 201 27.53 62.97 58.29
C CYS G 201 27.27 61.66 59.02
N ASN G 202 26.35 60.86 58.48
CA ASN G 202 25.99 59.55 59.00
C ASN G 202 26.57 58.50 58.05
N VAL G 203 27.42 57.64 58.59
CA VAL G 203 28.08 56.59 57.83
C VAL G 203 27.67 55.24 58.43
N ASN G 204 27.14 54.36 57.58
CA ASN G 204 26.69 53.05 58.01
C ASN G 204 27.49 51.98 57.28
N HIS G 205 27.98 51.00 58.05
CA HIS G 205 28.76 49.88 57.55
C HIS G 205 28.02 48.63 58.01
N LYS G 206 27.14 48.11 57.14
CA LYS G 206 26.32 46.97 57.51
C LYS G 206 27.14 45.72 57.81
N PRO G 207 28.15 45.35 57.00
CA PRO G 207 28.93 44.16 57.34
C PRO G 207 29.52 44.21 58.74
N SER G 208 29.99 45.37 59.18
CA SER G 208 30.46 45.55 60.55
C SER G 208 29.36 46.04 61.49
N ASN G 209 28.17 46.34 60.96
CA ASN G 209 27.06 46.81 61.77
C ASN G 209 27.46 48.03 62.60
N THR G 210 28.19 48.94 61.98
CA THR G 210 28.74 50.11 62.66
C THR G 210 28.14 51.38 62.06
N LYS G 211 27.58 52.23 62.92
CA LYS G 211 26.98 53.50 62.51
C LYS G 211 27.70 54.63 63.22
N VAL G 212 28.19 55.60 62.46
CA VAL G 212 28.92 56.74 62.99
C VAL G 212 28.24 58.02 62.51
N ASP G 213 27.87 58.88 63.46
CA ASP G 213 27.22 60.15 63.16
C ASP G 213 28.12 61.26 63.69
N LYS G 214 28.87 61.90 62.81
CA LYS G 214 29.87 62.88 63.19
C LYS G 214 29.52 64.26 62.65
N LYS G 215 29.67 65.27 63.51
CA LYS G 215 29.32 66.64 63.15
C LYS G 215 30.53 67.36 62.57
N VAL G 216 30.30 68.16 61.53
CA VAL G 216 31.34 68.95 60.88
C VAL G 216 31.17 70.41 61.33
N GLU G 217 32.24 70.99 61.85
CA GLU G 217 32.23 72.37 62.32
C GLU G 217 33.41 73.13 61.73
N PRO G 218 33.29 74.44 61.56
CA PRO G 218 34.42 75.23 61.06
C PRO G 218 35.61 75.15 61.99
N LYS G 219 36.80 75.18 61.41
CA LYS G 219 38.03 75.14 62.18
C LYS G 219 38.33 76.49 62.81
N ALA H 1 -26.98 37.29 -41.48
CA ALA H 1 -26.30 37.52 -40.18
C ALA H 1 -27.25 38.16 -39.18
N ILE H 2 -27.03 37.88 -37.90
CA ILE H 2 -27.87 38.45 -36.85
C ILE H 2 -27.69 39.95 -36.83
N ARG H 3 -28.79 40.68 -36.74
CA ARG H 3 -28.78 42.15 -36.69
C ARG H 3 -29.25 42.61 -35.33
N MET H 4 -28.45 43.46 -34.69
CA MET H 4 -28.77 44.03 -33.39
C MET H 4 -29.21 45.48 -33.59
N THR H 5 -30.44 45.78 -33.21
CA THR H 5 -31.01 47.11 -33.37
C THR H 5 -31.38 47.66 -32.00
N GLN H 6 -30.86 48.84 -31.66
CA GLN H 6 -31.10 49.43 -30.36
C GLN H 6 -32.33 50.33 -30.38
N SER H 7 -32.83 50.64 -29.19
CA SER H 7 -33.99 51.51 -29.05
C SER H 7 -34.01 52.11 -27.66
N PRO H 8 -34.41 53.38 -27.50
CA PRO H 8 -34.75 54.33 -28.56
C PRO H 8 -33.50 54.88 -29.23
N GLY H 9 -33.64 55.51 -30.41
CA GLY H 9 -32.48 56.05 -31.08
C GLY H 9 -31.73 57.05 -30.22
N THR H 10 -32.45 57.94 -29.55
CA THR H 10 -31.85 58.89 -28.63
C THR H 10 -32.71 58.97 -27.38
N LEU H 11 -32.07 58.92 -26.22
CA LEU H 11 -32.76 58.95 -24.93
C LEU H 11 -32.46 60.28 -24.25
N SER H 12 -33.50 61.01 -23.90
CA SER H 12 -33.38 62.29 -23.21
C SER H 12 -33.99 62.14 -21.82
N LEU H 13 -33.18 62.40 -20.80
CA LEU H 13 -33.61 62.26 -19.41
C LEU H 13 -32.83 63.27 -18.55
N SER H 14 -33.21 63.32 -17.28
CA SER H 14 -32.56 64.19 -16.31
C SER H 14 -31.77 63.36 -15.29
N PRO H 15 -30.74 63.93 -14.67
CA PRO H 15 -29.98 63.18 -13.68
C PRO H 15 -30.88 62.68 -12.55
N GLY H 16 -30.61 61.46 -12.09
CA GLY H 16 -31.39 60.84 -11.05
C GLY H 16 -32.58 60.03 -11.53
N GLU H 17 -32.88 60.07 -12.82
CA GLU H 17 -33.99 59.30 -13.38
C GLU H 17 -33.51 57.88 -13.70
N ARG H 18 -34.32 57.13 -14.44
CA ARG H 18 -34.03 55.75 -14.80
C ARG H 18 -33.91 55.66 -16.31
N ALA H 19 -32.78 55.17 -16.80
CA ALA H 19 -32.54 54.98 -18.22
C ALA H 19 -32.68 53.50 -18.57
N THR H 20 -33.43 53.23 -19.64
CA THR H 20 -33.68 51.86 -20.10
C THR H 20 -33.42 51.80 -21.59
N LEU H 21 -32.36 51.09 -21.98
CA LEU H 21 -32.03 50.88 -23.39
C LEU H 21 -32.34 49.44 -23.75
N SER H 22 -32.84 49.23 -24.97
CA SER H 22 -33.21 47.91 -25.43
C SER H 22 -32.43 47.56 -26.69
N CYS H 23 -32.26 46.25 -26.91
CA CYS H 23 -31.48 45.74 -28.02
C CYS H 23 -32.23 44.52 -28.56
N ARG H 24 -32.61 44.60 -29.84
CA ARG H 24 -33.41 43.59 -30.50
C ARG H 24 -32.53 42.79 -31.44
N ALA H 25 -32.58 41.47 -31.34
CA ALA H 25 -31.82 40.57 -32.18
C ALA H 25 -32.75 39.92 -33.20
N SER H 26 -32.35 39.92 -34.47
CA SER H 26 -33.18 39.32 -35.51
C SER H 26 -33.41 37.84 -35.24
N GLN H 27 -32.47 37.18 -34.58
CA GLN H 27 -32.57 35.77 -34.27
C GLN H 27 -32.39 35.56 -32.77
N SER H 28 -32.57 34.32 -32.33
CA SER H 28 -32.39 33.97 -30.93
C SER H 28 -30.90 34.04 -30.59
N VAL H 29 -30.52 35.03 -29.79
CA VAL H 29 -29.12 35.25 -29.42
C VAL H 29 -28.91 34.77 -27.99
N SER H 30 -27.91 33.91 -27.80
CA SER H 30 -27.60 33.44 -26.47
C SER H 30 -27.28 34.60 -25.54
N SER H 31 -27.87 34.55 -24.34
CA SER H 31 -27.68 35.63 -23.37
C SER H 31 -26.26 35.64 -22.81
N SER H 32 -25.51 34.56 -22.95
CA SER H 32 -24.15 34.50 -22.43
C SER H 32 -23.18 35.36 -23.23
N TYR H 33 -23.56 35.79 -24.43
CA TYR H 33 -22.66 36.50 -25.33
C TYR H 33 -23.28 37.83 -25.76
N LEU H 34 -23.79 38.59 -24.80
CA LEU H 34 -24.31 39.93 -25.05
C LEU H 34 -23.54 40.91 -24.17
N ALA H 35 -23.01 41.96 -24.79
CA ALA H 35 -22.21 42.94 -24.08
C ALA H 35 -22.78 44.34 -24.29
N TRP H 36 -22.56 45.19 -23.29
CA TRP H 36 -22.98 46.59 -23.32
C TRP H 36 -21.75 47.46 -23.11
N TYR H 37 -21.49 48.34 -24.08
CA TYR H 37 -20.35 49.26 -24.07
C TYR H 37 -20.85 50.69 -23.93
N GLN H 38 -20.13 51.48 -23.15
CA GLN H 38 -20.34 52.93 -23.04
C GLN H 38 -19.16 53.63 -23.69
N GLN H 39 -19.44 54.57 -24.59
CA GLN H 39 -18.43 55.35 -25.27
C GLN H 39 -18.77 56.83 -25.12
N LYS H 40 -17.97 57.54 -24.34
CA LYS H 40 -18.02 58.99 -24.34
C LYS H 40 -17.24 59.52 -25.53
N PRO H 41 -17.59 60.71 -26.03
CA PRO H 41 -16.90 61.22 -27.22
C PRO H 41 -15.40 61.36 -26.99
N GLY H 42 -14.63 60.98 -28.02
CA GLY H 42 -13.20 61.10 -27.97
C GLY H 42 -12.48 60.03 -27.17
N GLN H 43 -13.16 58.93 -26.83
CA GLN H 43 -12.56 57.85 -26.05
C GLN H 43 -12.91 56.51 -26.66
N ALA H 44 -12.04 55.53 -26.43
CA ALA H 44 -12.30 54.18 -26.92
C ALA H 44 -13.47 53.57 -26.15
N PRO H 45 -14.17 52.61 -26.75
CA PRO H 45 -15.33 52.02 -26.06
C PRO H 45 -14.94 51.42 -24.73
N ARG H 46 -15.82 51.58 -23.75
CA ARG H 46 -15.61 51.08 -22.39
C ARG H 46 -16.66 50.00 -22.13
N LEU H 47 -16.20 48.78 -21.88
CA LEU H 47 -17.12 47.68 -21.61
C LEU H 47 -17.79 47.89 -20.28
N LEU H 48 -19.12 47.75 -20.26
CA LEU H 48 -19.90 47.85 -19.04
C LEU H 48 -20.43 46.49 -18.61
N ILE H 49 -21.11 45.79 -19.51
CA ILE H 49 -21.76 44.52 -19.19
C ILE H 49 -21.24 43.44 -20.14
N TYR H 50 -20.99 42.25 -19.60
CA TYR H 50 -20.73 41.07 -20.41
C TYR H 50 -21.56 39.91 -19.85
N GLY H 51 -21.82 38.92 -20.69
CA GLY H 51 -22.76 37.90 -20.33
C GLY H 51 -24.19 38.38 -20.20
N ALA H 52 -24.44 39.63 -20.61
CA ALA H 52 -25.76 40.25 -20.57
C ALA H 52 -26.19 40.64 -19.16
N SER H 53 -25.43 40.22 -18.13
CA SER H 53 -25.77 40.59 -16.77
C SER H 53 -24.57 40.87 -15.87
N SER H 54 -23.34 40.72 -16.33
CA SER H 54 -22.16 40.83 -15.47
C SER H 54 -21.51 42.19 -15.66
N ARG H 55 -21.35 42.92 -14.56
CA ARG H 55 -20.63 44.19 -14.60
C ARG H 55 -19.13 43.94 -14.66
N ALA H 56 -18.45 44.78 -15.44
CA ALA H 56 -17.00 44.67 -15.58
C ALA H 56 -16.33 45.25 -14.33
N THR H 57 -15.01 45.39 -14.37
CA THR H 57 -14.29 45.89 -13.22
C THR H 57 -14.52 47.40 -13.07
N GLY H 58 -14.89 47.81 -11.87
CA GLY H 58 -15.10 49.22 -11.58
C GLY H 58 -16.39 49.81 -12.11
N ILE H 59 -17.29 48.98 -12.62
CA ILE H 59 -18.57 49.50 -13.13
C ILE H 59 -19.49 49.79 -11.95
N PRO H 60 -20.06 50.99 -11.84
CA PRO H 60 -20.98 51.25 -10.74
C PRO H 60 -22.18 50.32 -10.79
N ASP H 61 -22.66 49.96 -9.60
CA ASP H 61 -23.75 49.00 -9.47
C ASP H 61 -25.07 49.51 -10.03
N ARG H 62 -25.18 50.80 -10.32
CA ARG H 62 -26.41 51.32 -10.91
C ARG H 62 -26.62 50.77 -12.32
N PHE H 63 -25.53 50.50 -13.05
CA PHE H 63 -25.63 49.81 -14.32
C PHE H 63 -26.04 48.36 -14.09
N SER H 64 -26.97 47.86 -14.89
CA SER H 64 -27.43 46.48 -14.74
C SER H 64 -28.05 46.02 -16.05
N GLY H 65 -27.52 44.93 -16.60
CA GLY H 65 -28.07 44.34 -17.80
C GLY H 65 -28.97 43.16 -17.48
N SER H 66 -29.84 42.83 -18.43
CA SER H 66 -30.76 41.72 -18.28
C SER H 66 -31.33 41.39 -19.65
N GLY H 67 -32.25 40.43 -19.69
CA GLY H 67 -32.89 40.06 -20.92
C GLY H 67 -32.40 38.72 -21.44
N SER H 68 -33.09 38.23 -22.48
CA SER H 68 -32.76 36.96 -23.08
C SER H 68 -33.40 36.89 -24.46
N GLY H 69 -33.13 35.79 -25.15
CA GLY H 69 -33.77 35.54 -26.43
C GLY H 69 -33.42 36.58 -27.46
N THR H 70 -34.39 37.44 -27.80
CA THR H 70 -34.19 38.50 -28.77
C THR H 70 -34.30 39.89 -28.17
N ASP H 71 -34.46 40.00 -26.85
CA ASP H 71 -34.59 41.29 -26.18
C ASP H 71 -33.58 41.37 -25.05
N PHE H 72 -32.68 42.36 -25.12
CA PHE H 72 -31.67 42.55 -24.08
C PHE H 72 -31.70 44.01 -23.63
N THR H 73 -31.78 44.23 -22.33
CA THR H 73 -32.06 45.54 -21.78
C THR H 73 -30.97 45.97 -20.80
N LEU H 74 -30.47 47.19 -20.97
CA LEU H 74 -29.59 47.83 -20.01
C LEU H 74 -30.38 48.84 -19.20
N THR H 75 -30.21 48.82 -17.88
CA THR H 75 -31.03 49.60 -16.96
C THR H 75 -30.12 50.39 -16.02
N ILE H 76 -29.90 51.66 -16.33
CA ILE H 76 -29.18 52.56 -15.44
C ILE H 76 -30.20 53.11 -14.44
N SER H 77 -30.10 52.68 -13.18
CA SER H 77 -31.12 53.02 -12.20
C SER H 77 -31.18 54.52 -11.95
N ARG H 78 -30.01 55.16 -11.76
CA ARG H 78 -29.94 56.58 -11.44
C ARG H 78 -28.90 57.23 -12.34
N LEU H 79 -29.35 57.99 -13.33
CA LEU H 79 -28.42 58.70 -14.20
C LEU H 79 -27.59 59.68 -13.39
N GLU H 80 -26.34 59.84 -13.79
CA GLU H 80 -25.41 60.81 -13.23
C GLU H 80 -24.75 61.54 -14.37
N PRO H 81 -24.13 62.69 -14.10
CA PRO H 81 -23.45 63.43 -15.17
C PRO H 81 -22.47 62.57 -15.96
N GLU H 82 -21.97 61.49 -15.38
CA GLU H 82 -21.06 60.60 -16.08
C GLU H 82 -21.77 59.56 -16.94
N ASP H 83 -23.08 59.38 -16.77
CA ASP H 83 -23.83 58.34 -17.46
C ASP H 83 -24.49 58.83 -18.75
N PHE H 84 -23.91 59.84 -19.40
CA PHE H 84 -24.45 60.40 -20.64
C PHE H 84 -23.41 60.18 -21.74
N ALA H 85 -23.62 59.17 -22.57
CA ALA H 85 -22.69 58.80 -23.63
C ALA H 85 -23.43 57.87 -24.58
N VAL H 86 -22.72 57.36 -25.58
CA VAL H 86 -23.32 56.48 -26.58
C VAL H 86 -23.15 55.03 -26.13
N TYR H 87 -24.24 54.28 -26.13
CA TYR H 87 -24.24 52.92 -25.63
C TYR H 87 -24.49 51.95 -26.77
N TYR H 88 -23.66 50.91 -26.84
CA TYR H 88 -23.76 49.88 -27.88
C TYR H 88 -24.02 48.52 -27.25
N CYS H 89 -24.79 47.70 -27.95
CA CYS H 89 -24.99 46.31 -27.59
C CYS H 89 -24.31 45.43 -28.63
N GLN H 90 -23.44 44.53 -28.17
CA GLN H 90 -22.66 43.66 -29.02
C GLN H 90 -23.09 42.22 -28.82
N GLN H 91 -23.43 41.55 -29.92
CA GLN H 91 -23.67 40.12 -29.94
C GLN H 91 -22.40 39.44 -30.44
N TYR H 92 -21.87 38.52 -29.65
CA TYR H 92 -20.60 37.87 -29.96
C TYR H 92 -20.72 36.39 -29.60
N GLY H 93 -19.59 35.71 -29.53
CA GLY H 93 -19.60 34.31 -29.17
C GLY H 93 -18.20 33.75 -29.23
N THR H 94 -18.12 32.42 -29.23
CA THR H 94 -16.86 31.71 -29.43
C THR H 94 -16.60 31.40 -30.89
N SER H 95 -17.31 32.06 -31.80
CA SER H 95 -17.09 31.96 -33.24
C SER H 95 -16.84 33.36 -33.80
N PRO H 96 -16.00 33.49 -34.83
CA PRO H 96 -15.69 34.83 -35.35
C PRO H 96 -16.86 35.43 -36.13
N SER H 97 -17.96 35.72 -35.42
CA SER H 97 -19.12 36.36 -36.05
C SER H 97 -19.79 37.24 -34.99
N TRP H 98 -19.43 38.52 -34.98
CA TRP H 98 -19.95 39.47 -34.01
C TRP H 98 -20.69 40.59 -34.73
N THR H 99 -21.53 41.30 -33.98
CA THR H 99 -22.25 42.45 -34.49
C THR H 99 -22.44 43.46 -33.36
N PHE H 100 -22.70 44.71 -33.75
CA PHE H 100 -22.92 45.79 -32.82
C PHE H 100 -24.27 46.46 -33.09
N GLY H 101 -24.83 47.09 -32.06
CA GLY H 101 -25.97 47.93 -32.25
C GLY H 101 -25.58 49.29 -32.81
N GLN H 102 -26.55 49.97 -33.43
CA GLN H 102 -26.25 51.24 -34.09
C GLN H 102 -25.87 52.33 -33.10
N GLY H 103 -26.20 52.16 -31.81
CA GLY H 103 -25.81 53.12 -30.81
C GLY H 103 -26.96 53.97 -30.30
N THR H 104 -27.08 54.09 -28.99
CA THR H 104 -28.09 54.92 -28.35
C THR H 104 -27.38 55.96 -27.48
N LYS H 105 -27.76 57.22 -27.65
CA LYS H 105 -27.13 58.34 -26.95
C LYS H 105 -28.08 58.84 -25.87
N VAL H 106 -27.55 58.98 -24.65
CA VAL H 106 -28.31 59.49 -23.51
C VAL H 106 -27.84 60.90 -23.24
N GLU H 107 -28.77 61.85 -23.27
CA GLU H 107 -28.44 63.27 -23.15
C GLU H 107 -29.25 63.90 -22.03
N ILE H 108 -28.84 65.10 -21.64
CA ILE H 108 -29.53 65.83 -20.58
C ILE H 108 -30.87 66.34 -21.10
N LYS H 109 -31.91 66.17 -20.29
CA LYS H 109 -33.23 66.70 -20.61
C LYS H 109 -33.34 68.11 -20.05
N ARG H 110 -33.48 69.09 -20.94
CA ARG H 110 -33.46 70.50 -20.57
C ARG H 110 -34.62 71.22 -21.24
N THR H 111 -34.98 72.37 -20.68
CA THR H 111 -35.99 73.21 -21.30
C THR H 111 -35.52 73.70 -22.66
N VAL H 112 -36.47 73.88 -23.58
CA VAL H 112 -36.14 74.29 -24.94
C VAL H 112 -35.47 75.66 -24.89
N ALA H 113 -34.36 75.79 -25.61
CA ALA H 113 -33.56 77.01 -25.64
C ALA H 113 -33.66 77.64 -27.01
N ALA H 114 -33.91 78.95 -27.04
CA ALA H 114 -34.00 79.67 -28.31
C ALA H 114 -32.60 79.83 -28.91
N PRO H 115 -32.37 79.40 -30.15
CA PRO H 115 -31.05 79.58 -30.75
C PRO H 115 -30.73 81.05 -30.94
N SER H 116 -29.43 81.37 -30.87
CA SER H 116 -28.93 82.70 -31.18
C SER H 116 -28.27 82.65 -32.55
N VAL H 117 -28.81 83.42 -33.50
CA VAL H 117 -28.39 83.36 -34.89
C VAL H 117 -27.43 84.50 -35.19
N PHE H 118 -26.28 84.17 -35.76
CA PHE H 118 -25.30 85.15 -36.21
C PHE H 118 -24.84 84.80 -37.62
N ILE H 119 -24.52 85.83 -38.40
CA ILE H 119 -23.97 85.65 -39.75
C ILE H 119 -22.74 86.51 -39.88
N PHE H 120 -21.68 85.95 -40.46
CA PHE H 120 -20.40 86.63 -40.57
C PHE H 120 -19.98 86.75 -42.03
N PRO H 121 -19.87 87.96 -42.58
CA PRO H 121 -19.37 88.09 -43.95
C PRO H 121 -17.95 87.61 -44.05
N PRO H 122 -17.54 87.07 -45.20
CA PRO H 122 -16.17 86.58 -45.34
C PRO H 122 -15.15 87.71 -45.25
N SER H 123 -13.98 87.38 -44.72
CA SER H 123 -12.91 88.36 -44.60
C SER H 123 -12.25 88.60 -45.95
N ASP H 124 -11.73 89.82 -46.12
CA ASP H 124 -11.09 90.17 -47.39
C ASP H 124 -9.84 89.35 -47.64
N GLU H 125 -9.02 89.14 -46.60
CA GLU H 125 -7.81 88.36 -46.78
C GLU H 125 -8.12 86.94 -47.24
N GLN H 126 -9.24 86.37 -46.78
CA GLN H 126 -9.67 85.08 -47.29
C GLN H 126 -10.10 85.17 -48.74
N LEU H 127 -10.75 86.28 -49.14
CA LEU H 127 -11.09 86.47 -50.53
C LEU H 127 -9.84 86.54 -51.40
N LYS H 128 -8.73 87.03 -50.85
CA LYS H 128 -7.49 87.09 -51.61
C LYS H 128 -7.02 85.71 -52.06
N SER H 129 -7.45 84.66 -51.36
CA SER H 129 -7.07 83.29 -51.71
C SER H 129 -8.01 82.66 -52.74
N GLY H 130 -9.04 83.39 -53.16
CA GLY H 130 -10.00 82.85 -54.11
C GLY H 130 -11.13 82.06 -53.51
N THR H 131 -11.15 81.86 -52.20
CA THR H 131 -12.19 81.12 -51.52
C THR H 131 -12.90 82.04 -50.53
N ALA H 132 -14.23 82.00 -50.53
CA ALA H 132 -15.06 82.77 -49.62
C ALA H 132 -15.88 81.83 -48.76
N SER H 133 -15.81 82.00 -47.45
CA SER H 133 -16.55 81.19 -46.50
C SER H 133 -17.49 82.07 -45.71
N VAL H 134 -18.76 81.70 -45.67
CA VAL H 134 -19.79 82.41 -44.91
C VAL H 134 -20.17 81.54 -43.72
N VAL H 135 -20.13 82.12 -42.53
CA VAL H 135 -20.34 81.41 -41.28
C VAL H 135 -21.69 81.82 -40.71
N CYS H 136 -22.56 80.84 -40.50
CA CYS H 136 -23.83 81.02 -39.81
C CYS H 136 -23.75 80.25 -38.49
N LEU H 137 -23.97 80.94 -37.38
CA LEU H 137 -23.77 80.40 -36.05
C LEU H 137 -25.10 80.33 -35.32
N LEU H 138 -25.44 79.13 -34.83
CA LEU H 138 -26.55 78.91 -33.91
C LEU H 138 -25.94 78.63 -32.55
N ASN H 139 -26.03 79.60 -31.64
CA ASN H 139 -25.36 79.54 -30.35
C ASN H 139 -26.38 79.26 -29.26
N ASN H 140 -26.06 78.30 -28.39
CA ASN H 140 -26.83 78.01 -27.18
C ASN H 140 -28.29 77.72 -27.50
N PHE H 141 -28.51 76.61 -28.22
CA PHE H 141 -29.84 76.15 -28.55
C PHE H 141 -30.01 74.70 -28.09
N TYR H 142 -31.27 74.33 -27.83
CA TYR H 142 -31.61 72.98 -27.38
C TYR H 142 -33.06 72.74 -27.75
N PRO H 143 -33.41 71.55 -28.26
CA PRO H 143 -32.56 70.38 -28.50
C PRO H 143 -31.65 70.54 -29.72
N ARG H 144 -30.80 69.53 -29.95
CA ARG H 144 -29.85 69.58 -31.05
C ARG H 144 -30.56 69.65 -32.40
N GLU H 145 -31.72 69.01 -32.52
CA GLU H 145 -32.40 68.92 -33.81
C GLU H 145 -32.77 70.30 -34.32
N ALA H 146 -32.13 70.72 -35.42
CA ALA H 146 -32.41 72.01 -36.03
C ALA H 146 -32.15 71.90 -37.52
N LYS H 147 -32.80 72.77 -38.29
CA LYS H 147 -32.68 72.81 -39.74
C LYS H 147 -32.08 74.15 -40.14
N VAL H 148 -30.99 74.11 -40.91
CA VAL H 148 -30.32 75.31 -41.39
C VAL H 148 -30.18 75.21 -42.89
N GLN H 149 -30.61 76.26 -43.61
CA GLN H 149 -30.51 76.28 -45.06
C GLN H 149 -29.92 77.61 -45.51
N TRP H 150 -29.17 77.57 -46.61
CA TRP H 150 -28.52 78.75 -47.18
C TRP H 150 -29.33 79.25 -48.37
N LYS H 151 -29.70 80.53 -48.33
CA LYS H 151 -30.41 81.18 -49.42
C LYS H 151 -29.56 82.32 -49.94
N VAL H 152 -29.09 82.20 -51.18
CA VAL H 152 -28.32 83.23 -51.86
C VAL H 152 -29.20 83.82 -52.95
N ASP H 153 -29.52 85.10 -52.82
CA ASP H 153 -30.43 85.76 -53.75
C ASP H 153 -31.76 85.01 -53.84
N ASN H 154 -32.26 84.59 -52.67
CA ASN H 154 -33.53 83.86 -52.58
C ASN H 154 -33.48 82.57 -53.39
N ALA H 155 -32.34 81.90 -53.39
CA ALA H 155 -32.16 80.63 -54.06
C ALA H 155 -31.56 79.62 -53.10
N LEU H 156 -32.19 78.45 -53.01
CA LEU H 156 -31.70 77.42 -52.09
C LEU H 156 -30.35 76.90 -52.54
N GLN H 157 -29.46 76.65 -51.58
CA GLN H 157 -28.12 76.15 -51.84
C GLN H 157 -27.97 74.77 -51.23
N SER H 158 -27.44 73.83 -52.01
CA SER H 158 -27.22 72.47 -51.56
C SER H 158 -25.89 71.96 -52.11
N GLY H 159 -25.27 71.05 -51.37
CA GLY H 159 -24.02 70.45 -51.78
C GLY H 159 -22.79 71.31 -51.55
N ASN H 160 -22.93 72.46 -50.91
CA ASN H 160 -21.80 73.36 -50.67
C ASN H 160 -21.78 73.88 -49.25
N SER H 161 -22.48 73.22 -48.31
CA SER H 161 -22.55 73.65 -46.93
C SER H 161 -22.14 72.50 -46.02
N GLN H 162 -21.36 72.82 -44.99
CA GLN H 162 -20.90 71.83 -44.02
C GLN H 162 -21.21 72.32 -42.62
N GLU H 163 -21.76 71.43 -41.78
CA GLU H 163 -22.23 71.79 -40.45
C GLU H 163 -21.47 71.00 -39.40
N SER H 164 -21.08 71.71 -38.32
CA SER H 164 -20.40 71.10 -37.18
C SER H 164 -21.22 71.38 -35.93
N VAL H 165 -21.35 70.35 -35.09
CA VAL H 165 -22.14 70.43 -33.86
C VAL H 165 -21.25 70.07 -32.69
N THR H 166 -21.27 70.91 -31.65
CA THR H 166 -20.51 70.64 -30.45
C THR H 166 -21.29 69.71 -29.52
N GLU H 167 -20.57 69.14 -28.55
CA GLU H 167 -21.21 68.26 -27.58
C GLU H 167 -22.05 69.08 -26.60
N GLN H 168 -23.02 68.39 -25.98
CA GLN H 168 -23.90 69.04 -25.02
C GLN H 168 -23.09 69.56 -23.85
N ASP H 169 -23.00 70.88 -23.72
CA ASP H 169 -22.20 71.47 -22.65
C ASP H 169 -22.78 71.12 -21.29
N SER H 170 -21.90 70.85 -20.33
CA SER H 170 -22.32 70.39 -19.01
C SER H 170 -22.95 71.49 -18.16
N LYS H 171 -22.79 72.76 -18.55
CA LYS H 171 -23.29 73.86 -17.72
C LYS H 171 -24.70 74.28 -18.13
N ASP H 172 -24.87 74.71 -19.38
CA ASP H 172 -26.16 75.17 -19.87
C ASP H 172 -26.96 74.09 -20.58
N SER H 173 -26.33 72.97 -20.93
CA SER H 173 -27.01 71.86 -21.60
C SER H 173 -27.68 72.33 -22.90
N THR H 174 -26.98 73.17 -23.65
CA THR H 174 -27.45 73.66 -24.93
C THR H 174 -26.42 73.38 -26.01
N TYR H 175 -26.88 72.95 -27.18
CA TYR H 175 -26.00 72.63 -28.29
C TYR H 175 -25.68 73.89 -29.09
N SER H 176 -24.68 73.76 -29.95
CA SER H 176 -24.26 74.83 -30.86
C SER H 176 -24.02 74.24 -32.24
N LEU H 177 -24.39 74.98 -33.27
CA LEU H 177 -24.29 74.50 -34.65
C LEU H 177 -23.65 75.58 -35.52
N SER H 178 -22.57 75.23 -36.20
CA SER H 178 -21.87 76.14 -37.08
C SER H 178 -22.01 75.64 -38.51
N SER H 179 -22.62 76.44 -39.37
CA SER H 179 -22.82 76.11 -40.79
C SER H 179 -21.87 76.98 -41.60
N THR H 180 -21.06 76.34 -42.44
CA THR H 180 -20.09 77.02 -43.28
C THR H 180 -20.47 76.81 -44.73
N LEU H 181 -20.62 77.91 -45.46
CA LEU H 181 -20.90 77.90 -46.89
C LEU H 181 -19.62 78.34 -47.60
N THR H 182 -18.96 77.41 -48.28
CA THR H 182 -17.70 77.66 -48.95
C THR H 182 -17.94 77.75 -50.45
N LEU H 183 -17.49 78.84 -51.07
CA LEU H 183 -17.65 79.06 -52.49
C LEU H 183 -16.38 79.67 -53.05
N SER H 184 -16.27 79.67 -54.37
CA SER H 184 -15.15 80.34 -55.02
C SER H 184 -15.34 81.85 -54.99
N LYS H 185 -14.23 82.58 -55.08
CA LYS H 185 -14.29 84.03 -55.11
C LYS H 185 -15.11 84.52 -56.30
N ALA H 186 -14.90 83.92 -57.47
CA ALA H 186 -15.63 84.33 -58.66
C ALA H 186 -17.13 84.16 -58.47
N ASP H 187 -17.55 83.03 -57.91
CA ASP H 187 -18.97 82.79 -57.66
C ASP H 187 -19.49 83.68 -56.54
N TYR H 188 -18.63 84.03 -55.59
CA TYR H 188 -19.07 84.88 -54.48
C TYR H 188 -19.52 86.24 -54.97
N GLU H 189 -18.79 86.82 -55.93
CA GLU H 189 -19.13 88.14 -56.45
C GLU H 189 -20.32 88.12 -57.40
N LYS H 190 -20.76 86.93 -57.84
CA LYS H 190 -21.92 86.85 -58.72
C LYS H 190 -23.24 87.10 -58.00
N HIS H 191 -23.22 87.17 -56.67
CA HIS H 191 -24.43 87.36 -55.89
C HIS H 191 -24.19 88.42 -54.83
N LYS H 192 -25.28 89.05 -54.39
CA LYS H 192 -25.22 90.15 -53.44
C LYS H 192 -25.79 89.80 -52.07
N VAL H 193 -26.89 89.06 -52.03
CA VAL H 193 -27.58 88.74 -50.78
C VAL H 193 -27.18 87.32 -50.37
N TYR H 194 -26.72 87.16 -49.14
CA TYR H 194 -26.40 85.85 -48.60
C TYR H 194 -27.07 85.72 -47.23
N ALA H 195 -27.95 84.73 -47.08
CA ALA H 195 -28.73 84.58 -45.86
C ALA H 195 -28.74 83.11 -45.44
N CYS H 196 -28.90 82.89 -44.14
CA CYS H 196 -29.10 81.56 -43.60
C CYS H 196 -30.38 81.52 -42.78
N GLU H 197 -31.27 80.61 -43.14
CA GLU H 197 -32.54 80.42 -42.45
C GLU H 197 -32.41 79.29 -41.45
N VAL H 198 -32.88 79.53 -40.23
CA VAL H 198 -32.82 78.58 -39.13
C VAL H 198 -34.25 78.25 -38.72
N THR H 199 -34.57 76.96 -38.69
CA THR H 199 -35.85 76.45 -38.21
C THR H 199 -35.55 75.55 -37.01
N HIS H 200 -36.21 75.86 -35.89
CA HIS H 200 -35.95 75.16 -34.64
C HIS H 200 -37.23 75.13 -33.82
N GLN H 201 -37.29 74.18 -32.89
CA GLN H 201 -38.48 74.03 -32.05
C GLN H 201 -38.70 75.27 -31.20
N GLY H 202 -37.63 75.83 -30.65
CA GLY H 202 -37.76 76.98 -29.76
C GLY H 202 -38.11 78.28 -30.46
N LEU H 203 -38.13 78.29 -31.79
CA LEU H 203 -38.49 79.48 -32.56
C LEU H 203 -39.89 79.33 -33.11
N SER H 204 -40.76 80.30 -32.81
CA SER H 204 -42.12 80.27 -33.33
C SER H 204 -42.11 80.34 -34.86
N SER H 205 -41.25 81.17 -35.42
CA SER H 205 -41.09 81.29 -36.87
C SER H 205 -39.62 81.16 -37.22
N PRO H 206 -39.31 80.72 -38.44
CA PRO H 206 -37.89 80.61 -38.83
C PRO H 206 -37.21 81.97 -38.75
N VAL H 207 -35.96 81.96 -38.32
CA VAL H 207 -35.17 83.18 -38.16
C VAL H 207 -34.08 83.18 -39.21
N THR H 208 -34.00 84.24 -40.00
CA THR H 208 -33.03 84.33 -41.08
C THR H 208 -32.18 85.57 -40.90
N LYS H 209 -30.87 85.40 -40.96
CA LYS H 209 -29.91 86.49 -40.95
C LYS H 209 -29.23 86.56 -42.30
N SER H 210 -29.15 87.76 -42.87
CA SER H 210 -28.64 87.97 -44.20
C SER H 210 -27.69 89.17 -44.22
N PHE H 211 -26.78 89.16 -45.18
CA PHE H 211 -25.87 90.28 -45.38
C PHE H 211 -25.67 90.53 -46.87
N ASN H 212 -25.33 91.77 -47.20
CA ASN H 212 -25.08 92.20 -48.56
C ASN H 212 -23.58 92.18 -48.83
N ARG H 213 -23.19 91.58 -49.95
CA ARG H 213 -21.77 91.50 -50.30
C ARG H 213 -21.18 92.90 -50.44
N GLY H 214 -20.03 93.11 -49.80
CA GLY H 214 -19.33 94.37 -49.86
C GLY H 214 -19.81 95.42 -48.87
N GLU H 215 -20.92 95.18 -48.18
CA GLU H 215 -21.44 96.15 -47.22
C GLU H 215 -20.59 96.14 -45.95
N CYS H 216 -20.62 97.28 -45.25
CA CYS H 216 -19.88 97.42 -44.00
C CYS H 216 -20.57 96.68 -42.88
N GLU I 1 -3.55 40.71 -16.28
CA GLU I 1 -3.37 39.39 -16.96
C GLU I 1 -3.28 39.56 -18.47
N VAL I 2 -4.42 39.45 -19.15
CA VAL I 2 -4.45 39.60 -20.59
C VAL I 2 -4.34 41.08 -20.95
N GLN I 3 -3.67 41.37 -22.06
CA GLN I 3 -3.46 42.74 -22.50
C GLN I 3 -3.17 42.72 -23.99
N LEU I 4 -3.88 43.56 -24.74
CA LEU I 4 -3.67 43.72 -26.18
C LEU I 4 -3.08 45.09 -26.45
N VAL I 5 -2.03 45.12 -27.26
CA VAL I 5 -1.39 46.37 -27.67
C VAL I 5 -1.31 46.38 -29.19
N GLN I 6 -1.90 47.38 -29.81
CA GLN I 6 -1.92 47.47 -31.26
C GLN I 6 -0.76 48.32 -31.77
N SER I 7 -0.50 48.23 -33.07
CA SER I 7 0.54 49.04 -33.69
C SER I 7 0.19 50.51 -33.58
N GLY I 8 1.15 51.36 -33.95
CA GLY I 8 0.95 52.78 -33.88
C GLY I 8 -0.01 53.29 -34.94
N ALA I 9 -0.51 54.50 -34.72
CA ALA I 9 -1.41 55.12 -35.68
C ALA I 9 -0.70 55.32 -37.01
N GLU I 10 -1.46 55.17 -38.09
CA GLU I 10 -0.91 55.19 -39.44
C GLU I 10 -1.56 56.28 -40.28
N VAL I 11 -0.77 56.88 -41.16
CA VAL I 11 -1.26 57.85 -42.14
C VAL I 11 -0.86 57.32 -43.51
N LYS I 12 -1.84 56.87 -44.29
CA LYS I 12 -1.61 56.23 -45.56
C LYS I 12 -2.31 56.99 -46.67
N LYS I 13 -1.65 57.16 -47.80
CA LYS I 13 -2.28 57.78 -48.95
C LYS I 13 -3.28 56.82 -49.59
N PRO I 14 -4.32 57.33 -50.23
CA PRO I 14 -5.29 56.42 -50.86
C PRO I 14 -4.63 55.53 -51.90
N GLY I 15 -5.12 54.30 -51.99
CA GLY I 15 -4.61 53.33 -52.92
C GLY I 15 -3.58 52.37 -52.34
N SER I 16 -3.05 52.66 -51.16
CA SER I 16 -2.08 51.79 -50.52
C SER I 16 -2.79 50.81 -49.59
N SER I 17 -2.00 49.91 -49.00
CA SER I 17 -2.53 48.90 -48.07
C SER I 17 -1.82 49.03 -46.73
N VAL I 18 -2.58 48.86 -45.66
CA VAL I 18 -2.07 48.95 -44.31
C VAL I 18 -2.22 47.60 -43.64
N LYS I 19 -1.34 47.32 -42.67
CA LYS I 19 -1.35 46.06 -41.93
C LYS I 19 -1.21 46.39 -40.45
N VAL I 20 -2.35 46.49 -39.76
CA VAL I 20 -2.36 46.80 -38.34
C VAL I 20 -2.11 45.53 -37.54
N SER I 21 -1.25 45.63 -36.53
CA SER I 21 -0.91 44.49 -35.68
C SER I 21 -1.60 44.61 -34.33
N CYS I 22 -1.67 43.48 -33.63
CA CYS I 22 -2.30 43.41 -32.32
C CYS I 22 -1.57 42.31 -31.55
N LYS I 23 -0.71 42.72 -30.61
CA LYS I 23 0.07 41.79 -29.81
C LYS I 23 -0.66 41.51 -28.52
N ALA I 24 -0.89 40.23 -28.23
CA ALA I 24 -1.64 39.80 -27.06
C ALA I 24 -0.71 39.18 -26.03
N SER I 25 -1.08 39.33 -24.77
CA SER I 25 -0.34 38.74 -23.66
C SER I 25 -1.30 37.97 -22.77
N GLY I 26 -0.73 37.19 -21.85
CA GLY I 26 -1.51 36.44 -20.88
C GLY I 26 -1.59 34.95 -21.15
N GLY I 27 -1.17 34.49 -22.33
CA GLY I 27 -1.19 33.07 -22.62
C GLY I 27 -2.57 32.50 -22.89
N THR I 28 -3.46 33.29 -23.48
CA THR I 28 -4.78 32.82 -23.88
C THR I 28 -5.02 33.01 -25.38
N PHE I 29 -3.94 33.23 -26.14
CA PHE I 29 -4.09 33.68 -27.52
C PHE I 29 -4.63 32.58 -28.43
N SER I 30 -4.10 31.37 -28.32
CA SER I 30 -4.45 30.32 -29.27
C SER I 30 -5.92 29.95 -29.16
N SER I 31 -6.43 29.79 -27.94
CA SER I 31 -7.79 29.33 -27.71
C SER I 31 -8.80 30.47 -27.63
N SER I 32 -8.51 31.60 -28.27
CA SER I 32 -9.38 32.77 -28.23
C SER I 32 -9.97 33.04 -29.60
N VAL I 33 -10.96 33.93 -29.61
CA VAL I 33 -11.50 34.52 -30.83
C VAL I 33 -11.06 35.97 -30.84
N ILE I 34 -10.27 36.35 -31.85
CA ILE I 34 -9.73 37.70 -31.95
C ILE I 34 -10.36 38.36 -33.17
N SER I 35 -11.04 39.48 -32.93
CA SER I 35 -11.80 40.18 -33.95
C SER I 35 -11.29 41.62 -34.10
N TRP I 36 -11.55 42.19 -35.26
CA TRP I 36 -11.20 43.57 -35.57
C TRP I 36 -12.48 44.37 -35.75
N VAL I 37 -12.60 45.46 -34.99
CA VAL I 37 -13.77 46.32 -35.00
C VAL I 37 -13.35 47.71 -35.46
N ARG I 38 -14.04 48.23 -36.46
CA ARG I 38 -13.70 49.51 -37.07
C ARG I 38 -14.74 50.55 -36.70
N GLN I 39 -14.29 51.72 -36.25
CA GLN I 39 -15.15 52.84 -35.92
C GLN I 39 -14.75 54.04 -36.77
N ALA I 40 -15.61 54.40 -37.71
CA ALA I 40 -15.41 55.63 -38.46
C ALA I 40 -15.75 56.82 -37.57
N PRO I 41 -15.09 57.97 -37.78
CA PRO I 41 -15.34 59.11 -36.92
C PRO I 41 -16.80 59.53 -36.95
N GLY I 42 -17.39 59.69 -35.77
CA GLY I 42 -18.78 60.08 -35.66
C GLY I 42 -19.77 58.99 -36.00
N GLN I 43 -19.33 57.73 -36.08
CA GLN I 43 -20.20 56.62 -36.42
C GLN I 43 -20.00 55.47 -35.43
N GLY I 44 -21.02 54.61 -35.34
CA GLY I 44 -20.98 53.53 -34.39
C GLY I 44 -19.96 52.47 -34.76
N LEU I 45 -19.69 51.60 -33.78
CA LEU I 45 -18.71 50.53 -33.99
C LEU I 45 -19.19 49.56 -35.07
N GLU I 46 -18.23 49.04 -35.82
CA GLU I 46 -18.53 48.12 -36.91
C GLU I 46 -17.54 46.96 -36.85
N TRP I 47 -18.05 45.74 -36.97
CA TRP I 47 -17.23 44.54 -36.87
C TRP I 47 -16.75 44.15 -38.27
N MET I 48 -15.42 44.13 -38.44
CA MET I 48 -14.84 43.79 -39.74
C MET I 48 -14.75 42.28 -39.93
N GLY I 49 -14.10 41.60 -39.01
CA GLY I 49 -13.93 40.16 -39.11
C GLY I 49 -13.29 39.62 -37.86
N GLY I 50 -12.96 38.34 -37.91
CA GLY I 50 -12.35 37.69 -36.76
C GLY I 50 -11.70 36.38 -37.18
N ILE I 51 -10.94 35.82 -36.23
CA ILE I 51 -10.20 34.60 -36.49
C ILE I 51 -9.94 33.91 -35.16
N ILE I 52 -9.87 32.58 -35.19
CA ILE I 52 -9.42 31.77 -34.08
C ILE I 52 -8.00 31.30 -34.39
N PRO I 53 -6.98 31.74 -33.65
CA PRO I 53 -5.60 31.40 -34.03
C PRO I 53 -5.34 29.90 -34.13
N LEU I 54 -5.98 29.09 -33.29
CA LEU I 54 -5.78 27.64 -33.36
C LEU I 54 -6.14 27.11 -34.74
N PHE I 55 -7.27 27.55 -35.29
CA PHE I 55 -7.75 27.06 -36.58
C PHE I 55 -7.16 27.86 -37.74
N GLY I 56 -7.09 29.17 -37.61
CA GLY I 56 -6.54 30.01 -38.66
C GLY I 56 -7.50 30.32 -39.79
N SER I 57 -8.78 30.00 -39.65
CA SER I 57 -9.79 30.28 -40.67
C SER I 57 -10.48 31.58 -40.29
N ALA I 58 -10.11 32.67 -40.98
CA ALA I 58 -10.65 33.98 -40.68
C ALA I 58 -12.02 34.16 -41.31
N ASN I 59 -12.91 34.85 -40.60
CA ASN I 59 -14.24 35.17 -41.08
C ASN I 59 -14.42 36.68 -41.07
N TYR I 60 -15.05 37.20 -42.12
CA TYR I 60 -15.20 38.63 -42.31
C TYR I 60 -16.67 38.97 -42.53
N ALA I 61 -17.02 40.21 -42.20
CA ALA I 61 -18.34 40.72 -42.53
C ALA I 61 -18.46 40.90 -44.03
N GLN I 62 -19.69 40.74 -44.54
CA GLN I 62 -19.90 40.80 -45.98
C GLN I 62 -19.40 42.12 -46.56
N LYS I 63 -19.54 43.21 -45.81
CA LYS I 63 -19.05 44.50 -46.28
C LYS I 63 -17.54 44.47 -46.47
N PHE I 64 -16.82 43.88 -45.52
CA PHE I 64 -15.37 43.79 -45.57
C PHE I 64 -14.88 42.43 -46.05
N GLN I 65 -15.73 41.69 -46.78
CA GLN I 65 -15.40 40.31 -47.12
C GLN I 65 -14.15 40.24 -47.99
N GLY I 66 -14.04 41.12 -48.98
CA GLY I 66 -12.97 41.02 -49.95
C GLY I 66 -11.81 41.96 -49.73
N ARG I 67 -12.09 43.16 -49.19
CA ARG I 67 -11.06 44.18 -49.08
C ARG I 67 -10.10 43.94 -47.92
N VAL I 68 -10.45 43.07 -46.96
CA VAL I 68 -9.66 42.89 -45.75
C VAL I 68 -9.21 41.44 -45.66
N THR I 69 -8.07 41.24 -45.00
CA THR I 69 -7.52 39.92 -44.75
C THR I 69 -6.98 39.89 -43.33
N ILE I 70 -7.48 38.96 -42.51
CA ILE I 70 -7.11 38.87 -41.11
C ILE I 70 -6.36 37.55 -40.90
N THR I 71 -5.20 37.63 -40.27
CA THR I 71 -4.35 36.48 -40.01
C THR I 71 -3.93 36.47 -38.56
N ALA I 72 -3.51 35.30 -38.07
CA ALA I 72 -3.08 35.12 -36.70
C ALA I 72 -1.79 34.32 -36.67
N ASP I 73 -0.94 34.62 -35.69
CA ASP I 73 0.35 33.96 -35.51
C ASP I 73 0.48 33.55 -34.06
N GLU I 74 0.36 32.24 -33.80
CA GLU I 74 0.48 31.73 -32.44
C GLU I 74 1.92 31.81 -31.94
N SER I 75 2.89 31.51 -32.82
CA SER I 75 4.28 31.46 -32.39
C SER I 75 4.75 32.77 -31.79
N THR I 76 4.13 33.89 -32.17
CA THR I 76 4.44 35.18 -31.58
C THR I 76 3.23 35.85 -30.94
N SER I 77 2.08 35.19 -30.94
CA SER I 77 0.86 35.72 -30.33
C SER I 77 0.55 37.12 -30.87
N THR I 78 0.30 37.18 -32.18
CA THR I 78 0.02 38.45 -32.83
C THR I 78 -1.01 38.26 -33.93
N ALA I 79 -1.98 39.16 -33.96
CA ALA I 79 -3.02 39.17 -34.99
C ALA I 79 -2.75 40.34 -35.94
N TYR I 80 -2.98 40.12 -37.23
CA TYR I 80 -2.74 41.13 -38.25
C TYR I 80 -4.01 41.33 -39.07
N MET I 81 -4.34 42.59 -39.33
CA MET I 81 -5.45 42.96 -40.19
C MET I 81 -4.89 43.81 -41.33
N GLU I 82 -5.00 43.30 -42.55
CA GLU I 82 -4.46 43.96 -43.73
C GLU I 82 -5.62 44.44 -44.60
N MET I 83 -5.66 45.74 -44.85
CA MET I 83 -6.66 46.34 -45.73
C MET I 83 -5.95 46.90 -46.95
N THR I 84 -6.38 46.45 -48.12
CA THR I 84 -5.81 46.88 -49.39
C THR I 84 -6.78 47.81 -50.11
N SER I 85 -6.23 48.63 -51.00
CA SER I 85 -7.01 49.61 -51.76
C SER I 85 -7.76 50.55 -50.81
N LEU I 86 -6.98 51.20 -49.94
CA LEU I 86 -7.56 52.12 -48.98
C LEU I 86 -8.30 53.24 -49.69
N ARG I 87 -9.43 53.66 -49.09
CA ARG I 87 -10.24 54.74 -49.62
C ARG I 87 -10.41 55.81 -48.55
N SER I 88 -11.08 56.90 -48.94
CA SER I 88 -11.31 57.99 -48.01
C SER I 88 -12.19 57.56 -46.84
N GLU I 89 -13.13 56.65 -47.10
CA GLU I 89 -14.02 56.16 -46.04
C GLU I 89 -13.33 55.23 -45.06
N ASP I 90 -12.10 54.80 -45.34
CA ASP I 90 -11.39 53.89 -44.47
C ASP I 90 -10.69 54.60 -43.32
N THR I 91 -10.69 55.92 -43.29
CA THR I 91 -10.12 56.66 -42.17
C THR I 91 -10.93 56.37 -40.91
N ALA I 92 -10.36 55.61 -39.98
CA ALA I 92 -11.13 55.13 -38.85
C ALA I 92 -10.18 54.59 -37.78
N VAL I 93 -10.76 54.28 -36.63
CA VAL I 93 -10.02 53.64 -35.54
C VAL I 93 -10.30 52.15 -35.58
N TYR I 94 -9.25 51.35 -35.63
CA TYR I 94 -9.35 49.89 -35.68
C TYR I 94 -8.92 49.32 -34.33
N TYR I 95 -9.84 48.66 -33.64
CA TYR I 95 -9.56 47.98 -32.39
C TYR I 95 -9.50 46.47 -32.63
N CYS I 96 -8.75 45.79 -31.78
CA CYS I 96 -8.71 44.33 -31.77
C CYS I 96 -9.26 43.85 -30.44
N ALA I 97 -10.42 43.20 -30.49
CA ALA I 97 -11.03 42.61 -29.31
C ALA I 97 -10.73 41.12 -29.26
N LYS I 98 -10.76 40.57 -28.05
CA LYS I 98 -10.37 39.18 -27.83
C LYS I 98 -11.30 38.57 -26.80
N VAL I 99 -11.85 37.40 -27.11
CA VAL I 99 -12.69 36.65 -26.19
C VAL I 99 -12.07 35.28 -25.98
N SER I 100 -11.72 34.97 -24.74
CA SER I 100 -11.24 33.65 -24.40
C SER I 100 -12.40 32.65 -24.41
N GLN I 101 -12.07 31.38 -24.61
CA GLN I 101 -13.08 30.33 -24.51
C GLN I 101 -13.39 29.96 -23.07
N TRP I 102 -12.62 30.47 -22.11
CA TRP I 102 -12.85 30.21 -20.69
C TRP I 102 -13.51 31.37 -19.98
N ALA I 103 -13.73 32.48 -20.67
CA ALA I 103 -14.35 33.66 -20.08
C ALA I 103 -15.37 34.23 -21.05
N LEU I 104 -16.38 34.90 -20.49
CA LEU I 104 -17.36 35.62 -21.29
C LEU I 104 -16.99 37.09 -21.48
N ILE I 105 -15.93 37.56 -20.81
CA ILE I 105 -15.53 38.95 -20.92
C ILE I 105 -14.76 39.17 -22.22
N LEU I 106 -14.70 40.42 -22.65
CA LEU I 106 -13.96 40.81 -23.86
C LEU I 106 -12.79 41.69 -23.47
N PHE I 107 -11.67 41.47 -24.15
CA PHE I 107 -10.44 42.23 -23.93
C PHE I 107 -10.16 43.06 -25.18
N TRP I 108 -9.98 44.37 -24.99
CA TRP I 108 -9.83 45.31 -26.09
C TRP I 108 -8.43 45.90 -26.12
N GLY I 109 -8.00 46.30 -27.32
CA GLY I 109 -6.79 47.06 -27.49
C GLY I 109 -7.03 48.55 -27.32
N GLN I 110 -5.95 49.33 -27.44
CA GLN I 110 -6.06 50.77 -27.29
C GLN I 110 -6.57 51.45 -28.55
N GLY I 111 -6.57 50.76 -29.68
CA GLY I 111 -7.05 51.32 -30.92
C GLY I 111 -5.92 51.82 -31.81
N THR I 112 -6.12 51.72 -33.11
CA THR I 112 -5.16 52.16 -34.12
C THR I 112 -5.86 53.15 -35.03
N LEU I 113 -5.48 54.42 -34.96
CA LEU I 113 -6.08 55.45 -35.78
C LEU I 113 -5.41 55.46 -37.15
N VAL I 114 -6.18 55.21 -38.20
CA VAL I 114 -5.68 55.21 -39.57
C VAL I 114 -6.33 56.36 -40.31
N THR I 115 -5.50 57.21 -40.91
CA THR I 115 -5.95 58.38 -41.67
C THR I 115 -5.58 58.16 -43.13
N VAL I 116 -6.60 58.05 -43.98
CA VAL I 116 -6.40 57.87 -45.42
C VAL I 116 -6.50 59.25 -46.06
N SER I 117 -5.36 59.93 -46.14
CA SER I 117 -5.28 61.28 -46.69
C SER I 117 -4.23 61.34 -47.79
N SER I 118 -4.55 62.02 -48.87
CA SER I 118 -3.62 62.20 -49.98
C SER I 118 -2.75 63.44 -49.84
N ALA I 119 -3.02 64.29 -48.84
CA ALA I 119 -2.25 65.51 -48.65
C ALA I 119 -1.10 65.24 -47.67
N SER I 120 -0.43 66.30 -47.23
CA SER I 120 0.67 66.18 -46.28
C SER I 120 0.50 67.20 -45.15
N THR I 121 1.49 67.30 -44.28
CA THR I 121 1.42 68.25 -43.17
C THR I 121 1.35 69.68 -43.72
N LYS I 122 0.42 70.46 -43.17
CA LYS I 122 0.21 71.83 -43.61
C LYS I 122 -0.21 72.68 -42.42
N GLY I 123 0.27 73.92 -42.39
CA GLY I 123 -0.08 74.84 -41.35
C GLY I 123 -1.50 75.38 -41.50
N PRO I 124 -2.12 75.77 -40.40
CA PRO I 124 -3.49 76.28 -40.48
C PRO I 124 -3.55 77.67 -41.08
N SER I 125 -4.70 77.99 -41.67
CA SER I 125 -4.98 79.33 -42.17
C SER I 125 -6.10 79.92 -41.33
N VAL I 126 -5.84 81.07 -40.70
CA VAL I 126 -6.75 81.67 -39.74
C VAL I 126 -7.34 82.92 -40.37
N PHE I 127 -8.68 83.00 -40.38
CA PHE I 127 -9.39 84.18 -40.84
C PHE I 127 -10.36 84.64 -39.76
N PRO I 128 -10.20 85.83 -39.19
CA PRO I 128 -11.15 86.28 -38.17
C PRO I 128 -12.51 86.60 -38.76
N LEU I 129 -13.55 86.37 -37.96
CA LEU I 129 -14.93 86.69 -38.33
C LEU I 129 -15.29 87.99 -37.62
N ALA I 130 -15.28 89.08 -38.37
CA ALA I 130 -15.55 90.38 -37.78
C ALA I 130 -17.01 90.46 -37.35
N PRO I 131 -17.31 90.72 -36.08
CA PRO I 131 -18.72 90.81 -35.67
C PRO I 131 -19.42 91.98 -36.34
N SER I 132 -20.70 91.78 -36.63
CA SER I 132 -21.51 92.82 -37.26
C SER I 132 -21.99 93.81 -36.20
N SER I 133 -21.90 95.09 -36.54
CA SER I 133 -22.32 96.16 -35.63
C SER I 133 -23.83 96.31 -35.56
N LYS I 134 -24.58 95.68 -36.47
CA LYS I 134 -26.03 95.79 -36.48
C LYS I 134 -26.75 94.48 -36.18
N SER I 135 -26.11 93.33 -36.42
CA SER I 135 -26.73 92.04 -36.15
C SER I 135 -26.43 91.60 -34.72
N THR I 136 -26.90 92.41 -33.78
CA THR I 136 -26.73 92.15 -32.35
C THR I 136 -27.91 91.34 -31.82
N SER I 137 -27.61 90.32 -31.03
CA SER I 137 -28.63 89.44 -30.46
C SER I 137 -28.90 89.88 -29.03
N GLY I 138 -29.76 90.89 -28.89
CA GLY I 138 -30.13 91.38 -27.58
C GLY I 138 -28.97 91.92 -26.78
N GLY I 139 -28.08 92.68 -27.42
CA GLY I 139 -26.94 93.25 -26.74
C GLY I 139 -25.74 92.35 -26.62
N THR I 140 -25.82 91.11 -27.10
CA THR I 140 -24.72 90.17 -27.06
C THR I 140 -24.30 89.84 -28.49
N ALA I 141 -23.00 89.91 -28.75
CA ALA I 141 -22.44 89.62 -30.07
C ALA I 141 -21.58 88.36 -29.97
N ALA I 142 -21.33 87.74 -31.12
CA ALA I 142 -20.48 86.58 -31.23
C ALA I 142 -19.35 86.88 -32.21
N LEU I 143 -18.12 86.50 -31.85
CA LEU I 143 -16.98 86.71 -32.72
C LEU I 143 -16.05 85.51 -32.60
N GLY I 144 -15.33 85.22 -33.69
CA GLY I 144 -14.53 84.02 -33.69
C GLY I 144 -13.48 84.04 -34.77
N CYS I 145 -12.87 82.87 -34.96
CA CYS I 145 -11.84 82.66 -35.98
C CYS I 145 -12.13 81.38 -36.73
N LEU I 146 -11.98 81.42 -38.05
CA LEU I 146 -12.14 80.27 -38.92
C LEU I 146 -10.75 79.73 -39.25
N VAL I 147 -10.45 78.53 -38.75
CA VAL I 147 -9.21 77.83 -39.09
C VAL I 147 -9.54 76.88 -40.22
N LYS I 148 -8.76 76.94 -41.30
CA LYS I 148 -9.06 76.17 -42.50
C LYS I 148 -7.77 75.68 -43.13
N ASP I 149 -7.87 74.58 -43.87
CA ASP I 149 -6.78 74.07 -44.68
C ASP I 149 -5.56 73.74 -43.82
N TYR I 150 -5.78 72.83 -42.88
CA TYR I 150 -4.73 72.35 -41.98
C TYR I 150 -4.77 70.84 -41.92
N PHE I 151 -3.59 70.24 -41.71
CA PHE I 151 -3.48 68.79 -41.66
C PHE I 151 -2.14 68.44 -41.05
N PRO I 152 -2.03 67.40 -40.21
CA PRO I 152 -3.12 66.56 -39.69
C PRO I 152 -3.70 67.08 -38.38
N GLU I 153 -4.67 66.36 -37.82
CA GLU I 153 -5.23 66.74 -36.54
C GLU I 153 -4.22 66.48 -35.42
N PRO I 154 -4.37 67.13 -34.26
CA PRO I 154 -5.35 68.17 -33.93
C PRO I 154 -4.76 69.57 -33.87
N VAL I 155 -5.60 70.57 -33.64
CA VAL I 155 -5.18 71.94 -33.41
C VAL I 155 -5.89 72.47 -32.17
N THR I 156 -5.21 73.33 -31.43
CA THR I 156 -5.74 73.90 -30.20
C THR I 156 -6.04 75.38 -30.42
N VAL I 157 -7.24 75.80 -30.05
CA VAL I 157 -7.70 77.17 -30.22
C VAL I 157 -8.00 77.73 -28.83
N SER I 158 -7.43 78.90 -28.53
CA SER I 158 -7.66 79.56 -27.25
C SER I 158 -7.87 81.05 -27.50
N TRP I 159 -8.46 81.73 -26.51
CA TRP I 159 -8.72 83.15 -26.59
C TRP I 159 -7.86 83.90 -25.57
N ASN I 160 -7.10 84.88 -26.06
CA ASN I 160 -6.26 85.72 -25.19
C ASN I 160 -5.35 84.85 -24.32
N SER I 161 -4.74 83.84 -24.94
CA SER I 161 -3.84 82.93 -24.23
C SER I 161 -4.53 82.29 -23.03
N GLY I 162 -5.79 81.90 -23.21
CA GLY I 162 -6.55 81.26 -22.17
C GLY I 162 -7.23 82.19 -21.19
N ALA I 163 -7.07 83.50 -21.33
CA ALA I 163 -7.72 84.43 -20.42
C ALA I 163 -9.24 84.37 -20.56
N LEU I 164 -9.75 84.21 -21.77
CA LEU I 164 -11.18 84.13 -22.04
C LEU I 164 -11.54 82.68 -22.30
N THR I 165 -12.46 82.14 -21.49
CA THR I 165 -12.87 80.75 -21.61
C THR I 165 -14.37 80.62 -21.72
N SER I 166 -15.10 81.47 -21.01
CA SER I 166 -16.56 81.39 -20.99
C SER I 166 -17.13 81.74 -22.35
N GLY I 167 -18.16 80.99 -22.76
CA GLY I 167 -18.82 81.24 -24.02
C GLY I 167 -18.09 80.75 -25.25
N VAL I 168 -16.98 80.05 -25.08
CA VAL I 168 -16.18 79.56 -26.20
C VAL I 168 -16.74 78.22 -26.66
N HIS I 169 -17.01 78.11 -27.96
CA HIS I 169 -17.55 76.88 -28.57
C HIS I 169 -16.67 76.52 -29.76
N THR I 170 -15.62 75.75 -29.51
CA THR I 170 -14.72 75.29 -30.56
C THR I 170 -15.39 74.13 -31.28
N PHE I 171 -16.00 74.40 -32.42
CA PHE I 171 -16.73 73.37 -33.15
C PHE I 171 -15.77 72.31 -33.65
N PRO I 172 -16.17 71.03 -33.66
CA PRO I 172 -15.27 69.98 -34.14
C PRO I 172 -14.93 70.15 -35.61
N ALA I 173 -13.71 69.73 -35.96
CA ALA I 173 -13.24 69.87 -37.33
C ALA I 173 -14.00 68.93 -38.26
N VAL I 174 -13.96 69.27 -39.55
CA VAL I 174 -14.61 68.50 -40.59
C VAL I 174 -13.60 68.23 -41.70
N LEU I 175 -13.72 67.06 -42.33
CA LEU I 175 -12.83 66.67 -43.42
C LEU I 175 -13.43 67.17 -44.74
N GLN I 176 -12.80 68.18 -45.32
CA GLN I 176 -13.27 68.75 -46.57
C GLN I 176 -12.91 67.85 -47.75
N SER I 177 -13.50 68.15 -48.90
CA SER I 177 -13.24 67.36 -50.11
C SER I 177 -11.79 67.48 -50.57
N SER I 178 -11.07 68.51 -50.13
CA SER I 178 -9.68 68.70 -50.52
C SER I 178 -8.70 67.92 -49.64
N GLY I 179 -9.20 67.19 -48.64
CA GLY I 179 -8.34 66.45 -47.75
C GLY I 179 -7.73 67.25 -46.62
N LEU I 180 -8.11 68.51 -46.47
CA LEU I 180 -7.61 69.38 -45.41
C LEU I 180 -8.75 69.72 -44.46
N TYR I 181 -8.46 69.73 -43.17
CA TYR I 181 -9.49 69.94 -42.16
C TYR I 181 -9.78 71.43 -41.97
N SER I 182 -10.93 71.71 -41.34
CA SER I 182 -11.34 73.07 -41.07
C SER I 182 -12.32 73.07 -39.90
N LEU I 183 -12.24 74.12 -39.09
CA LEU I 183 -13.14 74.31 -37.96
C LEU I 183 -13.34 75.80 -37.74
N SER I 184 -14.37 76.13 -36.97
CA SER I 184 -14.67 77.50 -36.59
C SER I 184 -14.80 77.57 -35.08
N SER I 185 -14.09 78.51 -34.45
CA SER I 185 -14.12 78.66 -33.00
C SER I 185 -14.64 80.06 -32.69
N VAL I 186 -15.75 80.13 -31.96
CA VAL I 186 -16.42 81.39 -31.68
C VAL I 186 -16.60 81.55 -30.17
N VAL I 187 -16.82 82.80 -29.77
CA VAL I 187 -17.07 83.15 -28.38
C VAL I 187 -18.08 84.29 -28.35
N THR I 188 -18.96 84.26 -27.36
CA THR I 188 -20.00 85.27 -27.20
C THR I 188 -19.58 86.28 -26.13
N VAL I 189 -19.61 87.55 -26.49
CA VAL I 189 -19.24 88.64 -25.58
C VAL I 189 -20.28 89.74 -25.66
N PRO I 190 -20.45 90.56 -24.63
CA PRO I 190 -21.41 91.67 -24.73
C PRO I 190 -21.04 92.61 -25.88
N SER I 191 -22.06 93.10 -26.57
CA SER I 191 -21.83 93.99 -27.71
C SER I 191 -21.23 95.32 -27.28
N SER I 192 -21.37 95.69 -26.01
CA SER I 192 -20.82 96.95 -25.53
C SER I 192 -19.30 96.92 -25.45
N SER I 193 -18.69 95.74 -25.41
CA SER I 193 -17.26 95.59 -25.28
C SER I 193 -16.57 95.32 -26.61
N LEU I 194 -17.28 95.44 -27.73
CA LEU I 194 -16.66 95.20 -29.03
C LEU I 194 -15.51 96.17 -29.27
N GLY I 195 -15.72 97.45 -28.97
CA GLY I 195 -14.70 98.46 -29.10
C GLY I 195 -13.87 98.70 -27.86
N THR I 196 -14.11 97.93 -26.80
CA THR I 196 -13.40 98.09 -25.53
C THR I 196 -12.40 96.96 -25.28
N GLN I 197 -12.83 95.71 -25.42
CA GLN I 197 -11.97 94.57 -25.16
C GLN I 197 -11.45 94.01 -26.48
N THR I 198 -10.15 93.74 -26.52
CA THR I 198 -9.51 93.17 -27.70
C THR I 198 -9.42 91.66 -27.54
N TYR I 199 -9.84 90.93 -28.56
CA TYR I 199 -9.84 89.47 -28.55
C TYR I 199 -8.87 88.97 -29.60
N ILE I 200 -8.02 88.02 -29.22
CA ILE I 200 -7.05 87.40 -30.11
C ILE I 200 -7.18 85.89 -29.97
N CYS I 201 -7.36 85.22 -31.10
CA CYS I 201 -7.42 83.77 -31.13
C CYS I 201 -6.04 83.21 -31.41
N ASN I 202 -5.60 82.30 -30.53
CA ASN I 202 -4.32 81.62 -30.67
C ASN I 202 -4.59 80.20 -31.13
N VAL I 203 -4.00 79.84 -32.27
CA VAL I 203 -4.17 78.52 -32.89
C VAL I 203 -2.81 77.85 -32.93
N ASN I 204 -2.73 76.64 -32.37
CA ASN I 204 -1.49 75.87 -32.33
C ASN I 204 -1.70 74.56 -33.07
N HIS I 205 -0.74 74.22 -33.94
CA HIS I 205 -0.75 73.00 -34.74
C HIS I 205 0.61 72.35 -34.53
N LYS I 206 0.68 71.42 -33.57
CA LYS I 206 1.95 70.81 -33.20
C LYS I 206 2.57 70.01 -34.35
N PRO I 207 1.84 69.15 -35.06
CA PRO I 207 2.49 68.42 -36.17
C PRO I 207 3.17 69.34 -37.17
N SER I 208 2.57 70.47 -37.49
CA SER I 208 3.20 71.48 -38.33
C SER I 208 4.00 72.49 -37.53
N ASN I 209 3.94 72.44 -36.20
CA ASN I 209 4.68 73.36 -35.35
C ASN I 209 4.38 74.81 -35.72
N THR I 210 3.09 75.10 -35.95
CA THR I 210 2.65 76.41 -36.40
C THR I 210 1.79 77.06 -35.34
N LYS I 211 2.14 78.28 -34.96
CA LYS I 211 1.39 79.06 -33.97
C LYS I 211 0.96 80.37 -34.63
N VAL I 212 -0.34 80.65 -34.60
CA VAL I 212 -0.90 81.84 -35.22
C VAL I 212 -1.77 82.56 -34.20
N ASP I 213 -1.49 83.84 -33.96
CA ASP I 213 -2.24 84.66 -33.02
C ASP I 213 -2.87 85.80 -33.81
N LYS I 214 -4.16 85.68 -34.09
CA LYS I 214 -4.86 86.63 -34.94
C LYS I 214 -5.93 87.39 -34.16
N LYS I 215 -5.95 88.70 -34.32
CA LYS I 215 -6.86 89.57 -33.59
C LYS I 215 -8.18 89.71 -34.35
N VAL I 216 -9.28 89.82 -33.60
CA VAL I 216 -10.61 90.00 -34.16
C VAL I 216 -11.07 91.42 -33.82
N GLU I 217 -11.50 92.16 -34.84
CA GLU I 217 -11.97 93.52 -34.67
C GLU I 217 -13.30 93.70 -35.40
N PRO I 218 -14.15 94.63 -34.92
CA PRO I 218 -15.41 94.88 -35.63
C PRO I 218 -15.16 95.39 -37.04
N LYS I 219 -16.06 95.00 -37.95
CA LYS I 219 -15.96 95.43 -39.34
C LYS I 219 -16.22 96.91 -39.48
C1 NAG J . -26.57 18.99 26.62
C2 NAG J . -25.72 20.21 26.30
C3 NAG J . -26.60 21.37 25.85
C4 NAG J . -27.50 20.94 24.70
C5 NAG J . -28.29 19.71 25.10
C6 NAG J . -29.13 19.15 23.97
C7 NAG J . -23.60 20.44 27.51
C8 NAG J . -22.94 20.89 28.78
N2 NAG J . -24.93 20.60 27.45
O3 NAG J . -25.79 22.46 25.44
O4 NAG J . -28.39 22.00 24.34
O5 NAG J . -27.39 18.67 25.48
O6 NAG J . -28.33 18.38 23.07
O7 NAG J . -22.95 19.95 26.59
C1 NAG J . -28.27 22.20 22.92
C2 NAG J . -29.45 23.04 22.44
C3 NAG J . -29.32 23.32 20.94
C4 NAG J . -27.94 23.89 20.60
C5 NAG J . -26.83 23.04 21.21
C6 NAG J . -25.46 23.65 21.06
C7 NAG J . -31.45 22.66 23.80
C8 NAG J . -32.73 21.88 23.93
N2 NAG J . -30.70 22.39 22.72
O3 NAG J . -30.33 24.23 20.53
O4 NAG J . -27.77 23.90 19.20
O5 NAG J . -27.05 22.87 22.62
O6 NAG J . -24.57 23.19 22.07
O7 NAG J . -31.10 23.49 24.64
C1 BMA J . -27.30 25.18 18.73
C2 BMA J . -26.89 24.97 17.26
C3 BMA J . -26.60 26.30 16.55
C4 BMA J . -27.69 27.34 16.85
C5 BMA J . -27.93 27.46 18.36
C6 BMA J . -29.04 28.43 18.70
O2 BMA J . -27.91 24.34 16.53
O3 BMA J . -26.53 26.10 15.15
O4 BMA J . -27.30 28.60 16.34
O5 BMA J . -28.31 26.17 18.85
O6 BMA J . -30.23 27.97 18.08
C1 MAN J . -25.20 26.40 14.67
C2 MAN J . -25.32 26.57 13.13
C3 MAN J . -25.53 25.22 12.44
C4 MAN J . -24.52 24.18 12.93
C5 MAN J . -24.59 24.07 14.46
C6 MAN J . -23.57 23.08 15.02
O2 MAN J . -24.12 27.13 12.58
O3 MAN J . -25.48 25.34 11.02
O4 MAN J . -24.81 22.91 12.36
O5 MAN J . -24.30 25.36 15.02
O6 MAN J . -23.73 23.04 16.43
C1 MAN J . -23.95 28.42 13.19
C2 MAN J . -24.15 29.52 12.06
C3 MAN J . -22.84 29.86 11.34
C4 MAN J . -21.68 30.02 12.33
C5 MAN J . -21.52 28.70 13.06
C6 MAN J . -20.32 28.67 13.98
O2 MAN J . -24.61 30.76 12.61
O3 MAN J . -22.96 31.04 10.55
O4 MAN J . -20.49 30.33 11.63
O5 MAN J . -22.69 28.51 13.88
O6 MAN J . -20.15 27.34 14.46
C1 MAN J . -31.29 28.92 18.31
C2 MAN J . -32.63 28.14 18.32
C3 MAN J . -32.97 27.68 16.91
C4 MAN J . -32.91 28.87 15.92
C5 MAN J . -31.51 29.50 15.98
C6 MAN J . -31.38 30.71 15.07
O2 MAN J . -33.71 28.97 18.73
O3 MAN J . -34.25 27.07 16.84
O4 MAN J . -33.17 28.41 14.60
O5 MAN J . -31.26 29.94 17.33
O6 MAN J . -30.00 31.03 14.96
C1 FUC J . -29.14 17.96 21.96
C2 FUC J . -28.19 17.71 20.76
C3 FUC J . -27.28 16.53 21.06
C4 FUC J . -28.12 15.29 21.40
C5 FUC J . -29.08 15.62 22.54
C6 FUC J . -30.06 14.50 22.85
O2 FUC J . -27.42 18.86 20.45
O3 FUC J . -26.50 16.21 19.91
O4 FUC J . -28.86 14.88 20.26
O5 FUC J . -29.86 16.80 22.27
C1 NAG K . -37.32 5.44 -7.89
C2 NAG K . -36.67 5.34 -6.50
C3 NAG K . -37.23 4.14 -5.74
C4 NAG K . -38.75 4.23 -5.70
C5 NAG K . -39.32 4.37 -7.10
C6 NAG K . -40.82 4.58 -7.12
C7 NAG K . -34.38 6.14 -6.09
C8 NAG K . -32.92 5.88 -6.29
N2 NAG K . -35.22 5.24 -6.61
O3 NAG K . -36.71 4.13 -4.42
O4 NAG K . -39.28 3.04 -5.11
O5 NAG K . -38.73 5.52 -7.74
O6 NAG K . -41.18 5.83 -6.53
O7 NAG K . -34.79 7.13 -5.48
C1 NAG K . -39.96 3.37 -3.88
C2 NAG K . -41.03 2.32 -3.62
C3 NAG K . -41.75 2.61 -2.31
C4 NAG K . -40.74 2.74 -1.17
C5 NAG K . -39.68 3.77 -1.53
C6 NAG K . -38.57 3.86 -0.49
C7 NAG K . -42.11 1.21 -5.52
C8 NAG K . -43.14 1.32 -6.61
N2 NAG K . -41.98 2.27 -4.72
O3 NAG K . -42.67 1.56 -2.02
O4 NAG K . -41.40 3.14 0.03
O5 NAG K . -39.05 3.42 -2.77
O6 NAG K . -37.32 4.16 -1.09
O7 NAG K . -41.42 0.20 -5.39
C1 NAG L . -3.70 -70.75 -38.03
C2 NAG L . -4.29 -71.85 -38.91
C3 NAG L . -4.28 -71.41 -40.37
C4 NAG L . -4.97 -70.07 -40.53
C5 NAG L . -4.35 -69.04 -39.58
C6 NAG L . -5.07 -67.71 -39.58
C7 NAG L . -3.98 -74.09 -37.96
C8 NAG L . -3.11 -75.31 -37.92
N2 NAG L . -3.56 -73.09 -38.75
O3 NAG L . -4.97 -72.39 -41.16
O4 NAG L . -4.83 -69.59 -41.87
O5 NAG L . -4.41 -69.54 -38.23
O6 NAG L . -4.46 -66.79 -38.70
O7 NAG L . -5.03 -74.01 -37.33
C1 NAG L . -6.14 -69.49 -42.46
C2 NAG L . -6.07 -68.47 -43.59
C3 NAG L . -7.43 -68.36 -44.28
C4 NAG L . -7.90 -69.73 -44.75
C5 NAG L . -7.88 -70.72 -43.57
C6 NAG L . -8.22 -72.13 -43.99
C7 NAG L . -4.46 -66.62 -43.38
C8 NAG L . -4.19 -65.28 -42.77
N2 NAG L . -5.65 -67.17 -43.08
O3 NAG L . -7.31 -67.49 -45.41
O4 NAG L . -9.22 -69.64 -45.26
O5 NAG L . -6.57 -70.76 -42.99
O6 NAG L . -7.07 -72.80 -44.49
O7 NAG L . -3.65 -67.19 -44.10
C1 NAG M . 3.11 -53.78 -50.12
C2 NAG M . 3.16 -54.34 -51.55
C3 NAG M . 2.75 -53.27 -52.55
C4 NAG M . 1.39 -52.69 -52.17
C5 NAG M . 1.41 -52.19 -50.74
C6 NAG M . 0.07 -51.69 -50.26
C7 NAG M . 4.69 -56.06 -52.39
C8 NAG M . 6.12 -56.43 -52.66
N2 NAG M . 4.49 -54.85 -51.86
O3 NAG M . 2.68 -53.84 -53.85
O4 NAG M . 1.07 -51.61 -53.04
O5 NAG M . 1.80 -53.26 -49.87
O6 NAG M . -0.20 -52.12 -48.93
O7 NAG M . 3.77 -56.83 -52.65
C1 NAG M . -0.16 -51.92 -53.73
C2 NAG M . -0.87 -50.61 -54.07
C3 NAG M . -2.15 -50.90 -54.85
C4 NAG M . -1.85 -51.75 -56.07
C5 NAG M . -1.09 -53.02 -55.65
C6 NAG M . -0.66 -53.86 -56.83
C7 NAG M . -0.37 -48.85 -52.43
C8 NAG M . -0.82 -48.16 -51.19
N2 NAG M . -1.16 -49.83 -52.87
O3 NAG M . -2.76 -49.67 -55.25
O4 NAG M . -3.06 -52.13 -56.71
O5 NAG M . 0.09 -52.66 -54.94
O6 NAG M . 0.76 -53.99 -56.87
O7 NAG M . 0.66 -48.54 -53.01
C1 NAG N . -2.77 -90.25 -30.43
C2 NAG N . -4.02 -90.83 -31.11
C3 NAG N . -3.72 -92.19 -31.72
C4 NAG N . -2.51 -92.09 -32.65
C5 NAG N . -1.33 -91.51 -31.90
C6 NAG N . -0.11 -91.29 -32.77
C7 NAG N . -6.16 -90.07 -30.16
C8 NAG N . -7.21 -90.32 -29.13
N2 NAG N . -5.13 -90.93 -30.17
O3 NAG N . -4.85 -92.65 -32.45
O4 NAG N . -2.17 -93.38 -33.16
O5 NAG N . -1.69 -90.22 -31.38
O6 NAG N . -0.33 -90.28 -33.74
O7 NAG N . -6.24 -89.14 -30.96
C1 NAG N . -2.10 -93.25 -34.60
C2 NAG N . -1.55 -94.56 -35.18
C3 NAG N . -1.51 -94.48 -36.70
C4 NAG N . -2.88 -94.10 -37.25
C5 NAG N . -3.37 -92.81 -36.58
C6 NAG N . -4.77 -92.44 -36.99
C7 NAG N . -0.04 -95.58 -33.54
C8 NAG N . 1.40 -95.78 -33.13
N2 NAG N . -0.23 -94.85 -34.64
O3 NAG N . -1.11 -95.74 -37.23
O4 NAG N . -2.79 -93.88 -38.66
O5 NAG N . -3.39 -92.99 -35.15
O6 NAG N . -4.92 -92.42 -38.40
O7 NAG N . -0.96 -96.03 -32.89
C1 NAG O . 4.35 -98.06 -13.20
C2 NAG O . 3.19 -98.35 -12.26
C3 NAG O . 3.69 -98.94 -10.96
C4 NAG O . 4.57 -100.17 -11.23
C5 NAG O . 5.69 -99.79 -12.20
C6 NAG O . 6.54 -100.96 -12.61
C7 NAG O . 1.14 -97.01 -12.36
C8 NAG O . 0.49 -95.70 -12.00
N2 NAG O . 2.42 -97.14 -12.00
O3 NAG O . 2.59 -99.32 -10.14
O4 NAG O . 5.13 -100.65 -10.02
O5 NAG O . 5.12 -99.25 -13.40
O6 NAG O . 6.28 -101.35 -13.95
O7 NAG O . 0.52 -97.90 -12.92
C1 NAG O . 4.49 -101.90 -9.71
C2 NAG O . 5.52 -102.82 -9.04
C3 NAG O . 4.87 -104.14 -8.64
C4 NAG O . 3.64 -103.89 -7.78
C5 NAG O . 2.69 -102.92 -8.49
C6 NAG O . 1.51 -102.53 -7.65
C7 NAG O . 7.91 -102.74 -9.58
C8 NAG O . 8.96 -103.06 -10.61
N2 NAG O . 6.66 -103.06 -9.92
O3 NAG O . 5.80 -104.94 -7.92
O4 NAG O . 2.96 -105.10 -7.52
O5 NAG O . 3.38 -101.71 -8.82
O6 NAG O . 1.91 -102.06 -6.37
O7 NAG O . 8.20 -102.22 -8.51
C1 NAG P . 18.67 33.73 17.90
C2 NAG P . 17.39 34.43 17.46
C3 NAG P . 16.71 35.11 18.65
C4 NAG P . 16.51 34.11 19.79
C5 NAG P . 17.86 33.46 20.14
C6 NAG P . 17.72 32.38 21.19
C7 NAG P . 17.13 35.34 15.20
C8 NAG P . 17.52 36.43 14.24
N2 NAG P . 17.67 35.41 16.41
O3 NAG P . 15.45 35.62 18.24
O4 NAG P . 15.99 34.78 20.94
O5 NAG P . 18.40 32.83 18.96
O6 NAG P . 17.57 31.10 20.58
O7 NAG P . 16.36 34.44 14.87
C1 NAG P . 14.82 34.06 21.37
C2 NAG P . 14.45 34.52 22.77
C3 NAG P . 13.18 33.82 23.24
C4 NAG P . 12.06 34.00 22.23
C5 NAG P . 12.53 33.58 20.83
C6 NAG P . 11.52 33.86 19.75
C7 NAG P . 16.54 35.16 23.90
C8 NAG P . 17.58 34.76 24.90
N2 NAG P . 15.54 34.29 23.70
O3 NAG P . 12.78 34.36 24.50
O4 NAG P . 10.96 33.18 22.59
O5 NAG P . 13.72 34.30 20.48
O6 NAG P . 11.92 34.96 18.94
O7 NAG P . 16.58 36.24 23.31
C1 BMA P . 9.74 33.97 22.64
C2 BMA P . 8.54 32.98 22.64
C3 BMA P . 7.23 33.74 22.84
C4 BMA P . 7.32 34.73 24.02
C5 BMA P . 8.55 35.64 23.85
C6 BMA P . 8.71 36.60 25.01
O2 BMA P . 8.65 32.07 23.72
O3 BMA P . 6.12 32.85 23.04
O4 BMA P . 6.14 35.52 24.08
O5 BMA P . 9.72 34.81 23.79
O6 BMA P . 9.05 35.85 26.17
C1 MAN P . 5.72 32.28 21.78
C2 MAN P . 4.24 31.86 21.89
C3 MAN P . 4.12 30.77 22.94
C4 MAN P . 5.04 29.59 22.59
C5 MAN P . 6.49 30.07 22.43
C6 MAN P . 7.42 28.98 21.91
O2 MAN P . 3.81 31.23 20.67
O3 MAN P . 2.78 30.32 23.10
O4 MAN P . 4.98 28.61 23.62
O5 MAN P . 6.54 31.16 21.48
O6 MAN P . 8.75 29.46 21.97
C1 MAN P . 2.52 31.72 20.23
C2 MAN P . 2.71 33.25 19.77
C3 MAN P . 2.04 34.28 20.70
C4 MAN P . 0.74 33.75 21.24
C5 MAN P . 1.06 32.55 22.09
C6 MAN P . -0.14 32.04 22.88
O2 MAN P . 2.13 33.48 18.47
O3 MAN P . 1.84 35.51 20.04
O4 MAN P . 0.09 34.75 22.01
O5 MAN P . 1.48 31.48 21.23
O6 MAN P . 0.33 31.18 23.92
C1 FUC P . 16.87 30.23 21.50
C2 FUC P . 16.06 29.23 20.65
C3 FUC P . 16.99 28.34 19.84
C4 FUC P . 17.98 27.64 20.77
C5 FUC P . 18.71 28.68 21.64
C6 FUC P . 19.57 28.04 22.71
O2 FUC P . 15.12 29.89 19.81
O3 FUC P . 16.23 27.33 19.18
O4 FUC P . 17.31 26.71 21.60
O5 FUC P . 17.79 29.55 22.32
C1 NAG Q . 2.53 1.26 40.36
C2 NAG Q . 3.24 2.10 39.31
C3 NAG Q . 4.76 1.96 39.47
C4 NAG Q . 5.17 2.29 40.90
C5 NAG Q . 4.35 1.47 41.90
C6 NAG Q . 4.62 1.87 43.33
C7 NAG Q . 2.93 0.47 37.50
C8 NAG Q . 2.45 0.26 36.09
N2 NAG Q . 2.83 1.72 37.97
O3 NAG Q . 5.41 2.83 38.56
O4 NAG Q . 6.55 1.99 41.08
O5 NAG Q . 2.95 1.66 41.67
O6 NAG Q . 4.66 0.73 44.18
O7 NAG Q . 3.36 -0.45 38.18
C1 NAG Q . 7.28 3.21 41.28
C2 NAG Q . 8.54 2.90 42.09
C3 NAG Q . 9.38 4.16 42.28
C4 NAG Q . 9.67 4.81 40.93
C5 NAG Q . 8.38 5.04 40.16
C6 NAG Q . 8.60 5.57 38.76
C7 NAG Q . 8.06 1.00 43.57
C8 NAG Q . 7.70 0.58 44.97
N2 NAG Q . 8.20 2.32 43.38
O3 NAG Q . 10.59 3.83 42.93
O4 NAG Q . 10.34 6.06 41.12
O5 NAG Q . 7.66 3.80 40.03
O6 NAG Q . 8.41 4.55 37.79
O7 NAG Q . 8.23 0.19 42.66
C1 NAG R . 18.27 -78.41 2.67
C2 NAG R . 18.57 -79.78 3.26
C3 NAG R . 17.34 -80.34 3.94
C4 NAG R . 16.81 -79.36 4.98
C5 NAG R . 16.57 -78.00 4.32
C6 NAG R . 16.15 -76.94 5.30
C7 NAG R . 20.33 -80.98 2.03
C8 NAG R . 20.63 -81.93 0.92
N2 NAG R . 19.03 -80.70 2.22
O3 NAG R . 17.66 -81.57 4.58
O4 NAG R . 15.60 -79.84 5.56
O5 NAG R . 17.78 -77.54 3.71
O6 NAG R . 15.66 -75.78 4.63
O7 NAG R . 21.21 -80.49 2.72
C1 NAG R . 15.76 -79.83 6.99
C2 NAG R . 14.38 -79.88 7.63
C3 NAG R . 14.50 -79.92 9.15
C4 NAG R . 15.41 -81.07 9.57
C5 NAG R . 16.74 -80.97 8.85
C6 NAG R . 17.64 -82.16 9.13
C7 NAG R . 12.68 -78.81 6.22
C8 NAG R . 11.93 -77.54 5.92
N2 NAG R . 13.56 -78.75 7.21
O3 NAG R . 13.20 -80.08 9.72
O4 NAG R . 15.62 -81.02 10.98
O5 NAG R . 16.54 -80.95 7.43
O6 NAG R . 17.57 -83.13 8.09
O7 NAG R . 12.49 -79.84 5.58
C1 NAG S . -3.16 -73.01 4.07
C2 NAG S . -3.70 -74.41 4.37
C3 NAG S . -4.92 -74.31 5.30
C4 NAG S . -4.57 -73.51 6.54
C5 NAG S . -4.00 -72.15 6.16
C6 NAG S . -3.52 -71.35 7.34
C7 NAG S . -4.18 -76.44 3.09
C8 NAG S . -4.53 -76.99 1.74
N2 NAG S . -4.05 -75.11 3.15
O3 NAG S . -5.34 -75.62 5.66
O4 NAG S . -5.75 -73.32 7.33
O5 NAG S . -2.87 -72.33 5.30
O6 NAG S . -2.10 -71.34 7.41
O7 NAG S . -4.01 -77.15 4.06
C1 NAG S . -5.55 -73.95 8.62
C2 NAG S . -6.31 -73.18 9.68
C3 NAG S . -6.17 -73.84 11.04
C4 NAG S . -6.58 -75.31 10.95
C5 NAG S . -5.80 -76.01 9.83
C6 NAG S . -6.26 -77.43 9.61
C7 NAG S . -6.48 -70.79 9.09
C8 NAG S . -5.89 -69.43 9.27
N2 NAG S . -5.87 -71.79 9.74
O3 NAG S . -6.97 -73.17 11.99
O4 NAG S . -6.30 -75.97 12.18
O5 NAG S . -6.00 -75.31 8.59
O6 NAG S . -5.26 -78.20 8.94
O7 NAG S . -7.48 -70.99 8.40
C1 NAG T . 34.71 -88.09 -4.47
C2 NAG T . 35.08 -88.83 -3.19
C3 NAG T . 35.34 -90.30 -3.48
C4 NAG T . 34.16 -90.92 -4.22
C5 NAG T . 33.84 -90.10 -5.46
C6 NAG T . 32.62 -90.59 -6.21
C7 NAG T . 36.12 -87.36 -1.53
C8 NAG T . 37.41 -86.82 -0.99
N2 NAG T . 36.22 -88.22 -2.54
O3 NAG T . 35.56 -91.00 -2.25
O4 NAG T . 34.45 -92.27 -4.58
O5 NAG T . 33.60 -88.74 -5.10
O6 NAG T . 31.44 -89.97 -5.72
O7 NAG T . 35.03 -87.03 -1.07
C1 NAG T . 33.41 -93.11 -4.06
C2 NAG T . 33.62 -94.53 -4.57
C3 NAG T . 32.56 -95.46 -3.99
C4 NAG T . 32.54 -95.36 -2.47
C5 NAG T . 32.39 -93.91 -2.03
C6 NAG T . 32.48 -93.71 -0.54
C7 NAG T . 34.68 -94.76 -6.76
C8 NAG T . 34.47 -94.78 -8.25
N2 NAG T . 33.59 -94.57 -6.02
O3 NAG T . 32.84 -96.80 -4.38
O4 NAG T . 31.47 -96.13 -1.94
O5 NAG T . 33.42 -93.11 -2.62
O6 NAG T . 32.18 -92.38 -0.16
O7 NAG T . 35.79 -94.93 -6.27
C1 NAG U . 48.26 -84.31 -19.04
C2 NAG U . 49.50 -83.70 -18.38
C3 NAG U . 50.55 -83.37 -19.45
C4 NAG U . 50.84 -84.60 -20.30
C5 NAG U . 49.55 -85.16 -20.87
C6 NAG U . 49.75 -86.45 -21.63
C7 NAG U . 49.66 -82.28 -16.39
C8 NAG U . 49.19 -81.01 -15.74
N2 NAG U . 49.16 -82.52 -17.61
O3 NAG U . 51.73 -82.92 -18.82
O4 NAG U . 51.72 -84.25 -21.36
O5 NAG U . 48.64 -85.45 -19.81
O6 NAG U . 48.80 -87.44 -21.26
O7 NAG U . 50.44 -83.05 -15.84
C1 NAG U . 53.04 -84.72 -21.04
C2 NAG U . 53.67 -85.31 -22.30
C3 NAG U . 55.09 -85.77 -22.02
C4 NAG U . 55.91 -84.64 -21.40
C5 NAG U . 55.19 -84.07 -20.18
C6 NAG U . 55.87 -82.86 -19.59
C7 NAG U . 52.51 -86.52 -24.10
C8 NAG U . 51.69 -87.72 -24.46
N2 NAG U . 52.87 -86.41 -22.82
O3 NAG U . 55.71 -86.21 -23.22
O4 NAG U . 57.19 -85.11 -21.01
O5 NAG U . 53.86 -83.66 -20.55
O6 NAG U . 55.35 -81.66 -20.13
O7 NAG U . 52.83 -85.68 -24.93
C1 NAG V . -15.20 36.19 -15.71
C2 NAG V . -15.43 36.57 -14.25
C3 NAG V . -14.71 37.87 -13.91
C4 NAG V . -13.25 37.81 -14.32
C5 NAG V . -13.16 37.44 -15.80
C6 NAG V . -11.74 37.28 -16.28
C7 NAG V . -17.53 35.76 -13.28
C8 NAG V . -18.99 36.04 -13.07
N2 NAG V . -16.85 36.68 -13.95
O3 NAG V . -14.81 38.12 -12.51
O4 NAG V . -12.62 39.06 -14.11
O5 NAG V . -13.81 36.18 -16.00
O6 NAG V . -11.16 36.09 -15.80
O7 NAG V . -17.00 34.74 -12.83
C1 NAG V . -11.38 38.81 -13.42
C2 NAG V . -10.50 40.05 -13.51
C3 NAG V . -9.20 39.83 -12.75
C4 NAG V . -9.48 39.37 -11.32
C5 NAG V . -10.42 38.17 -11.33
C6 NAG V . -10.85 37.76 -9.94
C7 NAG V . -11.04 41.17 -15.63
C8 NAG V . -10.60 41.43 -17.04
N2 NAG V . -10.23 40.40 -14.89
O3 NAG V . -8.46 41.05 -12.73
O4 NAG V . -8.26 39.00 -10.70
O5 NAG V . -11.62 38.49 -12.06
O6 NAG V . -12.07 38.39 -9.57
O7 NAG V . -12.08 41.64 -15.17
C1 BMA V . -8.07 39.77 -9.50
C2 BMA V . -6.81 39.22 -8.82
C3 BMA V . -6.45 40.08 -7.61
C4 BMA V . -6.42 41.56 -7.98
C5 BMA V . -7.74 41.97 -8.64
C6 BMA V . -7.74 43.43 -9.08
O2 BMA V . -5.70 39.26 -9.69
O3 BMA V . -5.19 39.68 -7.09
O4 BMA V . -6.22 42.34 -6.80
O5 BMA V . -7.92 41.15 -9.80
O6 BMA V . -6.59 43.67 -9.86
C1 MAN V . -5.38 39.12 -5.78
C2 MAN V . -4.21 39.66 -4.91
C3 MAN V . -2.88 38.83 -5.05
C4 MAN V . -3.13 37.31 -5.32
C5 MAN V . -4.23 37.12 -6.36
C6 MAN V . -4.52 35.66 -6.64
O2 MAN V . -4.57 39.78 -3.50
O3 MAN V . -2.02 39.00 -3.94
O4 MAN V . -1.92 36.72 -5.80
O5 MAN V . -5.41 37.71 -5.85
O6 MAN V . -5.53 35.60 -7.65
C1 MAN V . -4.50 38.53 -2.79
C2 MAN V . -5.83 38.33 -2.03
C3 MAN V . -5.95 39.32 -0.87
C4 MAN V . -4.67 39.34 -0.03
C5 MAN V . -3.47 39.63 -0.94
C6 MAN V . -2.14 39.66 -0.21
O2 MAN V . -5.91 37.02 -1.45
O3 MAN V . -7.07 39.01 -0.04
O4 MAN V . -4.75 40.36 0.96
O5 MAN V . -3.40 38.57 -1.92
O6 MAN V . -1.12 39.94 -1.15
C1 MAN V . -6.26 45.07 -9.82
C2 MAN V . -5.73 45.47 -11.22
C3 MAN V . -4.34 44.88 -11.45
C4 MAN V . -3.41 45.22 -10.28
C5 MAN V . -4.02 44.72 -8.97
C6 MAN V . -3.18 45.07 -7.76
O2 MAN V . -5.57 46.89 -11.33
O3 MAN V . -3.78 45.32 -12.68
O4 MAN V . -2.14 44.63 -10.48
O5 MAN V . -5.31 45.33 -8.79
O6 MAN V . -3.69 44.34 -6.64
C1 FUC V . -9.76 36.07 -16.16
C2 FUC V . -9.04 35.12 -15.19
C3 FUC V . -9.49 33.67 -15.41
C4 FUC V . -9.28 33.28 -16.87
C5 FUC V . -9.98 34.28 -17.79
C6 FUC V . -9.67 34.05 -19.26
O2 FUC V . -9.21 35.50 -13.83
O3 FUC V . -8.72 32.79 -14.61
O4 FUC V . -7.90 33.24 -17.17
O5 FUC V . -9.58 35.64 -17.51
C1 NAG W . 41.73 -59.97 -33.49
C2 NAG W . 42.95 -60.51 -34.22
C3 NAG W . 44.19 -60.37 -33.35
C4 NAG W . 44.36 -58.93 -32.90
C5 NAG W . 43.08 -58.44 -32.23
C6 NAG W . 43.13 -56.97 -31.87
C7 NAG W . 42.20 -62.27 -35.76
C8 NAG W . 42.06 -63.75 -35.98
N2 NAG W . 42.75 -61.90 -34.60
O3 NAG W . 45.34 -60.79 -34.07
O4 NAG W . 45.44 -58.81 -31.97
O5 NAG W . 41.96 -58.60 -33.12
O6 NAG W . 42.15 -56.64 -30.89
O7 NAG W . 41.83 -61.45 -36.59
C1 NAG W . 46.42 -57.91 -32.52
C2 NAG W . 47.32 -57.44 -31.38
C3 NAG W . 48.43 -56.54 -31.91
C4 NAG W . 49.18 -57.22 -33.04
C5 NAG W . 48.20 -57.71 -34.11
C6 NAG W . 48.87 -58.50 -35.21
C7 NAG W . 46.35 -57.26 -29.12
C8 NAG W . 45.53 -56.41 -28.21
N2 NAG W . 46.55 -56.76 -30.36
O3 NAG W . 49.32 -56.20 -30.86
O4 NAG W . 50.11 -56.32 -33.63
O5 NAG W . 47.22 -58.56 -33.51
O6 NAG W . 47.96 -58.82 -36.25
O7 NAG W . 46.81 -58.35 -28.79
C1 NAG X . 48.25 -53.13 -13.67
C2 NAG X . 49.52 -53.95 -13.44
C3 NAG X . 50.52 -53.15 -12.60
C4 NAG X . 50.78 -51.81 -13.24
C5 NAG X . 49.47 -51.08 -13.50
C6 NAG X . 49.65 -49.78 -14.26
C7 NAG X . 49.89 -56.34 -13.02
C8 NAG X . 49.44 -57.56 -12.28
N2 NAG X . 49.21 -55.22 -12.79
O3 NAG X . 51.72 -53.90 -12.49
O4 NAG X . 51.59 -51.02 -12.38
O5 NAG X . 48.60 -51.89 -14.29
O6 NAG X . 48.53 -49.49 -15.08
O7 NAG X . 50.84 -56.37 -13.81
C1 NAG X . 52.90 -50.87 -12.95
C2 NAG X . 53.52 -49.58 -12.42
C3 NAG X . 54.93 -49.41 -12.96
C4 NAG X . 55.77 -50.65 -12.65
C5 NAG X . 55.07 -51.89 -13.17
C6 NAG X . 55.78 -53.18 -12.78
C7 NAG X . 51.79 -47.91 -11.92
C8 NAG X . 51.03 -46.73 -12.43
N2 NAG X . 52.69 -48.43 -12.76
O3 NAG X . 55.53 -48.26 -12.37
O4 NAG X . 57.05 -50.54 -13.28
O5 NAG X . 53.75 -51.99 -12.61
O6 NAG X . 56.85 -53.46 -13.68
O7 NAG X . 51.60 -48.39 -10.81
C1 NAG Y . 36.03 -73.80 -47.73
C2 NAG Y . 37.18 -73.64 -48.74
C3 NAG Y . 37.72 -75.01 -49.14
C4 NAG Y . 38.10 -75.82 -47.91
C5 NAG Y . 36.93 -75.91 -46.96
C6 NAG Y . 37.26 -76.62 -45.67
C7 NAG Y . 36.96 -71.59 -50.06
C8 NAG Y . 36.44 -70.98 -51.33
N2 NAG Y . 36.74 -72.90 -49.91
O3 NAG Y . 38.86 -74.84 -49.99
O4 NAG Y . 38.52 -77.13 -48.29
O5 NAG Y . 36.48 -74.59 -46.61
O6 NAG Y . 37.99 -75.78 -44.79
O7 NAG Y . 37.54 -70.92 -49.21
C1 NAG Y . 39.87 -77.34 -47.84
C2 NAG Y . 40.32 -78.75 -48.26
C3 NAG Y . 41.77 -78.98 -47.84
C4 NAG Y . 42.66 -77.88 -48.38
C5 NAG Y . 42.13 -76.51 -47.95
C6 NAG Y . 42.91 -75.36 -48.54
C7 NAG Y . 38.42 -80.29 -48.35
C8 NAG Y . 37.62 -81.33 -47.62
N2 NAG Y . 39.45 -79.76 -47.69
O3 NAG Y . 42.19 -80.25 -48.34
O4 NAG Y . 43.98 -78.04 -47.88
O5 NAG Y . 40.77 -76.37 -48.39
O6 NAG Y . 44.05 -75.06 -47.76
O7 NAG Y . 38.13 -79.95 -49.50
C1 NAG Z . 18.37 -81.27 -54.13
C2 NAG Z . 18.03 -80.41 -55.35
C3 NAG Z . 16.68 -80.83 -55.93
C4 NAG Z . 16.66 -82.32 -56.21
C5 NAG Z . 17.05 -83.10 -54.95
C6 NAG Z . 17.17 -84.59 -55.18
C7 NAG Z . 18.88 -78.11 -55.53
C8 NAG Z . 18.73 -76.70 -55.08
N2 NAG Z . 18.02 -78.99 -55.01
O3 NAG Z . 16.45 -80.11 -57.15
O4 NAG Z . 15.36 -82.73 -56.62
O5 NAG Z . 18.33 -82.64 -54.48
O6 NAG Z . 18.51 -85.02 -55.08
O7 NAG Z . 19.73 -78.44 -56.35
C1 NAG Z . 15.44 -83.24 -57.97
C2 NAG Z . 14.35 -84.29 -58.15
C3 NAG Z . 14.35 -84.81 -59.58
C4 NAG Z . 14.27 -83.66 -60.58
C5 NAG Z . 15.36 -82.64 -60.29
C6 NAG Z . 15.27 -81.41 -61.17
C7 NAG Z . 13.80 -85.46 -56.07
C8 NAG Z . 14.08 -86.66 -55.21
N2 NAG Z . 14.50 -85.38 -57.20
O3 NAG Z . 13.25 -85.70 -59.77
O4 NAG Z . 14.41 -84.15 -61.90
O5 NAG Z . 15.27 -82.19 -58.94
O6 NAG Z . 14.33 -80.47 -60.65
O7 NAG Z . 12.97 -84.61 -55.75
C1 NAG AA . -45.69 -17.49 -19.44
C2 NAG AA . -45.84 -18.95 -19.88
C3 NAG AA . -47.31 -19.37 -19.82
C4 NAG AA . -47.89 -19.08 -18.45
C5 NAG AA . -47.66 -17.62 -18.06
C6 NAG AA . -48.10 -17.30 -16.66
C7 NAG AA . -44.26 -19.94 -21.47
C8 NAG AA . -43.84 -20.03 -22.90
N2 NAG AA . -45.31 -19.16 -21.22
O3 NAG AA . -47.42 -20.75 -20.12
O4 NAG AA . -49.29 -19.35 -18.43
O5 NAG AA . -46.25 -17.31 -18.14
O6 NAG AA . -47.35 -16.22 -16.12
O7 NAG AA . -43.66 -20.54 -20.58
C1 NAG BA . -17.79 -11.50 -44.85
C2 NAG BA . -18.45 -12.87 -44.93
C3 NAG BA . -18.10 -13.56 -46.24
C4 NAG BA . -18.43 -12.65 -47.42
C5 NAG BA . -17.79 -11.29 -47.24
C6 NAG BA . -18.18 -10.30 -48.32
C7 NAG BA . -18.86 -14.63 -43.27
C8 NAG BA . -18.30 -15.39 -42.11
N2 NAG BA . -18.07 -13.69 -43.80
O3 NAG BA . -18.82 -14.78 -46.34
O4 NAG BA . -17.97 -13.25 -48.63
O5 NAG BA . -18.18 -10.71 -45.98
O6 NAG BA . -18.60 -10.97 -49.50
O7 NAG BA . -19.98 -14.87 -43.72
C1 NAG CA . -20.55 -36.54 -35.68
C2 NAG CA . -19.46 -36.00 -36.60
C3 NAG CA . -19.59 -36.58 -37.99
C4 NAG CA . -19.65 -38.11 -37.94
C5 NAG CA . -20.72 -38.56 -36.95
C6 NAG CA . -20.74 -40.06 -36.75
C7 NAG CA . -18.39 -33.79 -36.58
C8 NAG CA . -18.61 -32.31 -36.63
N2 NAG CA . -19.49 -34.55 -36.63
O3 NAG CA . -18.51 -36.16 -38.80
O4 NAG CA . -19.94 -38.63 -39.22
O5 NAG CA . -20.50 -37.97 -35.67
O6 NAG CA . -22.05 -40.53 -36.47
O7 NAG CA . -17.26 -34.28 -36.49
C1 NAG DA . -29.90 -38.70 2.78
C2 NAG DA . -29.07 -39.82 3.39
C3 NAG DA . -29.99 -40.92 3.91
C4 NAG DA . -31.03 -40.35 4.87
C5 NAG DA . -31.78 -39.21 4.19
C6 NAG DA . -32.75 -38.50 5.12
C7 NAG DA . -26.90 -39.85 2.26
C8 NAG DA . -26.05 -40.52 1.23
N2 NAG DA . -28.12 -40.35 2.44
O3 NAG DA . -29.21 -41.91 4.58
O4 NAG DA . -31.95 -41.36 5.25
O5 NAG DA . -30.86 -38.21 3.74
O6 NAG DA . -32.33 -37.18 5.40
O7 NAG DA . -26.50 -38.87 2.90
C1 NAG EA . -32.44 -53.67 -10.12
C2 NAG EA . -33.74 -52.91 -10.46
C3 NAG EA . -34.50 -52.57 -9.18
C4 NAG EA . -34.72 -53.83 -8.35
C5 NAG EA . -33.40 -54.54 -8.10
C6 NAG EA . -33.57 -55.86 -7.37
C7 NAG EA . -33.72 -51.59 -12.53
C8 NAG EA . -33.37 -50.27 -13.14
N2 NAG EA . -33.45 -51.70 -11.22
O3 NAG EA . -35.75 -51.98 -9.51
O4 NAG EA . -35.32 -53.49 -7.09
O5 NAG EA . -32.76 -54.83 -9.34
O6 NAG EA . -32.32 -56.53 -7.22
O7 NAG EA . -34.21 -52.50 -13.17
C1 NAG FA . -4.57 -85.20 -9.13
C2 NAG FA . -3.98 -86.19 -8.12
C3 NAG FA . -4.89 -87.40 -7.97
C4 NAG FA . -6.31 -86.97 -7.65
C5 NAG FA . -6.79 -85.94 -8.67
C6 NAG FA . -8.15 -85.38 -8.34
C7 NAG FA . -1.59 -86.53 -7.67
C8 NAG FA . -0.27 -86.99 -8.24
N2 NAG FA . -2.64 -86.60 -8.50
O3 NAG FA . -4.39 -88.26 -6.95
O4 NAG FA . -7.18 -88.10 -7.66
O5 NAG FA . -5.88 -84.84 -8.73
O6 NAG FA . -9.06 -86.40 -7.96
O7 NAG FA . -1.69 -86.12 -6.52
C1 NAG GA . -10.32 -77.90 -21.40
C2 NAG GA . -10.90 -76.92 -22.42
C3 NAG GA . -11.88 -75.96 -21.74
C4 NAG GA . -12.94 -76.75 -20.97
C5 NAG GA . -12.26 -77.70 -20.00
C6 NAG GA . -13.24 -78.58 -19.25
C7 NAG GA . -9.69 -76.12 -24.41
C8 NAG GA . -8.55 -75.29 -24.91
N2 NAG GA . -9.85 -76.16 -23.08
O3 NAG GA . -12.51 -75.14 -22.72
O4 NAG GA . -13.79 -75.86 -20.25
O5 NAG GA . -11.38 -78.57 -20.72
O6 NAG GA . -14.05 -77.82 -18.38
O7 NAG GA . -10.44 -76.72 -25.16
C1 NAG HA . -38.95 24.50 -12.06
C2 NAG HA . -40.29 24.58 -11.32
C3 NAG HA . -40.32 25.80 -10.40
C4 NAG HA . -39.10 25.79 -9.48
C5 NAG HA . -37.82 25.65 -10.28
C6 NAG HA . -36.58 25.51 -9.43
C7 NAG HA . -42.66 24.36 -11.90
C8 NAG HA . -43.68 24.46 -13.00
N2 NAG HA . -41.40 24.62 -12.25
O3 NAG HA . -41.51 25.80 -9.63
O4 NAG HA . -39.05 27.00 -8.73
O5 NAG HA . -37.88 24.48 -11.10
O6 NAG HA . -35.61 24.68 -10.04
O7 NAG HA . -42.97 24.07 -10.75
C1 NAG IA . -36.12 -10.45 29.21
C2 NAG IA . -37.01 -11.68 29.07
C3 NAG IA . -38.45 -11.33 29.40
C4 NAG IA . -38.53 -10.69 30.79
C5 NAG IA . -37.58 -9.51 30.87
C6 NAG IA . -37.50 -8.91 32.25
C7 NAG IA . -36.17 -13.30 27.42
C8 NAG IA . -36.20 -13.74 25.99
N2 NAG IA . -36.93 -12.24 27.73
O3 NAG IA . -39.26 -12.51 29.37
O4 NAG IA . -39.86 -10.25 31.05
O5 NAG IA . -36.24 -9.93 30.54
O6 NAG IA . -36.53 -7.87 32.33
O7 NAG IA . -35.50 -13.88 28.26
C1 NAG JA . 14.75 -23.49 45.18
C2 NAG JA . 15.39 -24.77 44.65
C3 NAG JA . 16.31 -25.39 45.70
C4 NAG JA . 17.32 -24.37 46.17
C5 NAG JA . 16.62 -23.10 46.64
C6 NAG JA . 17.58 -22.00 47.02
C7 NAG JA . 14.54 -26.62 43.25
C8 NAG JA . 13.38 -27.51 42.97
N2 NAG JA . 14.36 -25.72 44.24
O3 NAG JA . 16.97 -26.52 45.14
O4 NAG JA . 18.09 -24.91 47.24
O5 NAG JA . 15.79 -22.59 45.60
O6 NAG JA . 17.14 -20.74 46.53
O7 NAG JA . 15.58 -26.68 42.62
C1 NAG KA . -17.09 -36.78 29.49
C2 NAG KA . -16.11 -37.88 29.91
C3 NAG KA . -16.79 -39.24 29.88
C4 NAG KA . -18.07 -39.21 30.71
C5 NAG KA . -18.96 -38.06 30.26
C6 NAG KA . -20.19 -37.89 31.12
C7 NAG KA . -13.69 -37.71 29.53
C8 NAG KA . -12.59 -37.75 28.51
N2 NAG KA . -14.93 -37.88 29.06
O3 NAG KA . -15.91 -40.23 30.40
O4 NAG KA . -18.77 -40.44 30.56
O5 NAG KA . -18.24 -36.82 30.33
O6 NAG KA . -20.13 -36.71 31.90
O7 NAG KA . -13.46 -37.53 30.72
C1 NAG LA . 41.64 11.78 17.67
C2 NAG LA . 42.61 12.46 18.64
C3 NAG LA . 44.03 12.39 18.10
C4 NAG LA . 44.40 10.95 17.77
C5 NAG LA . 43.37 10.33 16.84
C6 NAG LA . 43.61 8.86 16.59
C7 NAG LA . 41.98 14.31 20.12
C8 NAG LA . 41.59 15.75 20.19
N2 NAG LA . 42.23 13.83 18.89
O3 NAG LA . 44.94 12.92 19.06
O4 NAG LA . 45.69 10.90 17.15
O5 NAG LA . 42.06 10.44 17.43
O6 NAG LA . 44.03 8.19 17.78
O7 NAG LA . 42.06 13.60 21.11
C1 NAG MA . 5.38 -48.89 23.90
C2 NAG MA . 4.08 -49.25 23.17
C3 NAG MA . 3.49 -50.53 23.77
C4 NAG MA . 4.53 -51.64 23.78
C5 NAG MA . 5.81 -51.17 24.46
C6 NAG MA . 6.93 -52.19 24.39
C7 NAG MA . 2.57 -47.62 22.15
C8 NAG MA . 1.60 -46.50 22.40
N2 NAG MA . 3.13 -48.17 23.24
O3 NAG MA . 2.36 -50.92 23.01
O4 NAG MA . 4.02 -52.78 24.46
O5 NAG MA . 6.29 -49.98 23.82
O6 NAG MA . 8.18 -51.61 24.70
O7 NAG MA . 2.83 -48.01 21.02
C1 NAG NA . 36.78 -25.33 17.62
C2 NAG NA . 37.48 -25.91 16.39
C3 NAG NA . 38.85 -26.47 16.79
C4 NAG NA . 39.67 -25.40 17.51
C5 NAG NA . 38.88 -24.85 18.69
C6 NAG NA . 39.57 -23.70 19.38
C7 NAG NA . 36.59 -27.07 14.43
C8 NAG NA . 35.71 -28.19 13.94
N2 NAG NA . 36.67 -26.94 15.76
O3 NAG NA . 39.54 -26.90 15.61
O4 NAG NA . 40.88 -25.97 17.99
O5 NAG NA . 37.61 -24.35 18.24
O6 NAG NA . 38.75 -22.54 19.43
O7 NAG NA . 37.20 -26.33 13.66
C1 NAG OA . 38.33 -44.58 21.75
C2 NAG OA . 38.30 -44.27 23.24
C3 NAG OA . 39.20 -43.08 23.55
C4 NAG OA . 40.60 -43.31 23.00
C5 NAG OA . 40.54 -43.66 21.53
C6 NAG OA . 41.89 -44.03 20.95
C7 NAG OA . 36.12 -44.98 24.13
C8 NAG OA . 34.75 -44.54 24.54
N2 NAG OA . 36.94 -44.01 23.69
O3 NAG OA . 39.25 -42.87 24.96
O4 NAG OA . 41.39 -42.14 23.18
O5 NAG OA . 39.69 -44.80 21.34
O6 NAG OA . 41.78 -44.48 19.61
O7 NAG OA . 36.47 -46.16 24.17
C1 NAG PA . 47.09 -70.49 -9.86
C2 NAG PA . 48.01 -70.77 -11.04
C3 NAG PA . 49.21 -71.59 -10.59
C4 NAG PA . 49.91 -70.91 -9.42
C5 NAG PA . 48.91 -70.62 -8.31
C6 NAG PA . 49.51 -69.82 -7.17
C7 NAG PA . 47.35 -71.06 -13.39
C8 NAG PA . 46.55 -71.88 -14.35
N2 NAG PA . 47.29 -71.46 -12.11
O3 NAG PA . 50.11 -71.75 -11.67
O4 NAG PA . 50.94 -71.75 -8.91
O5 NAG PA . 47.82 -69.84 -8.82
O6 NAG PA . 48.50 -69.29 -6.32
O7 NAG PA . 48.02 -70.10 -13.74
C1 NAG QA . 36.59 -72.55 1.16
C2 NAG QA . 35.55 -72.18 2.22
C3 NAG QA . 35.97 -70.90 2.96
C4 NAG QA . 37.39 -71.03 3.50
C5 NAG QA . 38.34 -71.41 2.38
C6 NAG QA . 39.75 -71.67 2.86
C7 NAG QA . 33.16 -72.67 2.06
C8 NAG QA . 31.88 -72.38 1.33
N2 NAG QA . 34.24 -72.02 1.63
O3 NAG QA . 35.07 -70.65 4.02
O4 NAG QA . 37.80 -69.81 4.08
O5 NAG QA . 37.90 -72.63 1.76
O6 NAG QA . 40.10 -70.80 3.93
O7 NAG QA . 33.21 -73.46 2.99
C1 NAG RA . -11.17 11.04 48.30
C2 NAG RA . -9.82 11.19 49.01
C3 NAG RA . -9.67 12.58 49.59
C4 NAG RA . -9.90 13.63 48.50
C5 NAG RA . -11.24 13.39 47.81
C6 NAG RA . -11.49 14.32 46.65
C7 NAG RA . -8.49 9.72 50.47
C8 NAG RA . -8.52 8.70 51.55
N2 NAG RA . -9.68 10.18 50.05
O3 NAG RA . -8.37 12.73 50.13
O4 NAG RA . -9.90 14.93 49.07
O5 NAG RA . -11.29 12.05 47.30
O6 NAG RA . -11.98 13.61 45.52
O7 NAG RA . -7.43 10.12 49.98
C1 NAG SA . 38.71 8.90 -35.80
C2 NAG SA . 38.49 7.62 -36.59
C3 NAG SA . 39.31 7.64 -37.88
C4 NAG SA . 39.01 8.89 -38.68
C5 NAG SA . 39.22 10.14 -37.81
C6 NAG SA . 38.82 11.42 -38.50
C7 NAG SA . 38.03 5.37 -35.72
C8 NAG SA . 38.53 4.26 -34.85
N2 NAG SA . 38.82 6.45 -35.80
O3 NAG SA . 39.01 6.49 -38.66
O4 NAG SA . 39.87 8.98 -39.82
O5 NAG SA . 38.40 10.03 -36.63
O6 NAG SA . 37.56 11.89 -38.04
O7 NAG SA . 36.97 5.30 -36.32
C1 NAG TA . 48.70 -8.62 -3.72
C2 NAG TA . 49.39 -9.15 -4.97
C3 NAG TA . 50.43 -10.20 -4.59
C4 NAG TA . 51.39 -9.64 -3.54
C5 NAG TA . 50.61 -9.09 -2.36
C6 NAG TA . 51.49 -8.41 -1.33
C7 NAG TA . 48.28 -9.25 -7.16
C8 NAG TA . 47.24 -9.93 -7.98
N2 NAG TA . 48.43 -9.70 -5.91
O3 NAG TA . 51.15 -10.58 -5.75
O4 NAG TA . 52.27 -10.67 -3.10
O5 NAG TA . 49.67 -8.10 -2.81
O6 NAG TA . 52.82 -8.90 -1.39
O7 NAG TA . 48.96 -8.33 -7.59
C1 NAG UA . 42.84 -23.53 -25.23
C2 NAG UA . 43.73 -23.64 -23.99
C3 NAG UA . 44.90 -24.57 -24.24
C4 NAG UA . 44.41 -25.92 -24.76
C5 NAG UA . 43.49 -25.73 -25.95
C6 NAG UA . 42.86 -27.02 -26.43
C7 NAG UA . 44.25 -21.95 -22.30
C8 NAG UA . 44.75 -20.56 -22.04
N2 NAG UA . 44.18 -22.32 -23.57
O3 NAG UA . 45.64 -24.74 -23.04
O4 NAG UA . 45.51 -26.73 -25.12
O5 NAG UA . 42.41 -24.85 -25.63
O6 NAG UA . 41.49 -26.84 -26.75
O7 NAG UA . 43.92 -22.69 -21.37
C1 NAG VA . 11.91 -11.53 -45.65
C2 NAG VA . 11.27 -12.89 -45.92
C3 NAG VA . 11.23 -13.16 -47.42
C4 NAG VA . 10.56 -12.01 -48.16
C5 NAG VA . 11.24 -10.69 -47.80
C6 NAG VA . 10.54 -9.50 -48.40
C7 NAG VA . 11.45 -15.17 -45.03
C8 NAG VA . 12.31 -16.14 -44.29
N2 NAG VA . 11.97 -13.95 -45.22
O3 NAG VA . 10.52 -14.38 -47.66
O4 NAG VA . 10.64 -12.22 -49.57
O5 NAG VA . 11.22 -10.51 -46.38
O6 NAG VA . 10.18 -8.55 -47.40
O7 NAG VA . 10.34 -15.47 -45.45
C1 NAG WA . 25.74 -24.01 -53.00
C2 NAG WA . 26.16 -22.54 -53.04
C3 NAG WA . 25.17 -21.74 -53.88
C4 NAG WA . 24.99 -22.37 -55.25
C5 NAG WA . 24.62 -23.84 -55.12
C6 NAG WA . 24.55 -24.55 -56.44
C7 NAG WA . 27.30 -21.24 -51.30
C8 NAG WA . 27.26 -20.76 -49.89
N2 NAG WA . 26.28 -21.99 -51.70
O3 NAG WA . 25.65 -20.40 -54.00
O4 NAG WA . 23.97 -21.68 -55.97
O5 NAG WA . 25.62 -24.52 -54.33
O6 NAG WA . 23.47 -25.48 -56.47
O7 NAG WA . 28.24 -20.97 -52.05
C1 NAG XA . 16.75 -64.56 -53.82
C2 NAG XA . 15.79 -65.65 -54.28
C3 NAG XA . 16.06 -66.02 -55.73
C4 NAG XA . 16.02 -64.78 -56.61
C5 NAG XA . 16.96 -63.71 -56.05
C6 NAG XA . 16.88 -62.40 -56.81
C7 NAG XA . 14.83 -67.57 -53.06
C8 NAG XA . 15.13 -68.74 -52.18
N2 NAG XA . 15.90 -66.83 -53.43
O3 NAG XA . 15.08 -66.95 -56.17
O4 NAG XA . 16.41 -65.10 -57.94
O5 NAG XA . 16.63 -63.43 -54.69
O6 NAG XA . 18.09 -62.11 -57.49
O7 NAG XA . 13.70 -67.29 -53.42
C1 NAG YA . 30.13 -58.09 -48.41
C2 NAG YA . 31.45 -57.34 -48.23
C3 NAG YA . 31.26 -55.85 -48.47
C4 NAG YA . 30.63 -55.61 -49.83
C5 NAG YA . 29.32 -56.41 -49.94
C6 NAG YA . 28.69 -56.30 -51.30
C7 NAG YA . 33.31 -57.58 -46.63
C8 NAG YA . 33.70 -57.83 -45.21
N2 NAG YA . 32.00 -57.57 -46.89
O3 NAG YA . 32.52 -55.19 -48.41
O4 NAG YA . 30.35 -54.24 -50.02
O5 NAG YA . 29.59 -57.79 -49.70
O6 NAG YA . 28.94 -55.05 -51.91
O7 NAG YA . 34.15 -57.39 -47.51
C1 NAG ZA . -10.41 19.81 -42.02
C2 NAG ZA . -10.27 19.46 -43.50
C3 NAG ZA . -9.92 20.71 -44.30
C4 NAG ZA . -10.93 21.82 -44.03
C5 NAG ZA . -11.03 22.07 -42.53
C6 NAG ZA . -12.10 23.07 -42.17
C7 NAG ZA . -9.56 17.12 -43.67
C8 NAG ZA . -8.41 16.19 -43.90
N2 NAG ZA . -9.27 18.42 -43.71
O3 NAG ZA . -9.92 20.39 -45.69
O4 NAG ZA . -10.51 23.01 -44.68
O5 NAG ZA . -11.38 20.85 -41.85
O6 NAG ZA . -11.89 23.61 -40.87
O7 NAG ZA . -10.70 16.71 -43.45
#